data_2KAA
#
_entry.id   2KAA
#
_entity_poly.entity_id   1
_entity_poly.type   'polypeptide(L)'
_entity_poly.pdbx_seq_one_letter_code
;APIVTCRPKLDGREKPFKVDVATAQAQARKAGLTTGKSGDPHRYFAGDHIRWGVNNCDKADAILWEYPIYWVGKNAEWAK
DVKTSQQKGGPTPIRVVYANSRGAVQYCGVMTHSKVDKNNQGKEFFEKCD
;
_entity_poly.pdbx_strand_id   A
#
# COMPACT_ATOMS: atom_id res chain seq x y z
N ALA A 1 -17.47 -1.80 9.65
CA ALA A 1 -17.42 -1.40 8.24
C ALA A 1 -15.97 -1.53 7.76
N PRO A 2 -15.71 -2.34 6.72
CA PRO A 2 -14.38 -2.50 6.13
C PRO A 2 -13.93 -1.25 5.36
N ILE A 3 -14.87 -0.37 4.99
CA ILE A 3 -14.55 0.88 4.31
C ILE A 3 -13.87 1.85 5.27
N VAL A 4 -12.68 2.30 4.92
CA VAL A 4 -11.93 3.25 5.71
C VAL A 4 -11.40 4.41 4.86
N THR A 5 -10.57 5.26 5.46
CA THR A 5 -9.90 6.34 4.76
C THR A 5 -8.55 6.72 5.35
N CYS A 6 -7.49 6.76 4.52
CA CYS A 6 -6.16 7.13 5.01
C CYS A 6 -6.20 8.54 5.63
N ARG A 7 -5.16 8.91 6.37
CA ARG A 7 -4.97 10.26 6.91
C ARG A 7 -3.77 10.98 6.26
N PRO A 8 -3.75 11.13 4.92
CA PRO A 8 -2.68 11.81 4.21
C PRO A 8 -2.85 13.31 4.31
N LYS A 9 -1.76 14.01 3.97
CA LYS A 9 -1.74 15.47 4.02
C LYS A 9 -1.72 16.02 2.60
N LEU A 10 -2.68 16.89 2.31
CA LEU A 10 -2.75 17.56 1.03
C LEU A 10 -1.86 18.81 1.05
N ASP A 11 -2.39 19.89 1.65
CA ASP A 11 -1.78 21.22 1.68
C ASP A 11 -1.69 21.77 3.11
N GLY A 12 -1.45 20.86 4.05
CA GLY A 12 -1.38 21.19 5.48
C GLY A 12 -2.46 20.54 6.32
N ARG A 13 -3.62 20.25 5.72
CA ARG A 13 -4.75 19.58 6.39
C ARG A 13 -4.81 18.10 6.00
N GLU A 14 -5.16 17.26 6.97
CA GLU A 14 -5.31 15.83 6.76
C GLU A 14 -6.64 15.57 6.06
N LYS A 15 -6.61 14.87 4.91
CA LYS A 15 -7.80 14.55 4.15
C LYS A 15 -8.02 13.04 4.07
N PRO A 16 -9.25 12.54 4.25
CA PRO A 16 -9.58 11.13 4.18
C PRO A 16 -9.37 10.56 2.77
N PHE A 17 -8.44 9.63 2.62
CA PHE A 17 -8.19 9.00 1.32
C PHE A 17 -9.05 7.77 1.16
N LYS A 18 -10.02 7.76 0.23
CA LYS A 18 -10.89 6.61 -0.07
C LYS A 18 -10.12 5.30 -0.15
N VAL A 19 -10.34 4.39 0.79
CA VAL A 19 -9.65 3.09 0.87
C VAL A 19 -10.54 2.05 1.53
N ASP A 20 -10.94 1.03 0.79
CA ASP A 20 -11.75 -0.06 1.32
C ASP A 20 -10.87 -1.24 1.71
N VAL A 21 -11.11 -1.80 2.90
CA VAL A 21 -10.37 -2.99 3.34
C VAL A 21 -10.52 -4.16 2.36
N ALA A 22 -11.74 -4.35 1.85
CA ALA A 22 -12.06 -5.43 0.92
C ALA A 22 -11.03 -5.49 -0.20
N THR A 23 -10.93 -4.41 -0.99
CA THR A 23 -9.95 -4.32 -2.07
C THR A 23 -8.54 -4.50 -1.52
N ALA A 24 -8.22 -3.92 -0.35
CA ALA A 24 -6.89 -3.96 0.25
C ALA A 24 -6.41 -5.40 0.43
N GLN A 25 -7.20 -6.22 1.10
CA GLN A 25 -6.88 -7.63 1.26
C GLN A 25 -6.92 -8.38 -0.08
N ALA A 26 -7.81 -7.97 -0.99
CA ALA A 26 -7.93 -8.56 -2.31
C ALA A 26 -6.65 -8.36 -3.12
N GLN A 27 -6.11 -7.14 -3.17
CA GLN A 27 -4.89 -6.84 -3.92
C GLN A 27 -3.67 -7.52 -3.31
N ALA A 28 -3.60 -7.59 -1.98
CA ALA A 28 -2.49 -8.18 -1.26
C ALA A 28 -2.43 -9.68 -1.50
N ARG A 29 -3.57 -10.36 -1.29
CA ARG A 29 -3.68 -11.79 -1.56
C ARG A 29 -3.50 -12.09 -3.03
N LYS A 30 -4.06 -11.27 -3.92
CA LYS A 30 -3.96 -11.44 -5.38
C LYS A 30 -2.52 -11.39 -5.85
N ALA A 31 -1.79 -10.35 -5.45
CA ALA A 31 -0.38 -10.19 -5.77
C ALA A 31 0.49 -11.24 -5.09
N GLY A 32 0.09 -11.69 -3.90
CA GLY A 32 0.82 -12.66 -3.11
C GLY A 32 2.20 -12.14 -2.71
N LEU A 33 3.06 -13.02 -2.21
CA LEU A 33 4.41 -12.69 -1.77
C LEU A 33 5.46 -13.10 -2.81
N THR A 34 5.12 -12.90 -4.09
CA THR A 34 5.95 -13.34 -5.20
C THR A 34 5.95 -12.32 -6.33
N THR A 35 7.12 -11.79 -6.64
CA THR A 35 7.30 -10.85 -7.73
C THR A 35 8.51 -11.18 -8.59
N GLY A 36 8.50 -10.69 -9.83
CA GLY A 36 9.65 -10.82 -10.71
C GLY A 36 9.31 -10.60 -12.17
N LYS A 37 8.09 -10.97 -12.57
CA LYS A 37 7.56 -10.75 -13.91
C LYS A 37 7.86 -9.33 -14.41
N SER A 38 7.59 -8.34 -13.55
CA SER A 38 7.73 -6.92 -13.84
C SER A 38 8.48 -6.20 -12.73
N GLY A 39 7.89 -6.15 -11.54
CA GLY A 39 8.45 -5.46 -10.39
C GLY A 39 7.58 -5.54 -9.15
N ASP A 40 6.26 -5.74 -9.34
CA ASP A 40 5.29 -5.78 -8.26
C ASP A 40 4.75 -7.21 -8.04
N PRO A 41 4.42 -7.59 -6.80
CA PRO A 41 4.61 -6.80 -5.57
C PRO A 41 6.06 -6.55 -5.21
N HIS A 42 6.34 -5.85 -4.12
CA HIS A 42 7.71 -5.54 -3.71
C HIS A 42 7.92 -5.97 -2.27
N ARG A 43 9.15 -6.32 -1.92
CA ARG A 43 9.49 -6.70 -0.55
C ARG A 43 9.62 -5.46 0.32
N TYR A 44 8.83 -5.40 1.38
CA TYR A 44 8.91 -4.33 2.36
C TYR A 44 9.88 -4.75 3.47
N PHE A 45 10.78 -3.84 3.84
CA PHE A 45 11.70 -3.99 4.95
C PHE A 45 11.60 -2.77 5.86
N ALA A 46 11.63 -2.97 7.18
CA ALA A 46 11.65 -1.92 8.20
C ALA A 46 12.44 -0.68 7.78
N GLY A 47 11.72 0.34 7.35
CA GLY A 47 12.31 1.53 6.74
C GLY A 47 11.42 2.74 6.91
N ASP A 48 10.10 2.57 6.75
CA ASP A 48 9.13 3.64 6.94
C ASP A 48 8.78 3.81 8.42
N HIS A 49 9.49 3.15 9.34
CA HIS A 49 9.23 3.22 10.79
C HIS A 49 7.78 2.87 11.14
N ILE A 50 7.20 1.95 10.38
CA ILE A 50 5.81 1.53 10.56
C ILE A 50 5.79 0.31 11.44
N ARG A 51 4.73 0.20 12.24
CA ARG A 51 4.46 -0.93 13.13
C ARG A 51 3.15 -1.65 12.82
N TRP A 52 2.19 -0.92 12.25
CA TRP A 52 0.87 -1.44 11.90
C TRP A 52 0.06 -1.91 13.11
N GLY A 53 0.42 -1.42 14.30
CA GLY A 53 -0.16 -1.87 15.56
C GLY A 53 -0.12 -3.39 15.76
N VAL A 54 0.86 -4.07 15.16
CA VAL A 54 0.98 -5.53 15.19
C VAL A 54 2.38 -5.91 15.66
N ASN A 55 2.49 -7.01 16.41
CA ASN A 55 3.77 -7.53 16.89
C ASN A 55 4.62 -8.15 15.75
N ASN A 56 3.96 -8.86 14.83
CA ASN A 56 4.63 -9.47 13.70
C ASN A 56 5.27 -8.43 12.78
N CYS A 57 4.49 -7.45 12.32
CA CYS A 57 5.00 -6.38 11.47
C CYS A 57 5.95 -5.44 12.21
N ASP A 58 5.66 -5.09 13.48
CA ASP A 58 6.52 -4.27 14.35
C ASP A 58 8.00 -4.66 14.27
N LYS A 59 8.27 -5.97 14.17
CA LYS A 59 9.61 -6.50 13.98
C LYS A 59 10.45 -5.65 13.01
N ALA A 60 11.75 -5.63 13.27
CA ALA A 60 12.67 -4.84 12.46
C ALA A 60 13.18 -5.67 11.27
N ASP A 61 13.94 -6.74 11.56
CA ASP A 61 14.49 -7.63 10.53
C ASP A 61 13.44 -8.63 10.00
N ALA A 62 12.18 -8.22 9.95
CA ALA A 62 11.11 -9.04 9.42
C ALA A 62 11.05 -8.99 7.88
N ILE A 63 10.03 -9.64 7.34
CA ILE A 63 9.83 -9.76 5.90
C ILE A 63 8.42 -9.35 5.56
N LEU A 64 8.24 -8.11 5.09
CA LEU A 64 6.94 -7.58 4.70
C LEU A 64 6.90 -7.45 3.17
N TRP A 65 5.80 -6.94 2.67
CA TRP A 65 5.56 -6.70 1.26
C TRP A 65 4.75 -5.44 1.02
N GLU A 66 4.68 -4.99 -0.21
CA GLU A 66 3.96 -3.78 -0.60
C GLU A 66 3.43 -3.91 -2.03
N TYR A 67 2.17 -3.50 -2.24
CA TYR A 67 1.56 -3.54 -3.57
C TYR A 67 0.65 -2.33 -3.81
N PRO A 68 0.66 -1.74 -5.00
CA PRO A 68 -0.17 -0.58 -5.36
C PRO A 68 -1.65 -0.93 -5.50
N ILE A 69 -2.52 0.09 -5.50
CA ILE A 69 -3.95 -0.12 -5.68
C ILE A 69 -4.65 1.14 -6.12
N TYR A 70 -5.81 0.98 -6.72
CA TYR A 70 -6.63 2.08 -7.15
C TYR A 70 -7.80 2.22 -6.19
N TRP A 71 -7.84 3.36 -5.50
CA TRP A 71 -8.97 3.74 -4.65
C TRP A 71 -10.29 3.76 -5.42
N VAL A 72 -11.37 4.11 -4.73
CA VAL A 72 -12.70 4.18 -5.32
C VAL A 72 -12.78 5.22 -6.45
N GLY A 73 -12.19 6.40 -6.22
CA GLY A 73 -12.19 7.47 -7.21
C GLY A 73 -11.56 7.05 -8.54
N LYS A 74 -10.50 6.24 -8.50
CA LYS A 74 -9.89 5.67 -9.70
C LYS A 74 -10.83 4.68 -10.39
N ASN A 75 -10.64 4.50 -11.70
CA ASN A 75 -11.40 3.57 -12.54
C ASN A 75 -10.48 2.56 -13.22
N ALA A 76 -9.48 2.07 -12.49
CA ALA A 76 -8.57 1.06 -13.02
C ALA A 76 -8.04 0.17 -11.90
N GLU A 77 -7.23 -0.83 -12.26
CA GLU A 77 -6.60 -1.72 -11.29
C GLU A 77 -5.17 -2.07 -11.73
N TRP A 78 -4.32 -2.38 -10.76
CA TRP A 78 -2.93 -2.71 -11.02
C TRP A 78 -2.82 -4.10 -11.61
N ALA A 79 -1.89 -4.29 -12.54
CA ALA A 79 -1.65 -5.58 -13.15
C ALA A 79 -0.52 -6.36 -12.45
N LYS A 80 -0.31 -7.61 -12.87
CA LYS A 80 0.77 -8.44 -12.33
C LYS A 80 2.09 -8.14 -13.01
N ASP A 81 2.13 -8.32 -14.33
CA ASP A 81 3.32 -8.11 -15.14
C ASP A 81 3.41 -6.67 -15.67
N VAL A 82 3.18 -5.69 -14.79
CA VAL A 82 3.21 -4.28 -15.18
C VAL A 82 3.87 -3.47 -14.09
N LYS A 83 5.03 -2.89 -14.42
CA LYS A 83 5.76 -2.00 -13.51
C LYS A 83 5.04 -0.67 -13.37
N THR A 84 5.43 0.15 -12.39
CA THR A 84 4.92 1.51 -12.21
C THR A 84 5.10 2.41 -13.43
N SER A 85 6.16 2.17 -14.21
CA SER A 85 6.42 2.92 -15.46
C SER A 85 5.43 2.59 -16.57
N GLN A 86 5.24 1.30 -16.84
CA GLN A 86 4.29 0.82 -17.85
C GLN A 86 2.85 1.09 -17.42
N GLN A 87 2.58 1.01 -16.12
CA GLN A 87 1.26 1.18 -15.55
C GLN A 87 0.55 2.39 -16.16
N LYS A 88 -0.63 2.13 -16.74
CA LYS A 88 -1.38 3.17 -17.44
C LYS A 88 -2.48 3.72 -16.57
N GLY A 89 -3.15 2.84 -15.81
CA GLY A 89 -4.26 3.18 -14.93
C GLY A 89 -4.05 4.52 -14.22
N GLY A 90 -2.91 4.67 -13.55
CA GLY A 90 -2.50 5.91 -12.92
C GLY A 90 -1.66 5.70 -11.66
N PRO A 91 -0.96 6.76 -11.22
CA PRO A 91 -0.12 6.73 -10.03
C PRO A 91 -0.97 6.61 -8.76
N THR A 92 -0.45 5.87 -7.80
CA THR A 92 -1.09 5.62 -6.51
C THR A 92 -0.04 5.50 -5.41
N PRO A 93 -0.03 6.44 -4.44
CA PRO A 93 0.86 6.41 -3.29
C PRO A 93 0.50 5.32 -2.31
N ILE A 94 -0.80 5.05 -2.16
CA ILE A 94 -1.32 4.03 -1.27
C ILE A 94 -0.87 2.66 -1.72
N ARG A 95 -0.21 1.92 -0.83
CA ARG A 95 0.23 0.54 -1.07
C ARG A 95 -0.17 -0.37 0.08
N VAL A 96 -0.76 -1.51 -0.23
CA VAL A 96 -1.05 -2.54 0.77
C VAL A 96 0.20 -3.21 1.29
N VAL A 97 0.33 -3.29 2.59
CA VAL A 97 1.47 -3.91 3.27
C VAL A 97 1.04 -5.14 4.03
N TYR A 98 1.85 -6.18 3.94
CA TYR A 98 1.54 -7.47 4.52
C TYR A 98 2.79 -8.26 4.83
N ALA A 99 2.73 -9.02 5.91
CA ALA A 99 3.88 -9.83 6.32
C ALA A 99 4.01 -11.03 5.41
N ASN A 100 5.21 -11.60 5.33
CA ASN A 100 5.48 -12.83 4.61
C ASN A 100 4.79 -14.02 5.26
N SER A 101 4.45 -13.97 6.55
CA SER A 101 3.81 -15.05 7.31
C SER A 101 4.26 -16.45 6.85
N ARG A 102 5.56 -16.64 6.59
CA ARG A 102 6.12 -17.85 5.99
C ARG A 102 5.33 -18.37 4.76
N GLY A 103 5.17 -17.54 3.74
CA GLY A 103 4.33 -17.87 2.58
C GLY A 103 2.83 -17.56 2.76
N ALA A 104 2.48 -16.52 3.50
CA ALA A 104 1.12 -16.01 3.65
C ALA A 104 1.09 -14.49 3.79
N VAL A 105 -0.07 -13.89 3.57
CA VAL A 105 -0.33 -12.46 3.71
C VAL A 105 -1.38 -12.23 4.80
N GLN A 106 -1.07 -11.33 5.73
CA GLN A 106 -1.99 -10.95 6.81
C GLN A 106 -2.55 -9.53 6.67
N TYR A 107 -2.59 -8.97 5.46
CA TYR A 107 -3.00 -7.59 5.17
C TYR A 107 -2.61 -6.70 6.36
N CYS A 108 -1.31 -6.65 6.69
CA CYS A 108 -0.83 -5.89 7.84
C CYS A 108 -1.46 -4.48 7.92
N GLY A 109 -1.67 -3.88 6.76
CA GLY A 109 -2.45 -2.67 6.57
C GLY A 109 -2.03 -1.98 5.29
N VAL A 110 -2.76 -0.95 4.89
CA VAL A 110 -2.43 -0.10 3.74
C VAL A 110 -1.76 1.17 4.21
N MET A 111 -0.66 1.58 3.59
CA MET A 111 0.06 2.82 3.90
C MET A 111 -0.12 3.81 2.77
N THR A 112 0.29 5.06 2.94
CA THR A 112 0.22 6.11 1.94
C THR A 112 1.23 7.21 2.22
N HIS A 113 1.45 8.10 1.26
CA HIS A 113 2.31 9.26 1.47
C HIS A 113 1.58 10.39 2.20
N SER A 114 2.34 11.35 2.72
CA SER A 114 1.81 12.55 3.39
C SER A 114 1.96 13.82 2.54
N LYS A 115 2.19 13.66 1.24
CA LYS A 115 2.34 14.78 0.30
C LYS A 115 1.57 14.49 -0.98
N VAL A 116 0.25 14.62 -0.90
CA VAL A 116 -0.61 14.40 -2.06
C VAL A 116 -1.17 15.73 -2.57
N ASP A 117 -0.38 16.54 -3.25
CA ASP A 117 -0.81 17.81 -3.84
C ASP A 117 -1.96 17.63 -4.84
N LYS A 118 -1.65 17.14 -6.02
CA LYS A 118 -2.63 16.89 -7.08
C LYS A 118 -2.42 15.53 -7.68
N ASN A 119 -1.16 15.17 -7.95
CA ASN A 119 -0.80 13.89 -8.57
C ASN A 119 -0.42 12.84 -7.54
N ASN A 120 -0.77 13.08 -6.28
CA ASN A 120 -0.50 12.18 -5.18
C ASN A 120 0.97 11.69 -5.19
N GLN A 121 1.91 12.63 -5.36
CA GLN A 121 3.32 12.30 -5.51
C GLN A 121 3.81 11.57 -4.26
N GLY A 122 3.96 12.32 -3.16
CA GLY A 122 4.46 11.82 -1.91
C GLY A 122 5.96 11.90 -1.81
N LYS A 123 6.42 12.49 -0.72
CA LYS A 123 7.83 12.64 -0.41
C LYS A 123 8.22 12.13 0.96
N GLU A 124 7.36 12.36 1.95
CA GLU A 124 7.56 11.88 3.31
C GLU A 124 7.35 10.37 3.38
N PHE A 125 7.57 9.82 4.57
CA PHE A 125 7.32 8.41 4.85
C PHE A 125 5.89 7.95 4.47
N PHE A 126 5.66 6.65 4.63
CA PHE A 126 4.39 6.06 4.28
C PHE A 126 3.54 5.89 5.55
N GLU A 127 2.77 6.91 5.90
CA GLU A 127 1.80 6.82 6.99
C GLU A 127 0.76 5.73 6.73
N LYS A 128 0.53 4.89 7.73
CA LYS A 128 -0.48 3.83 7.69
C LYS A 128 -1.88 4.43 7.59
N CYS A 129 -2.78 3.73 6.92
CA CYS A 129 -4.16 4.18 6.76
C CYS A 129 -5.01 3.71 7.93
N ASP A 130 -6.18 4.33 8.09
CA ASP A 130 -7.14 4.02 9.16
C ASP A 130 -8.58 3.91 8.69
N ALA A 1 -16.63 -1.12 10.43
CA ALA A 1 -16.84 -1.03 8.98
C ALA A 1 -15.57 -1.48 8.27
N PRO A 2 -15.68 -2.30 7.20
CA PRO A 2 -14.54 -2.73 6.40
C PRO A 2 -13.93 -1.59 5.56
N ILE A 3 -14.64 -0.49 5.41
CA ILE A 3 -14.14 0.67 4.69
C ILE A 3 -13.50 1.66 5.67
N VAL A 4 -12.37 2.20 5.26
CA VAL A 4 -11.61 3.21 6.00
C VAL A 4 -11.25 4.39 5.12
N THR A 5 -10.58 5.37 5.71
CA THR A 5 -10.10 6.56 5.01
C THR A 5 -8.79 7.09 5.56
N CYS A 6 -7.73 7.02 4.75
CA CYS A 6 -6.43 7.50 5.19
C CYS A 6 -6.51 8.98 5.62
N ARG A 7 -5.56 9.47 6.41
CA ARG A 7 -5.43 10.89 6.81
C ARG A 7 -4.23 11.65 6.19
N PRO A 8 -3.89 11.40 4.91
CA PRO A 8 -2.76 12.02 4.25
C PRO A 8 -2.96 13.53 4.08
N LYS A 9 -1.89 14.23 3.70
CA LYS A 9 -1.90 15.67 3.47
C LYS A 9 -2.05 16.02 1.99
N LEU A 10 -3.09 16.78 1.67
CA LEU A 10 -3.29 17.23 0.30
C LEU A 10 -2.69 18.63 0.12
N ASP A 11 -3.42 19.63 0.59
CA ASP A 11 -3.13 21.06 0.41
C ASP A 11 -2.83 21.70 1.78
N GLY A 12 -2.19 20.95 2.66
CA GLY A 12 -1.88 21.43 4.01
C GLY A 12 -2.72 20.76 5.09
N ARG A 13 -3.99 20.42 4.78
CA ARG A 13 -4.89 19.72 5.69
C ARG A 13 -4.94 18.22 5.42
N GLU A 14 -5.45 17.47 6.39
CA GLU A 14 -5.62 16.02 6.26
C GLU A 14 -6.91 15.70 5.52
N LYS A 15 -6.82 15.03 4.36
CA LYS A 15 -7.99 14.63 3.57
C LYS A 15 -8.26 13.13 3.69
N PRO A 16 -9.52 12.71 3.93
CA PRO A 16 -9.93 11.32 4.02
C PRO A 16 -9.78 10.58 2.68
N PHE A 17 -8.68 9.86 2.49
CA PHE A 17 -8.44 9.11 1.26
C PHE A 17 -9.23 7.81 1.27
N LYS A 18 -10.24 7.67 0.40
CA LYS A 18 -11.07 6.45 0.30
C LYS A 18 -10.21 5.20 0.16
N VAL A 19 -10.41 4.22 1.04
CA VAL A 19 -9.65 2.96 1.07
C VAL A 19 -10.46 1.83 1.69
N ASP A 20 -10.81 0.82 0.91
CA ASP A 20 -11.55 -0.33 1.43
C ASP A 20 -10.59 -1.50 1.73
N VAL A 21 -10.81 -2.13 2.88
CA VAL A 21 -10.02 -3.30 3.26
C VAL A 21 -10.19 -4.44 2.28
N ALA A 22 -11.41 -4.67 1.80
CA ALA A 22 -11.75 -5.74 0.86
C ALA A 22 -10.79 -5.73 -0.33
N THR A 23 -10.54 -4.55 -0.90
CA THR A 23 -9.64 -4.37 -2.03
C THR A 23 -8.22 -4.55 -1.55
N ALA A 24 -7.82 -3.88 -0.46
CA ALA A 24 -6.47 -3.99 0.08
C ALA A 24 -6.04 -5.44 0.34
N GLN A 25 -6.91 -6.24 0.94
CA GLN A 25 -6.66 -7.64 1.19
C GLN A 25 -6.70 -8.47 -0.09
N ALA A 26 -7.72 -8.22 -0.93
CA ALA A 26 -7.88 -8.91 -2.21
C ALA A 26 -6.61 -8.78 -3.04
N GLN A 27 -6.13 -7.56 -3.26
CA GLN A 27 -4.91 -7.30 -4.03
C GLN A 27 -3.68 -7.92 -3.37
N ALA A 28 -3.50 -7.75 -2.06
CA ALA A 28 -2.32 -8.24 -1.34
C ALA A 28 -2.16 -9.74 -1.56
N ARG A 29 -3.24 -10.49 -1.37
CA ARG A 29 -3.27 -11.93 -1.61
C ARG A 29 -3.17 -12.24 -3.10
N LYS A 30 -3.77 -11.41 -3.96
CA LYS A 30 -3.76 -11.58 -5.41
C LYS A 30 -2.34 -11.53 -5.96
N ALA A 31 -1.56 -10.55 -5.52
CA ALA A 31 -0.17 -10.38 -5.92
C ALA A 31 0.72 -11.43 -5.26
N GLY A 32 0.47 -11.72 -3.97
CA GLY A 32 1.28 -12.68 -3.22
C GLY A 32 2.58 -12.07 -2.73
N LEU A 33 3.52 -12.92 -2.33
CA LEU A 33 4.82 -12.52 -1.78
C LEU A 33 5.95 -12.84 -2.76
N THR A 34 5.68 -12.65 -4.05
CA THR A 34 6.64 -12.97 -5.11
C THR A 34 6.45 -12.03 -6.28
N THR A 35 7.47 -11.22 -6.55
CA THR A 35 7.50 -10.31 -7.69
C THR A 35 8.72 -10.53 -8.56
N GLY A 36 8.74 -9.86 -9.71
CA GLY A 36 9.88 -9.86 -10.61
C GLY A 36 9.50 -9.67 -12.06
N LYS A 37 8.25 -10.00 -12.40
CA LYS A 37 7.68 -9.80 -13.75
C LYS A 37 7.71 -8.33 -14.17
N SER A 38 7.43 -7.44 -13.22
CA SER A 38 7.39 -5.99 -13.44
C SER A 38 8.07 -5.21 -12.33
N GLY A 39 7.46 -5.23 -11.14
CA GLY A 39 7.93 -4.51 -9.99
C GLY A 39 7.10 -4.78 -8.75
N ASP A 40 5.82 -5.12 -8.94
CA ASP A 40 4.86 -5.28 -7.85
C ASP A 40 4.38 -6.74 -7.77
N PRO A 41 4.16 -7.25 -6.55
CA PRO A 41 4.36 -6.55 -5.27
C PRO A 41 5.81 -6.25 -4.96
N HIS A 42 6.10 -5.53 -3.89
CA HIS A 42 7.48 -5.19 -3.54
C HIS A 42 7.81 -5.76 -2.17
N ARG A 43 9.09 -6.01 -1.91
CA ARG A 43 9.56 -6.54 -0.62
C ARG A 43 9.66 -5.42 0.40
N TYR A 44 8.74 -5.39 1.36
CA TYR A 44 8.78 -4.46 2.47
C TYR A 44 9.73 -5.01 3.55
N PHE A 45 10.89 -4.40 3.70
CA PHE A 45 11.83 -4.71 4.78
C PHE A 45 11.82 -3.59 5.81
N ALA A 46 11.99 -3.95 7.09
CA ALA A 46 12.05 -3.01 8.21
C ALA A 46 12.93 -1.78 7.89
N GLY A 47 12.28 -0.68 7.56
CA GLY A 47 12.97 0.53 7.11
C GLY A 47 12.16 1.78 7.36
N ASP A 48 10.87 1.74 7.01
CA ASP A 48 9.98 2.85 7.22
C ASP A 48 9.66 2.99 8.71
N HIS A 49 9.68 4.22 9.22
CA HIS A 49 9.34 4.54 10.61
C HIS A 49 7.84 4.43 10.90
N ILE A 50 7.25 3.26 10.64
CA ILE A 50 5.83 3.00 10.80
C ILE A 50 5.63 1.98 11.92
N ARG A 51 4.45 2.00 12.55
CA ARG A 51 4.03 1.11 13.60
C ARG A 51 2.60 0.65 13.33
N TRP A 52 2.47 -0.59 12.97
CA TRP A 52 1.13 -1.17 12.81
C TRP A 52 0.58 -1.72 14.13
N GLY A 53 1.34 -1.59 15.22
CA GLY A 53 1.00 -2.16 16.54
C GLY A 53 1.18 -3.68 16.63
N VAL A 54 1.25 -4.37 15.48
CA VAL A 54 1.47 -5.80 15.42
C VAL A 54 2.95 -6.14 15.56
N ASN A 55 3.25 -7.19 16.31
CA ASN A 55 4.63 -7.65 16.49
C ASN A 55 5.24 -8.18 15.18
N ASN A 56 4.44 -8.92 14.40
CA ASN A 56 4.89 -9.47 13.13
C ASN A 56 5.50 -8.40 12.22
N CYS A 57 4.92 -7.20 12.25
CA CYS A 57 5.42 -6.04 11.51
C CYS A 57 6.18 -5.04 12.40
N ASP A 58 6.83 -5.52 13.45
CA ASP A 58 7.63 -4.71 14.39
C ASP A 58 9.10 -5.14 14.40
N LYS A 59 9.35 -6.42 14.12
CA LYS A 59 10.71 -6.97 14.03
C LYS A 59 11.54 -6.20 13.01
N ALA A 60 12.87 -6.36 13.10
CA ALA A 60 13.80 -5.71 12.18
C ALA A 60 14.16 -6.62 10.99
N ASP A 61 14.36 -7.91 11.27
CA ASP A 61 14.69 -8.90 10.23
C ASP A 61 13.42 -9.59 9.69
N ALA A 62 12.30 -8.88 9.69
CA ALA A 62 11.04 -9.39 9.16
C ALA A 62 10.99 -9.32 7.62
N ILE A 63 9.98 -9.97 7.05
CA ILE A 63 9.77 -10.03 5.61
C ILE A 63 8.32 -9.67 5.30
N LEU A 64 8.09 -8.39 4.99
CA LEU A 64 6.78 -7.91 4.58
C LEU A 64 6.77 -7.66 3.07
N TRP A 65 5.61 -7.26 2.57
CA TRP A 65 5.40 -6.90 1.19
C TRP A 65 4.43 -5.74 1.07
N GLU A 66 4.62 -4.94 0.04
CA GLU A 66 3.82 -3.75 -0.25
C GLU A 66 3.25 -3.81 -1.66
N TYR A 67 1.98 -3.46 -1.83
CA TYR A 67 1.32 -3.49 -3.14
C TYR A 67 0.46 -2.23 -3.35
N PRO A 68 0.46 -1.63 -4.53
CA PRO A 68 -0.33 -0.42 -4.86
C PRO A 68 -1.83 -0.71 -4.82
N ILE A 69 -2.67 0.33 -4.87
CA ILE A 69 -4.13 0.17 -4.90
C ILE A 69 -4.78 1.21 -5.80
N TYR A 70 -6.07 1.06 -6.07
CA TYR A 70 -6.84 2.02 -6.84
C TYR A 70 -8.10 2.40 -6.08
N TRP A 71 -8.10 3.61 -5.51
CA TRP A 71 -9.28 4.16 -4.85
C TRP A 71 -10.49 4.23 -5.79
N VAL A 72 -11.63 4.63 -5.27
CA VAL A 72 -12.86 4.80 -6.05
C VAL A 72 -12.72 5.79 -7.21
N GLY A 73 -12.06 6.92 -6.96
CA GLY A 73 -11.82 7.95 -7.97
C GLY A 73 -11.12 7.41 -9.21
N LYS A 74 -10.33 6.34 -9.07
CA LYS A 74 -9.70 5.64 -10.19
C LYS A 74 -10.68 4.68 -10.88
N ASN A 75 -10.32 4.24 -12.09
CA ASN A 75 -11.10 3.29 -12.87
C ASN A 75 -10.22 2.16 -13.44
N ALA A 76 -9.22 1.74 -12.68
CA ALA A 76 -8.35 0.67 -13.12
C ALA A 76 -7.72 -0.04 -11.91
N GLU A 77 -6.88 -1.03 -12.17
CA GLU A 77 -6.10 -1.74 -11.14
C GLU A 77 -4.66 -1.99 -11.60
N TRP A 78 -3.79 -2.31 -10.66
CA TRP A 78 -2.39 -2.58 -10.92
C TRP A 78 -2.26 -3.92 -11.63
N ALA A 79 -1.54 -3.94 -12.74
CA ALA A 79 -1.30 -5.18 -13.45
C ALA A 79 -0.20 -6.02 -12.79
N LYS A 80 -0.04 -7.26 -13.28
CA LYS A 80 1.01 -8.16 -12.81
C LYS A 80 2.36 -7.86 -13.43
N ASP A 81 2.45 -7.84 -14.76
CA ASP A 81 3.66 -7.59 -15.55
C ASP A 81 3.71 -6.13 -16.05
N VAL A 82 3.44 -5.17 -15.17
CA VAL A 82 3.45 -3.75 -15.53
C VAL A 82 4.20 -2.94 -14.49
N LYS A 83 5.25 -2.24 -14.94
CA LYS A 83 6.01 -1.35 -14.06
C LYS A 83 5.22 -0.07 -13.77
N THR A 84 5.57 0.63 -12.71
CA THR A 84 4.98 1.93 -12.34
C THR A 84 4.92 2.92 -13.51
N SER A 85 5.94 2.92 -14.37
CA SER A 85 5.98 3.73 -15.59
C SER A 85 4.87 3.35 -16.57
N GLN A 86 4.89 2.12 -17.06
CA GLN A 86 3.87 1.62 -17.98
C GLN A 86 2.46 1.79 -17.41
N GLN A 87 2.30 1.65 -16.09
CA GLN A 87 1.04 1.78 -15.37
C GLN A 87 0.19 2.93 -15.91
N LYS A 88 -0.84 2.57 -16.67
CA LYS A 88 -1.68 3.57 -17.33
C LYS A 88 -2.74 4.08 -16.39
N GLY A 89 -3.35 3.18 -15.63
CA GLY A 89 -4.40 3.48 -14.66
C GLY A 89 -4.12 4.73 -13.82
N GLY A 90 -2.86 4.91 -13.43
CA GLY A 90 -2.36 6.12 -12.80
C GLY A 90 -1.54 5.80 -11.55
N PRO A 91 -0.79 6.78 -11.05
CA PRO A 91 0.00 6.66 -9.84
C PRO A 91 -0.88 6.55 -8.60
N THR A 92 -0.39 5.81 -7.60
CA THR A 92 -1.08 5.59 -6.34
C THR A 92 -0.09 5.43 -5.19
N PRO A 93 -0.15 6.36 -4.21
CA PRO A 93 0.72 6.34 -3.06
C PRO A 93 0.34 5.25 -2.08
N ILE A 94 -0.97 5.07 -1.88
CA ILE A 94 -1.53 4.08 -0.98
C ILE A 94 -1.02 2.70 -1.37
N ARG A 95 -0.44 1.99 -0.42
CA ARG A 95 0.03 0.62 -0.61
C ARG A 95 -0.36 -0.28 0.55
N VAL A 96 -0.86 -1.46 0.25
CA VAL A 96 -1.15 -2.48 1.27
C VAL A 96 0.11 -3.18 1.74
N VAL A 97 0.26 -3.34 3.05
CA VAL A 97 1.37 -4.04 3.66
C VAL A 97 0.90 -5.35 4.28
N TYR A 98 1.69 -6.39 4.10
CA TYR A 98 1.37 -7.74 4.56
C TYR A 98 2.64 -8.49 4.92
N ALA A 99 2.57 -9.25 6.00
CA ALA A 99 3.69 -10.06 6.45
C ALA A 99 3.71 -11.42 5.76
N ASN A 100 4.90 -12.02 5.67
CA ASN A 100 5.08 -13.35 5.13
C ASN A 100 4.80 -14.41 6.19
N SER A 101 3.53 -14.76 6.37
CA SER A 101 3.15 -15.82 7.31
C SER A 101 2.87 -17.10 6.53
N ARG A 102 3.93 -17.86 6.22
CA ARG A 102 3.79 -19.15 5.49
C ARG A 102 3.14 -18.97 4.11
N GLY A 103 3.50 -17.90 3.40
CA GLY A 103 2.92 -17.58 2.10
C GLY A 103 1.57 -16.85 2.20
N ALA A 104 0.78 -17.12 3.24
CA ALA A 104 -0.44 -16.40 3.52
C ALA A 104 -0.16 -14.99 4.03
N VAL A 105 -1.00 -14.05 3.59
CA VAL A 105 -0.91 -12.65 3.98
C VAL A 105 -1.80 -12.41 5.20
N GLN A 106 -1.35 -11.54 6.09
CA GLN A 106 -2.13 -11.19 7.28
C GLN A 106 -2.69 -9.77 7.22
N TYR A 107 -2.74 -9.17 6.01
CA TYR A 107 -3.13 -7.77 5.80
C TYR A 107 -2.59 -6.90 6.96
N CYS A 108 -1.26 -6.91 7.14
CA CYS A 108 -0.61 -6.13 8.22
C CYS A 108 -1.19 -4.71 8.36
N GLY A 109 -1.55 -4.11 7.22
CA GLY A 109 -2.28 -2.88 7.14
C GLY A 109 -1.91 -2.13 5.88
N VAL A 110 -2.75 -1.21 5.44
CA VAL A 110 -2.46 -0.31 4.32
C VAL A 110 -1.85 0.99 4.79
N MET A 111 -1.02 1.60 3.97
CA MET A 111 -0.42 2.90 4.22
C MET A 111 -0.63 3.84 3.04
N THR A 112 -0.26 5.10 3.19
CA THR A 112 -0.38 6.14 2.19
C THR A 112 0.63 7.25 2.43
N HIS A 113 1.09 7.86 1.35
CA HIS A 113 2.01 8.99 1.47
C HIS A 113 1.31 10.21 2.04
N SER A 114 2.08 11.05 2.70
CA SER A 114 1.55 12.29 3.27
C SER A 114 1.49 13.37 2.20
N LYS A 115 2.50 13.50 1.32
CA LYS A 115 2.52 14.53 0.28
C LYS A 115 1.79 14.08 -0.98
N VAL A 116 0.57 14.54 -1.20
CA VAL A 116 -0.22 14.15 -2.38
C VAL A 116 -0.84 15.36 -3.05
N ASP A 117 -0.07 16.12 -3.81
CA ASP A 117 -0.56 17.30 -4.53
C ASP A 117 -1.66 16.94 -5.54
N LYS A 118 -1.26 16.34 -6.66
CA LYS A 118 -2.17 15.92 -7.73
C LYS A 118 -1.83 14.54 -8.20
N ASN A 119 -0.54 14.29 -8.43
CA ASN A 119 -0.09 12.99 -8.90
C ASN A 119 -0.11 11.95 -7.78
N ASN A 120 -0.25 12.38 -6.53
CA ASN A 120 -0.32 11.49 -5.37
C ASN A 120 1.05 10.82 -5.13
N GLN A 121 2.15 11.53 -5.39
CA GLN A 121 3.48 10.98 -5.22
C GLN A 121 3.82 10.75 -3.74
N GLY A 122 5.01 10.24 -3.44
CA GLY A 122 5.47 10.06 -2.06
C GLY A 122 6.73 10.81 -1.78
N LYS A 123 6.60 11.91 -1.03
CA LYS A 123 7.75 12.73 -0.65
C LYS A 123 8.15 12.49 0.79
N GLU A 124 7.18 12.52 1.69
CA GLU A 124 7.40 12.22 3.11
C GLU A 124 7.22 10.74 3.43
N PHE A 125 7.38 10.40 4.71
CA PHE A 125 7.14 9.05 5.20
C PHE A 125 5.73 8.53 4.85
N PHE A 126 5.56 7.22 5.01
CA PHE A 126 4.31 6.56 4.68
C PHE A 126 3.44 6.52 5.93
N GLU A 127 2.33 7.22 5.88
CA GLU A 127 1.35 7.25 6.95
C GLU A 127 0.37 6.10 6.80
N LYS A 128 0.21 5.29 7.83
CA LYS A 128 -0.75 4.17 7.85
C LYS A 128 -2.16 4.67 7.53
N CYS A 129 -3.02 3.77 7.06
CA CYS A 129 -4.40 4.06 6.73
C CYS A 129 -5.34 3.39 7.71
N ASP A 130 -6.37 4.13 8.13
CA ASP A 130 -7.39 3.73 9.11
C ASP A 130 -8.72 4.51 8.90
N ALA A 1 -15.94 -0.64 9.98
CA ALA A 1 -16.38 -1.31 8.73
C ALA A 1 -15.14 -1.58 7.85
N PRO A 2 -15.25 -2.36 6.76
CA PRO A 2 -14.17 -2.60 5.81
C PRO A 2 -13.78 -1.38 4.95
N ILE A 3 -14.45 -0.24 5.14
CA ILE A 3 -14.17 1.02 4.47
C ILE A 3 -13.51 1.97 5.46
N VAL A 4 -12.23 2.21 5.23
CA VAL A 4 -11.42 3.17 5.99
C VAL A 4 -11.07 4.40 5.15
N THR A 5 -10.32 5.34 5.72
CA THR A 5 -9.83 6.52 5.01
C THR A 5 -8.51 7.05 5.55
N CYS A 6 -7.46 7.02 4.72
CA CYS A 6 -6.14 7.47 5.16
C CYS A 6 -6.19 8.93 5.66
N ARG A 7 -5.13 9.40 6.32
CA ARG A 7 -4.96 10.80 6.77
C ARG A 7 -3.90 11.61 5.99
N PRO A 8 -3.83 11.52 4.64
CA PRO A 8 -2.87 12.24 3.84
C PRO A 8 -3.09 13.74 3.88
N LYS A 9 -2.00 14.49 3.80
CA LYS A 9 -2.05 15.95 3.69
C LYS A 9 -2.22 16.36 2.23
N LEU A 10 -3.20 17.24 2.00
CA LEU A 10 -3.44 17.89 0.73
C LEU A 10 -2.85 19.31 0.73
N ASP A 11 -3.66 20.27 1.20
CA ASP A 11 -3.39 21.71 1.21
C ASP A 11 -3.22 22.22 2.66
N GLY A 12 -2.56 21.41 3.48
CA GLY A 12 -2.35 21.71 4.90
C GLY A 12 -3.27 20.94 5.86
N ARG A 13 -4.46 20.55 5.40
CA ARG A 13 -5.41 19.71 6.17
C ARG A 13 -5.35 18.26 5.71
N GLU A 14 -5.44 17.36 6.68
CA GLU A 14 -5.46 15.91 6.47
C GLU A 14 -6.82 15.52 5.89
N LYS A 15 -6.85 15.16 4.60
CA LYS A 15 -8.09 14.73 3.95
C LYS A 15 -8.23 13.22 3.94
N PRO A 16 -9.45 12.69 4.16
CA PRO A 16 -9.73 11.27 4.20
C PRO A 16 -9.51 10.62 2.83
N PHE A 17 -8.54 9.72 2.70
CA PHE A 17 -8.32 9.04 1.43
C PHE A 17 -9.17 7.77 1.35
N LYS A 18 -10.20 7.74 0.50
CA LYS A 18 -11.07 6.56 0.27
C LYS A 18 -10.26 5.28 0.08
N VAL A 19 -10.37 4.33 1.01
CA VAL A 19 -9.67 3.06 0.96
C VAL A 19 -10.52 1.96 1.59
N ASP A 20 -10.57 0.81 0.96
CA ASP A 20 -11.32 -0.36 1.38
C ASP A 20 -10.37 -1.53 1.61
N VAL A 21 -10.51 -2.18 2.76
CA VAL A 21 -9.74 -3.38 3.09
C VAL A 21 -9.93 -4.46 2.03
N ALA A 22 -11.15 -4.59 1.50
CA ALA A 22 -11.50 -5.59 0.50
C ALA A 22 -10.55 -5.49 -0.68
N THR A 23 -10.47 -4.32 -1.30
CA THR A 23 -9.58 -4.07 -2.41
C THR A 23 -8.13 -4.25 -1.99
N ALA A 24 -7.65 -3.53 -0.98
CA ALA A 24 -6.27 -3.61 -0.54
C ALA A 24 -5.82 -5.07 -0.32
N GLN A 25 -6.56 -5.84 0.48
CA GLN A 25 -6.34 -7.26 0.73
C GLN A 25 -6.35 -8.07 -0.55
N ALA A 26 -7.34 -7.82 -1.43
CA ALA A 26 -7.45 -8.50 -2.72
C ALA A 26 -6.12 -8.42 -3.45
N GLN A 27 -5.56 -7.22 -3.56
CA GLN A 27 -4.30 -7.01 -4.25
C GLN A 27 -3.13 -7.70 -3.54
N ALA A 28 -3.08 -7.63 -2.22
CA ALA A 28 -2.06 -8.27 -1.39
C ALA A 28 -1.94 -9.77 -1.70
N ARG A 29 -3.06 -10.49 -1.53
CA ARG A 29 -3.14 -11.92 -1.82
C ARG A 29 -2.97 -12.21 -3.30
N LYS A 30 -3.61 -11.43 -4.17
CA LYS A 30 -3.55 -11.57 -5.63
C LYS A 30 -2.12 -11.49 -6.14
N ALA A 31 -1.35 -10.52 -5.65
CA ALA A 31 0.06 -10.35 -5.96
C ALA A 31 0.90 -11.47 -5.33
N GLY A 32 0.59 -11.86 -4.09
CA GLY A 32 1.36 -12.89 -3.38
C GLY A 32 2.66 -12.33 -2.81
N LEU A 33 3.55 -13.25 -2.43
CA LEU A 33 4.84 -12.95 -1.81
C LEU A 33 6.00 -13.31 -2.77
N THR A 34 5.77 -13.14 -4.07
CA THR A 34 6.75 -13.48 -5.10
C THR A 34 6.59 -12.54 -6.29
N THR A 35 7.62 -11.74 -6.52
CA THR A 35 7.72 -10.82 -7.66
C THR A 35 8.89 -11.18 -8.57
N GLY A 36 8.89 -10.60 -9.76
CA GLY A 36 9.97 -10.73 -10.75
C GLY A 36 9.53 -10.52 -12.20
N LYS A 37 8.21 -10.57 -12.43
CA LYS A 37 7.56 -10.32 -13.72
C LYS A 37 7.86 -8.92 -14.27
N SER A 38 7.56 -7.90 -13.46
CA SER A 38 7.76 -6.50 -13.81
C SER A 38 8.47 -5.71 -12.72
N GLY A 39 7.91 -5.72 -11.52
CA GLY A 39 8.43 -5.01 -10.36
C GLY A 39 7.61 -5.22 -9.10
N ASP A 40 6.30 -5.43 -9.24
CA ASP A 40 5.40 -5.70 -8.13
C ASP A 40 4.97 -7.19 -8.03
N PRO A 41 4.59 -7.64 -6.81
CA PRO A 41 4.69 -6.90 -5.54
C PRO A 41 6.11 -6.58 -5.10
N HIS A 42 6.31 -5.86 -4.01
CA HIS A 42 7.66 -5.50 -3.54
C HIS A 42 7.86 -6.03 -2.13
N ARG A 43 9.04 -6.54 -1.82
CA ARG A 43 9.40 -7.02 -0.48
C ARG A 43 9.53 -5.83 0.47
N TYR A 44 8.93 -5.94 1.64
CA TYR A 44 9.04 -4.97 2.71
C TYR A 44 9.89 -5.59 3.81
N PHE A 45 11.13 -5.12 3.93
CA PHE A 45 12.03 -5.50 5.03
C PHE A 45 12.10 -4.39 6.07
N ALA A 46 12.49 -3.18 5.65
CA ALA A 46 12.66 -2.00 6.48
C ALA A 46 12.92 -0.78 5.59
N GLY A 47 12.93 0.41 6.22
CA GLY A 47 13.18 1.70 5.57
C GLY A 47 12.16 2.75 5.99
N ASP A 48 10.88 2.38 5.97
CA ASP A 48 9.78 3.28 6.28
C ASP A 48 9.47 3.20 7.78
N HIS A 49 9.58 4.32 8.50
CA HIS A 49 9.28 4.37 9.93
C HIS A 49 7.77 4.23 10.24
N ILE A 50 7.19 3.05 10.05
CA ILE A 50 5.75 2.80 10.25
C ILE A 50 5.54 1.98 11.51
N ARG A 51 4.30 1.94 12.01
CA ARG A 51 3.89 1.16 13.16
C ARG A 51 2.47 0.71 12.90
N TRP A 52 2.30 -0.57 12.82
CA TRP A 52 0.96 -1.15 12.71
C TRP A 52 0.39 -1.52 14.08
N GLY A 53 1.19 -1.37 15.15
CA GLY A 53 0.84 -1.82 16.50
C GLY A 53 0.68 -3.34 16.61
N VAL A 54 1.31 -4.09 15.70
CA VAL A 54 1.23 -5.55 15.64
C VAL A 54 2.61 -6.09 15.95
N ASN A 55 2.75 -6.88 17.02
CA ASN A 55 4.01 -7.52 17.45
C ASN A 55 4.81 -8.13 16.28
N ASN A 56 4.08 -8.73 15.32
CA ASN A 56 4.65 -9.26 14.08
C ASN A 56 5.23 -8.16 13.15
N CYS A 57 4.44 -7.13 12.86
CA CYS A 57 4.87 -5.96 12.10
C CYS A 57 5.61 -4.89 12.94
N ASP A 58 6.25 -5.31 14.05
CA ASP A 58 7.03 -4.47 14.98
C ASP A 58 8.48 -4.98 15.11
N LYS A 59 8.99 -5.61 14.04
CA LYS A 59 10.37 -6.10 13.96
C LYS A 59 11.17 -5.31 12.93
N ALA A 60 12.46 -5.63 12.84
CA ALA A 60 13.40 -5.03 11.89
C ALA A 60 13.77 -5.97 10.74
N ASP A 61 13.99 -7.26 11.03
CA ASP A 61 14.32 -8.32 10.06
C ASP A 61 13.07 -9.14 9.68
N ALA A 62 11.89 -8.50 9.71
CA ALA A 62 10.66 -9.16 9.29
C ALA A 62 10.54 -9.24 7.77
N ILE A 63 9.72 -10.21 7.32
CA ILE A 63 9.46 -10.47 5.91
C ILE A 63 8.06 -9.98 5.57
N LEU A 64 7.93 -8.69 5.33
CA LEU A 64 6.70 -8.09 4.86
C LEU A 64 6.75 -7.89 3.34
N TRP A 65 5.70 -7.29 2.81
CA TRP A 65 5.51 -6.94 1.42
C TRP A 65 4.71 -5.66 1.26
N GLU A 66 4.66 -5.13 0.04
CA GLU A 66 3.92 -3.94 -0.32
C GLU A 66 3.41 -4.02 -1.76
N TYR A 67 2.17 -3.57 -1.99
CA TYR A 67 1.60 -3.54 -3.33
C TYR A 67 0.62 -2.37 -3.54
N PRO A 68 0.73 -1.61 -4.65
CA PRO A 68 -0.13 -0.46 -4.96
C PRO A 68 -1.59 -0.83 -5.22
N ILE A 69 -2.45 0.17 -5.31
CA ILE A 69 -3.87 -0.04 -5.51
C ILE A 69 -4.57 1.28 -5.81
N TYR A 70 -5.57 1.21 -6.69
CA TYR A 70 -6.43 2.31 -7.05
C TYR A 70 -7.59 2.38 -6.05
N TRP A 71 -7.69 3.50 -5.35
CA TRP A 71 -8.82 3.82 -4.47
C TRP A 71 -10.13 3.92 -5.24
N VAL A 72 -11.23 4.19 -4.52
CA VAL A 72 -12.58 4.34 -5.10
C VAL A 72 -12.63 5.41 -6.20
N GLY A 73 -12.13 6.61 -5.90
CA GLY A 73 -12.15 7.74 -6.85
C GLY A 73 -11.48 7.41 -8.20
N LYS A 74 -10.41 6.60 -8.16
CA LYS A 74 -9.75 6.08 -9.35
C LYS A 74 -10.63 5.03 -10.05
N ASN A 75 -10.40 4.85 -11.35
CA ASN A 75 -11.09 3.90 -12.21
C ASN A 75 -10.10 2.98 -12.97
N ALA A 76 -8.95 2.68 -12.36
CA ALA A 76 -7.95 1.81 -12.98
C ALA A 76 -7.58 0.65 -12.04
N GLU A 77 -6.75 -0.26 -12.53
CA GLU A 77 -6.32 -1.43 -11.79
C GLU A 77 -4.85 -1.69 -12.10
N TRP A 78 -4.05 -1.82 -11.04
CA TRP A 78 -2.62 -2.10 -11.14
C TRP A 78 -2.45 -3.51 -11.69
N ALA A 79 -1.93 -3.60 -12.92
CA ALA A 79 -1.62 -4.88 -13.53
C ALA A 79 -0.56 -5.67 -12.74
N LYS A 80 -0.24 -6.89 -13.18
CA LYS A 80 0.74 -7.77 -12.53
C LYS A 80 2.12 -7.62 -13.17
N ASP A 81 2.23 -8.00 -14.43
CA ASP A 81 3.48 -8.00 -15.18
C ASP A 81 3.73 -6.61 -15.80
N VAL A 82 3.36 -5.55 -15.08
CA VAL A 82 3.45 -4.16 -15.54
C VAL A 82 4.11 -3.29 -14.49
N LYS A 83 5.23 -2.67 -14.87
CA LYS A 83 5.94 -1.73 -14.01
C LYS A 83 5.17 -0.42 -13.90
N THR A 84 5.41 0.35 -12.83
CA THR A 84 4.84 1.70 -12.59
C THR A 84 4.76 2.59 -13.82
N SER A 85 5.88 2.76 -14.53
CA SER A 85 5.98 3.57 -15.75
C SER A 85 4.96 3.15 -16.81
N GLN A 86 5.07 1.90 -17.29
CA GLN A 86 4.13 1.31 -18.23
C GLN A 86 2.69 1.41 -17.73
N GLN A 87 2.45 1.21 -16.43
CA GLN A 87 1.14 1.25 -15.77
C GLN A 87 0.24 2.37 -16.32
N LYS A 88 -0.84 1.97 -16.99
CA LYS A 88 -1.75 2.89 -17.65
C LYS A 88 -2.97 3.12 -16.79
N GLY A 89 -2.82 3.92 -15.75
CA GLY A 89 -3.96 4.20 -14.87
C GLY A 89 -3.76 5.42 -13.98
N GLY A 90 -2.58 5.52 -13.37
CA GLY A 90 -2.20 6.68 -12.56
C GLY A 90 -1.43 6.31 -11.31
N PRO A 91 -0.66 7.26 -10.76
CA PRO A 91 0.13 7.06 -9.57
C PRO A 91 -0.76 6.86 -8.34
N THR A 92 -0.27 6.04 -7.42
CA THR A 92 -0.94 5.71 -6.16
C THR A 92 0.08 5.43 -5.06
N PRO A 93 0.16 6.31 -4.02
CA PRO A 93 1.04 6.12 -2.88
C PRO A 93 0.55 5.07 -1.90
N ILE A 94 -0.78 4.84 -1.89
CA ILE A 94 -1.44 3.85 -1.07
C ILE A 94 -1.03 2.44 -1.52
N ARG A 95 -0.39 1.69 -0.65
CA ARG A 95 0.05 0.31 -0.92
C ARG A 95 -0.29 -0.61 0.24
N VAL A 96 -0.95 -1.72 -0.04
CA VAL A 96 -1.25 -2.75 0.96
C VAL A 96 0.02 -3.44 1.44
N VAL A 97 0.15 -3.63 2.75
CA VAL A 97 1.28 -4.30 3.40
C VAL A 97 0.82 -5.55 4.11
N TYR A 98 1.62 -6.59 3.99
CA TYR A 98 1.33 -7.91 4.51
C TYR A 98 2.60 -8.60 4.97
N ALA A 99 2.49 -9.41 6.02
CA ALA A 99 3.60 -10.18 6.55
C ALA A 99 3.59 -11.61 6.00
N ASN A 100 4.78 -12.22 5.90
CA ASN A 100 5.00 -13.59 5.51
C ASN A 100 5.12 -14.50 6.74
N SER A 101 4.00 -14.70 7.44
CA SER A 101 3.97 -15.59 8.62
C SER A 101 4.06 -17.05 8.17
N ARG A 102 3.02 -17.54 7.48
CA ARG A 102 2.89 -18.94 7.02
C ARG A 102 2.48 -19.05 5.55
N GLY A 103 3.02 -18.19 4.70
CA GLY A 103 2.64 -18.09 3.28
C GLY A 103 1.32 -17.36 3.03
N ALA A 104 0.32 -17.55 3.91
CA ALA A 104 -0.91 -16.78 3.86
C ALA A 104 -0.65 -15.39 4.43
N VAL A 105 -0.76 -14.38 3.57
CA VAL A 105 -0.68 -12.97 3.94
C VAL A 105 -1.58 -12.68 5.14
N GLN A 106 -1.16 -11.74 5.99
CA GLN A 106 -1.96 -11.34 7.15
C GLN A 106 -2.60 -9.96 6.98
N TYR A 107 -2.50 -9.35 5.78
CA TYR A 107 -2.92 -7.97 5.54
C TYR A 107 -2.58 -7.06 6.73
N CYS A 108 -1.29 -6.98 7.06
CA CYS A 108 -0.81 -6.14 8.16
C CYS A 108 -1.47 -4.74 8.19
N GLY A 109 -1.70 -4.19 6.99
CA GLY A 109 -2.53 -3.02 6.77
C GLY A 109 -2.05 -2.28 5.54
N VAL A 110 -2.79 -1.27 5.11
CA VAL A 110 -2.37 -0.42 3.99
C VAL A 110 -1.58 0.77 4.49
N MET A 111 -0.71 1.35 3.65
CA MET A 111 0.07 2.54 3.99
C MET A 111 0.04 3.54 2.86
N THR A 112 0.12 4.82 3.18
CA THR A 112 0.18 5.89 2.20
C THR A 112 1.25 6.87 2.55
N HIS A 113 1.92 7.43 1.56
CA HIS A 113 2.98 8.43 1.74
C HIS A 113 2.49 9.70 2.46
N SER A 114 1.17 9.87 2.52
CA SER A 114 0.49 10.93 3.27
C SER A 114 0.79 12.34 2.74
N LYS A 115 1.06 12.42 1.42
CA LYS A 115 1.51 13.64 0.77
C LYS A 115 1.07 13.76 -0.66
N VAL A 116 0.01 14.51 -0.92
CA VAL A 116 -0.56 14.64 -2.25
C VAL A 116 -1.01 16.07 -2.45
N ASP A 117 -0.28 16.88 -3.21
CA ASP A 117 -0.66 18.29 -3.44
C ASP A 117 -1.22 18.45 -4.86
N LYS A 118 -0.32 18.50 -5.84
CA LYS A 118 -0.64 18.60 -7.28
C LYS A 118 -0.69 17.24 -7.97
N ASN A 119 -0.27 16.18 -7.27
CA ASN A 119 -0.18 14.82 -7.78
C ASN A 119 -0.29 13.83 -6.62
N ASN A 120 -1.33 12.99 -6.67
CA ASN A 120 -1.57 11.92 -5.70
C ASN A 120 -0.60 10.74 -5.93
N GLN A 121 0.70 11.01 -5.78
CA GLN A 121 1.76 10.01 -5.91
C GLN A 121 2.45 9.76 -4.59
N GLY A 122 2.37 10.71 -3.66
CA GLY A 122 3.05 10.61 -2.38
C GLY A 122 4.48 11.14 -2.40
N LYS A 123 4.91 11.72 -1.28
CA LYS A 123 6.24 12.31 -1.13
C LYS A 123 6.93 11.99 0.19
N GLU A 124 6.30 12.39 1.31
CA GLU A 124 6.75 12.04 2.66
C GLU A 124 6.80 10.51 2.84
N PHE A 125 7.35 10.12 3.98
CA PHE A 125 7.41 8.73 4.40
C PHE A 125 6.05 8.02 4.32
N PHE A 126 6.07 6.70 4.37
CA PHE A 126 4.86 5.91 4.33
C PHE A 126 4.19 5.91 5.71
N GLU A 127 2.92 6.27 5.75
CA GLU A 127 2.10 6.31 6.94
C GLU A 127 0.98 5.29 6.75
N LYS A 128 1.00 4.23 7.55
CA LYS A 128 -0.11 3.28 7.66
C LYS A 128 -1.44 4.04 7.65
N CYS A 129 -2.32 3.65 6.75
CA CYS A 129 -3.69 4.14 6.67
C CYS A 129 -4.46 3.82 7.97
N ASP A 130 -5.70 4.30 8.07
CA ASP A 130 -6.62 4.14 9.20
C ASP A 130 -8.08 4.29 8.74
N ALA A 1 -14.57 -1.74 11.29
CA ALA A 1 -15.27 -1.85 9.99
C ALA A 1 -14.27 -2.29 8.92
N PRO A 2 -14.73 -2.88 7.80
CA PRO A 2 -13.87 -3.27 6.69
C PRO A 2 -13.36 -2.07 5.88
N ILE A 3 -14.14 -1.01 5.81
CA ILE A 3 -13.75 0.24 5.16
C ILE A 3 -12.98 1.10 6.15
N VAL A 4 -11.85 1.63 5.71
CA VAL A 4 -10.97 2.55 6.45
C VAL A 4 -10.67 3.79 5.61
N THR A 5 -9.93 4.72 6.19
CA THR A 5 -9.50 5.94 5.53
C THR A 5 -8.17 6.40 6.12
N CYS A 6 -7.08 6.34 5.34
CA CYS A 6 -5.78 6.88 5.77
C CYS A 6 -5.85 8.39 6.09
N ARG A 7 -4.81 8.96 6.73
CA ARG A 7 -4.69 10.40 7.08
C ARG A 7 -3.53 11.16 6.36
N PRO A 8 -3.38 11.05 5.02
CA PRO A 8 -2.36 11.76 4.24
C PRO A 8 -2.61 13.27 4.17
N LYS A 9 -1.74 13.98 3.46
CA LYS A 9 -1.80 15.42 3.25
C LYS A 9 -2.02 15.73 1.78
N LEU A 10 -3.08 16.47 1.50
CA LEU A 10 -3.44 16.93 0.14
C LEU A 10 -3.25 18.45 0.06
N ASP A 11 -4.24 19.23 0.49
CA ASP A 11 -4.21 20.70 0.37
C ASP A 11 -3.55 21.35 1.59
N GLY A 12 -2.35 20.89 1.95
CA GLY A 12 -1.62 21.26 3.18
C GLY A 12 -2.31 20.89 4.49
N ARG A 13 -3.46 20.21 4.43
CA ARG A 13 -4.28 19.72 5.54
C ARG A 13 -4.45 18.22 5.41
N GLU A 14 -4.45 17.52 6.55
CA GLU A 14 -4.67 16.08 6.68
C GLU A 14 -6.01 15.66 6.04
N LYS A 15 -5.95 15.17 4.81
CA LYS A 15 -7.11 14.83 3.98
C LYS A 15 -7.36 13.31 4.07
N PRO A 16 -8.56 12.86 4.43
CA PRO A 16 -8.88 11.43 4.52
C PRO A 16 -8.84 10.72 3.14
N PHE A 17 -8.00 9.69 2.95
CA PHE A 17 -7.95 8.87 1.71
C PHE A 17 -8.76 7.56 1.78
N LYS A 18 -9.90 7.47 1.08
CA LYS A 18 -10.79 6.29 1.01
C LYS A 18 -10.07 5.03 0.55
N VAL A 19 -10.22 3.94 1.30
CA VAL A 19 -9.50 2.67 1.12
C VAL A 19 -10.31 1.53 1.72
N ASP A 20 -10.89 0.67 0.90
CA ASP A 20 -11.62 -0.50 1.38
C ASP A 20 -10.65 -1.69 1.58
N VAL A 21 -10.83 -2.45 2.67
CA VAL A 21 -10.07 -3.68 2.92
C VAL A 21 -10.24 -4.69 1.79
N ALA A 22 -11.47 -4.83 1.28
CA ALA A 22 -11.84 -5.80 0.25
C ALA A 22 -10.89 -5.70 -0.94
N THR A 23 -10.76 -4.52 -1.52
CA THR A 23 -9.78 -4.21 -2.56
C THR A 23 -8.37 -4.39 -2.03
N ALA A 24 -7.97 -3.71 -0.95
CA ALA A 24 -6.59 -3.77 -0.45
C ALA A 24 -6.03 -5.22 -0.32
N GLN A 25 -6.80 -6.09 0.33
CA GLN A 25 -6.55 -7.53 0.45
C GLN A 25 -6.54 -8.22 -0.91
N ALA A 26 -7.55 -7.97 -1.75
CA ALA A 26 -7.61 -8.52 -3.10
C ALA A 26 -6.30 -8.28 -3.85
N GLN A 27 -5.75 -7.05 -3.80
CA GLN A 27 -4.50 -6.67 -4.45
C GLN A 27 -3.29 -7.41 -3.85
N ALA A 28 -3.16 -7.41 -2.52
CA ALA A 28 -2.10 -8.11 -1.78
C ALA A 28 -2.03 -9.59 -2.15
N ARG A 29 -3.18 -10.28 -2.12
CA ARG A 29 -3.32 -11.68 -2.52
C ARG A 29 -3.08 -11.89 -4.02
N LYS A 30 -3.61 -11.00 -4.87
CA LYS A 30 -3.46 -11.04 -6.34
C LYS A 30 -2.00 -11.08 -6.75
N ALA A 31 -1.22 -10.16 -6.18
CA ALA A 31 0.21 -10.08 -6.38
C ALA A 31 0.97 -11.21 -5.66
N GLY A 32 0.54 -11.59 -4.46
CA GLY A 32 1.18 -12.60 -3.63
C GLY A 32 2.40 -12.07 -2.88
N LEU A 33 3.22 -12.98 -2.36
CA LEU A 33 4.48 -12.70 -1.65
C LEU A 33 5.69 -12.99 -2.55
N THR A 34 5.58 -12.73 -3.85
CA THR A 34 6.65 -12.97 -4.82
C THR A 34 6.55 -12.07 -6.04
N THR A 35 7.67 -11.50 -6.46
CA THR A 35 7.81 -10.66 -7.65
C THR A 35 9.03 -11.07 -8.47
N GLY A 36 9.01 -10.72 -9.76
CA GLY A 36 10.12 -10.91 -10.70
C GLY A 36 9.69 -10.88 -12.17
N LYS A 37 8.76 -9.98 -12.52
CA LYS A 37 8.14 -9.83 -13.85
C LYS A 37 8.23 -8.38 -14.34
N SER A 38 7.78 -7.44 -13.49
CA SER A 38 7.71 -5.99 -13.78
C SER A 38 8.36 -5.15 -12.68
N GLY A 39 8.00 -5.43 -11.42
CA GLY A 39 8.44 -4.72 -10.22
C GLY A 39 7.53 -4.94 -9.02
N ASP A 40 6.22 -5.18 -9.22
CA ASP A 40 5.32 -5.48 -8.10
C ASP A 40 4.99 -6.97 -7.97
N PRO A 41 4.55 -7.40 -6.76
CA PRO A 41 4.62 -6.68 -5.48
C PRO A 41 6.06 -6.38 -5.06
N HIS A 42 6.29 -5.62 -3.98
CA HIS A 42 7.64 -5.27 -3.54
C HIS A 42 7.84 -5.76 -2.11
N ARG A 43 9.03 -6.25 -1.78
CA ARG A 43 9.38 -6.62 -0.40
C ARG A 43 9.51 -5.35 0.42
N TYR A 44 8.79 -5.32 1.53
CA TYR A 44 8.90 -4.27 2.54
C TYR A 44 9.74 -4.81 3.68
N PHE A 45 10.57 -3.94 4.26
CA PHE A 45 11.40 -4.17 5.44
C PHE A 45 11.19 -3.03 6.45
N ALA A 46 11.06 -3.35 7.73
CA ALA A 46 10.92 -2.37 8.82
C ALA A 46 12.03 -1.28 8.78
N GLY A 47 11.66 -0.08 8.31
CA GLY A 47 12.59 1.01 8.05
C GLY A 47 11.91 2.36 7.80
N ASP A 48 10.76 2.38 7.11
CA ASP A 48 9.90 3.55 6.89
C ASP A 48 9.23 4.10 8.17
N HIS A 49 9.55 3.54 9.35
CA HIS A 49 9.06 3.96 10.68
C HIS A 49 7.60 3.56 10.91
N ILE A 50 7.23 2.36 10.51
CA ILE A 50 5.84 1.89 10.50
C ILE A 50 5.70 0.58 11.27
N ARG A 51 4.91 0.65 12.35
CA ARG A 51 4.62 -0.46 13.27
C ARG A 51 3.26 -1.14 13.06
N TRP A 52 2.33 -0.42 12.44
CA TRP A 52 0.97 -0.86 12.13
C TRP A 52 0.10 -1.14 13.37
N GLY A 53 0.58 -0.75 14.56
CA GLY A 53 0.00 -1.14 15.84
C GLY A 53 -0.01 -2.66 16.10
N VAL A 54 0.88 -3.43 15.45
CA VAL A 54 0.91 -4.91 15.55
C VAL A 54 2.35 -5.37 15.81
N ASN A 55 2.54 -6.24 16.81
CA ASN A 55 3.84 -6.88 17.09
C ASN A 55 4.45 -7.60 15.86
N ASN A 56 3.63 -8.31 15.06
CA ASN A 56 4.13 -9.00 13.87
C ASN A 56 4.69 -8.02 12.84
N CYS A 57 4.00 -6.91 12.60
CA CYS A 57 4.45 -5.91 11.65
C CYS A 57 5.64 -5.10 12.20
N ASP A 58 5.59 -4.67 13.46
CA ASP A 58 6.67 -3.97 14.21
C ASP A 58 7.75 -4.91 14.76
N LYS A 59 8.01 -6.01 14.04
CA LYS A 59 9.12 -6.91 14.32
C LYS A 59 10.47 -6.27 13.99
N ALA A 60 11.54 -7.02 14.30
CA ALA A 60 12.91 -6.66 14.03
C ALA A 60 13.19 -7.01 12.57
N ASP A 61 12.80 -6.13 11.66
CA ASP A 61 13.06 -6.34 10.22
C ASP A 61 12.40 -7.62 9.67
N ALA A 62 11.15 -7.85 10.07
CA ALA A 62 10.34 -8.93 9.49
C ALA A 62 10.11 -8.79 7.98
N ILE A 63 9.61 -9.88 7.41
CA ILE A 63 9.43 -10.03 5.98
C ILE A 63 8.03 -9.50 5.65
N LEU A 64 7.95 -8.22 5.37
CA LEU A 64 6.73 -7.55 4.93
C LEU A 64 6.78 -7.41 3.39
N TRP A 65 5.71 -6.87 2.83
CA TRP A 65 5.50 -6.63 1.41
C TRP A 65 4.70 -5.35 1.20
N GLU A 66 4.59 -4.88 -0.03
CA GLU A 66 3.86 -3.67 -0.41
C GLU A 66 3.36 -3.76 -1.85
N TYR A 67 2.07 -3.45 -2.08
CA TYR A 67 1.46 -3.52 -3.40
C TYR A 67 0.44 -2.38 -3.65
N PRO A 68 0.49 -1.68 -4.80
CA PRO A 68 -0.39 -0.55 -5.13
C PRO A 68 -1.86 -0.93 -5.26
N ILE A 69 -2.75 0.03 -5.02
CA ILE A 69 -4.19 -0.18 -5.07
C ILE A 69 -4.91 1.04 -5.64
N TYR A 70 -6.03 0.80 -6.32
CA TYR A 70 -6.92 1.82 -6.84
C TYR A 70 -8.08 2.03 -5.86
N TRP A 71 -8.01 3.10 -5.07
CA TRP A 71 -9.09 3.52 -4.16
C TRP A 71 -10.41 3.75 -4.90
N VAL A 72 -11.48 4.02 -4.15
CA VAL A 72 -12.86 4.11 -4.66
C VAL A 72 -13.02 5.07 -5.87
N GLY A 73 -12.54 6.30 -5.72
CA GLY A 73 -12.63 7.33 -6.76
C GLY A 73 -11.92 6.98 -8.08
N LYS A 74 -10.80 6.24 -7.99
CA LYS A 74 -10.12 5.62 -9.13
C LYS A 74 -11.01 4.56 -9.79
N ASN A 75 -10.65 4.20 -11.02
CA ASN A 75 -11.40 3.23 -11.84
C ASN A 75 -10.52 2.11 -12.43
N ALA A 76 -9.32 2.46 -12.90
CA ALA A 76 -8.29 1.51 -13.32
C ALA A 76 -7.91 0.52 -12.20
N GLU A 77 -7.09 -0.47 -12.53
CA GLU A 77 -6.64 -1.53 -11.60
C GLU A 77 -5.19 -1.90 -11.87
N TRP A 78 -4.47 -2.34 -10.82
CA TRP A 78 -3.07 -2.74 -10.95
C TRP A 78 -2.99 -4.21 -11.37
N ALA A 79 -2.00 -4.51 -12.20
CA ALA A 79 -1.74 -5.86 -12.70
C ALA A 79 -0.47 -6.43 -12.07
N LYS A 80 -0.08 -7.65 -12.44
CA LYS A 80 1.16 -8.26 -11.94
C LYS A 80 2.36 -7.84 -12.78
N ASP A 81 2.28 -8.10 -14.08
CA ASP A 81 3.37 -7.78 -15.00
C ASP A 81 3.19 -6.38 -15.62
N VAL A 82 3.19 -5.35 -14.77
CA VAL A 82 2.98 -3.95 -15.19
C VAL A 82 3.83 -2.97 -14.40
N LYS A 83 4.82 -2.36 -15.07
CA LYS A 83 5.63 -1.32 -14.46
C LYS A 83 4.85 0.00 -14.31
N THR A 84 5.39 0.95 -13.56
CA THR A 84 4.84 2.32 -13.41
C THR A 84 4.65 3.10 -14.72
N SER A 85 5.66 3.11 -15.59
CA SER A 85 5.60 3.77 -16.92
C SER A 85 4.46 3.22 -17.79
N GLN A 86 4.30 1.89 -17.80
CA GLN A 86 3.19 1.24 -18.49
C GLN A 86 1.87 1.58 -17.81
N GLN A 87 1.80 1.55 -16.47
CA GLN A 87 0.59 1.69 -15.66
C GLN A 87 -0.45 2.70 -16.17
N LYS A 88 -1.54 2.19 -16.79
CA LYS A 88 -2.53 3.02 -17.49
C LYS A 88 -3.68 3.37 -16.55
N GLY A 89 -3.59 4.54 -15.91
CA GLY A 89 -4.68 5.00 -15.04
C GLY A 89 -4.29 6.06 -14.01
N GLY A 90 -3.06 6.00 -13.53
CA GLY A 90 -2.45 7.03 -12.70
C GLY A 90 -1.73 6.46 -11.48
N PRO A 91 -0.72 7.17 -10.95
CA PRO A 91 0.02 6.74 -9.80
C PRO A 91 -0.87 6.68 -8.56
N THR A 92 -0.60 5.66 -7.73
CA THR A 92 -1.23 5.45 -6.43
C THR A 92 -0.18 5.46 -5.31
N PRO A 93 -0.32 6.39 -4.35
CA PRO A 93 0.52 6.47 -3.17
C PRO A 93 0.16 5.39 -2.15
N ILE A 94 -1.08 4.93 -2.17
CA ILE A 94 -1.61 3.91 -1.30
C ILE A 94 -1.08 2.54 -1.72
N ARG A 95 -0.43 1.81 -0.79
CA ARG A 95 0.08 0.47 -1.03
C ARG A 95 -0.25 -0.44 0.14
N VAL A 96 -0.96 -1.54 -0.12
CA VAL A 96 -1.27 -2.56 0.90
C VAL A 96 0.00 -3.23 1.40
N VAL A 97 0.16 -3.40 2.71
CA VAL A 97 1.29 -4.06 3.38
C VAL A 97 0.86 -5.29 4.16
N TYR A 98 1.66 -6.34 4.03
CA TYR A 98 1.37 -7.67 4.47
C TYR A 98 2.65 -8.41 4.85
N ALA A 99 2.54 -9.30 5.83
CA ALA A 99 3.65 -10.10 6.32
C ALA A 99 3.78 -11.41 5.53
N ASN A 100 4.92 -12.08 5.69
CA ASN A 100 5.26 -13.37 5.11
C ASN A 100 5.53 -14.44 6.19
N SER A 101 4.91 -14.30 7.39
CA SER A 101 5.09 -15.24 8.51
C SER A 101 4.80 -16.70 8.12
N ARG A 102 3.56 -17.01 7.72
CA ARG A 102 3.11 -18.33 7.26
C ARG A 102 3.17 -18.50 5.72
N GLY A 103 4.09 -17.81 5.02
CA GLY A 103 4.11 -17.87 3.54
C GLY A 103 2.78 -17.51 2.86
N ALA A 104 1.95 -16.71 3.53
CA ALA A 104 0.61 -16.31 3.14
C ALA A 104 0.39 -14.87 3.66
N VAL A 105 0.19 -13.95 2.73
CA VAL A 105 -0.28 -12.58 2.99
C VAL A 105 -1.35 -12.53 4.07
N GLN A 106 -1.04 -11.81 5.15
CA GLN A 106 -1.98 -11.59 6.24
C GLN A 106 -2.74 -10.26 6.16
N TYR A 107 -2.31 -9.34 5.27
CA TYR A 107 -2.84 -7.97 5.22
C TYR A 107 -2.71 -7.26 6.58
N CYS A 108 -1.46 -7.04 6.99
CA CYS A 108 -1.14 -6.24 8.18
C CYS A 108 -1.84 -4.87 8.17
N GLY A 109 -1.86 -4.20 7.02
CA GLY A 109 -2.61 -2.97 6.81
C GLY A 109 -2.13 -2.26 5.54
N VAL A 110 -2.85 -1.24 5.10
CA VAL A 110 -2.47 -0.42 3.94
C VAL A 110 -1.85 0.90 4.37
N MET A 111 -0.91 1.44 3.61
CA MET A 111 -0.25 2.72 3.90
C MET A 111 -0.44 3.67 2.73
N THR A 112 -0.18 4.95 2.95
CA THR A 112 -0.26 6.01 1.95
C THR A 112 0.80 7.07 2.17
N HIS A 113 1.15 7.76 1.09
CA HIS A 113 2.09 8.86 1.18
C HIS A 113 1.45 10.10 1.80
N SER A 114 2.23 10.83 2.58
CA SER A 114 1.83 12.13 3.16
C SER A 114 2.10 13.36 2.30
N LYS A 115 2.38 13.17 1.01
CA LYS A 115 2.69 14.28 0.11
C LYS A 115 2.02 14.14 -1.26
N VAL A 116 0.72 14.37 -1.30
CA VAL A 116 -0.13 14.11 -2.46
C VAL A 116 -0.93 15.35 -2.85
N ASP A 117 -0.25 16.45 -3.18
CA ASP A 117 -0.91 17.75 -3.33
C ASP A 117 -1.30 17.93 -4.81
N LYS A 118 -0.34 18.32 -5.66
CA LYS A 118 -0.48 18.43 -7.13
C LYS A 118 -0.48 17.07 -7.86
N ASN A 119 -0.02 16.00 -7.20
CA ASN A 119 0.14 14.65 -7.72
C ASN A 119 0.19 13.67 -6.55
N ASN A 120 -0.52 12.55 -6.70
CA ASN A 120 -0.56 11.42 -5.77
C ASN A 120 0.77 10.62 -5.78
N GLN A 121 1.89 11.26 -5.40
CA GLN A 121 3.22 10.66 -5.36
C GLN A 121 3.76 10.51 -3.93
N GLY A 122 4.90 9.85 -3.75
CA GLY A 122 5.59 9.73 -2.46
C GLY A 122 6.74 10.68 -2.39
N LYS A 123 6.89 11.33 -1.23
CA LYS A 123 7.95 12.29 -0.95
C LYS A 123 8.56 12.08 0.43
N GLU A 124 7.73 12.23 1.46
CA GLU A 124 8.10 12.01 2.87
C GLU A 124 8.24 10.50 3.17
N PHE A 125 7.14 9.83 3.48
CA PHE A 125 7.07 8.42 3.86
C PHE A 125 5.64 7.91 3.64
N PHE A 126 5.39 6.67 4.04
CA PHE A 126 4.16 5.93 3.84
C PHE A 126 3.41 5.79 5.17
N GLU A 127 2.64 6.79 5.57
CA GLU A 127 1.76 6.70 6.72
C GLU A 127 0.75 5.57 6.55
N LYS A 128 0.82 4.58 7.44
CA LYS A 128 -0.22 3.56 7.60
C LYS A 128 -1.62 4.18 7.66
N CYS A 129 -2.61 3.47 7.14
CA CYS A 129 -4.04 3.77 7.25
C CYS A 129 -4.57 3.44 8.66
N ASP A 130 -5.77 3.97 8.91
CA ASP A 130 -6.54 3.85 10.15
C ASP A 130 -8.05 3.90 9.81
N ALA A 1 -16.89 -1.33 9.35
CA ALA A 1 -17.22 -1.39 7.91
C ALA A 1 -15.96 -1.64 7.09
N PRO A 2 -16.09 -2.29 5.92
CA PRO A 2 -14.99 -2.53 4.99
C PRO A 2 -14.47 -1.25 4.29
N ILE A 3 -15.15 -0.12 4.49
CA ILE A 3 -14.74 1.18 3.98
C ILE A 3 -13.90 1.91 5.03
N VAL A 4 -12.72 2.33 4.60
CA VAL A 4 -11.80 3.12 5.42
C VAL A 4 -11.43 4.42 4.75
N THR A 5 -10.55 5.21 5.39
CA THR A 5 -10.03 6.44 4.82
C THR A 5 -8.66 6.82 5.39
N CYS A 6 -7.65 6.96 4.54
CA CYS A 6 -6.33 7.34 5.05
C CYS A 6 -6.38 8.77 5.62
N ARG A 7 -5.33 9.20 6.31
CA ARG A 7 -5.13 10.59 6.78
C ARG A 7 -3.93 11.35 6.15
N PRO A 8 -3.71 11.25 4.84
CA PRO A 8 -2.61 11.89 4.14
C PRO A 8 -2.74 13.43 4.19
N LYS A 9 -1.80 14.11 3.54
CA LYS A 9 -1.74 15.57 3.44
C LYS A 9 -1.89 16.08 2.01
N LEU A 10 -3.01 16.72 1.75
CA LEU A 10 -3.23 17.33 0.44
C LEU A 10 -2.85 18.81 0.49
N ASP A 11 -3.77 19.61 1.05
CA ASP A 11 -3.77 21.07 0.99
C ASP A 11 -3.23 21.60 2.31
N GLY A 12 -2.01 21.21 2.64
CA GLY A 12 -1.44 21.59 3.95
C GLY A 12 -2.31 21.19 5.16
N ARG A 13 -3.29 20.30 4.96
CA ARG A 13 -4.22 19.78 5.96
C ARG A 13 -4.46 18.29 5.75
N GLU A 14 -4.98 17.65 6.78
CA GLU A 14 -5.30 16.24 6.79
C GLU A 14 -6.50 15.97 5.88
N LYS A 15 -6.26 15.35 4.73
CA LYS A 15 -7.31 15.03 3.78
C LYS A 15 -7.63 13.54 3.81
N PRO A 16 -8.91 13.13 3.96
CA PRO A 16 -9.33 11.74 3.94
C PRO A 16 -9.13 11.09 2.58
N PHE A 17 -8.38 9.99 2.54
CA PHE A 17 -8.16 9.29 1.28
C PHE A 17 -9.11 8.12 1.16
N LYS A 18 -10.09 8.17 0.25
CA LYS A 18 -11.06 7.09 0.03
C LYS A 18 -10.36 5.75 -0.16
N VAL A 19 -10.58 4.80 0.73
CA VAL A 19 -9.96 3.46 0.68
C VAL A 19 -10.92 2.43 1.26
N ASP A 20 -10.55 1.16 1.15
CA ASP A 20 -11.37 0.04 1.57
C ASP A 20 -10.45 -1.09 2.00
N VAL A 21 -10.62 -1.50 3.26
CA VAL A 21 -9.85 -2.60 3.83
C VAL A 21 -10.04 -3.89 3.02
N ALA A 22 -11.29 -4.18 2.64
CA ALA A 22 -11.67 -5.40 1.92
C ALA A 22 -10.86 -5.52 0.64
N THR A 23 -10.85 -4.43 -0.13
CA THR A 23 -10.09 -4.35 -1.38
C THR A 23 -8.63 -4.57 -1.09
N ALA A 24 -8.01 -3.77 -0.22
CA ALA A 24 -6.59 -3.90 0.08
C ALA A 24 -6.17 -5.35 0.39
N GLN A 25 -6.90 -6.00 1.30
CA GLN A 25 -6.66 -7.40 1.64
C GLN A 25 -6.76 -8.31 0.41
N ALA A 26 -7.82 -8.14 -0.40
CA ALA A 26 -8.06 -8.90 -1.62
C ALA A 26 -6.83 -8.85 -2.53
N GLN A 27 -6.28 -7.64 -2.70
CA GLN A 27 -5.13 -7.42 -3.55
C GLN A 27 -3.90 -8.12 -3.02
N ALA A 28 -3.59 -7.97 -1.73
CA ALA A 28 -2.48 -8.67 -1.09
C ALA A 28 -2.53 -10.18 -1.32
N ARG A 29 -3.69 -10.79 -1.04
CA ARG A 29 -3.88 -12.21 -1.31
C ARG A 29 -3.70 -12.54 -2.79
N LYS A 30 -4.23 -11.70 -3.68
CA LYS A 30 -4.16 -11.89 -5.13
C LYS A 30 -2.72 -11.87 -5.63
N ALA A 31 -2.03 -10.73 -5.44
CA ALA A 31 -0.65 -10.52 -5.84
C ALA A 31 0.25 -11.60 -5.25
N GLY A 32 0.06 -11.88 -3.94
CA GLY A 32 0.86 -12.87 -3.23
C GLY A 32 2.22 -12.32 -2.87
N LEU A 33 3.08 -13.20 -2.37
CA LEU A 33 4.44 -12.85 -1.92
C LEU A 33 5.50 -13.25 -2.96
N THR A 34 5.11 -13.22 -4.23
CA THR A 34 5.96 -13.63 -5.35
C THR A 34 5.99 -12.56 -6.41
N THR A 35 7.18 -12.05 -6.69
CA THR A 35 7.41 -11.06 -7.74
C THR A 35 8.65 -11.35 -8.57
N GLY A 36 8.81 -10.62 -9.67
CA GLY A 36 10.00 -10.70 -10.51
C GLY A 36 9.74 -10.31 -11.96
N LYS A 37 8.45 -10.25 -12.35
CA LYS A 37 7.98 -9.82 -13.67
C LYS A 37 8.46 -8.41 -14.00
N SER A 38 7.96 -7.43 -13.24
CA SER A 38 8.31 -6.01 -13.40
C SER A 38 8.71 -5.35 -12.10
N GLY A 39 8.17 -5.85 -11.00
CA GLY A 39 8.47 -5.31 -9.70
C GLY A 39 7.35 -5.52 -8.74
N ASP A 40 6.08 -5.58 -9.19
CA ASP A 40 4.92 -5.89 -8.34
C ASP A 40 4.63 -7.43 -8.28
N PRO A 41 4.37 -7.93 -7.05
CA PRO A 41 4.34 -7.18 -5.77
C PRO A 41 5.72 -6.77 -5.34
N HIS A 42 5.88 -5.83 -4.42
CA HIS A 42 7.24 -5.39 -4.04
C HIS A 42 7.51 -5.81 -2.61
N ARG A 43 8.71 -6.26 -2.29
CA ARG A 43 9.06 -6.63 -0.91
C ARG A 43 9.04 -5.40 -0.02
N TYR A 44 8.51 -5.56 1.19
CA TYR A 44 8.46 -4.52 2.22
C TYR A 44 9.34 -4.96 3.39
N PHE A 45 10.26 -4.10 3.77
CA PHE A 45 11.11 -4.33 4.95
C PHE A 45 10.48 -3.80 6.23
N ALA A 46 10.63 -4.44 7.38
CA ALA A 46 10.13 -3.90 8.65
C ALA A 46 11.01 -2.77 9.26
N GLY A 47 11.66 -1.97 8.42
CA GLY A 47 12.53 -0.86 8.85
C GLY A 47 11.91 0.51 8.62
N ASP A 48 10.61 0.57 8.34
CA ASP A 48 9.93 1.82 8.08
C ASP A 48 9.42 2.35 9.41
N HIS A 49 9.60 3.65 9.65
CA HIS A 49 9.11 4.34 10.85
C HIS A 49 7.60 4.18 11.14
N ILE A 50 6.84 3.75 10.12
CA ILE A 50 5.45 3.28 10.19
C ILE A 50 5.20 2.41 11.43
N ARG A 51 3.94 2.32 11.85
CA ARG A 51 3.53 1.52 12.96
C ARG A 51 2.17 0.98 12.60
N TRP A 52 2.14 -0.30 12.45
CA TRP A 52 0.88 -1.06 12.27
C TRP A 52 0.31 -1.59 13.58
N GLY A 53 0.94 -1.26 14.72
CA GLY A 53 0.59 -1.81 16.03
C GLY A 53 0.71 -3.33 16.11
N VAL A 54 1.49 -3.93 15.22
CA VAL A 54 1.60 -5.39 15.14
C VAL A 54 3.05 -5.70 15.38
N ASN A 55 3.35 -6.39 16.48
CA ASN A 55 4.71 -6.84 16.83
C ASN A 55 5.44 -7.46 15.65
N ASN A 56 4.74 -8.26 14.84
CA ASN A 56 5.27 -8.82 13.60
C ASN A 56 5.66 -7.76 12.55
N CYS A 57 4.75 -6.84 12.23
CA CYS A 57 5.05 -5.74 11.32
C CYS A 57 6.17 -4.84 11.83
N ASP A 58 6.21 -4.52 13.13
CA ASP A 58 7.26 -3.74 13.80
C ASP A 58 8.49 -4.59 14.20
N LYS A 59 8.73 -5.68 13.46
CA LYS A 59 9.91 -6.52 13.68
C LYS A 59 11.20 -5.83 13.26
N ALA A 60 12.30 -6.54 13.41
CA ALA A 60 13.62 -6.08 12.97
C ALA A 60 14.06 -6.68 11.64
N ASP A 61 13.92 -8.01 11.48
CA ASP A 61 14.30 -8.78 10.27
C ASP A 61 13.06 -9.51 9.70
N ALA A 62 11.88 -8.93 9.88
CA ALA A 62 10.71 -9.51 9.25
C ALA A 62 10.71 -9.36 7.72
N ILE A 63 9.76 -10.05 7.09
CA ILE A 63 9.60 -10.06 5.64
C ILE A 63 8.17 -9.69 5.33
N LEU A 64 7.93 -8.46 4.94
CA LEU A 64 6.64 -8.00 4.47
C LEU A 64 6.64 -7.80 2.94
N TRP A 65 5.52 -7.28 2.42
CA TRP A 65 5.33 -6.87 1.04
C TRP A 65 4.51 -5.60 0.88
N GLU A 66 4.41 -5.06 -0.34
CA GLU A 66 3.71 -3.85 -0.67
C GLU A 66 3.11 -3.95 -2.08
N TYR A 67 1.86 -3.53 -2.21
CA TYR A 67 1.21 -3.54 -3.53
C TYR A 67 0.29 -2.37 -3.68
N PRO A 68 0.33 -1.58 -4.78
CA PRO A 68 -0.51 -0.41 -5.06
C PRO A 68 -1.99 -0.73 -5.29
N ILE A 69 -2.89 0.22 -5.08
CA ILE A 69 -4.32 -0.03 -5.28
C ILE A 69 -4.97 1.19 -5.92
N TYR A 70 -6.13 0.99 -6.53
CA TYR A 70 -6.95 2.06 -7.06
C TYR A 70 -8.11 2.33 -6.12
N TRP A 71 -8.06 3.49 -5.44
CA TRP A 71 -9.19 3.99 -4.65
C TRP A 71 -10.48 4.15 -5.46
N VAL A 72 -11.52 4.64 -4.79
CA VAL A 72 -12.84 4.81 -5.41
C VAL A 72 -12.82 5.79 -6.56
N GLY A 73 -12.24 6.98 -6.35
CA GLY A 73 -12.09 8.01 -7.39
C GLY A 73 -11.44 7.50 -8.68
N LYS A 74 -10.55 6.50 -8.57
CA LYS A 74 -10.00 5.77 -9.71
C LYS A 74 -10.98 4.73 -10.30
N ASN A 75 -10.74 4.37 -11.56
CA ASN A 75 -11.58 3.40 -12.30
C ASN A 75 -10.72 2.40 -13.05
N ALA A 76 -9.69 1.88 -12.39
CA ALA A 76 -8.83 0.88 -13.01
C ALA A 76 -8.16 0.03 -11.94
N GLU A 77 -7.23 -0.84 -12.35
CA GLU A 77 -6.43 -1.69 -11.47
C GLU A 77 -4.96 -1.72 -11.90
N TRP A 78 -4.12 -2.29 -11.02
CA TRP A 78 -2.68 -2.36 -11.24
C TRP A 78 -2.34 -3.61 -12.04
N ALA A 79 -1.40 -3.48 -12.97
CA ALA A 79 -0.95 -4.61 -13.76
C ALA A 79 0.03 -5.50 -13.00
N LYS A 80 0.57 -6.54 -13.65
CA LYS A 80 1.57 -7.44 -13.04
C LYS A 80 2.98 -7.14 -13.54
N ASP A 81 3.17 -7.20 -14.86
CA ASP A 81 4.45 -6.91 -15.54
C ASP A 81 4.54 -5.42 -15.96
N VAL A 82 3.91 -4.53 -15.20
CA VAL A 82 3.98 -3.10 -15.53
C VAL A 82 4.55 -2.33 -14.36
N LYS A 83 5.35 -1.32 -14.66
CA LYS A 83 5.86 -0.39 -13.65
C LYS A 83 4.88 0.72 -13.33
N THR A 84 5.05 1.41 -12.21
CA THR A 84 4.27 2.61 -11.83
C THR A 84 4.17 3.66 -12.94
N SER A 85 5.29 3.99 -13.58
CA SER A 85 5.32 4.95 -14.69
C SER A 85 4.59 4.42 -15.93
N GLN A 86 4.74 3.12 -16.21
CA GLN A 86 3.99 2.45 -17.29
C GLN A 86 2.56 2.05 -16.90
N GLN A 87 2.09 2.43 -15.71
CA GLN A 87 0.79 2.04 -15.21
C GLN A 87 -0.26 3.02 -15.71
N LYS A 88 -0.86 2.72 -16.88
CA LYS A 88 -1.85 3.55 -17.54
C LYS A 88 -2.89 4.06 -16.58
N GLY A 89 -3.48 3.12 -15.82
CA GLY A 89 -4.48 3.39 -14.78
C GLY A 89 -4.16 4.61 -13.91
N GLY A 90 -2.90 4.79 -13.54
CA GLY A 90 -2.37 6.00 -12.94
C GLY A 90 -1.57 5.67 -11.69
N PRO A 91 -0.71 6.59 -11.24
CA PRO A 91 0.07 6.43 -10.03
C PRO A 91 -0.80 6.43 -8.77
N THR A 92 -0.39 5.61 -7.80
CA THR A 92 -1.09 5.44 -6.54
C THR A 92 -0.09 5.26 -5.39
N PRO A 93 -0.07 6.20 -4.42
CA PRO A 93 0.79 6.12 -3.26
C PRO A 93 0.33 5.05 -2.29
N ILE A 94 -0.99 4.84 -2.19
CA ILE A 94 -1.62 3.89 -1.29
C ILE A 94 -1.31 2.48 -1.71
N ARG A 95 -0.69 1.69 -0.81
CA ARG A 95 -0.33 0.30 -1.12
C ARG A 95 -0.59 -0.61 0.07
N VAL A 96 -1.16 -1.78 -0.15
CA VAL A 96 -1.39 -2.77 0.92
C VAL A 96 -0.08 -3.42 1.36
N VAL A 97 0.09 -3.63 2.66
CA VAL A 97 1.26 -4.26 3.25
C VAL A 97 0.87 -5.52 3.97
N TYR A 98 1.65 -6.58 3.77
CA TYR A 98 1.36 -7.92 4.26
C TYR A 98 2.63 -8.58 4.68
N ALA A 99 2.54 -9.62 5.51
CA ALA A 99 3.71 -10.39 5.95
C ALA A 99 3.97 -11.59 5.05
N ASN A 100 5.15 -12.21 5.20
CA ASN A 100 5.61 -13.38 4.48
C ASN A 100 5.87 -14.55 5.43
N SER A 101 4.97 -14.76 6.38
CA SER A 101 5.13 -15.84 7.35
C SER A 101 5.13 -17.23 6.71
N ARG A 102 6.29 -17.84 6.42
CA ARG A 102 6.38 -19.15 5.73
C ARG A 102 5.49 -19.29 4.48
N GLY A 103 5.21 -18.17 3.80
CA GLY A 103 4.19 -18.09 2.75
C GLY A 103 2.75 -17.85 3.25
N ALA A 104 2.51 -16.81 4.07
CA ALA A 104 1.16 -16.48 4.53
C ALA A 104 1.02 -14.97 4.67
N VAL A 105 -0.15 -14.46 4.27
CA VAL A 105 -0.46 -13.04 4.31
C VAL A 105 -1.36 -12.76 5.50
N GLN A 106 -0.98 -11.77 6.29
CA GLN A 106 -1.77 -11.30 7.44
C GLN A 106 -2.42 -9.94 7.24
N TYR A 107 -2.38 -9.40 6.00
CA TYR A 107 -2.83 -8.04 5.69
C TYR A 107 -2.38 -7.08 6.80
N CYS A 108 -1.06 -6.98 7.02
CA CYS A 108 -0.49 -6.07 8.03
C CYS A 108 -1.18 -4.69 8.05
N GLY A 109 -1.60 -4.21 6.89
CA GLY A 109 -2.48 -3.07 6.72
C GLY A 109 -2.10 -2.32 5.46
N VAL A 110 -2.87 -1.32 5.11
CA VAL A 110 -2.58 -0.46 3.96
C VAL A 110 -1.87 0.81 4.40
N MET A 111 -1.02 1.37 3.55
CA MET A 111 -0.24 2.57 3.81
C MET A 111 -0.47 3.58 2.72
N THR A 112 -0.09 4.83 2.96
CA THR A 112 -0.09 5.90 1.96
C THR A 112 0.95 6.98 2.25
N HIS A 113 1.32 7.74 1.23
CA HIS A 113 2.19 8.87 1.43
C HIS A 113 1.42 10.13 1.83
N SER A 114 2.07 10.99 2.61
CA SER A 114 1.48 12.24 3.05
C SER A 114 1.37 13.18 1.88
N LYS A 115 2.47 13.49 1.19
CA LYS A 115 2.51 14.43 0.06
C LYS A 115 1.68 13.93 -1.12
N VAL A 116 0.50 14.48 -1.32
CA VAL A 116 -0.42 14.04 -2.38
C VAL A 116 -1.19 15.23 -2.89
N ASP A 117 -0.91 15.73 -4.08
CA ASP A 117 -1.66 16.88 -4.62
C ASP A 117 -2.53 16.44 -5.80
N LYS A 118 -1.87 16.09 -6.90
CA LYS A 118 -2.48 15.61 -8.13
C LYS A 118 -1.91 14.27 -8.56
N ASN A 119 -0.58 14.18 -8.48
CA ASN A 119 0.11 12.99 -8.98
C ASN A 119 0.12 11.91 -7.93
N ASN A 120 0.19 12.32 -6.66
CA ASN A 120 0.08 11.43 -5.51
C ASN A 120 1.36 10.60 -5.39
N GLN A 121 2.50 11.24 -5.66
CA GLN A 121 3.78 10.55 -5.65
C GLN A 121 4.10 10.10 -4.24
N GLY A 122 4.35 11.05 -3.34
CA GLY A 122 4.71 10.79 -1.95
C GLY A 122 6.20 10.82 -1.72
N LYS A 123 6.62 11.76 -0.89
CA LYS A 123 8.02 11.96 -0.50
C LYS A 123 8.24 11.93 0.99
N GLU A 124 7.33 12.56 1.74
CA GLU A 124 7.38 12.58 3.21
C GLU A 124 7.25 11.15 3.71
N PHE A 125 7.62 10.96 4.99
CA PHE A 125 7.53 9.68 5.69
C PHE A 125 6.22 8.92 5.36
N PHE A 126 6.35 7.61 5.28
CA PHE A 126 5.19 6.81 4.94
C PHE A 126 4.21 6.72 6.12
N GLU A 127 2.93 6.95 5.87
CA GLU A 127 1.90 6.96 6.90
C GLU A 127 0.93 5.81 6.64
N LYS A 128 0.86 4.86 7.56
CA LYS A 128 -0.14 3.81 7.49
C LYS A 128 -1.56 4.39 7.39
N CYS A 129 -2.37 3.87 6.48
CA CYS A 129 -3.80 4.14 6.42
C CYS A 129 -4.56 3.58 7.63
N ASP A 130 -5.87 3.83 7.65
CA ASP A 130 -6.78 3.41 8.69
C ASP A 130 -8.23 3.39 8.22
N ALA A 1 -14.72 -2.42 10.63
CA ALA A 1 -15.41 -2.17 9.35
C ALA A 1 -14.46 -2.45 8.19
N PRO A 2 -14.96 -3.09 7.11
CA PRO A 2 -14.18 -3.38 5.91
C PRO A 2 -13.87 -2.14 5.05
N ILE A 3 -14.34 -0.98 5.48
CA ILE A 3 -14.14 0.31 4.83
C ILE A 3 -13.38 1.23 5.79
N VAL A 4 -12.28 1.79 5.31
CA VAL A 4 -11.47 2.75 6.04
C VAL A 4 -11.10 3.95 5.18
N THR A 5 -10.30 4.86 5.70
CA THR A 5 -9.79 6.04 4.99
C THR A 5 -8.45 6.54 5.52
N CYS A 6 -7.44 6.63 4.63
CA CYS A 6 -6.12 7.08 5.06
C CYS A 6 -6.21 8.51 5.62
N ARG A 7 -5.18 8.98 6.34
CA ARG A 7 -5.09 10.34 6.89
C ARG A 7 -4.00 11.20 6.23
N PRO A 8 -3.91 11.19 4.87
CA PRO A 8 -2.95 11.97 4.11
C PRO A 8 -3.17 13.46 4.29
N LYS A 9 -2.10 14.23 4.06
CA LYS A 9 -2.10 15.68 4.11
C LYS A 9 -1.93 16.21 2.69
N LEU A 10 -2.83 17.13 2.33
CA LEU A 10 -2.71 17.87 1.08
C LEU A 10 -1.73 19.04 1.28
N ASP A 11 -2.23 20.14 1.84
CA ASP A 11 -1.53 21.42 1.99
C ASP A 11 -1.57 21.92 3.44
N GLY A 12 -1.65 20.99 4.38
CA GLY A 12 -1.72 21.31 5.81
C GLY A 12 -2.90 20.64 6.51
N ARG A 13 -4.02 20.48 5.80
CA ARG A 13 -5.20 19.79 6.33
C ARG A 13 -5.15 18.29 6.05
N GLU A 14 -5.80 17.51 6.89
CA GLU A 14 -5.90 16.06 6.75
C GLU A 14 -7.16 15.69 5.97
N LYS A 15 -7.01 14.96 4.87
CA LYS A 15 -8.14 14.52 4.05
C LYS A 15 -8.27 13.00 4.02
N PRO A 16 -9.47 12.45 4.29
CA PRO A 16 -9.70 11.01 4.28
C PRO A 16 -9.54 10.42 2.89
N PHE A 17 -8.59 9.50 2.71
CA PHE A 17 -8.40 8.85 1.42
C PHE A 17 -9.22 7.57 1.34
N LYS A 18 -10.24 7.51 0.47
CA LYS A 18 -11.08 6.32 0.28
C LYS A 18 -10.24 5.04 0.13
N VAL A 19 -10.29 4.14 1.10
CA VAL A 19 -9.53 2.89 1.10
C VAL A 19 -10.29 1.80 1.86
N ASP A 20 -10.78 0.81 1.14
CA ASP A 20 -11.46 -0.35 1.71
C ASP A 20 -10.48 -1.49 1.97
N VAL A 21 -10.53 -2.01 3.20
CA VAL A 21 -9.74 -3.16 3.63
C VAL A 21 -9.92 -4.35 2.70
N ALA A 22 -11.15 -4.58 2.25
CA ALA A 22 -11.52 -5.68 1.38
C ALA A 22 -10.67 -5.67 0.10
N THR A 23 -10.66 -4.52 -0.55
CA THR A 23 -9.86 -4.29 -1.74
C THR A 23 -8.39 -4.46 -1.40
N ALA A 24 -7.87 -3.70 -0.43
CA ALA A 24 -6.46 -3.76 -0.08
C ALA A 24 -5.96 -5.20 0.17
N GLN A 25 -6.67 -5.94 1.02
CA GLN A 25 -6.40 -7.34 1.30
C GLN A 25 -6.44 -8.17 0.01
N ALA A 26 -7.49 -8.00 -0.80
CA ALA A 26 -7.63 -8.70 -2.06
C ALA A 26 -6.37 -8.58 -2.90
N GLN A 27 -5.88 -7.37 -3.11
CA GLN A 27 -4.68 -7.10 -3.90
C GLN A 27 -3.44 -7.78 -3.32
N ALA A 28 -3.24 -7.65 -2.01
CA ALA A 28 -2.15 -8.27 -1.28
C ALA A 28 -2.10 -9.77 -1.54
N ARG A 29 -3.21 -10.46 -1.29
CA ARG A 29 -3.32 -11.90 -1.52
C ARG A 29 -3.22 -12.25 -3.01
N LYS A 30 -3.87 -11.46 -3.87
CA LYS A 30 -3.89 -11.64 -5.32
C LYS A 30 -2.49 -11.73 -5.87
N ALA A 31 -1.67 -10.73 -5.57
CA ALA A 31 -0.28 -10.71 -5.98
C ALA A 31 0.55 -11.76 -5.22
N GLY A 32 0.23 -12.02 -3.95
CA GLY A 32 0.94 -12.95 -3.12
C GLY A 32 2.27 -12.38 -2.65
N LEU A 33 3.21 -13.24 -2.31
CA LEU A 33 4.52 -12.85 -1.76
C LEU A 33 5.67 -13.27 -2.69
N THR A 34 5.44 -13.10 -4.00
CA THR A 34 6.40 -13.52 -5.01
C THR A 34 6.31 -12.63 -6.24
N THR A 35 7.43 -11.98 -6.58
CA THR A 35 7.52 -11.14 -7.77
C THR A 35 8.49 -11.72 -8.79
N GLY A 36 8.41 -11.23 -10.02
CA GLY A 36 9.35 -11.58 -11.07
C GLY A 36 8.87 -11.25 -12.48
N LYS A 37 7.56 -11.07 -12.62
CA LYS A 37 6.90 -10.67 -13.86
C LYS A 37 7.37 -9.26 -14.23
N SER A 38 7.09 -8.30 -13.36
CA SER A 38 7.39 -6.88 -13.63
C SER A 38 8.07 -6.19 -12.47
N GLY A 39 7.42 -6.23 -11.32
CA GLY A 39 7.96 -5.64 -10.11
C GLY A 39 7.06 -5.84 -8.91
N ASP A 40 5.75 -5.91 -9.11
CA ASP A 40 4.78 -6.13 -8.06
C ASP A 40 4.38 -7.62 -7.93
N PRO A 41 4.14 -8.06 -6.68
CA PRO A 41 4.33 -7.29 -5.44
C PRO A 41 5.79 -6.98 -5.13
N HIS A 42 6.05 -6.17 -4.11
CA HIS A 42 7.43 -5.77 -3.78
C HIS A 42 7.74 -6.13 -2.34
N ARG A 43 9.00 -6.49 -2.05
CA ARG A 43 9.45 -6.82 -0.70
C ARG A 43 9.56 -5.56 0.15
N TYR A 44 8.61 -5.38 1.05
CA TYR A 44 8.60 -4.28 2.00
C TYR A 44 9.44 -4.64 3.23
N PHE A 45 10.42 -3.81 3.56
CA PHE A 45 11.22 -4.01 4.77
C PHE A 45 10.51 -3.58 6.04
N ALA A 46 9.58 -2.63 5.94
CA ALA A 46 8.84 -2.06 7.07
C ALA A 46 9.68 -1.14 7.96
N GLY A 47 10.74 -0.58 7.39
CA GLY A 47 11.67 0.31 8.09
C GLY A 47 11.43 1.79 7.81
N ASP A 48 10.26 2.15 7.28
CA ASP A 48 9.90 3.54 6.98
C ASP A 48 9.19 4.20 8.17
N HIS A 49 9.57 3.88 9.42
CA HIS A 49 8.90 4.43 10.62
C HIS A 49 7.41 4.02 10.71
N ILE A 50 7.11 2.77 10.36
CA ILE A 50 5.75 2.26 10.32
C ILE A 50 5.70 0.94 11.07
N ARG A 51 5.30 0.98 12.33
CA ARG A 51 5.12 -0.22 13.15
C ARG A 51 3.82 -0.97 12.86
N TRP A 52 2.87 -0.27 12.24
CA TRP A 52 1.56 -0.83 11.87
C TRP A 52 0.73 -1.25 13.09
N GLY A 53 0.96 -0.64 14.25
CA GLY A 53 0.36 -1.06 15.51
C GLY A 53 0.51 -2.55 15.81
N VAL A 54 1.51 -3.22 15.25
CA VAL A 54 1.73 -4.67 15.38
C VAL A 54 3.19 -4.93 15.71
N ASN A 55 3.45 -5.90 16.57
CA ASN A 55 4.81 -6.32 16.91
C ASN A 55 5.56 -6.96 15.72
N ASN A 56 4.92 -7.89 15.01
CA ASN A 56 5.50 -8.56 13.85
C ASN A 56 5.87 -7.54 12.77
N CYS A 57 4.96 -6.60 12.47
CA CYS A 57 5.22 -5.54 11.51
C CYS A 57 6.10 -4.41 12.08
N ASP A 58 6.90 -4.67 13.11
CA ASP A 58 7.81 -3.73 13.76
C ASP A 58 9.21 -4.32 13.94
N LYS A 59 9.65 -5.15 12.99
CA LYS A 59 10.97 -5.78 13.02
C LYS A 59 11.70 -5.59 11.69
N ALA A 60 13.01 -5.80 11.72
CA ALA A 60 13.84 -5.70 10.52
C ALA A 60 13.70 -6.94 9.61
N ASP A 61 13.63 -8.13 10.21
CA ASP A 61 13.42 -9.41 9.53
C ASP A 61 11.92 -9.74 9.53
N ALA A 62 11.06 -8.76 9.23
CA ALA A 62 9.63 -9.01 9.12
C ALA A 62 9.22 -9.59 7.77
N ILE A 63 9.94 -9.22 6.71
CA ILE A 63 9.69 -9.65 5.33
C ILE A 63 8.27 -9.26 4.92
N LEU A 64 7.98 -7.96 4.96
CA LEU A 64 6.69 -7.47 4.52
C LEU A 64 6.65 -7.39 2.99
N TRP A 65 5.49 -7.06 2.46
CA TRP A 65 5.25 -6.91 1.05
C TRP A 65 4.30 -5.76 0.81
N GLU A 66 4.63 -4.90 -0.15
CA GLU A 66 3.82 -3.75 -0.55
C GLU A 66 3.22 -3.94 -1.95
N TYR A 67 2.00 -3.48 -2.15
CA TYR A 67 1.32 -3.61 -3.44
C TYR A 67 0.37 -2.43 -3.72
N PRO A 68 0.39 -1.85 -4.93
CA PRO A 68 -0.44 -0.70 -5.30
C PRO A 68 -1.92 -1.05 -5.38
N ILE A 69 -2.77 -0.02 -5.40
CA ILE A 69 -4.22 -0.21 -5.48
C ILE A 69 -4.96 1.09 -5.73
N TYR A 70 -6.00 1.03 -6.52
CA TYR A 70 -6.83 2.16 -6.88
C TYR A 70 -8.00 2.27 -5.90
N TRP A 71 -8.24 3.47 -5.40
CA TRP A 71 -9.38 3.75 -4.54
C TRP A 71 -10.69 3.69 -5.32
N VAL A 72 -11.80 3.99 -4.64
CA VAL A 72 -13.14 4.01 -5.25
C VAL A 72 -13.22 5.01 -6.41
N GLY A 73 -12.46 6.10 -6.33
CA GLY A 73 -12.44 7.14 -7.36
C GLY A 73 -11.72 6.73 -8.64
N LYS A 74 -10.44 6.36 -8.53
CA LYS A 74 -9.64 5.85 -9.64
C LYS A 74 -10.32 4.65 -10.32
N ASN A 75 -9.84 4.31 -11.51
CA ASN A 75 -10.41 3.21 -12.29
C ASN A 75 -9.36 2.27 -12.87
N ALA A 76 -8.29 2.84 -13.46
CA ALA A 76 -7.18 2.08 -14.05
C ALA A 76 -6.85 0.87 -13.16
N GLU A 77 -6.56 -0.26 -13.77
CA GLU A 77 -6.21 -1.46 -13.01
C GLU A 77 -4.70 -1.72 -13.08
N TRP A 78 -4.20 -2.54 -12.16
CA TRP A 78 -2.79 -2.92 -12.11
C TRP A 78 -2.59 -4.26 -12.79
N ALA A 79 -1.91 -4.26 -13.95
CA ALA A 79 -1.59 -5.50 -14.63
C ALA A 79 -0.66 -6.39 -13.81
N LYS A 80 -0.44 -7.62 -14.29
CA LYS A 80 0.49 -8.56 -13.66
C LYS A 80 1.94 -8.29 -14.07
N ASP A 81 2.17 -8.12 -15.37
CA ASP A 81 3.48 -7.86 -15.93
C ASP A 81 3.70 -6.35 -16.19
N VAL A 82 3.34 -5.51 -15.23
CA VAL A 82 3.53 -4.07 -15.35
C VAL A 82 3.91 -3.47 -14.00
N LYS A 83 5.16 -2.99 -13.90
CA LYS A 83 5.66 -2.32 -12.70
C LYS A 83 5.02 -0.95 -12.50
N THR A 84 5.37 -0.24 -11.43
CA THR A 84 4.84 1.10 -11.12
C THR A 84 5.28 2.19 -12.08
N SER A 85 6.58 2.46 -12.14
CA SER A 85 7.17 3.46 -13.02
C SER A 85 6.69 3.31 -14.48
N GLN A 86 6.36 2.07 -14.86
CA GLN A 86 5.81 1.75 -16.15
C GLN A 86 4.30 1.98 -16.19
N GLN A 87 3.54 1.52 -15.17
CA GLN A 87 2.08 1.62 -15.08
C GLN A 87 1.62 3.01 -15.47
N LYS A 88 0.60 3.08 -16.32
CA LYS A 88 0.07 4.33 -16.85
C LYS A 88 -1.36 4.54 -16.39
N GLY A 89 -1.53 5.22 -15.27
CA GLY A 89 -2.87 5.48 -14.72
C GLY A 89 -3.08 5.01 -13.29
N GLY A 90 -2.06 4.34 -12.76
CA GLY A 90 -1.95 3.92 -11.36
C GLY A 90 -0.92 4.66 -10.52
N PRO A 91 -0.84 5.98 -10.59
CA PRO A 91 0.07 6.75 -9.77
C PRO A 91 -0.31 6.76 -8.28
N THR A 92 -1.34 6.00 -7.89
CA THR A 92 -1.76 5.79 -6.51
C THR A 92 -0.56 5.52 -5.59
N PRO A 93 -0.31 6.43 -4.64
CA PRO A 93 0.76 6.27 -3.68
C PRO A 93 0.48 5.22 -2.63
N ILE A 94 -0.81 4.97 -2.39
CA ILE A 94 -1.29 4.00 -1.42
C ILE A 94 -0.83 2.61 -1.84
N ARG A 95 -0.33 1.82 -0.89
CA ARG A 95 0.09 0.44 -1.13
C ARG A 95 -0.24 -0.47 0.06
N VAL A 96 -0.98 -1.55 -0.18
CA VAL A 96 -1.28 -2.55 0.86
C VAL A 96 -0.01 -3.22 1.34
N VAL A 97 0.15 -3.39 2.64
CA VAL A 97 1.26 -4.07 3.31
C VAL A 97 0.77 -5.35 3.99
N TYR A 98 1.57 -6.40 3.87
CA TYR A 98 1.31 -7.72 4.41
C TYR A 98 2.60 -8.45 4.76
N ALA A 99 2.55 -9.29 5.78
CA ALA A 99 3.68 -10.11 6.18
C ALA A 99 3.76 -11.40 5.36
N ASN A 100 4.95 -12.01 5.36
CA ASN A 100 5.23 -13.28 4.68
C ASN A 100 5.06 -14.47 5.63
N SER A 101 4.07 -14.44 6.52
CA SER A 101 3.87 -15.53 7.48
C SER A 101 3.38 -16.81 6.78
N ARG A 102 4.19 -17.88 6.74
CA ARG A 102 3.84 -19.17 6.09
C ARG A 102 3.13 -18.96 4.74
N GLY A 103 3.53 -17.95 3.98
CA GLY A 103 2.90 -17.56 2.73
C GLY A 103 1.55 -16.85 2.88
N ALA A 104 0.74 -17.21 3.88
CA ALA A 104 -0.50 -16.51 4.18
C ALA A 104 -0.26 -15.04 4.59
N VAL A 105 -0.97 -14.14 3.94
CA VAL A 105 -0.90 -12.72 4.24
C VAL A 105 -1.76 -12.39 5.45
N GLN A 106 -1.25 -11.55 6.35
CA GLN A 106 -1.99 -11.10 7.52
C GLN A 106 -2.60 -9.72 7.34
N TYR A 107 -2.64 -9.19 6.11
CA TYR A 107 -3.04 -7.82 5.82
C TYR A 107 -2.55 -6.87 6.91
N CYS A 108 -1.23 -6.81 7.08
CA CYS A 108 -0.62 -5.92 8.07
C CYS A 108 -1.25 -4.51 8.09
N GLY A 109 -1.62 -4.02 6.92
CA GLY A 109 -2.37 -2.80 6.73
C GLY A 109 -1.92 -2.09 5.47
N VAL A 110 -2.65 -1.06 5.06
CA VAL A 110 -2.30 -0.26 3.88
C VAL A 110 -1.62 1.04 4.29
N MET A 111 -0.77 1.60 3.45
CA MET A 111 -0.02 2.83 3.73
C MET A 111 -0.17 3.80 2.58
N THR A 112 0.25 5.05 2.78
CA THR A 112 0.21 6.07 1.78
C THR A 112 1.16 7.21 2.09
N HIS A 113 1.25 8.16 1.17
CA HIS A 113 2.01 9.38 1.42
C HIS A 113 1.14 10.48 2.03
N SER A 114 1.78 11.43 2.71
CA SER A 114 1.14 12.59 3.35
C SER A 114 1.44 13.90 2.61
N LYS A 115 1.81 13.79 1.32
CA LYS A 115 2.08 14.93 0.45
C LYS A 115 1.37 14.80 -0.90
N VAL A 116 0.07 14.59 -0.84
CA VAL A 116 -0.77 14.46 -2.03
C VAL A 116 -1.20 15.83 -2.51
N ASP A 117 -0.82 16.23 -3.72
CA ASP A 117 -1.22 17.53 -4.27
C ASP A 117 -2.16 17.36 -5.47
N LYS A 118 -1.60 16.89 -6.59
CA LYS A 118 -2.33 16.64 -7.83
C LYS A 118 -2.41 15.15 -8.14
N ASN A 119 -1.32 14.60 -8.62
CA ASN A 119 -1.21 13.18 -8.92
C ASN A 119 -0.87 12.35 -7.68
N ASN A 120 -1.01 12.92 -6.49
CA ASN A 120 -0.76 12.23 -5.23
C ASN A 120 0.70 11.78 -5.15
N GLN A 121 1.63 12.68 -5.48
CA GLN A 121 3.07 12.41 -5.53
C GLN A 121 3.52 11.73 -4.26
N GLY A 122 3.57 12.49 -3.17
CA GLY A 122 3.96 11.97 -1.88
C GLY A 122 5.46 11.83 -1.76
N LYS A 123 6.02 12.61 -0.84
CA LYS A 123 7.46 12.62 -0.56
C LYS A 123 7.79 12.57 0.92
N GLU A 124 6.96 13.19 1.75
CA GLU A 124 7.10 13.25 3.20
C GLU A 124 7.57 11.92 3.76
N PHE A 125 6.68 10.93 3.78
CA PHE A 125 6.94 9.58 4.27
C PHE A 125 5.77 8.65 3.92
N PHE A 126 5.86 7.38 4.29
CA PHE A 126 4.83 6.38 4.15
C PHE A 126 4.08 6.21 5.48
N GLU A 127 2.98 6.93 5.65
CA GLU A 127 2.11 6.71 6.79
C GLU A 127 1.15 5.55 6.55
N LYS A 128 1.08 4.61 7.49
CA LYS A 128 0.03 3.57 7.48
C LYS A 128 -1.36 4.23 7.54
N CYS A 129 -2.22 3.89 6.59
CA CYS A 129 -3.65 4.22 6.59
C CYS A 129 -4.35 3.69 7.84
N ASP A 130 -5.61 4.04 8.00
CA ASP A 130 -6.49 3.66 9.12
C ASP A 130 -7.96 3.79 8.69
N ALA A 1 -17.30 -0.65 9.57
CA ALA A 1 -17.50 -0.72 8.12
C ALA A 1 -16.17 -1.11 7.47
N PRO A 2 -16.19 -1.91 6.39
CA PRO A 2 -14.99 -2.30 5.61
C PRO A 2 -14.37 -1.14 4.80
N ILE A 3 -15.01 0.03 4.81
CA ILE A 3 -14.54 1.23 4.13
C ILE A 3 -13.94 2.17 5.17
N VAL A 4 -12.72 2.60 4.90
CA VAL A 4 -11.97 3.53 5.72
C VAL A 4 -11.47 4.71 4.90
N THR A 5 -10.69 5.59 5.52
CA THR A 5 -10.04 6.73 4.86
C THR A 5 -8.73 7.15 5.48
N CYS A 6 -7.65 7.13 4.70
CA CYS A 6 -6.33 7.50 5.21
C CYS A 6 -6.35 8.93 5.79
N ARG A 7 -5.33 9.31 6.57
CA ARG A 7 -5.11 10.68 7.09
C ARG A 7 -3.91 11.43 6.46
N PRO A 8 -3.70 11.33 5.13
CA PRO A 8 -2.60 11.99 4.45
C PRO A 8 -2.77 13.52 4.46
N LYS A 9 -1.77 14.21 3.93
CA LYS A 9 -1.73 15.67 3.81
C LYS A 9 -2.04 16.15 2.40
N LEU A 10 -3.27 16.64 2.21
CA LEU A 10 -3.62 17.23 0.93
C LEU A 10 -3.31 18.73 0.96
N ASP A 11 -4.23 19.49 1.54
CA ASP A 11 -4.27 20.96 1.48
C ASP A 11 -3.82 21.55 2.81
N GLY A 12 -2.60 21.17 3.22
CA GLY A 12 -2.07 21.54 4.54
C GLY A 12 -2.91 21.04 5.73
N ARG A 13 -3.91 20.18 5.50
CA ARG A 13 -4.86 19.64 6.47
C ARG A 13 -5.09 18.18 6.13
N GLU A 14 -5.17 17.37 7.18
CA GLU A 14 -5.45 15.93 7.10
C GLU A 14 -6.70 15.67 6.26
N LYS A 15 -6.52 15.10 5.06
CA LYS A 15 -7.62 14.84 4.13
C LYS A 15 -7.95 13.34 4.09
N PRO A 16 -9.22 12.95 4.27
CA PRO A 16 -9.65 11.55 4.24
C PRO A 16 -9.46 10.93 2.85
N PHE A 17 -8.44 10.09 2.66
CA PHE A 17 -8.22 9.43 1.37
C PHE A 17 -9.07 8.18 1.26
N LYS A 18 -10.06 8.15 0.36
CA LYS A 18 -10.95 6.99 0.12
C LYS A 18 -10.15 5.70 -0.04
N VAL A 19 -10.42 4.69 0.76
CA VAL A 19 -9.70 3.40 0.77
C VAL A 19 -10.60 2.32 1.35
N ASP A 20 -10.88 1.29 0.59
CA ASP A 20 -11.67 0.15 1.03
C ASP A 20 -10.78 -1.07 1.27
N VAL A 21 -11.12 -1.83 2.31
CA VAL A 21 -10.41 -3.07 2.61
C VAL A 21 -10.46 -4.05 1.46
N ALA A 22 -11.64 -4.19 0.82
CA ALA A 22 -11.90 -5.11 -0.27
C ALA A 22 -10.84 -4.95 -1.33
N THR A 23 -10.54 -3.72 -1.74
CA THR A 23 -9.48 -3.41 -2.69
C THR A 23 -8.12 -3.75 -2.11
N ALA A 24 -7.74 -3.13 -0.99
CA ALA A 24 -6.42 -3.37 -0.38
C ALA A 24 -6.05 -4.85 -0.25
N GLN A 25 -6.91 -5.61 0.43
CA GLN A 25 -6.82 -7.06 0.58
C GLN A 25 -6.84 -7.76 -0.76
N ALA A 26 -7.76 -7.41 -1.66
CA ALA A 26 -7.85 -7.98 -3.00
C ALA A 26 -6.49 -7.94 -3.67
N GLN A 27 -5.86 -6.77 -3.71
CA GLN A 27 -4.56 -6.56 -4.36
C GLN A 27 -3.47 -7.40 -3.71
N ALA A 28 -3.30 -7.29 -2.39
CA ALA A 28 -2.33 -8.09 -1.63
C ALA A 28 -2.49 -9.58 -1.91
N ARG A 29 -3.71 -10.11 -1.79
CA ARG A 29 -4.00 -11.51 -2.08
C ARG A 29 -3.66 -11.85 -3.53
N LYS A 30 -3.99 -10.95 -4.47
CA LYS A 30 -3.77 -11.10 -5.91
C LYS A 30 -2.30 -11.25 -6.23
N ALA A 31 -1.51 -10.23 -5.93
CA ALA A 31 -0.07 -10.24 -6.12
C ALA A 31 0.62 -11.33 -5.29
N GLY A 32 0.04 -11.67 -4.13
CA GLY A 32 0.58 -12.63 -3.18
C GLY A 32 1.96 -12.23 -2.68
N LEU A 33 2.69 -13.18 -2.11
CA LEU A 33 4.05 -12.95 -1.59
C LEU A 33 5.12 -13.39 -2.59
N THR A 34 4.90 -13.09 -3.87
CA THR A 34 5.77 -13.53 -4.95
C THR A 34 5.77 -12.54 -6.09
N THR A 35 6.93 -11.96 -6.38
CA THR A 35 7.13 -11.02 -7.49
C THR A 35 8.33 -11.40 -8.32
N GLY A 36 8.45 -10.80 -9.50
CA GLY A 36 9.60 -10.95 -10.39
C GLY A 36 9.27 -10.82 -11.87
N LYS A 37 7.98 -11.00 -12.21
CA LYS A 37 7.41 -10.82 -13.56
C LYS A 37 7.71 -9.42 -14.10
N SER A 38 7.45 -8.39 -13.31
CA SER A 38 7.65 -6.98 -13.68
C SER A 38 8.37 -6.17 -12.60
N GLY A 39 7.74 -6.04 -11.44
CA GLY A 39 8.25 -5.28 -10.32
C GLY A 39 7.40 -5.47 -9.07
N ASP A 40 6.09 -5.65 -9.23
CA ASP A 40 5.13 -5.75 -8.14
C ASP A 40 4.63 -7.21 -7.95
N PRO A 41 4.38 -7.63 -6.69
CA PRO A 41 4.58 -6.88 -5.44
C PRO A 41 6.04 -6.60 -5.11
N HIS A 42 6.33 -5.90 -4.02
CA HIS A 42 7.71 -5.57 -3.66
C HIS A 42 7.95 -6.01 -2.23
N ARG A 43 9.17 -6.45 -1.92
CA ARG A 43 9.56 -6.84 -0.57
C ARG A 43 9.58 -5.62 0.33
N TYR A 44 8.74 -5.63 1.36
CA TYR A 44 8.74 -4.60 2.38
C TYR A 44 9.68 -5.04 3.51
N PHE A 45 10.48 -4.10 4.00
CA PHE A 45 11.31 -4.28 5.17
C PHE A 45 10.97 -3.28 6.26
N ALA A 46 11.29 -3.59 7.51
CA ALA A 46 11.08 -2.67 8.64
C ALA A 46 11.80 -1.31 8.52
N GLY A 47 12.70 -1.17 7.53
CA GLY A 47 13.36 0.07 7.12
C GLY A 47 12.48 1.31 7.25
N ASP A 48 11.25 1.24 6.72
CA ASP A 48 10.27 2.30 6.85
C ASP A 48 9.91 2.54 8.31
N HIS A 49 9.87 3.80 8.73
CA HIS A 49 9.60 4.22 10.11
C HIS A 49 8.12 4.09 10.51
N ILE A 50 7.51 2.93 10.29
CA ILE A 50 6.08 2.68 10.45
C ILE A 50 5.88 1.60 11.50
N ARG A 51 4.80 1.72 12.28
CA ARG A 51 4.46 0.81 13.36
C ARG A 51 3.04 0.34 13.14
N TRP A 52 2.90 -0.78 12.51
CA TRP A 52 1.56 -1.37 12.37
C TRP A 52 0.94 -1.81 13.71
N GLY A 53 1.69 -1.71 14.82
CA GLY A 53 1.31 -2.18 16.15
C GLY A 53 1.43 -3.69 16.31
N VAL A 54 1.37 -4.45 15.21
CA VAL A 54 1.49 -5.91 15.20
C VAL A 54 2.91 -6.26 15.56
N ASN A 55 3.11 -7.04 16.62
CA ASN A 55 4.43 -7.50 17.07
C ASN A 55 5.28 -8.04 15.92
N ASN A 56 4.67 -8.77 14.99
CA ASN A 56 5.31 -9.26 13.77
C ASN A 56 5.71 -8.15 12.80
N CYS A 57 4.75 -7.38 12.28
CA CYS A 57 5.04 -6.28 11.36
C CYS A 57 6.00 -5.22 11.95
N ASP A 58 6.06 -5.09 13.29
CA ASP A 58 7.01 -4.26 14.04
C ASP A 58 8.46 -4.78 13.99
N LYS A 59 8.65 -6.11 13.98
CA LYS A 59 9.97 -6.76 13.88
C LYS A 59 10.84 -6.12 12.81
N ALA A 60 12.14 -6.06 13.10
CA ALA A 60 13.09 -5.41 12.23
C ALA A 60 13.58 -6.36 11.12
N ASP A 61 14.01 -7.55 11.50
CA ASP A 61 14.49 -8.61 10.60
C ASP A 61 13.34 -9.47 10.00
N ALA A 62 12.14 -8.90 9.90
CA ALA A 62 10.98 -9.59 9.36
C ALA A 62 10.94 -9.53 7.83
N ILE A 63 9.88 -10.11 7.27
CA ILE A 63 9.69 -10.18 5.81
C ILE A 63 8.27 -9.73 5.50
N LEU A 64 8.12 -8.49 5.06
CA LEU A 64 6.83 -7.93 4.68
C LEU A 64 6.80 -7.79 3.16
N TRP A 65 5.68 -7.30 2.65
CA TRP A 65 5.46 -7.02 1.24
C TRP A 65 4.58 -5.80 1.06
N GLU A 66 4.75 -5.12 -0.07
CA GLU A 66 4.00 -3.92 -0.44
C GLU A 66 3.43 -4.02 -1.86
N TYR A 67 2.23 -3.48 -2.06
CA TYR A 67 1.59 -3.52 -3.36
C TYR A 67 0.64 -2.31 -3.57
N PRO A 68 0.59 -1.72 -4.77
CA PRO A 68 -0.23 -0.54 -5.06
C PRO A 68 -1.73 -0.84 -5.15
N ILE A 69 -2.56 0.13 -4.79
CA ILE A 69 -4.01 -0.08 -4.76
C ILE A 69 -4.73 1.05 -5.47
N TYR A 70 -6.01 0.86 -5.73
CA TYR A 70 -6.84 1.88 -6.38
C TYR A 70 -8.04 2.19 -5.51
N TRP A 71 -8.09 3.41 -4.98
CA TRP A 71 -9.26 3.88 -4.24
C TRP A 71 -10.54 3.84 -5.07
N VAL A 72 -11.65 4.24 -4.45
CA VAL A 72 -12.97 4.24 -5.11
C VAL A 72 -13.02 5.21 -6.30
N GLY A 73 -12.45 6.41 -6.14
CA GLY A 73 -12.41 7.41 -7.20
C GLY A 73 -11.73 6.94 -8.49
N LYS A 74 -10.64 6.18 -8.37
CA LYS A 74 -9.97 5.52 -9.50
C LYS A 74 -10.89 4.46 -10.14
N ASN A 75 -10.58 4.11 -11.39
CA ASN A 75 -11.31 3.16 -12.22
C ASN A 75 -10.35 2.20 -12.94
N ALA A 76 -9.21 1.90 -12.33
CA ALA A 76 -8.23 0.98 -12.88
C ALA A 76 -7.68 0.08 -11.78
N GLU A 77 -6.79 -0.84 -12.15
CA GLU A 77 -6.09 -1.74 -11.25
C GLU A 77 -4.64 -1.95 -11.69
N TRP A 78 -3.82 -2.43 -10.76
CA TRP A 78 -2.42 -2.71 -11.04
C TRP A 78 -2.29 -4.08 -11.70
N ALA A 79 -1.66 -4.11 -12.87
CA ALA A 79 -1.39 -5.37 -13.55
C ALA A 79 -0.35 -6.24 -12.80
N LYS A 80 -0.17 -7.47 -13.27
CA LYS A 80 0.83 -8.41 -12.73
C LYS A 80 2.22 -8.17 -13.33
N ASP A 81 2.34 -8.26 -14.65
CA ASP A 81 3.59 -8.05 -15.40
C ASP A 81 3.67 -6.59 -15.87
N VAL A 82 3.36 -5.62 -15.01
CA VAL A 82 3.48 -4.20 -15.37
C VAL A 82 4.20 -3.44 -14.28
N LYS A 83 5.18 -2.63 -14.69
CA LYS A 83 5.93 -1.73 -13.79
C LYS A 83 5.18 -0.43 -13.55
N THR A 84 5.66 0.38 -12.60
CA THR A 84 5.10 1.70 -12.25
C THR A 84 4.92 2.66 -13.43
N SER A 85 6.01 3.07 -14.08
CA SER A 85 5.99 3.97 -15.25
C SER A 85 5.01 3.52 -16.32
N GLN A 86 5.14 2.26 -16.74
CA GLN A 86 4.21 1.65 -17.69
C GLN A 86 2.76 1.69 -17.19
N GLN A 87 2.52 1.39 -15.91
CA GLN A 87 1.22 1.33 -15.23
C GLN A 87 0.30 2.43 -15.72
N LYS A 88 -0.76 2.03 -16.41
CA LYS A 88 -1.71 2.97 -17.00
C LYS A 88 -2.86 3.30 -16.07
N GLY A 89 -2.62 3.17 -14.76
CA GLY A 89 -3.65 3.37 -13.76
C GLY A 89 -3.39 4.62 -12.93
N GLY A 90 -2.18 4.80 -12.43
CA GLY A 90 -1.75 6.00 -11.73
C GLY A 90 -0.71 5.67 -10.67
N PRO A 91 0.12 6.66 -10.27
CA PRO A 91 1.15 6.56 -9.23
C PRO A 91 0.60 6.47 -7.80
N THR A 92 -0.63 5.97 -7.63
CA THR A 92 -1.30 5.70 -6.36
C THR A 92 -0.31 5.59 -5.17
N PRO A 93 -0.34 6.60 -4.30
CA PRO A 93 0.60 6.67 -3.20
C PRO A 93 0.32 5.59 -2.17
N ILE A 94 -0.95 5.20 -2.06
CA ILE A 94 -1.45 4.18 -1.17
C ILE A 94 -0.94 2.80 -1.60
N ARG A 95 -0.34 2.06 -0.67
CA ARG A 95 0.20 0.72 -0.91
C ARG A 95 -0.16 -0.22 0.23
N VAL A 96 -0.82 -1.35 -0.07
CA VAL A 96 -1.13 -2.39 0.93
C VAL A 96 0.15 -3.04 1.43
N VAL A 97 0.19 -3.38 2.72
CA VAL A 97 1.30 -4.06 3.38
C VAL A 97 0.83 -5.33 4.07
N TYR A 98 1.66 -6.36 4.02
CA TYR A 98 1.35 -7.69 4.50
C TYR A 98 2.60 -8.47 4.85
N ALA A 99 2.49 -9.32 5.87
CA ALA A 99 3.60 -10.17 6.28
C ALA A 99 3.78 -11.36 5.33
N ASN A 100 4.90 -12.06 5.47
CA ASN A 100 5.26 -13.27 4.75
C ASN A 100 5.33 -14.47 5.71
N SER A 101 4.57 -14.48 6.81
CA SER A 101 4.53 -15.62 7.76
C SER A 101 4.46 -16.99 7.05
N ARG A 102 5.61 -17.60 6.76
CA ARG A 102 5.74 -18.84 5.97
C ARG A 102 5.00 -18.79 4.62
N GLY A 103 5.00 -17.64 3.96
CA GLY A 103 4.24 -17.46 2.74
C GLY A 103 2.72 -17.35 2.98
N ALA A 104 2.30 -16.47 3.90
CA ALA A 104 0.88 -16.17 4.16
C ALA A 104 0.67 -14.66 4.40
N VAL A 105 -0.01 -14.02 3.46
CA VAL A 105 -0.47 -12.62 3.59
C VAL A 105 -1.51 -12.50 4.68
N GLN A 106 -1.24 -11.63 5.65
CA GLN A 106 -2.16 -11.33 6.75
C GLN A 106 -2.78 -9.93 6.68
N TYR A 107 -2.74 -9.27 5.50
CA TYR A 107 -3.16 -7.87 5.33
C TYR A 107 -2.76 -7.02 6.54
N CYS A 108 -1.46 -6.98 6.83
CA CYS A 108 -0.97 -6.23 7.98
C CYS A 108 -1.56 -4.81 8.08
N GLY A 109 -1.70 -4.15 6.93
CA GLY A 109 -2.41 -2.90 6.81
C GLY A 109 -1.94 -2.14 5.59
N VAL A 110 -2.71 -1.15 5.14
CA VAL A 110 -2.31 -0.32 3.99
C VAL A 110 -1.81 1.01 4.51
N MET A 111 -0.84 1.59 3.79
CA MET A 111 -0.30 2.92 4.04
C MET A 111 -0.50 3.84 2.86
N THR A 112 -0.09 5.10 3.00
CA THR A 112 -0.14 6.12 1.98
C THR A 112 0.92 7.17 2.17
N HIS A 113 1.17 7.96 1.12
CA HIS A 113 2.08 9.09 1.23
C HIS A 113 1.39 10.32 1.84
N SER A 114 2.17 11.16 2.52
CA SER A 114 1.66 12.41 3.08
C SER A 114 1.36 13.41 2.00
N LYS A 115 2.32 13.69 1.11
CA LYS A 115 2.18 14.69 0.05
C LYS A 115 1.30 14.17 -1.08
N VAL A 116 0.07 14.66 -1.18
CA VAL A 116 -0.90 14.24 -2.20
C VAL A 116 -1.78 15.40 -2.61
N ASP A 117 -1.61 15.94 -3.81
CA ASP A 117 -2.45 17.07 -4.27
C ASP A 117 -3.27 16.66 -5.48
N LYS A 118 -2.59 16.59 -6.62
CA LYS A 118 -3.15 16.19 -7.92
C LYS A 118 -2.50 14.95 -8.48
N ASN A 119 -1.18 14.87 -8.36
CA ASN A 119 -0.37 13.76 -8.85
C ASN A 119 -0.39 12.58 -7.89
N ASN A 120 -0.28 12.86 -6.58
CA ASN A 120 -0.33 11.87 -5.52
C ASN A 120 0.96 11.04 -5.50
N GLN A 121 2.09 11.68 -5.82
CA GLN A 121 3.37 10.99 -5.94
C GLN A 121 3.85 10.54 -4.57
N GLY A 122 3.94 11.47 -3.62
CA GLY A 122 4.45 11.26 -2.26
C GLY A 122 5.91 11.57 -2.11
N LYS A 123 6.28 12.11 -0.95
CA LYS A 123 7.67 12.49 -0.64
C LYS A 123 8.11 12.11 0.77
N GLU A 124 7.40 12.63 1.76
CA GLU A 124 7.59 12.27 3.17
C GLU A 124 7.42 10.76 3.36
N PHE A 125 7.75 10.28 4.55
CA PHE A 125 7.56 8.89 4.96
C PHE A 125 6.16 8.35 4.66
N PHE A 126 6.03 7.03 4.79
CA PHE A 126 4.75 6.38 4.55
C PHE A 126 3.89 6.45 5.80
N GLU A 127 2.78 7.17 5.71
CA GLU A 127 1.79 7.25 6.77
C GLU A 127 0.76 6.13 6.56
N LYS A 128 0.60 5.25 7.56
CA LYS A 128 -0.48 4.24 7.55
C LYS A 128 -1.87 4.85 7.27
N CYS A 129 -2.80 3.99 6.92
CA CYS A 129 -4.18 4.38 6.71
C CYS A 129 -5.03 4.06 7.94
N ASP A 130 -6.22 4.68 8.01
CA ASP A 130 -7.18 4.54 9.11
C ASP A 130 -8.63 4.27 8.65
N ALA A 1 -16.86 -0.09 10.36
CA ALA A 1 -17.22 -0.49 8.99
C ALA A 1 -15.96 -1.02 8.27
N PRO A 2 -16.09 -1.84 7.22
CA PRO A 2 -14.96 -2.33 6.42
C PRO A 2 -14.29 -1.22 5.57
N ILE A 3 -14.99 -0.10 5.38
CA ILE A 3 -14.49 1.07 4.67
C ILE A 3 -13.74 1.98 5.64
N VAL A 4 -12.57 2.40 5.21
CA VAL A 4 -11.66 3.28 5.92
C VAL A 4 -11.31 4.50 5.04
N THR A 5 -10.66 5.52 5.60
CA THR A 5 -10.13 6.69 4.86
C THR A 5 -8.77 7.16 5.34
N CYS A 6 -7.71 6.97 4.54
CA CYS A 6 -6.33 7.33 4.91
C CYS A 6 -6.26 8.83 5.31
N ARG A 7 -5.18 9.28 5.98
CA ARG A 7 -5.01 10.68 6.45
C ARG A 7 -3.93 11.49 5.70
N PRO A 8 -3.77 11.30 4.37
CA PRO A 8 -2.75 11.95 3.56
C PRO A 8 -2.95 13.46 3.56
N LYS A 9 -1.92 14.17 3.09
CA LYS A 9 -1.92 15.61 2.98
C LYS A 9 -2.14 16.03 1.54
N LEU A 10 -3.23 16.76 1.30
CA LEU A 10 -3.51 17.35 0.00
C LEU A 10 -2.73 18.69 -0.11
N ASP A 11 -3.35 19.78 0.35
CA ASP A 11 -2.92 21.19 0.26
C ASP A 11 -2.65 21.79 1.66
N GLY A 12 -2.11 20.98 2.57
CA GLY A 12 -1.82 21.34 3.97
C GLY A 12 -2.74 20.65 4.98
N ARG A 13 -4.02 20.46 4.63
CA ARG A 13 -5.03 19.77 5.47
C ARG A 13 -5.05 18.27 5.18
N GLU A 14 -5.37 17.48 6.19
CA GLU A 14 -5.55 16.03 6.09
C GLU A 14 -6.84 15.74 5.33
N LYS A 15 -6.76 14.97 4.24
CA LYS A 15 -7.94 14.61 3.43
C LYS A 15 -8.22 13.09 3.49
N PRO A 16 -9.46 12.67 3.79
CA PRO A 16 -9.81 11.26 3.91
C PRO A 16 -9.67 10.53 2.56
N PHE A 17 -8.63 9.70 2.39
CA PHE A 17 -8.45 8.97 1.15
C PHE A 17 -9.32 7.71 1.12
N LYS A 18 -10.41 7.69 0.34
CA LYS A 18 -11.32 6.53 0.19
C LYS A 18 -10.55 5.21 -0.02
N VAL A 19 -10.76 4.22 0.85
CA VAL A 19 -10.09 2.92 0.81
C VAL A 19 -10.95 1.87 1.50
N ASP A 20 -11.13 0.72 0.85
CA ASP A 20 -11.86 -0.39 1.43
C ASP A 20 -10.91 -1.53 1.81
N VAL A 21 -11.12 -2.12 2.98
CA VAL A 21 -10.37 -3.28 3.46
C VAL A 21 -10.43 -4.44 2.47
N ALA A 22 -11.64 -4.78 2.02
CA ALA A 22 -11.90 -5.89 1.11
C ALA A 22 -11.01 -5.77 -0.12
N THR A 23 -10.99 -4.58 -0.71
CA THR A 23 -10.10 -4.26 -1.82
C THR A 23 -8.63 -4.43 -1.44
N ALA A 24 -8.12 -3.67 -0.47
CA ALA A 24 -6.74 -3.74 -0.05
C ALA A 24 -6.24 -5.17 0.17
N GLN A 25 -6.95 -5.94 0.96
CA GLN A 25 -6.67 -7.35 1.20
C GLN A 25 -6.68 -8.15 -0.10
N ALA A 26 -7.71 -7.98 -0.94
CA ALA A 26 -7.83 -8.61 -2.25
C ALA A 26 -6.55 -8.38 -3.07
N GLN A 27 -6.06 -7.14 -3.11
CA GLN A 27 -4.83 -6.80 -3.84
C GLN A 27 -3.62 -7.57 -3.31
N ALA A 28 -3.33 -7.45 -2.02
CA ALA A 28 -2.19 -8.10 -1.39
C ALA A 28 -2.20 -9.63 -1.57
N ARG A 29 -3.36 -10.23 -1.33
CA ARG A 29 -3.59 -11.66 -1.55
C ARG A 29 -3.38 -12.03 -3.01
N LYS A 30 -4.03 -11.32 -3.93
CA LYS A 30 -3.96 -11.53 -5.37
C LYS A 30 -2.53 -11.47 -5.88
N ALA A 31 -1.85 -10.37 -5.60
CA ALA A 31 -0.44 -10.20 -5.96
C ALA A 31 0.45 -11.25 -5.30
N GLY A 32 0.06 -11.72 -4.11
CA GLY A 32 0.83 -12.66 -3.31
C GLY A 32 2.17 -12.07 -2.86
N LEU A 33 3.09 -12.94 -2.48
CA LEU A 33 4.46 -12.60 -2.05
C LEU A 33 5.51 -13.04 -3.08
N THR A 34 5.20 -12.82 -4.36
CA THR A 34 6.04 -13.28 -5.47
C THR A 34 5.99 -12.31 -6.63
N THR A 35 7.05 -11.51 -6.75
CA THR A 35 7.27 -10.56 -7.83
C THR A 35 8.44 -10.99 -8.71
N GLY A 36 8.49 -10.38 -9.88
CA GLY A 36 9.57 -10.54 -10.87
C GLY A 36 9.14 -10.32 -12.32
N LYS A 37 7.83 -10.36 -12.59
CA LYS A 37 7.20 -10.10 -13.89
C LYS A 37 7.49 -8.67 -14.37
N SER A 38 7.32 -7.70 -13.47
CA SER A 38 7.49 -6.28 -13.79
C SER A 38 8.16 -5.46 -12.69
N GLY A 39 7.57 -5.48 -11.50
CA GLY A 39 8.08 -4.79 -10.34
C GLY A 39 7.23 -5.03 -9.11
N ASP A 40 5.93 -5.21 -9.25
CA ASP A 40 5.05 -5.45 -8.13
C ASP A 40 4.61 -6.93 -8.04
N PRO A 41 4.24 -7.40 -6.83
CA PRO A 41 4.40 -6.72 -5.54
C PRO A 41 5.87 -6.43 -5.21
N HIS A 42 6.15 -5.75 -4.10
CA HIS A 42 7.51 -5.42 -3.71
C HIS A 42 7.75 -5.92 -2.29
N ARG A 43 8.96 -6.36 -2.00
CA ARG A 43 9.37 -6.79 -0.66
C ARG A 43 9.49 -5.57 0.24
N TYR A 44 8.80 -5.61 1.37
CA TYR A 44 8.88 -4.63 2.44
C TYR A 44 9.80 -5.20 3.51
N PHE A 45 10.88 -4.47 3.81
CA PHE A 45 11.78 -4.70 4.92
C PHE A 45 11.70 -3.52 5.88
N ALA A 46 11.87 -3.78 7.18
CA ALA A 46 11.92 -2.76 8.21
C ALA A 46 12.84 -1.58 7.85
N GLY A 47 12.29 -0.37 7.86
CA GLY A 47 13.01 0.82 7.44
C GLY A 47 12.14 2.06 7.41
N ASP A 48 10.92 1.92 6.90
CA ASP A 48 9.97 3.03 6.87
C ASP A 48 9.47 3.32 8.28
N HIS A 49 9.42 4.60 8.67
CA HIS A 49 8.92 5.04 9.98
C HIS A 49 7.40 4.80 10.14
N ILE A 50 7.00 3.57 10.46
CA ILE A 50 5.61 3.14 10.61
C ILE A 50 5.45 2.27 11.85
N ARG A 51 4.20 2.01 12.25
CA ARG A 51 3.82 1.18 13.38
C ARG A 51 2.47 0.59 13.05
N TRP A 52 2.49 -0.71 12.86
CA TRP A 52 1.29 -1.53 12.65
C TRP A 52 0.65 -2.03 13.95
N GLY A 53 1.22 -1.67 15.11
CA GLY A 53 0.87 -2.23 16.42
C GLY A 53 0.94 -3.75 16.50
N VAL A 54 1.69 -4.41 15.59
CA VAL A 54 1.81 -5.87 15.50
C VAL A 54 3.26 -6.25 15.78
N ASN A 55 3.49 -7.13 16.76
CA ASN A 55 4.82 -7.63 17.12
C ASN A 55 5.65 -8.14 15.93
N ASN A 56 5.01 -8.79 14.96
CA ASN A 56 5.63 -9.26 13.70
C ASN A 56 5.96 -8.13 12.72
N CYS A 57 4.97 -7.29 12.38
CA CYS A 57 5.24 -6.16 11.49
C CYS A 57 6.22 -5.14 12.08
N ASP A 58 6.28 -5.00 13.40
CA ASP A 58 7.19 -4.16 14.19
C ASP A 58 8.55 -4.86 14.44
N LYS A 59 9.01 -5.67 13.48
CA LYS A 59 10.33 -6.33 13.49
C LYS A 59 11.31 -5.59 12.60
N ALA A 60 12.59 -5.96 12.74
CA ALA A 60 13.71 -5.43 11.99
C ALA A 60 14.14 -6.37 10.83
N ASP A 61 14.25 -7.67 11.12
CA ASP A 61 14.60 -8.73 10.17
C ASP A 61 13.36 -9.49 9.67
N ALA A 62 12.21 -8.81 9.59
CA ALA A 62 10.97 -9.37 9.06
C ALA A 62 10.93 -9.34 7.53
N ILE A 63 9.96 -10.07 6.98
CA ILE A 63 9.71 -10.23 5.56
C ILE A 63 8.27 -9.84 5.28
N LEU A 64 8.05 -8.56 5.01
CA LEU A 64 6.79 -8.02 4.57
C LEU A 64 6.81 -7.81 3.06
N TRP A 65 5.71 -7.29 2.54
CA TRP A 65 5.47 -6.97 1.15
C TRP A 65 4.59 -5.73 1.05
N GLU A 66 4.53 -5.15 -0.15
CA GLU A 66 3.75 -3.97 -0.49
C GLU A 66 3.20 -4.05 -1.93
N TYR A 67 1.92 -3.68 -2.09
CA TYR A 67 1.27 -3.68 -3.40
C TYR A 67 0.33 -2.47 -3.56
N PRO A 68 0.26 -1.84 -4.74
CA PRO A 68 -0.60 -0.69 -5.02
C PRO A 68 -2.09 -1.03 -5.03
N ILE A 69 -2.94 -0.01 -4.95
CA ILE A 69 -4.39 -0.20 -5.03
C ILE A 69 -5.09 0.98 -5.69
N TYR A 70 -6.27 0.75 -6.25
CA TYR A 70 -7.11 1.78 -6.85
C TYR A 70 -8.33 2.02 -5.97
N TRP A 71 -8.33 3.15 -5.25
CA TRP A 71 -9.46 3.60 -4.44
C TRP A 71 -10.74 3.68 -5.25
N VAL A 72 -11.86 4.00 -4.60
CA VAL A 72 -13.20 4.09 -5.22
C VAL A 72 -13.23 4.94 -6.51
N GLY A 73 -12.79 6.20 -6.39
CA GLY A 73 -12.79 7.18 -7.49
C GLY A 73 -12.10 6.73 -8.80
N LYS A 74 -10.89 6.17 -8.67
CA LYS A 74 -10.19 5.47 -9.75
C LYS A 74 -11.05 4.36 -10.36
N ASN A 75 -10.73 4.02 -11.61
CA ASN A 75 -11.46 3.04 -12.43
C ASN A 75 -10.57 1.89 -12.92
N ALA A 76 -9.34 2.20 -13.33
CA ALA A 76 -8.36 1.20 -13.75
C ALA A 76 -7.89 0.34 -12.55
N GLU A 77 -6.96 -0.57 -12.79
CA GLU A 77 -6.34 -1.38 -11.75
C GLU A 77 -4.89 -1.68 -12.13
N TRP A 78 -4.05 -1.98 -11.14
CA TRP A 78 -2.66 -2.37 -11.34
C TRP A 78 -2.56 -3.72 -12.03
N ALA A 79 -1.81 -3.81 -13.11
CA ALA A 79 -1.61 -5.06 -13.83
C ALA A 79 -0.58 -5.96 -13.12
N LYS A 80 -0.31 -7.14 -13.68
CA LYS A 80 0.76 -8.04 -13.22
C LYS A 80 2.12 -7.67 -13.81
N ASP A 81 2.23 -7.64 -15.13
CA ASP A 81 3.48 -7.40 -15.85
C ASP A 81 3.72 -5.91 -16.19
N VAL A 82 3.42 -5.02 -15.24
CA VAL A 82 3.53 -3.57 -15.39
C VAL A 82 4.20 -2.94 -14.17
N LYS A 83 5.43 -2.45 -14.35
CA LYS A 83 6.16 -1.69 -13.32
C LYS A 83 5.48 -0.32 -13.10
N THR A 84 5.71 0.31 -11.95
CA THR A 84 5.27 1.68 -11.60
C THR A 84 5.42 2.72 -12.70
N SER A 85 6.61 2.91 -13.26
CA SER A 85 6.88 3.82 -14.39
C SER A 85 5.91 3.66 -15.56
N GLN A 86 5.73 2.41 -16.01
CA GLN A 86 4.77 2.06 -17.05
C GLN A 86 3.33 2.29 -16.57
N GLN A 87 3.03 1.98 -15.30
CA GLN A 87 1.70 2.05 -14.71
C GLN A 87 0.95 3.32 -15.07
N LYS A 88 -0.09 3.16 -15.88
CA LYS A 88 -0.85 4.31 -16.40
C LYS A 88 -1.99 4.71 -15.51
N GLY A 89 -2.64 3.73 -14.89
CA GLY A 89 -3.83 3.90 -14.07
C GLY A 89 -3.72 4.98 -12.97
N GLY A 90 -2.57 5.04 -12.30
CA GLY A 90 -2.14 6.19 -11.53
C GLY A 90 -1.06 5.88 -10.52
N PRO A 91 -0.29 6.87 -10.05
CA PRO A 91 0.79 6.73 -9.06
C PRO A 91 0.35 6.39 -7.63
N THR A 92 -0.91 5.94 -7.45
CA THR A 92 -1.57 5.59 -6.18
C THR A 92 -0.60 5.44 -4.99
N PRO A 93 -0.56 6.42 -4.09
CA PRO A 93 0.42 6.42 -3.02
C PRO A 93 0.13 5.36 -1.97
N ILE A 94 -1.13 4.93 -1.91
CA ILE A 94 -1.63 3.88 -1.05
C ILE A 94 -1.11 2.51 -1.51
N ARG A 95 -0.50 1.75 -0.61
CA ARG A 95 -0.02 0.40 -0.85
C ARG A 95 -0.40 -0.49 0.33
N VAL A 96 -0.99 -1.64 0.03
CA VAL A 96 -1.31 -2.67 1.01
C VAL A 96 -0.03 -3.33 1.50
N VAL A 97 0.17 -3.48 2.81
CA VAL A 97 1.32 -4.15 3.41
C VAL A 97 0.89 -5.41 4.17
N TYR A 98 1.67 -6.46 3.99
CA TYR A 98 1.42 -7.78 4.51
C TYR A 98 2.72 -8.47 4.90
N ALA A 99 2.61 -9.50 5.73
CA ALA A 99 3.74 -10.30 6.20
C ALA A 99 3.75 -11.67 5.51
N ASN A 100 4.91 -12.32 5.49
CA ASN A 100 5.13 -13.69 5.02
C ASN A 100 4.88 -14.71 6.13
N SER A 101 3.78 -14.60 6.89
CA SER A 101 3.44 -15.57 7.93
C SER A 101 3.24 -16.96 7.30
N ARG A 102 4.17 -17.90 7.54
CA ARG A 102 4.11 -19.28 7.01
C ARG A 102 3.87 -19.33 5.48
N GLY A 103 4.44 -18.38 4.73
CA GLY A 103 4.17 -18.30 3.28
C GLY A 103 2.72 -17.92 2.95
N ALA A 104 2.15 -16.95 3.67
CA ALA A 104 0.80 -16.46 3.48
C ALA A 104 0.71 -14.99 3.90
N VAL A 105 0.12 -14.18 3.03
CA VAL A 105 -0.24 -12.78 3.29
C VAL A 105 -1.23 -12.70 4.44
N GLN A 106 -0.81 -12.03 5.52
CA GLN A 106 -1.70 -11.73 6.64
C GLN A 106 -2.47 -10.40 6.51
N TYR A 107 -2.03 -9.52 5.59
CA TYR A 107 -2.60 -8.19 5.44
C TYR A 107 -2.48 -7.39 6.75
N CYS A 108 -1.24 -7.11 7.18
CA CYS A 108 -0.95 -6.29 8.37
C CYS A 108 -1.69 -4.95 8.39
N GLY A 109 -1.80 -4.31 7.23
CA GLY A 109 -2.60 -3.14 6.99
C GLY A 109 -2.16 -2.43 5.73
N VAL A 110 -2.90 -1.41 5.34
CA VAL A 110 -2.55 -0.55 4.22
C VAL A 110 -1.84 0.71 4.72
N MET A 111 -0.96 1.29 3.91
CA MET A 111 -0.27 2.56 4.15
C MET A 111 -0.39 3.48 2.94
N THR A 112 -0.02 4.74 3.11
CA THR A 112 0.04 5.75 2.08
C THR A 112 1.15 6.76 2.35
N HIS A 113 1.25 7.71 1.42
CA HIS A 113 2.14 8.85 1.52
C HIS A 113 1.38 10.12 1.86
N SER A 114 2.07 11.03 2.54
CA SER A 114 1.57 12.34 2.99
C SER A 114 1.87 13.47 2.00
N LYS A 115 2.05 13.11 0.72
CA LYS A 115 2.39 14.06 -0.34
C LYS A 115 1.45 13.91 -1.53
N VAL A 116 0.30 14.58 -1.49
CA VAL A 116 -0.71 14.57 -2.55
C VAL A 116 -1.09 16.00 -2.92
N ASP A 117 -0.12 16.81 -3.36
CA ASP A 117 -0.42 18.18 -3.79
C ASP A 117 -1.05 18.17 -5.21
N LYS A 118 -0.22 18.11 -6.24
CA LYS A 118 -0.62 18.08 -7.66
C LYS A 118 -0.58 16.69 -8.30
N ASN A 119 -0.17 15.68 -7.53
CA ASN A 119 0.05 14.31 -7.96
C ASN A 119 0.22 13.44 -6.71
N ASN A 120 -0.59 12.39 -6.61
CA ASN A 120 -0.56 11.36 -5.58
C ASN A 120 0.69 10.47 -5.75
N GLN A 121 1.88 11.06 -5.64
CA GLN A 121 3.15 10.36 -5.79
C GLN A 121 3.64 9.84 -4.44
N GLY A 122 4.15 10.72 -3.58
CA GLY A 122 4.69 10.41 -2.25
C GLY A 122 6.12 10.86 -2.07
N LYS A 123 6.38 11.74 -1.10
CA LYS A 123 7.76 12.24 -0.85
C LYS A 123 8.14 12.22 0.61
N GLU A 124 7.16 12.52 1.46
CA GLU A 124 7.25 12.42 2.90
C GLU A 124 7.29 10.96 3.37
N PHE A 125 7.41 10.79 4.69
CA PHE A 125 7.35 9.49 5.34
C PHE A 125 6.05 8.73 4.99
N PHE A 126 6.08 7.44 5.26
CA PHE A 126 4.95 6.55 5.05
C PHE A 126 4.08 6.51 6.30
N GLU A 127 2.78 6.74 6.13
CA GLU A 127 1.79 6.64 7.18
C GLU A 127 0.78 5.54 6.82
N LYS A 128 0.35 4.78 7.83
CA LYS A 128 -0.76 3.86 7.69
C LYS A 128 -2.04 4.56 7.17
N CYS A 129 -2.97 3.74 6.72
CA CYS A 129 -4.32 4.17 6.39
C CYS A 129 -5.23 3.82 7.56
N ASP A 130 -6.08 4.76 7.89
CA ASP A 130 -7.29 4.65 8.69
C ASP A 130 -8.42 4.87 7.69
N ALA A 1 -16.18 -1.04 10.33
CA ALA A 1 -16.63 -1.39 8.97
C ALA A 1 -15.44 -1.84 8.12
N PRO A 2 -15.68 -2.60 7.02
CA PRO A 2 -14.65 -3.00 6.07
C PRO A 2 -14.09 -1.85 5.22
N ILE A 3 -14.54 -0.61 5.45
CA ILE A 3 -14.08 0.60 4.80
C ILE A 3 -13.35 1.47 5.80
N VAL A 4 -12.11 1.80 5.47
CA VAL A 4 -11.24 2.68 6.24
C VAL A 4 -10.91 3.98 5.47
N THR A 5 -10.21 4.90 6.12
CA THR A 5 -9.81 6.17 5.50
C THR A 5 -8.49 6.68 6.04
N CYS A 6 -7.50 6.80 5.16
CA CYS A 6 -6.19 7.29 5.59
C CYS A 6 -6.32 8.76 6.05
N ARG A 7 -5.30 9.27 6.76
CA ARG A 7 -5.20 10.67 7.21
C ARG A 7 -4.01 11.42 6.56
N PRO A 8 -3.85 11.36 5.22
CA PRO A 8 -2.80 12.05 4.48
C PRO A 8 -3.01 13.54 4.49
N LYS A 9 -2.07 14.29 3.91
CA LYS A 9 -2.12 15.74 3.82
C LYS A 9 -2.14 16.23 2.37
N LEU A 10 -3.10 17.07 2.04
CA LEU A 10 -3.16 17.65 0.71
C LEU A 10 -2.56 19.06 0.74
N ASP A 11 -3.38 20.02 1.17
CA ASP A 11 -3.07 21.46 1.13
C ASP A 11 -2.88 21.99 2.56
N GLY A 12 -2.14 21.23 3.36
CA GLY A 12 -1.92 21.54 4.78
C GLY A 12 -2.94 20.89 5.72
N ARG A 13 -4.18 20.68 5.26
CA ARG A 13 -5.25 20.01 6.02
C ARG A 13 -5.26 18.51 5.73
N GLU A 14 -5.48 17.73 6.77
CA GLU A 14 -5.59 16.28 6.69
C GLU A 14 -6.86 15.89 5.92
N LYS A 15 -6.70 15.21 4.78
CA LYS A 15 -7.82 14.80 3.93
C LYS A 15 -8.04 13.28 4.05
N PRO A 16 -9.26 12.81 4.32
CA PRO A 16 -9.59 11.39 4.43
C PRO A 16 -9.42 10.69 3.07
N PHE A 17 -8.47 9.75 2.98
CA PHE A 17 -8.27 8.99 1.76
C PHE A 17 -9.13 7.74 1.76
N LYS A 18 -10.18 7.70 0.93
CA LYS A 18 -11.09 6.54 0.81
C LYS A 18 -10.35 5.25 0.49
N VAL A 19 -10.56 4.20 1.27
CA VAL A 19 -9.86 2.91 1.13
C VAL A 19 -10.70 1.77 1.71
N ASP A 20 -10.90 0.70 0.95
CA ASP A 20 -11.64 -0.47 1.43
C ASP A 20 -10.71 -1.65 1.66
N VAL A 21 -10.95 -2.36 2.75
CA VAL A 21 -10.18 -3.53 3.18
C VAL A 21 -10.25 -4.64 2.14
N ALA A 22 -11.47 -5.02 1.75
CA ALA A 22 -11.73 -6.04 0.73
C ALA A 22 -10.85 -5.83 -0.50
N THR A 23 -10.77 -4.59 -0.99
CA THR A 23 -9.88 -4.22 -2.08
C THR A 23 -8.43 -4.41 -1.67
N ALA A 24 -7.92 -3.73 -0.64
CA ALA A 24 -6.53 -3.83 -0.24
C ALA A 24 -6.03 -5.27 -0.08
N GLN A 25 -6.79 -6.06 0.68
CA GLN A 25 -6.52 -7.47 0.88
C GLN A 25 -6.54 -8.24 -0.43
N ALA A 26 -7.54 -7.99 -1.28
CA ALA A 26 -7.64 -8.60 -2.60
C ALA A 26 -6.36 -8.37 -3.40
N GLN A 27 -5.83 -7.14 -3.44
CA GLN A 27 -4.61 -6.79 -4.17
C GLN A 27 -3.40 -7.54 -3.59
N ALA A 28 -3.17 -7.45 -2.28
CA ALA A 28 -2.06 -8.11 -1.61
C ALA A 28 -2.09 -9.63 -1.82
N ARG A 29 -3.24 -10.25 -1.59
CA ARG A 29 -3.46 -11.68 -1.82
C ARG A 29 -3.29 -12.06 -3.28
N LYS A 30 -3.83 -11.25 -4.20
CA LYS A 30 -3.74 -11.45 -5.65
C LYS A 30 -2.31 -11.48 -6.12
N ALA A 31 -1.55 -10.45 -5.79
CA ALA A 31 -0.13 -10.36 -6.12
C ALA A 31 0.69 -11.46 -5.42
N GLY A 32 0.29 -11.87 -4.22
CA GLY A 32 0.98 -12.89 -3.44
C GLY A 32 2.28 -12.35 -2.84
N LEU A 33 3.10 -13.24 -2.29
CA LEU A 33 4.38 -12.90 -1.67
C LEU A 33 5.54 -13.14 -2.64
N THR A 34 5.33 -12.84 -3.92
CA THR A 34 6.33 -13.07 -4.96
C THR A 34 6.16 -12.09 -6.10
N THR A 35 7.29 -11.61 -6.64
CA THR A 35 7.31 -10.70 -7.78
C THR A 35 8.49 -11.00 -8.69
N GLY A 36 8.48 -10.43 -9.89
CA GLY A 36 9.62 -10.48 -10.80
C GLY A 36 9.25 -10.22 -12.24
N LYS A 37 8.00 -10.55 -12.62
CA LYS A 37 7.42 -10.30 -13.93
C LYS A 37 7.59 -8.85 -14.39
N SER A 38 7.44 -7.92 -13.45
CA SER A 38 7.54 -6.49 -13.67
C SER A 38 8.28 -5.77 -12.56
N GLY A 39 7.68 -5.70 -11.39
CA GLY A 39 8.19 -5.02 -10.22
C GLY A 39 7.31 -5.23 -9.00
N ASP A 40 6.00 -5.44 -9.18
CA ASP A 40 5.03 -5.55 -8.09
C ASP A 40 4.52 -7.00 -7.91
N PRO A 41 4.28 -7.44 -6.66
CA PRO A 41 4.49 -6.70 -5.40
C PRO A 41 5.95 -6.43 -5.08
N HIS A 42 6.25 -5.77 -3.97
CA HIS A 42 7.63 -5.45 -3.59
C HIS A 42 7.87 -5.89 -2.17
N ARG A 43 9.08 -6.33 -1.86
CA ARG A 43 9.46 -6.73 -0.51
C ARG A 43 9.46 -5.50 0.40
N TYR A 44 9.01 -5.68 1.64
CA TYR A 44 9.00 -4.67 2.68
C TYR A 44 9.83 -5.18 3.85
N PHE A 45 10.95 -4.54 4.13
CA PHE A 45 11.82 -4.86 5.27
C PHE A 45 12.11 -3.59 6.05
N ALA A 46 11.24 -3.23 7.01
CA ALA A 46 11.38 -2.03 7.86
C ALA A 46 11.88 -0.77 7.12
N GLY A 47 11.58 -0.69 5.81
CA GLY A 47 12.22 0.26 4.89
C GLY A 47 11.72 1.66 5.21
N ASP A 48 10.39 1.72 5.33
CA ASP A 48 9.70 2.95 5.66
C ASP A 48 9.42 2.94 7.17
N HIS A 49 9.77 4.04 7.85
CA HIS A 49 9.47 4.25 9.26
C HIS A 49 7.96 4.33 9.52
N ILE A 50 7.33 3.19 9.80
CA ILE A 50 5.90 3.07 10.06
C ILE A 50 5.64 2.32 11.37
N ARG A 51 4.40 2.36 11.88
CA ARG A 51 3.95 1.67 13.06
C ARG A 51 2.55 1.18 12.76
N TRP A 52 2.37 -0.10 12.85
CA TRP A 52 1.05 -0.72 12.74
C TRP A 52 0.48 -1.07 14.11
N GLY A 53 1.16 -0.70 15.19
CA GLY A 53 0.79 -1.05 16.56
C GLY A 53 0.50 -2.55 16.76
N VAL A 54 1.21 -3.42 16.03
CA VAL A 54 1.02 -4.87 16.05
C VAL A 54 2.35 -5.60 16.17
N ASN A 55 2.39 -6.75 16.81
CA ASN A 55 3.60 -7.56 16.98
C ASN A 55 4.17 -8.06 15.64
N ASN A 56 3.28 -8.61 14.80
CA ASN A 56 3.64 -9.18 13.51
C ASN A 56 4.54 -8.25 12.68
N CYS A 57 4.02 -7.04 12.38
CA CYS A 57 4.75 -5.99 11.72
C CYS A 57 5.84 -5.35 12.59
N ASP A 58 5.58 -5.09 13.89
CA ASP A 58 6.56 -4.51 14.86
C ASP A 58 7.95 -5.10 14.71
N LYS A 59 8.01 -6.42 14.48
CA LYS A 59 9.25 -7.14 14.21
C LYS A 59 10.19 -6.36 13.28
N ALA A 60 11.48 -6.47 13.58
CA ALA A 60 12.50 -5.71 12.87
C ALA A 60 12.98 -6.48 11.63
N ASP A 61 13.51 -7.69 11.84
CA ASP A 61 13.97 -8.62 10.80
C ASP A 61 12.79 -9.43 10.21
N ALA A 62 11.62 -8.81 10.07
CA ALA A 62 10.49 -9.47 9.43
C ALA A 62 10.52 -9.29 7.92
N ILE A 63 9.76 -10.15 7.24
CA ILE A 63 9.66 -10.16 5.79
C ILE A 63 8.24 -9.73 5.44
N LEU A 64 8.03 -8.43 5.28
CA LEU A 64 6.77 -7.91 4.78
C LEU A 64 6.82 -7.72 3.26
N TRP A 65 5.73 -7.19 2.71
CA TRP A 65 5.54 -6.82 1.32
C TRP A 65 4.68 -5.57 1.19
N GLU A 66 4.69 -4.97 0.00
CA GLU A 66 3.95 -3.77 -0.35
C GLU A 66 3.40 -3.87 -1.79
N TYR A 67 2.15 -3.48 -1.97
CA TYR A 67 1.46 -3.54 -3.27
C TYR A 67 0.50 -2.36 -3.49
N PRO A 68 0.46 -1.75 -4.69
CA PRO A 68 -0.39 -0.58 -4.98
C PRO A 68 -1.89 -0.89 -4.91
N ILE A 69 -2.71 0.13 -4.70
CA ILE A 69 -4.16 -0.05 -4.66
C ILE A 69 -4.87 1.16 -5.28
N TYR A 70 -6.11 0.95 -5.68
CA TYR A 70 -6.97 1.96 -6.26
C TYR A 70 -8.11 2.18 -5.28
N TRP A 71 -8.16 3.39 -4.72
CA TRP A 71 -9.31 3.86 -3.92
C TRP A 71 -10.65 3.68 -4.66
N VAL A 72 -11.72 3.93 -3.92
CA VAL A 72 -13.09 3.82 -4.45
C VAL A 72 -13.28 4.81 -5.60
N GLY A 73 -13.48 4.30 -6.82
CA GLY A 73 -13.73 5.12 -7.99
C GLY A 73 -12.49 5.94 -8.37
N LYS A 74 -11.35 5.26 -8.62
CA LYS A 74 -10.10 5.89 -9.07
C LYS A 74 -10.04 6.09 -10.58
N ASN A 75 -10.76 5.28 -11.34
CA ASN A 75 -10.89 5.33 -12.79
C ASN A 75 -9.66 4.72 -13.48
N ALA A 76 -9.16 3.61 -12.94
CA ALA A 76 -7.97 2.92 -13.42
C ALA A 76 -7.77 1.57 -12.70
N GLU A 77 -6.71 0.85 -13.06
CA GLU A 77 -6.32 -0.42 -12.45
C GLU A 77 -4.82 -0.69 -12.66
N TRP A 78 -4.24 -1.58 -11.84
CA TRP A 78 -2.87 -2.06 -11.96
C TRP A 78 -2.77 -3.26 -12.90
N ALA A 79 -1.57 -3.68 -13.23
CA ALA A 79 -1.30 -4.86 -14.04
C ALA A 79 -0.18 -5.72 -13.45
N LYS A 80 -0.24 -7.02 -13.75
CA LYS A 80 0.74 -8.02 -13.27
C LYS A 80 2.14 -7.75 -13.82
N ASP A 81 2.34 -7.99 -15.10
CA ASP A 81 3.62 -7.86 -15.78
C ASP A 81 3.81 -6.40 -16.26
N VAL A 82 3.58 -5.43 -15.36
CA VAL A 82 3.69 -4.00 -15.65
C VAL A 82 4.32 -3.26 -14.48
N LYS A 83 5.45 -2.60 -14.75
CA LYS A 83 6.18 -1.75 -13.79
C LYS A 83 5.43 -0.45 -13.52
N THR A 84 5.95 0.41 -12.64
CA THR A 84 5.37 1.72 -12.32
C THR A 84 5.26 2.68 -13.51
N SER A 85 6.36 2.91 -14.23
CA SER A 85 6.37 3.82 -15.38
C SER A 85 5.46 3.33 -16.50
N GLN A 86 5.56 2.03 -16.82
CA GLN A 86 4.65 1.44 -17.80
C GLN A 86 3.20 1.40 -17.33
N GLN A 87 2.95 1.32 -16.02
CA GLN A 87 1.64 1.24 -15.38
C GLN A 87 0.62 2.14 -16.06
N LYS A 88 -0.48 1.54 -16.48
CA LYS A 88 -1.50 2.24 -17.24
C LYS A 88 -2.74 2.42 -16.39
N GLY A 89 -2.80 3.54 -15.71
CA GLY A 89 -3.96 3.83 -14.88
C GLY A 89 -3.79 5.03 -13.97
N GLY A 90 -2.60 5.18 -13.40
CA GLY A 90 -2.29 6.33 -12.57
C GLY A 90 -1.55 5.93 -11.30
N PRO A 91 -0.62 6.77 -10.86
CA PRO A 91 0.12 6.55 -9.63
C PRO A 91 -0.86 6.53 -8.46
N THR A 92 -0.57 5.67 -7.49
CA THR A 92 -1.29 5.57 -6.24
C THR A 92 -0.32 5.58 -5.05
N PRO A 93 -0.48 6.54 -4.14
CA PRO A 93 0.32 6.60 -2.93
C PRO A 93 -0.02 5.50 -1.94
N ILE A 94 -1.26 5.04 -1.96
CA ILE A 94 -1.76 4.00 -1.09
C ILE A 94 -1.23 2.64 -1.57
N ARG A 95 -0.63 1.87 -0.66
CA ARG A 95 -0.16 0.51 -0.90
C ARG A 95 -0.50 -0.38 0.28
N VAL A 96 -1.08 -1.54 0.02
CA VAL A 96 -1.31 -2.57 1.04
C VAL A 96 0.01 -3.18 1.53
N VAL A 97 0.10 -3.45 2.84
CA VAL A 97 1.25 -4.10 3.47
C VAL A 97 0.83 -5.35 4.23
N TYR A 98 1.62 -6.40 4.01
CA TYR A 98 1.39 -7.71 4.54
C TYR A 98 2.71 -8.37 4.93
N ALA A 99 2.61 -9.32 5.86
CA ALA A 99 3.74 -10.11 6.30
C ALA A 99 3.83 -11.43 5.54
N ASN A 100 4.99 -12.08 5.68
CA ASN A 100 5.33 -13.37 5.09
C ASN A 100 5.50 -14.45 6.16
N SER A 101 4.91 -14.30 7.36
CA SER A 101 5.06 -15.23 8.50
C SER A 101 5.23 -16.69 8.07
N ARG A 102 4.23 -17.24 7.38
CA ARG A 102 4.22 -18.61 6.82
C ARG A 102 3.95 -18.63 5.33
N GLY A 103 4.58 -17.75 4.56
CA GLY A 103 4.31 -17.68 3.12
C GLY A 103 2.82 -17.47 2.80
N ALA A 104 2.11 -16.74 3.66
CA ALA A 104 0.70 -16.40 3.51
C ALA A 104 0.48 -14.96 3.97
N VAL A 105 0.23 -14.07 3.00
CA VAL A 105 -0.19 -12.69 3.25
C VAL A 105 -1.21 -12.62 4.38
N GLN A 106 -0.89 -11.82 5.38
CA GLN A 106 -1.82 -11.57 6.49
C GLN A 106 -2.57 -10.25 6.37
N TYR A 107 -2.12 -9.35 5.49
CA TYR A 107 -2.66 -7.99 5.37
C TYR A 107 -2.51 -7.23 6.70
N CYS A 108 -1.27 -7.02 7.16
CA CYS A 108 -1.00 -6.24 8.36
C CYS A 108 -1.72 -4.88 8.38
N GLY A 109 -1.82 -4.24 7.22
CA GLY A 109 -2.61 -3.03 7.04
C GLY A 109 -2.18 -2.28 5.79
N VAL A 110 -2.99 -1.31 5.39
CA VAL A 110 -2.69 -0.49 4.22
C VAL A 110 -1.90 0.75 4.65
N MET A 111 -1.15 1.35 3.73
CA MET A 111 -0.41 2.58 3.99
C MET A 111 -0.61 3.57 2.86
N THR A 112 -0.24 4.82 3.06
CA THR A 112 -0.23 5.87 2.03
C THR A 112 0.92 6.88 2.20
N HIS A 113 0.96 7.90 1.35
CA HIS A 113 1.92 8.99 1.50
C HIS A 113 1.21 10.24 2.03
N SER A 114 1.84 10.91 2.98
CA SER A 114 1.34 12.19 3.50
C SER A 114 1.28 13.23 2.40
N LYS A 115 2.31 13.34 1.54
CA LYS A 115 2.39 14.36 0.49
C LYS A 115 1.56 13.92 -0.70
N VAL A 116 0.46 14.59 -0.98
CA VAL A 116 -0.41 14.24 -2.09
C VAL A 116 -1.12 15.49 -2.58
N ASP A 117 -0.77 16.02 -3.76
CA ASP A 117 -1.45 17.21 -4.32
C ASP A 117 -2.26 16.85 -5.55
N LYS A 118 -1.54 16.67 -6.66
CA LYS A 118 -2.10 16.31 -7.97
C LYS A 118 -1.62 14.96 -8.44
N ASN A 119 -0.33 14.73 -8.30
CA ASN A 119 0.29 13.46 -8.67
C ASN A 119 0.19 12.42 -7.56
N ASN A 120 -0.41 12.77 -6.41
CA ASN A 120 -0.58 11.89 -5.26
C ASN A 120 0.67 11.02 -4.98
N GLN A 121 1.88 11.56 -5.19
CA GLN A 121 3.11 10.79 -5.15
C GLN A 121 3.76 10.92 -3.78
N GLY A 122 4.49 9.90 -3.33
CA GLY A 122 5.15 9.96 -2.02
C GLY A 122 6.49 10.64 -2.12
N LYS A 123 6.77 11.52 -1.15
CA LYS A 123 8.04 12.24 -1.06
C LYS A 123 8.66 12.08 0.31
N GLU A 124 8.07 12.72 1.33
CA GLU A 124 8.55 12.75 2.71
C GLU A 124 8.83 11.34 3.23
N PHE A 125 7.76 10.57 3.44
CA PHE A 125 7.82 9.20 3.88
C PHE A 125 6.48 8.50 3.62
N PHE A 126 6.42 7.23 4.00
CA PHE A 126 5.27 6.38 3.91
C PHE A 126 4.57 6.35 5.26
N GLU A 127 3.39 6.93 5.39
CA GLU A 127 2.55 6.81 6.58
C GLU A 127 1.48 5.74 6.37
N LYS A 128 1.41 4.74 7.25
CA LYS A 128 0.29 3.77 7.30
C LYS A 128 -1.08 4.44 7.24
N CYS A 129 -2.12 3.68 6.93
CA CYS A 129 -3.51 4.11 6.92
C CYS A 129 -4.23 3.62 8.17
N ASP A 130 -5.50 3.99 8.28
CA ASP A 130 -6.36 3.67 9.41
C ASP A 130 -7.84 3.51 9.02
N ALA A 1 -15.55 -0.83 10.41
CA ALA A 1 -16.05 -0.81 9.02
C ALA A 1 -14.98 -1.38 8.11
N PRO A 2 -15.34 -2.08 7.01
CA PRO A 2 -14.41 -2.59 6.01
C PRO A 2 -13.74 -1.48 5.16
N ILE A 3 -14.04 -0.21 5.42
CA ILE A 3 -13.46 0.94 4.72
C ILE A 3 -12.57 1.72 5.69
N VAL A 4 -11.26 1.57 5.55
CA VAL A 4 -10.31 2.38 6.31
C VAL A 4 -10.05 3.72 5.63
N THR A 5 -9.38 4.61 6.33
CA THR A 5 -8.96 5.91 5.84
C THR A 5 -7.62 6.35 6.38
N CYS A 6 -6.79 6.91 5.52
CA CYS A 6 -5.47 7.34 5.95
C CYS A 6 -5.57 8.79 6.44
N ARG A 7 -4.52 9.30 7.11
CA ARG A 7 -4.38 10.72 7.51
C ARG A 7 -3.26 11.49 6.79
N PRO A 8 -3.09 11.36 5.45
CA PRO A 8 -2.07 12.03 4.66
C PRO A 8 -2.28 13.55 4.62
N LYS A 9 -1.49 14.26 3.83
CA LYS A 9 -1.55 15.71 3.67
C LYS A 9 -1.90 16.14 2.25
N LEU A 10 -2.99 16.87 2.12
CA LEU A 10 -3.35 17.41 0.80
C LEU A 10 -2.81 18.84 0.67
N ASP A 11 -3.56 19.76 1.25
CA ASP A 11 -3.43 21.21 1.08
C ASP A 11 -2.98 21.80 2.41
N GLY A 12 -1.85 21.28 2.89
CA GLY A 12 -1.32 21.69 4.21
C GLY A 12 -2.07 21.10 5.41
N ARG A 13 -3.32 20.63 5.23
CA ARG A 13 -4.14 19.96 6.25
C ARG A 13 -4.18 18.46 6.01
N GLU A 14 -4.59 17.74 7.05
CA GLU A 14 -4.73 16.30 7.04
C GLU A 14 -5.94 15.89 6.20
N LYS A 15 -5.70 15.35 5.01
CA LYS A 15 -6.77 14.92 4.13
C LYS A 15 -7.06 13.43 4.27
N PRO A 16 -8.29 12.99 4.57
CA PRO A 16 -8.63 11.59 4.68
C PRO A 16 -8.54 10.84 3.35
N PHE A 17 -7.75 9.76 3.28
CA PHE A 17 -7.63 8.96 2.07
C PHE A 17 -8.49 7.72 2.15
N LYS A 18 -9.60 7.67 1.42
CA LYS A 18 -10.46 6.46 1.37
C LYS A 18 -9.74 5.25 0.85
N VAL A 19 -9.96 4.12 1.53
CA VAL A 19 -9.37 2.82 1.24
C VAL A 19 -10.33 1.73 1.66
N ASP A 20 -10.76 0.93 0.69
CA ASP A 20 -11.52 -0.29 0.88
C ASP A 20 -10.61 -1.49 1.17
N VAL A 21 -10.79 -2.08 2.35
CA VAL A 21 -10.09 -3.33 2.70
C VAL A 21 -10.24 -4.42 1.64
N ALA A 22 -11.43 -4.52 1.02
CA ALA A 22 -11.78 -5.51 0.01
C ALA A 22 -10.72 -5.52 -1.10
N THR A 23 -10.64 -4.43 -1.85
CA THR A 23 -9.63 -4.31 -2.91
C THR A 23 -8.25 -4.47 -2.31
N ALA A 24 -7.93 -3.82 -1.20
CA ALA A 24 -6.59 -3.79 -0.65
C ALA A 24 -6.04 -5.20 -0.43
N GLN A 25 -6.79 -5.99 0.32
CA GLN A 25 -6.52 -7.41 0.52
C GLN A 25 -6.51 -8.18 -0.80
N ALA A 26 -7.39 -7.86 -1.74
CA ALA A 26 -7.42 -8.48 -3.05
C ALA A 26 -6.10 -8.26 -3.77
N GLN A 27 -5.58 -7.02 -3.85
CA GLN A 27 -4.34 -6.67 -4.54
C GLN A 27 -3.14 -7.36 -3.89
N ALA A 28 -3.03 -7.28 -2.57
CA ALA A 28 -1.96 -7.94 -1.82
C ALA A 28 -1.94 -9.45 -2.05
N ARG A 29 -3.11 -10.09 -1.96
CA ARG A 29 -3.26 -11.53 -2.18
C ARG A 29 -3.04 -11.92 -3.63
N LYS A 30 -3.57 -11.12 -4.57
CA LYS A 30 -3.44 -11.31 -6.02
C LYS A 30 -1.99 -11.26 -6.45
N ALA A 31 -1.22 -10.34 -5.86
CA ALA A 31 0.20 -10.22 -6.12
C ALA A 31 1.03 -11.32 -5.47
N GLY A 32 0.66 -11.70 -4.24
CA GLY A 32 1.39 -12.72 -3.49
C GLY A 32 2.71 -12.18 -2.95
N LEU A 33 3.60 -13.07 -2.54
CA LEU A 33 4.89 -12.74 -1.91
C LEU A 33 6.06 -13.06 -2.86
N THR A 34 5.83 -12.90 -4.17
CA THR A 34 6.82 -13.25 -5.20
C THR A 34 6.68 -12.33 -6.40
N THR A 35 7.80 -11.70 -6.76
CA THR A 35 7.88 -10.82 -7.94
C THR A 35 9.08 -11.15 -8.81
N GLY A 36 9.10 -10.58 -10.01
CA GLY A 36 10.23 -10.67 -10.93
C GLY A 36 9.83 -10.52 -12.40
N LYS A 37 8.52 -10.56 -12.67
CA LYS A 37 7.91 -10.36 -13.99
C LYS A 37 8.07 -8.91 -14.48
N SER A 38 7.79 -7.95 -13.61
CA SER A 38 7.84 -6.51 -13.91
C SER A 38 8.55 -5.71 -12.82
N GLY A 39 8.00 -5.76 -11.61
CA GLY A 39 8.50 -5.04 -10.45
C GLY A 39 7.71 -5.33 -9.20
N ASP A 40 6.45 -5.73 -9.37
CA ASP A 40 5.53 -5.90 -8.26
C ASP A 40 5.13 -7.39 -8.12
N PRO A 41 4.88 -7.87 -6.90
CA PRO A 41 4.92 -7.12 -5.64
C PRO A 41 6.30 -6.68 -5.20
N HIS A 42 6.42 -5.82 -4.21
CA HIS A 42 7.75 -5.35 -3.78
C HIS A 42 8.00 -5.81 -2.36
N ARG A 43 9.23 -6.18 -2.05
CA ARG A 43 9.61 -6.59 -0.69
C ARG A 43 9.60 -5.38 0.23
N TYR A 44 8.95 -5.52 1.38
CA TYR A 44 8.93 -4.53 2.44
C TYR A 44 9.76 -5.07 3.61
N PHE A 45 10.83 -4.37 3.97
CA PHE A 45 11.63 -4.66 5.16
C PHE A 45 11.49 -3.49 6.13
N ALA A 46 11.46 -3.77 7.43
CA ALA A 46 11.39 -2.78 8.50
C ALA A 46 12.39 -1.62 8.29
N GLY A 47 11.86 -0.48 7.84
CA GLY A 47 12.70 0.65 7.43
C GLY A 47 11.95 1.96 7.57
N ASP A 48 10.72 1.99 7.06
CA ASP A 48 9.88 3.17 7.12
C ASP A 48 9.30 3.24 8.54
N HIS A 49 9.38 4.42 9.16
CA HIS A 49 8.84 4.69 10.49
C HIS A 49 7.30 4.58 10.52
N ILE A 50 6.77 3.36 10.59
CA ILE A 50 5.34 3.04 10.56
C ILE A 50 4.98 2.18 11.78
N ARG A 51 3.69 2.12 12.13
CA ARG A 51 3.13 1.33 13.18
C ARG A 51 1.76 0.84 12.71
N TRP A 52 1.66 -0.45 12.62
CA TRP A 52 0.35 -1.08 12.35
C TRP A 52 -0.37 -1.55 13.62
N GLY A 53 0.19 -1.22 14.79
CA GLY A 53 -0.28 -1.70 16.10
C GLY A 53 0.06 -3.18 16.39
N VAL A 54 0.09 -4.02 15.35
CA VAL A 54 0.47 -5.43 15.48
C VAL A 54 1.92 -5.54 16.00
N ASN A 55 2.18 -6.58 16.79
CA ASN A 55 3.52 -6.94 17.22
C ASN A 55 4.27 -7.89 16.24
N ASN A 56 3.69 -8.14 15.06
CA ASN A 56 4.29 -9.02 14.06
C ASN A 56 4.99 -8.23 12.95
N CYS A 57 4.40 -7.09 12.55
CA CYS A 57 4.97 -6.19 11.56
C CYS A 57 6.00 -5.25 12.14
N ASP A 58 5.84 -4.81 13.40
CA ASP A 58 6.82 -3.95 14.12
C ASP A 58 8.26 -4.49 14.08
N LYS A 59 8.39 -5.83 13.99
CA LYS A 59 9.64 -6.57 13.92
C LYS A 59 10.60 -5.95 12.93
N ALA A 60 11.89 -6.07 13.21
CA ALA A 60 12.91 -5.47 12.36
C ALA A 60 13.35 -6.43 11.24
N ASP A 61 13.61 -7.69 11.60
CA ASP A 61 14.05 -8.76 10.69
C ASP A 61 12.83 -9.54 10.13
N ALA A 62 11.71 -8.84 9.94
CA ALA A 62 10.51 -9.42 9.34
C ALA A 62 10.50 -9.28 7.79
N ILE A 63 9.65 -10.07 7.16
CA ILE A 63 9.49 -10.14 5.71
C ILE A 63 8.10 -9.69 5.37
N LEU A 64 7.96 -8.43 4.98
CA LEU A 64 6.70 -7.89 4.49
C LEU A 64 6.78 -7.67 2.98
N TRP A 65 5.69 -7.18 2.41
CA TRP A 65 5.55 -6.81 1.03
C TRP A 65 4.59 -5.65 0.87
N GLU A 66 4.73 -4.93 -0.24
CA GLU A 66 3.94 -3.75 -0.60
C GLU A 66 3.40 -3.86 -2.03
N TYR A 67 2.15 -3.43 -2.23
CA TYR A 67 1.50 -3.50 -3.54
C TYR A 67 0.60 -2.29 -3.79
N PRO A 68 0.54 -1.75 -5.01
CA PRO A 68 -0.29 -0.60 -5.34
C PRO A 68 -1.78 -0.93 -5.21
N ILE A 69 -2.58 0.10 -4.92
CA ILE A 69 -4.04 -0.01 -4.77
C ILE A 69 -4.72 1.25 -5.34
N TYR A 70 -5.91 1.06 -5.86
CA TYR A 70 -6.76 2.11 -6.38
C TYR A 70 -7.88 2.35 -5.38
N TRP A 71 -7.92 3.56 -4.79
CA TRP A 71 -9.05 4.01 -3.96
C TRP A 71 -10.39 4.00 -4.72
N VAL A 72 -11.46 4.38 -4.02
CA VAL A 72 -12.80 4.47 -4.62
C VAL A 72 -12.87 5.30 -5.92
N GLY A 73 -12.25 6.49 -5.91
CA GLY A 73 -12.29 7.45 -7.02
C GLY A 73 -11.77 6.84 -8.31
N LYS A 74 -10.63 6.12 -8.20
CA LYS A 74 -10.13 5.31 -9.30
C LYS A 74 -11.07 4.14 -9.66
N ASN A 75 -10.83 3.57 -10.84
CA ASN A 75 -11.60 2.41 -11.34
C ASN A 75 -10.72 1.31 -11.91
N ALA A 76 -9.61 1.70 -12.57
CA ALA A 76 -8.65 0.74 -13.10
C ALA A 76 -7.99 -0.07 -11.98
N GLU A 77 -7.17 -1.05 -12.36
CA GLU A 77 -6.48 -1.92 -11.42
C GLU A 77 -5.05 -2.17 -11.88
N TRP A 78 -4.20 -2.59 -10.94
CA TRP A 78 -2.83 -2.96 -11.24
C TRP A 78 -2.73 -4.35 -11.89
N ALA A 79 -1.86 -4.48 -12.88
CA ALA A 79 -1.58 -5.77 -13.51
C ALA A 79 -0.52 -6.60 -12.75
N LYS A 80 -0.19 -7.77 -13.30
CA LYS A 80 0.88 -8.63 -12.76
C LYS A 80 2.26 -8.25 -13.31
N ASP A 81 2.38 -8.15 -14.64
CA ASP A 81 3.61 -7.85 -15.37
C ASP A 81 3.60 -6.40 -15.90
N VAL A 82 3.43 -5.43 -15.00
CA VAL A 82 3.45 -4.02 -15.40
C VAL A 82 4.22 -3.20 -14.38
N LYS A 83 5.14 -2.37 -14.88
CA LYS A 83 5.84 -1.41 -14.04
C LYS A 83 5.00 -0.15 -13.85
N THR A 84 5.20 0.56 -12.73
CA THR A 84 4.57 1.85 -12.37
C THR A 84 4.42 2.83 -13.53
N SER A 85 5.52 3.14 -14.22
CA SER A 85 5.49 4.00 -15.41
C SER A 85 4.50 3.51 -16.47
N GLN A 86 4.67 2.25 -16.92
CA GLN A 86 3.76 1.63 -17.88
C GLN A 86 2.30 1.63 -17.43
N GLN A 87 2.05 1.49 -16.11
CA GLN A 87 0.75 1.46 -15.45
C GLN A 87 -0.17 2.53 -16.00
N LYS A 88 -1.11 2.09 -16.82
CA LYS A 88 -2.01 3.00 -17.52
C LYS A 88 -3.00 3.61 -16.55
N GLY A 89 -3.56 2.79 -15.65
CA GLY A 89 -4.57 3.17 -14.66
C GLY A 89 -4.25 4.49 -13.96
N GLY A 90 -3.05 4.61 -13.43
CA GLY A 90 -2.50 5.86 -12.91
C GLY A 90 -1.68 5.62 -11.66
N PRO A 91 -0.86 6.61 -11.27
CA PRO A 91 -0.04 6.58 -10.07
C PRO A 91 -0.91 6.63 -8.81
N THR A 92 -0.47 5.90 -7.80
CA THR A 92 -1.13 5.78 -6.51
C THR A 92 -0.10 5.68 -5.37
N PRO A 93 -0.17 6.60 -4.40
CA PRO A 93 0.68 6.60 -3.23
C PRO A 93 0.34 5.47 -2.27
N ILE A 94 -0.96 5.16 -2.15
CA ILE A 94 -1.46 4.10 -1.29
C ILE A 94 -0.91 2.76 -1.79
N ARG A 95 -0.35 1.98 -0.87
CA ARG A 95 0.12 0.62 -1.14
C ARG A 95 -0.25 -0.33 0.00
N VAL A 96 -1.00 -1.39 -0.31
CA VAL A 96 -1.28 -2.46 0.67
C VAL A 96 0.00 -3.11 1.16
N VAL A 97 0.08 -3.35 2.48
CA VAL A 97 1.19 -4.02 3.15
C VAL A 97 0.73 -5.32 3.81
N TYR A 98 1.55 -6.35 3.66
CA TYR A 98 1.28 -7.69 4.14
C TYR A 98 2.56 -8.34 4.61
N ALA A 99 2.43 -9.16 5.65
CA ALA A 99 3.57 -9.91 6.20
C ALA A 99 3.58 -11.33 5.66
N ASN A 100 4.76 -11.95 5.66
CA ASN A 100 5.01 -13.34 5.26
C ASN A 100 5.05 -14.25 6.51
N SER A 101 3.93 -14.35 7.23
CA SER A 101 3.92 -15.23 8.40
C SER A 101 4.08 -16.70 7.99
N ARG A 102 3.13 -17.23 7.20
CA ARG A 102 3.05 -18.63 6.76
C ARG A 102 2.88 -18.74 5.25
N GLY A 103 3.82 -18.15 4.49
CA GLY A 103 3.69 -18.14 3.02
C GLY A 103 2.38 -17.52 2.51
N ALA A 104 1.79 -16.60 3.28
CA ALA A 104 0.52 -15.94 2.98
C ALA A 104 0.59 -14.49 3.42
N VAL A 105 -0.46 -13.73 3.11
CA VAL A 105 -0.61 -12.32 3.41
C VAL A 105 -1.50 -12.15 4.63
N GLN A 106 -0.97 -11.54 5.68
CA GLN A 106 -1.80 -11.25 6.86
C GLN A 106 -2.53 -9.91 6.79
N TYR A 107 -2.57 -9.27 5.61
CA TYR A 107 -3.09 -7.91 5.40
C TYR A 107 -2.63 -7.00 6.56
N CYS A 108 -1.32 -6.90 6.77
CA CYS A 108 -0.78 -6.07 7.86
C CYS A 108 -1.43 -4.68 7.92
N GLY A 109 -1.74 -4.11 6.76
CA GLY A 109 -2.55 -2.92 6.60
C GLY A 109 -2.13 -2.16 5.36
N VAL A 110 -2.94 -1.20 4.94
CA VAL A 110 -2.61 -0.37 3.78
C VAL A 110 -2.00 0.94 4.26
N MET A 111 -0.96 1.40 3.56
CA MET A 111 -0.30 2.69 3.82
C MET A 111 -0.50 3.64 2.66
N THR A 112 -0.03 4.86 2.82
CA THR A 112 0.00 5.91 1.83
C THR A 112 1.11 6.92 2.06
N HIS A 113 1.23 7.87 1.14
CA HIS A 113 2.10 9.02 1.30
C HIS A 113 1.40 10.25 1.83
N SER A 114 2.19 11.09 2.50
CA SER A 114 1.69 12.35 3.07
C SER A 114 1.67 13.46 2.02
N LYS A 115 2.61 13.49 1.08
CA LYS A 115 2.62 14.53 0.02
C LYS A 115 1.70 14.20 -1.17
N VAL A 116 0.46 14.68 -1.20
CA VAL A 116 -0.50 14.35 -2.27
C VAL A 116 -1.24 15.60 -2.71
N ASP A 117 -0.95 16.10 -3.92
CA ASP A 117 -1.65 17.30 -4.42
C ASP A 117 -2.68 16.90 -5.49
N LYS A 118 -2.16 16.50 -6.65
CA LYS A 118 -2.94 16.10 -7.84
C LYS A 118 -2.57 14.70 -8.32
N ASN A 119 -1.29 14.53 -8.67
CA ASN A 119 -0.79 13.24 -9.14
C ASN A 119 -0.70 12.24 -7.97
N ASN A 120 -0.55 12.73 -6.74
CA ASN A 120 -0.48 11.90 -5.54
C ASN A 120 0.87 11.17 -5.47
N GLN A 121 1.96 11.92 -5.69
CA GLN A 121 3.29 11.32 -5.76
C GLN A 121 3.67 10.73 -4.41
N GLY A 122 3.87 11.61 -3.43
CA GLY A 122 4.26 11.27 -2.07
C GLY A 122 5.75 11.38 -1.85
N LYS A 123 6.13 12.09 -0.78
CA LYS A 123 7.53 12.35 -0.46
C LYS A 123 7.88 12.07 0.99
N GLU A 124 7.17 12.75 1.91
CA GLU A 124 7.29 12.55 3.35
C GLU A 124 7.15 11.06 3.69
N PHE A 125 7.44 10.72 4.95
CA PHE A 125 7.27 9.37 5.46
C PHE A 125 5.90 8.74 5.11
N PHE A 126 5.83 7.43 5.30
CA PHE A 126 4.63 6.69 4.96
C PHE A 126 3.71 6.58 6.17
N GLU A 127 2.42 6.82 5.92
CA GLU A 127 1.39 6.80 6.96
C GLU A 127 0.45 5.65 6.67
N LYS A 128 0.24 4.79 7.67
CA LYS A 128 -0.75 3.71 7.59
C LYS A 128 -2.17 4.26 7.73
N CYS A 129 -3.12 3.61 7.06
CA CYS A 129 -4.54 3.86 7.24
C CYS A 129 -5.08 3.29 8.58
N ASP A 130 -6.34 3.61 8.91
CA ASP A 130 -7.08 3.16 10.10
C ASP A 130 -8.61 3.21 9.90
N ALA A 1 -16.05 -1.45 10.63
CA ALA A 1 -16.39 -1.34 9.20
C ALA A 1 -15.18 -1.67 8.36
N PRO A 2 -15.34 -2.42 7.26
CA PRO A 2 -14.25 -2.75 6.33
C PRO A 2 -13.73 -1.53 5.55
N ILE A 3 -14.55 -0.50 5.43
CA ILE A 3 -14.18 0.74 4.77
C ILE A 3 -13.44 1.65 5.73
N VAL A 4 -12.27 2.09 5.29
CA VAL A 4 -11.42 3.01 6.03
C VAL A 4 -10.97 4.16 5.17
N THR A 5 -10.12 5.02 5.75
CA THR A 5 -9.53 6.16 5.07
C THR A 5 -8.16 6.59 5.59
N CYS A 6 -7.19 6.77 4.70
CA CYS A 6 -5.87 7.17 5.18
C CYS A 6 -5.96 8.55 5.84
N ARG A 7 -4.93 8.94 6.60
CA ARG A 7 -4.76 10.33 7.09
C ARG A 7 -3.55 11.11 6.49
N PRO A 8 -3.32 11.05 5.16
CA PRO A 8 -2.23 11.72 4.49
C PRO A 8 -2.41 13.23 4.53
N LYS A 9 -1.47 13.94 3.93
CA LYS A 9 -1.49 15.40 3.80
C LYS A 9 -1.88 15.85 2.38
N LEU A 10 -3.06 16.45 2.29
CA LEU A 10 -3.47 17.03 1.01
C LEU A 10 -3.08 18.52 0.97
N ASP A 11 -3.86 19.33 1.67
CA ASP A 11 -3.82 20.79 1.57
C ASP A 11 -3.23 21.32 2.88
N GLY A 12 -2.06 20.81 3.23
CA GLY A 12 -1.47 21.17 4.53
C GLY A 12 -2.16 20.57 5.74
N ARG A 13 -3.33 19.94 5.56
CA ARG A 13 -4.09 19.26 6.61
C ARG A 13 -4.28 17.80 6.26
N GLU A 14 -4.67 17.03 7.28
CA GLU A 14 -4.94 15.61 7.15
C GLU A 14 -6.24 15.38 6.39
N LYS A 15 -6.13 14.78 5.20
CA LYS A 15 -7.30 14.49 4.36
C LYS A 15 -7.60 13.00 4.35
N PRO A 16 -8.87 12.59 4.56
CA PRO A 16 -9.30 11.20 4.49
C PRO A 16 -9.19 10.62 3.09
N PHE A 17 -8.24 9.72 2.87
CA PHE A 17 -8.06 9.09 1.57
C PHE A 17 -8.90 7.83 1.47
N LYS A 18 -9.90 7.79 0.62
CA LYS A 18 -10.78 6.64 0.43
C LYS A 18 -10.01 5.35 0.21
N VAL A 19 -10.19 4.36 1.10
CA VAL A 19 -9.44 3.10 1.06
C VAL A 19 -10.23 1.98 1.71
N ASP A 20 -10.73 1.03 0.93
CA ASP A 20 -11.45 -0.09 1.52
C ASP A 20 -10.53 -1.29 1.75
N VAL A 21 -10.80 -2.03 2.82
CA VAL A 21 -10.03 -3.24 3.14
C VAL A 21 -10.17 -4.29 2.05
N ALA A 22 -11.39 -4.48 1.51
CA ALA A 22 -11.69 -5.54 0.54
C ALA A 22 -10.74 -5.41 -0.64
N THR A 23 -10.66 -4.17 -1.17
CA THR A 23 -9.75 -3.89 -2.27
C THR A 23 -8.31 -4.08 -1.81
N ALA A 24 -7.87 -3.43 -0.74
CA ALA A 24 -6.50 -3.54 -0.25
C ALA A 24 -6.01 -4.98 -0.14
N GLN A 25 -6.81 -5.83 0.48
CA GLN A 25 -6.54 -7.25 0.62
C GLN A 25 -6.52 -7.95 -0.73
N ALA A 26 -7.52 -7.68 -1.58
CA ALA A 26 -7.60 -8.26 -2.91
C ALA A 26 -6.31 -8.03 -3.68
N GLN A 27 -5.70 -6.85 -3.55
CA GLN A 27 -4.46 -6.49 -4.25
C GLN A 27 -3.27 -7.20 -3.63
N ALA A 28 -3.15 -7.13 -2.30
CA ALA A 28 -2.06 -7.80 -1.58
C ALA A 28 -1.98 -9.29 -1.87
N ARG A 29 -3.14 -9.95 -1.78
CA ARG A 29 -3.25 -11.37 -2.07
C ARG A 29 -2.97 -11.63 -3.54
N LYS A 30 -3.68 -10.92 -4.43
CA LYS A 30 -3.54 -11.10 -5.88
C LYS A 30 -2.07 -11.02 -6.30
N ALA A 31 -1.33 -10.06 -5.73
CA ALA A 31 0.09 -9.92 -6.00
C ALA A 31 0.93 -11.02 -5.34
N GLY A 32 0.53 -11.42 -4.11
CA GLY A 32 1.23 -12.45 -3.36
C GLY A 32 2.59 -11.95 -2.87
N LEU A 33 3.50 -12.88 -2.58
CA LEU A 33 4.83 -12.56 -2.03
C LEU A 33 5.92 -12.93 -3.03
N THR A 34 5.63 -12.72 -4.32
CA THR A 34 6.57 -13.12 -5.38
C THR A 34 6.57 -12.06 -6.47
N THR A 35 7.70 -11.39 -6.64
CA THR A 35 7.88 -10.42 -7.72
C THR A 35 9.03 -10.79 -8.65
N GLY A 36 9.00 -10.23 -9.86
CA GLY A 36 10.10 -10.41 -10.81
C GLY A 36 9.64 -10.29 -12.25
N LYS A 37 8.32 -10.38 -12.47
CA LYS A 37 7.70 -10.23 -13.79
C LYS A 37 7.83 -8.79 -14.30
N SER A 38 7.55 -7.82 -13.43
CA SER A 38 7.61 -6.40 -13.76
C SER A 38 8.33 -5.59 -12.69
N GLY A 39 7.82 -5.65 -11.47
CA GLY A 39 8.37 -4.89 -10.36
C GLY A 39 7.59 -5.10 -9.10
N ASP A 40 6.30 -5.49 -9.23
CA ASP A 40 5.40 -5.54 -8.10
C ASP A 40 4.90 -6.99 -7.95
N PRO A 41 4.59 -7.40 -6.71
CA PRO A 41 4.78 -6.63 -5.46
C PRO A 41 6.24 -6.34 -5.10
N HIS A 42 6.48 -5.64 -4.01
CA HIS A 42 7.86 -5.32 -3.62
C HIS A 42 8.12 -5.84 -2.21
N ARG A 43 9.38 -6.14 -1.92
CA ARG A 43 9.78 -6.61 -0.59
C ARG A 43 9.85 -5.45 0.38
N TYR A 44 8.91 -5.41 1.33
CA TYR A 44 8.96 -4.41 2.39
C TYR A 44 9.79 -4.94 3.57
N PHE A 45 10.62 -4.07 4.14
CA PHE A 45 11.31 -4.37 5.39
C PHE A 45 11.15 -3.20 6.35
N ALA A 46 10.91 -3.50 7.63
CA ALA A 46 10.85 -2.52 8.72
C ALA A 46 11.93 -1.42 8.65
N GLY A 47 11.56 -0.24 8.17
CA GLY A 47 12.55 0.80 7.89
C GLY A 47 11.91 2.17 7.85
N ASP A 48 10.65 2.24 7.41
CA ASP A 48 9.90 3.49 7.41
C ASP A 48 9.37 3.83 8.82
N HIS A 49 9.79 3.08 9.84
CA HIS A 49 9.32 3.30 11.21
C HIS A 49 7.79 3.12 11.31
N ILE A 50 7.29 2.01 10.78
CA ILE A 50 5.86 1.74 10.75
C ILE A 50 5.61 0.45 11.50
N ARG A 51 5.16 0.59 12.74
CA ARG A 51 4.79 -0.58 13.56
C ARG A 51 3.47 -1.19 13.18
N TRP A 52 2.58 -0.36 12.58
CA TRP A 52 1.23 -0.77 12.15
C TRP A 52 0.33 -1.15 13.32
N GLY A 53 0.50 -0.47 14.47
CA GLY A 53 -0.21 -0.81 15.72
C GLY A 53 -0.24 -2.31 16.03
N VAL A 54 0.80 -3.04 15.63
CA VAL A 54 0.87 -4.49 15.77
C VAL A 54 2.30 -4.88 16.07
N ASN A 55 2.47 -6.05 16.69
CA ASN A 55 3.77 -6.60 17.05
C ASN A 55 4.37 -7.42 15.91
N ASN A 56 3.56 -8.27 15.24
CA ASN A 56 4.02 -9.10 14.12
C ASN A 56 4.86 -8.30 13.10
N CYS A 57 4.35 -7.11 12.74
CA CYS A 57 5.08 -6.15 11.92
C CYS A 57 6.08 -5.30 12.66
N ASP A 58 5.83 -4.91 13.93
CA ASP A 58 6.76 -4.17 14.81
C ASP A 58 8.21 -4.66 14.76
N LYS A 59 8.40 -5.97 14.55
CA LYS A 59 9.71 -6.55 14.25
C LYS A 59 10.56 -5.70 13.27
N ALA A 60 11.87 -5.93 13.33
CA ALA A 60 12.78 -5.17 12.49
C ALA A 60 13.28 -6.03 11.33
N ASP A 61 13.67 -7.28 11.61
CA ASP A 61 14.16 -8.24 10.60
C ASP A 61 12.99 -9.12 10.05
N ALA A 62 11.80 -8.56 10.02
CA ALA A 62 10.68 -9.32 9.48
C ALA A 62 10.65 -9.31 7.95
N ILE A 63 9.59 -9.91 7.40
CA ILE A 63 9.42 -10.00 5.95
C ILE A 63 8.08 -9.45 5.56
N LEU A 64 8.04 -8.19 5.13
CA LEU A 64 6.81 -7.53 4.69
C LEU A 64 6.80 -7.44 3.17
N TRP A 65 5.67 -7.01 2.65
CA TRP A 65 5.46 -6.83 1.22
C TRP A 65 4.53 -5.69 0.97
N GLU A 66 4.90 -4.82 0.03
CA GLU A 66 4.11 -3.67 -0.39
C GLU A 66 3.58 -3.83 -1.81
N TYR A 67 2.35 -3.37 -2.04
CA TYR A 67 1.74 -3.47 -3.37
C TYR A 67 0.76 -2.34 -3.67
N PRO A 68 0.76 -1.74 -4.88
CA PRO A 68 -0.08 -0.61 -5.23
C PRO A 68 -1.57 -0.97 -5.27
N ILE A 69 -2.44 0.03 -5.23
CA ILE A 69 -3.87 -0.24 -5.30
C ILE A 69 -4.58 1.00 -5.83
N TYR A 70 -5.80 0.82 -6.33
CA TYR A 70 -6.65 1.88 -6.81
C TYR A 70 -7.79 2.11 -5.82
N TRP A 71 -7.80 3.28 -5.17
CA TRP A 71 -8.91 3.70 -4.31
C TRP A 71 -10.28 3.66 -5.02
N VAL A 72 -11.32 4.05 -4.29
CA VAL A 72 -12.66 4.12 -4.88
C VAL A 72 -12.76 5.11 -6.05
N GLY A 73 -12.12 6.28 -5.91
CA GLY A 73 -12.14 7.33 -6.93
C GLY A 73 -11.60 6.83 -8.27
N LYS A 74 -10.52 6.04 -8.23
CA LYS A 74 -9.99 5.38 -9.42
C LYS A 74 -10.96 4.35 -10.03
N ASN A 75 -10.61 3.83 -11.20
CA ASN A 75 -11.37 2.78 -11.86
C ASN A 75 -10.48 1.64 -12.37
N ALA A 76 -9.36 2.01 -13.00
CA ALA A 76 -8.42 1.02 -13.51
C ALA A 76 -7.84 0.16 -12.37
N GLU A 77 -7.06 -0.84 -12.74
CA GLU A 77 -6.36 -1.70 -11.79
C GLU A 77 -4.96 -2.02 -12.29
N TRP A 78 -4.06 -2.25 -11.33
CA TRP A 78 -2.70 -2.66 -11.61
C TRP A 78 -2.67 -4.00 -12.34
N ALA A 79 -1.57 -4.25 -13.05
CA ALA A 79 -1.35 -5.52 -13.75
C ALA A 79 -0.32 -6.40 -13.05
N LYS A 80 0.02 -7.52 -13.67
CA LYS A 80 1.02 -8.45 -13.15
C LYS A 80 2.42 -8.13 -13.69
N ASP A 81 2.58 -8.30 -14.99
CA ASP A 81 3.84 -8.06 -15.71
C ASP A 81 3.89 -6.64 -16.34
N VAL A 82 3.66 -5.61 -15.54
CA VAL A 82 3.68 -4.24 -16.06
C VAL A 82 4.34 -3.30 -15.06
N LYS A 83 5.31 -2.52 -15.54
CA LYS A 83 5.99 -1.52 -14.70
C LYS A 83 5.07 -0.35 -14.37
N THR A 84 5.52 0.56 -13.52
CA THR A 84 4.78 1.78 -13.17
C THR A 84 4.47 2.67 -14.37
N SER A 85 5.47 3.17 -15.10
CA SER A 85 5.26 4.03 -16.27
C SER A 85 4.25 3.42 -17.25
N GLN A 86 4.51 2.18 -17.67
CA GLN A 86 3.59 1.46 -18.54
C GLN A 86 2.19 1.31 -17.94
N GLN A 87 2.09 1.01 -16.64
CA GLN A 87 0.85 0.84 -15.88
C GLN A 87 -0.23 1.82 -16.33
N LYS A 88 -1.31 1.27 -16.85
CA LYS A 88 -2.38 2.08 -17.42
C LYS A 88 -3.43 2.32 -16.36
N GLY A 89 -3.55 3.57 -15.92
CA GLY A 89 -4.58 3.92 -14.93
C GLY A 89 -4.23 5.19 -14.20
N GLY A 90 -3.05 5.24 -13.58
CA GLY A 90 -2.59 6.43 -12.88
C GLY A 90 -1.75 6.09 -11.65
N PRO A 91 -0.99 7.06 -11.15
CA PRO A 91 -0.16 6.91 -9.96
C PRO A 91 -0.99 6.78 -8.68
N THR A 92 -0.44 6.04 -7.74
CA THR A 92 -1.09 5.72 -6.47
C THR A 92 -0.06 5.58 -5.34
N PRO A 93 -0.02 6.55 -4.41
CA PRO A 93 0.86 6.53 -3.28
C PRO A 93 0.48 5.46 -2.27
N ILE A 94 -0.80 5.10 -2.22
CA ILE A 94 -1.33 4.09 -1.33
C ILE A 94 -0.90 2.70 -1.76
N ARG A 95 -0.28 1.95 -0.84
CA ARG A 95 0.15 0.57 -1.11
C ARG A 95 -0.19 -0.35 0.04
N VAL A 96 -0.86 -1.46 -0.23
CA VAL A 96 -1.14 -2.47 0.77
C VAL A 96 0.14 -3.12 1.31
N VAL A 97 0.20 -3.31 2.62
CA VAL A 97 1.33 -3.96 3.30
C VAL A 97 0.92 -5.23 4.03
N TYR A 98 1.72 -6.27 3.88
CA TYR A 98 1.39 -7.58 4.41
C TYR A 98 2.67 -8.32 4.76
N ALA A 99 2.64 -9.02 5.90
CA ALA A 99 3.78 -9.82 6.33
C ALA A 99 3.75 -11.24 5.72
N ASN A 100 4.91 -11.90 5.70
CA ASN A 100 5.05 -13.27 5.21
C ASN A 100 4.77 -14.25 6.38
N SER A 101 3.51 -14.53 6.63
CA SER A 101 3.16 -15.48 7.68
C SER A 101 2.70 -16.79 7.08
N ARG A 102 3.64 -17.72 6.83
CA ARG A 102 3.29 -19.01 6.21
C ARG A 102 2.73 -18.86 4.78
N GLY A 103 3.24 -17.86 4.05
CA GLY A 103 2.75 -17.55 2.70
C GLY A 103 1.41 -16.78 2.70
N ALA A 104 0.51 -17.07 3.65
CA ALA A 104 -0.76 -16.36 3.76
C ALA A 104 -0.53 -14.95 4.29
N VAL A 105 -0.81 -13.94 3.46
CA VAL A 105 -0.68 -12.55 3.87
C VAL A 105 -1.53 -12.28 5.11
N GLN A 106 -0.97 -11.52 6.05
CA GLN A 106 -1.72 -11.15 7.25
C GLN A 106 -2.38 -9.78 7.11
N TYR A 107 -2.35 -9.18 5.91
CA TYR A 107 -2.85 -7.81 5.64
C TYR A 107 -2.45 -6.88 6.79
N CYS A 108 -1.15 -6.77 7.07
CA CYS A 108 -0.67 -5.91 8.16
C CYS A 108 -1.34 -4.53 8.15
N GLY A 109 -1.61 -4.02 6.94
CA GLY A 109 -2.38 -2.80 6.75
C GLY A 109 -1.88 -2.05 5.53
N VAL A 110 -2.64 -1.08 5.08
CA VAL A 110 -2.28 -0.31 3.90
C VAL A 110 -1.66 1.01 4.31
N MET A 111 -0.77 1.56 3.51
CA MET A 111 -0.04 2.81 3.82
C MET A 111 -0.24 3.79 2.70
N THR A 112 0.17 5.03 2.91
CA THR A 112 0.10 6.08 1.90
C THR A 112 1.11 7.17 2.18
N HIS A 113 1.52 7.86 1.12
CA HIS A 113 2.41 9.01 1.29
C HIS A 113 1.70 10.22 1.91
N SER A 114 2.51 11.17 2.35
CA SER A 114 1.97 12.37 2.98
C SER A 114 1.63 13.37 1.89
N LYS A 115 2.57 13.80 1.03
CA LYS A 115 2.29 14.76 -0.05
C LYS A 115 1.39 14.14 -1.12
N VAL A 116 0.12 14.53 -1.13
CA VAL A 116 -0.85 14.00 -2.08
C VAL A 116 -1.85 15.06 -2.47
N ASP A 117 -1.73 15.65 -3.64
CA ASP A 117 -2.67 16.68 -4.08
C ASP A 117 -3.50 16.19 -5.26
N LYS A 118 -2.86 16.14 -6.43
CA LYS A 118 -3.49 15.71 -7.67
C LYS A 118 -2.77 14.51 -8.27
N ASN A 119 -1.45 14.63 -8.37
CA ASN A 119 -0.63 13.57 -8.93
C ASN A 119 -0.46 12.43 -7.95
N ASN A 120 -0.31 12.73 -6.65
CA ASN A 120 -0.23 11.72 -5.58
C ASN A 120 1.15 11.04 -5.59
N GLN A 121 2.20 11.86 -5.69
CA GLN A 121 3.56 11.35 -5.78
C GLN A 121 3.98 10.78 -4.44
N GLY A 122 4.21 11.65 -3.45
CA GLY A 122 4.64 11.29 -2.12
C GLY A 122 6.13 11.49 -1.90
N LYS A 123 6.45 12.15 -0.79
CA LYS A 123 7.81 12.51 -0.41
C LYS A 123 8.13 12.15 1.02
N GLU A 124 7.29 12.60 1.95
CA GLU A 124 7.43 12.29 3.38
C GLU A 124 7.42 10.77 3.61
N PHE A 125 7.65 10.40 4.87
CA PHE A 125 7.59 8.99 5.25
C PHE A 125 6.23 8.35 4.89
N PHE A 126 6.25 7.03 4.82
CA PHE A 126 5.03 6.26 4.61
C PHE A 126 4.10 6.23 5.84
N GLU A 127 2.94 6.85 5.69
CA GLU A 127 1.96 6.93 6.77
C GLU A 127 0.95 5.79 6.60
N LYS A 128 1.01 4.80 7.49
CA LYS A 128 0.03 3.72 7.54
C LYS A 128 -1.39 4.30 7.58
N CYS A 129 -2.23 3.90 6.63
CA CYS A 129 -3.65 4.21 6.64
C CYS A 129 -4.34 3.76 7.94
N ASP A 130 -5.59 4.17 8.07
CA ASP A 130 -6.40 3.82 9.23
C ASP A 130 -7.89 3.78 8.97
N ALA A 1 -17.46 -0.54 8.23
CA ALA A 1 -17.60 -0.44 6.77
C ALA A 1 -16.33 -0.93 6.10
N PRO A 2 -16.44 -1.69 5.00
CA PRO A 2 -15.30 -2.17 4.20
C PRO A 2 -14.55 -1.04 3.45
N ILE A 3 -14.94 0.20 3.64
CA ILE A 3 -14.37 1.38 3.03
C ILE A 3 -13.89 2.32 4.12
N VAL A 4 -12.59 2.33 4.31
CA VAL A 4 -11.95 3.27 5.21
C VAL A 4 -11.44 4.52 4.49
N THR A 5 -10.82 5.43 5.25
CA THR A 5 -10.25 6.65 4.73
C THR A 5 -8.98 7.08 5.43
N CYS A 6 -7.84 7.00 4.74
CA CYS A 6 -6.56 7.38 5.33
C CYS A 6 -6.62 8.82 5.85
N ARG A 7 -5.65 9.22 6.69
CA ARG A 7 -5.45 10.60 7.17
C ARG A 7 -4.15 11.26 6.66
N PRO A 8 -3.83 11.15 5.36
CA PRO A 8 -2.64 11.75 4.77
C PRO A 8 -2.73 13.27 4.77
N LYS A 9 -1.67 13.90 4.27
CA LYS A 9 -1.58 15.35 4.13
C LYS A 9 -1.66 15.79 2.67
N LEU A 10 -2.49 16.79 2.41
CA LEU A 10 -2.55 17.38 1.08
C LEU A 10 -1.80 18.71 1.06
N ASP A 11 -2.47 19.73 1.58
CA ASP A 11 -2.05 21.14 1.52
C ASP A 11 -1.89 21.69 2.93
N GLY A 12 -1.34 20.86 3.82
CA GLY A 12 -1.17 21.22 5.22
C GLY A 12 -2.27 20.68 6.13
N ARG A 13 -3.48 20.46 5.61
CA ARG A 13 -4.60 19.88 6.36
C ARG A 13 -4.77 18.41 6.02
N GLU A 14 -5.08 17.61 7.03
CA GLU A 14 -5.33 16.17 6.91
C GLU A 14 -6.51 15.93 5.96
N LYS A 15 -6.24 15.28 4.83
CA LYS A 15 -7.27 14.98 3.84
C LYS A 15 -7.63 13.49 3.85
N PRO A 16 -8.92 13.13 3.94
CA PRO A 16 -9.40 11.76 3.91
C PRO A 16 -9.14 11.08 2.57
N PHE A 17 -8.35 10.00 2.56
CA PHE A 17 -8.06 9.25 1.35
C PHE A 17 -8.83 7.94 1.32
N LYS A 18 -9.79 7.83 0.40
CA LYS A 18 -10.59 6.61 0.25
C LYS A 18 -9.72 5.39 0.12
N VAL A 19 -10.15 4.31 0.75
CA VAL A 19 -9.44 3.04 0.83
C VAL A 19 -10.45 1.92 1.10
N ASP A 20 -10.55 1.00 0.17
CA ASP A 20 -11.33 -0.23 0.31
C ASP A 20 -10.51 -1.41 0.82
N VAL A 21 -10.86 -1.89 2.01
CA VAL A 21 -10.20 -3.07 2.60
C VAL A 21 -10.30 -4.29 1.69
N ALA A 22 -11.49 -4.56 1.15
CA ALA A 22 -11.80 -5.73 0.34
C ALA A 22 -10.80 -5.81 -0.80
N THR A 23 -10.63 -4.70 -1.52
CA THR A 23 -9.65 -4.62 -2.60
C THR A 23 -8.24 -4.79 -2.10
N ALA A 24 -7.86 -4.10 -1.02
CA ALA A 24 -6.54 -4.20 -0.45
C ALA A 24 -6.16 -5.65 -0.13
N GLN A 25 -7.04 -6.39 0.54
CA GLN A 25 -6.81 -7.80 0.83
C GLN A 25 -6.79 -8.66 -0.44
N ALA A 26 -7.70 -8.37 -1.39
CA ALA A 26 -7.81 -9.09 -2.65
C ALA A 26 -6.47 -9.08 -3.38
N GLN A 27 -5.95 -7.89 -3.66
CA GLN A 27 -4.68 -7.73 -4.35
C GLN A 27 -3.51 -8.29 -3.52
N ALA A 28 -3.55 -8.12 -2.18
CA ALA A 28 -2.50 -8.59 -1.29
C ALA A 28 -2.28 -10.09 -1.47
N ARG A 29 -3.34 -10.88 -1.26
CA ARG A 29 -3.26 -12.33 -1.46
C ARG A 29 -3.03 -12.69 -2.92
N LYS A 30 -3.60 -11.91 -3.85
CA LYS A 30 -3.46 -12.14 -5.29
C LYS A 30 -2.00 -12.10 -5.73
N ALA A 31 -1.34 -10.96 -5.49
CA ALA A 31 0.07 -10.78 -5.80
C ALA A 31 0.95 -11.74 -5.00
N GLY A 32 0.57 -12.04 -3.76
CA GLY A 32 1.33 -12.91 -2.89
C GLY A 32 2.59 -12.20 -2.39
N LEU A 33 3.57 -12.99 -1.97
CA LEU A 33 4.81 -12.51 -1.35
C LEU A 33 6.02 -12.80 -2.24
N THR A 34 5.84 -12.61 -3.55
CA THR A 34 6.87 -12.89 -4.53
C THR A 34 6.71 -11.99 -5.75
N THR A 35 7.76 -11.24 -6.07
CA THR A 35 7.81 -10.38 -7.25
C THR A 35 9.04 -10.65 -8.09
N GLY A 36 8.94 -10.33 -9.37
CA GLY A 36 10.06 -10.47 -10.30
C GLY A 36 9.64 -10.52 -11.76
N LYS A 37 8.55 -9.84 -12.10
CA LYS A 37 7.97 -9.77 -13.45
C LYS A 37 8.01 -8.37 -14.03
N SER A 38 7.60 -7.40 -13.21
CA SER A 38 7.56 -5.99 -13.62
C SER A 38 8.10 -5.08 -12.53
N GLY A 39 7.41 -5.03 -11.40
CA GLY A 39 7.77 -4.17 -10.31
C GLY A 39 6.78 -4.26 -9.18
N ASP A 40 6.04 -5.36 -9.05
CA ASP A 40 5.07 -5.59 -7.98
C ASP A 40 4.72 -7.09 -7.81
N PRO A 41 4.42 -7.51 -6.57
CA PRO A 41 4.50 -6.71 -5.34
C PRO A 41 5.91 -6.27 -4.96
N HIS A 42 6.09 -5.54 -3.87
CA HIS A 42 7.44 -5.09 -3.47
C HIS A 42 7.75 -5.62 -2.08
N ARG A 43 9.03 -5.83 -1.79
CA ARG A 43 9.49 -6.31 -0.49
C ARG A 43 9.50 -5.17 0.52
N TYR A 44 8.57 -5.20 1.48
CA TYR A 44 8.53 -4.25 2.57
C TYR A 44 9.43 -4.71 3.72
N PHE A 45 10.34 -3.86 4.17
CA PHE A 45 11.25 -4.12 5.30
C PHE A 45 11.34 -2.95 6.28
N ALA A 46 10.19 -2.36 6.61
CA ALA A 46 10.16 -1.18 7.48
C ALA A 46 11.04 -0.03 6.96
N GLY A 47 10.98 0.21 5.65
CA GLY A 47 11.80 1.24 5.01
C GLY A 47 11.24 2.64 5.22
N ASP A 48 9.91 2.74 5.36
CA ASP A 48 9.23 4.01 5.56
C ASP A 48 9.06 4.35 7.03
N HIS A 49 9.76 3.62 7.91
CA HIS A 49 9.72 3.77 9.36
C HIS A 49 8.29 3.76 9.91
N ILE A 50 7.51 2.76 9.50
CA ILE A 50 6.10 2.65 9.90
C ILE A 50 5.97 1.72 11.10
N ARG A 51 4.83 1.76 11.79
CA ARG A 51 4.48 0.93 12.91
C ARG A 51 3.01 0.56 12.78
N TRP A 52 2.78 -0.70 12.63
CA TRP A 52 1.41 -1.22 12.66
C TRP A 52 1.01 -1.70 14.05
N GLY A 53 1.91 -1.59 15.02
CA GLY A 53 1.72 -2.12 16.38
C GLY A 53 1.83 -3.64 16.47
N VAL A 54 1.74 -4.35 15.34
CA VAL A 54 1.78 -5.81 15.29
C VAL A 54 3.17 -6.26 15.63
N ASN A 55 3.30 -7.26 16.51
CA ASN A 55 4.60 -7.80 16.88
C ASN A 55 5.33 -8.40 15.68
N ASN A 56 4.62 -8.86 14.65
CA ASN A 56 5.24 -9.39 13.44
C ASN A 56 5.70 -8.27 12.50
N CYS A 57 4.84 -7.26 12.31
CA CYS A 57 5.14 -6.13 11.43
C CYS A 57 6.13 -5.17 12.04
N ASP A 58 5.93 -4.69 13.27
CA ASP A 58 6.84 -3.79 14.01
C ASP A 58 8.31 -4.16 13.83
N LYS A 59 8.60 -5.46 13.92
CA LYS A 59 9.93 -6.03 13.66
C LYS A 59 10.49 -5.56 12.31
N ALA A 60 11.79 -5.40 12.27
CA ALA A 60 12.46 -4.94 11.06
C ALA A 60 12.91 -6.11 10.19
N ASP A 61 13.67 -7.05 10.80
CA ASP A 61 14.19 -8.25 10.13
C ASP A 61 13.09 -9.13 9.52
N ALA A 62 11.85 -8.91 9.96
CA ALA A 62 10.65 -9.46 9.36
C ALA A 62 10.58 -9.27 7.82
N ILE A 63 9.56 -9.88 7.23
CA ILE A 63 9.43 -9.90 5.78
C ILE A 63 8.04 -9.44 5.41
N LEU A 64 7.89 -8.16 5.09
CA LEU A 64 6.58 -7.63 4.71
C LEU A 64 6.55 -7.46 3.19
N TRP A 65 5.39 -7.12 2.68
CA TRP A 65 5.18 -6.87 1.26
C TRP A 65 4.17 -5.77 1.07
N GLU A 66 4.43 -4.90 0.09
CA GLU A 66 3.57 -3.77 -0.27
C GLU A 66 3.08 -3.89 -1.71
N TYR A 67 1.81 -3.56 -1.95
CA TYR A 67 1.23 -3.63 -3.30
C TYR A 67 0.31 -2.45 -3.57
N PRO A 68 0.31 -1.88 -4.79
CA PRO A 68 -0.53 -0.74 -5.17
C PRO A 68 -2.00 -1.09 -5.26
N ILE A 69 -2.86 -0.12 -4.93
CA ILE A 69 -4.32 -0.28 -4.92
C ILE A 69 -5.00 0.91 -5.60
N TYR A 70 -6.24 0.72 -6.00
CA TYR A 70 -7.09 1.76 -6.56
C TYR A 70 -8.27 2.00 -5.65
N TRP A 71 -8.33 3.21 -5.09
CA TRP A 71 -9.47 3.66 -4.30
C TRP A 71 -10.77 3.68 -5.11
N VAL A 72 -11.87 4.11 -4.47
CA VAL A 72 -13.17 4.21 -5.14
C VAL A 72 -13.19 5.31 -6.23
N GLY A 73 -12.48 6.41 -5.98
CA GLY A 73 -12.45 7.53 -6.91
C GLY A 73 -11.76 7.17 -8.23
N LYS A 74 -10.87 6.18 -8.20
CA LYS A 74 -10.22 5.65 -9.39
C LYS A 74 -11.14 4.68 -10.13
N ASN A 75 -10.78 4.40 -11.38
CA ASN A 75 -11.49 3.46 -12.26
C ASN A 75 -10.52 2.51 -12.98
N ALA A 76 -9.40 2.20 -12.34
CA ALA A 76 -8.43 1.28 -12.92
C ALA A 76 -7.94 0.29 -11.88
N GLU A 77 -7.06 -0.62 -12.28
CA GLU A 77 -6.41 -1.58 -11.38
C GLU A 77 -4.96 -1.82 -11.80
N TRP A 78 -4.14 -2.32 -10.86
CA TRP A 78 -2.75 -2.60 -11.12
C TRP A 78 -2.59 -3.96 -11.78
N ALA A 79 -1.61 -4.08 -12.66
CA ALA A 79 -1.35 -5.35 -13.33
C ALA A 79 -0.27 -6.17 -12.62
N LYS A 80 0.04 -7.35 -13.15
CA LYS A 80 1.10 -8.21 -12.59
C LYS A 80 2.45 -7.97 -13.23
N ASP A 81 2.50 -7.90 -14.55
CA ASP A 81 3.68 -7.67 -15.37
C ASP A 81 3.68 -6.26 -15.98
N VAL A 82 3.36 -5.24 -15.17
CA VAL A 82 3.38 -3.85 -15.62
C VAL A 82 4.10 -2.96 -14.62
N LYS A 83 5.13 -2.25 -15.10
CA LYS A 83 5.86 -1.28 -14.27
C LYS A 83 4.99 -0.05 -13.96
N THR A 84 5.42 0.78 -13.01
CA THR A 84 4.71 2.01 -12.62
C THR A 84 4.52 3.02 -13.76
N SER A 85 5.59 3.50 -14.36
CA SER A 85 5.54 4.45 -15.49
C SER A 85 4.66 3.94 -16.62
N GLN A 86 4.78 2.63 -16.93
CA GLN A 86 3.93 1.97 -17.90
C GLN A 86 2.48 1.76 -17.43
N GLN A 87 2.27 1.62 -16.11
CA GLN A 87 1.00 1.39 -15.45
C GLN A 87 -0.03 2.39 -15.93
N LYS A 88 -1.15 1.86 -16.40
CA LYS A 88 -2.22 2.69 -16.97
C LYS A 88 -3.33 2.85 -15.96
N GLY A 89 -3.06 3.65 -14.93
CA GLY A 89 -4.08 3.88 -13.93
C GLY A 89 -3.75 5.05 -13.02
N GLY A 90 -2.55 5.08 -12.48
CA GLY A 90 -2.08 6.21 -11.68
C GLY A 90 -1.04 5.76 -10.68
N PRO A 91 -0.12 6.64 -10.27
CA PRO A 91 0.93 6.40 -9.29
C PRO A 91 0.41 6.29 -7.84
N THR A 92 -0.87 5.91 -7.66
CA THR A 92 -1.50 5.59 -6.39
C THR A 92 -0.49 5.35 -5.26
N PRO A 93 -0.41 6.30 -4.33
CA PRO A 93 0.54 6.22 -3.25
C PRO A 93 0.20 5.10 -2.29
N ILE A 94 -1.09 4.92 -2.06
CA ILE A 94 -1.62 3.94 -1.15
C ILE A 94 -1.21 2.56 -1.61
N ARG A 95 -0.66 1.76 -0.70
CA ARG A 95 -0.29 0.38 -0.99
C ARG A 95 -0.65 -0.54 0.17
N VAL A 96 -1.30 -1.65 -0.12
CA VAL A 96 -1.61 -2.68 0.89
C VAL A 96 -0.34 -3.33 1.42
N VAL A 97 -0.20 -3.43 2.73
CA VAL A 97 0.95 -4.06 3.38
C VAL A 97 0.52 -5.32 4.09
N TYR A 98 1.32 -6.37 3.94
CA TYR A 98 1.04 -7.66 4.51
C TYR A 98 2.31 -8.40 4.84
N ALA A 99 2.35 -9.02 6.02
CA ALA A 99 3.50 -9.78 6.44
C ALA A 99 3.51 -11.09 5.68
N ASN A 100 4.72 -11.58 5.40
CA ASN A 100 4.96 -12.87 4.78
C ASN A 100 4.27 -13.99 5.50
N SER A 101 3.91 -13.82 6.78
CA SER A 101 3.20 -14.78 7.64
C SER A 101 3.68 -16.21 7.38
N ARG A 102 4.99 -16.37 7.09
CA ARG A 102 5.57 -17.62 6.61
C ARG A 102 4.84 -18.27 5.40
N GLY A 103 4.69 -17.55 4.29
CA GLY A 103 3.98 -17.98 3.09
C GLY A 103 2.58 -17.38 2.93
N ALA A 104 1.86 -17.08 4.02
CA ALA A 104 0.53 -16.46 3.96
C ALA A 104 0.59 -14.93 4.13
N VAL A 105 -0.57 -14.28 4.17
CA VAL A 105 -0.63 -12.83 4.38
C VAL A 105 -1.48 -12.55 5.59
N GLN A 106 -0.99 -11.69 6.48
CA GLN A 106 -1.80 -11.26 7.62
C GLN A 106 -2.52 -9.94 7.39
N TYR A 107 -2.47 -9.40 6.15
CA TYR A 107 -3.01 -8.08 5.82
C TYR A 107 -2.69 -7.09 6.94
N CYS A 108 -1.40 -6.89 7.24
CA CYS A 108 -0.98 -5.99 8.32
C CYS A 108 -1.73 -4.64 8.29
N GLY A 109 -2.05 -4.18 7.08
CA GLY A 109 -2.92 -3.04 6.85
C GLY A 109 -2.42 -2.24 5.65
N VAL A 110 -3.26 -1.36 5.17
CA VAL A 110 -2.92 -0.52 4.02
C VAL A 110 -2.25 0.75 4.51
N MET A 111 -1.37 1.33 3.70
CA MET A 111 -0.66 2.58 3.99
C MET A 111 -0.82 3.54 2.85
N THR A 112 -0.39 4.79 3.05
CA THR A 112 -0.41 5.86 2.08
C THR A 112 0.68 6.89 2.33
N HIS A 113 1.17 7.47 1.25
CA HIS A 113 2.19 8.51 1.38
C HIS A 113 1.58 9.75 2.02
N SER A 114 2.33 10.39 2.92
CA SER A 114 1.88 11.63 3.56
C SER A 114 1.71 12.72 2.54
N LYS A 115 2.73 12.99 1.72
CA LYS A 115 2.68 14.03 0.69
C LYS A 115 1.82 13.60 -0.49
N VAL A 116 0.75 14.32 -0.77
CA VAL A 116 -0.15 14.00 -1.90
C VAL A 116 -0.88 15.24 -2.35
N ASP A 117 -0.53 15.80 -3.50
CA ASP A 117 -1.24 16.98 -4.02
C ASP A 117 -2.01 16.64 -5.29
N LYS A 118 -1.26 16.47 -6.37
CA LYS A 118 -1.77 16.15 -7.70
C LYS A 118 -1.26 14.81 -8.19
N ASN A 119 0.05 14.60 -8.01
CA ASN A 119 0.69 13.36 -8.43
C ASN A 119 0.43 12.25 -7.45
N ASN A 120 0.36 12.55 -6.15
CA ASN A 120 0.05 11.58 -5.11
C ASN A 120 1.24 10.61 -4.96
N GLN A 121 2.46 11.13 -4.98
CA GLN A 121 3.66 10.28 -4.89
C GLN A 121 4.20 10.26 -3.47
N GLY A 122 5.28 9.53 -3.22
CA GLY A 122 5.88 9.43 -1.89
C GLY A 122 7.08 10.33 -1.78
N LYS A 123 7.09 11.18 -0.75
CA LYS A 123 8.20 12.11 -0.49
C LYS A 123 8.70 11.99 0.94
N GLU A 124 7.90 12.48 1.89
CA GLU A 124 8.25 12.47 3.31
C GLU A 124 8.40 11.03 3.80
N PHE A 125 7.27 10.33 3.94
CA PHE A 125 7.21 8.97 4.42
C PHE A 125 5.84 8.35 4.12
N PHE A 126 5.63 7.13 4.60
CA PHE A 126 4.43 6.34 4.39
C PHE A 126 3.69 6.25 5.71
N GLU A 127 2.50 6.80 5.72
CA GLU A 127 1.60 6.78 6.86
C GLU A 127 0.53 5.73 6.61
N LYS A 128 0.31 4.84 7.57
CA LYS A 128 -0.76 3.84 7.55
C LYS A 128 -2.12 4.46 7.24
N CYS A 129 -3.10 3.62 6.98
CA CYS A 129 -4.46 4.08 6.73
C CYS A 129 -5.36 3.81 7.94
N ASP A 130 -6.61 4.30 7.88
CA ASP A 130 -7.59 4.19 8.95
C ASP A 130 -9.04 4.10 8.49
N ALA A 1 -16.47 -1.14 9.97
CA ALA A 1 -16.86 -1.28 8.56
C ALA A 1 -15.66 -1.70 7.72
N PRO A 2 -15.88 -2.40 6.59
CA PRO A 2 -14.82 -2.81 5.67
C PRO A 2 -14.20 -1.62 4.93
N ILE A 3 -15.00 -0.58 4.69
CA ILE A 3 -14.54 0.64 4.03
C ILE A 3 -13.86 1.55 5.06
N VAL A 4 -12.60 1.86 4.80
CA VAL A 4 -11.80 2.77 5.61
C VAL A 4 -11.34 3.97 4.80
N THR A 5 -10.58 4.87 5.43
CA THR A 5 -9.99 6.04 4.78
C THR A 5 -8.68 6.51 5.43
N CYS A 6 -7.61 6.64 4.65
CA CYS A 6 -6.33 7.07 5.20
C CYS A 6 -6.44 8.49 5.77
N ARG A 7 -5.44 8.96 6.52
CA ARG A 7 -5.37 10.34 7.06
C ARG A 7 -4.20 11.16 6.48
N PRO A 8 -4.04 11.19 5.15
CA PRO A 8 -2.96 11.91 4.48
C PRO A 8 -3.20 13.40 4.52
N LYS A 9 -2.19 14.17 4.11
CA LYS A 9 -2.23 15.63 4.09
C LYS A 9 -2.31 16.17 2.68
N LEU A 10 -3.36 16.94 2.41
CA LEU A 10 -3.50 17.56 1.10
C LEU A 10 -3.05 19.02 1.17
N ASP A 11 -3.93 19.86 1.68
CA ASP A 11 -3.84 21.31 1.73
C ASP A 11 -3.59 21.77 3.16
N GLY A 12 -2.50 21.25 3.73
CA GLY A 12 -2.17 21.53 5.14
C GLY A 12 -3.01 20.76 6.15
N ARG A 13 -4.24 20.34 5.78
CA ARG A 13 -5.15 19.57 6.62
C ARG A 13 -5.16 18.11 6.20
N GLU A 14 -5.65 17.27 7.09
CA GLU A 14 -5.72 15.83 6.87
C GLU A 14 -7.03 15.49 6.16
N LYS A 15 -6.94 14.90 4.97
CA LYS A 15 -8.10 14.49 4.19
C LYS A 15 -8.26 12.97 4.12
N PRO A 16 -9.48 12.45 4.24
CA PRO A 16 -9.78 11.03 4.19
C PRO A 16 -9.49 10.44 2.80
N PHE A 17 -8.55 9.51 2.72
CA PHE A 17 -8.23 8.87 1.46
C PHE A 17 -9.07 7.61 1.31
N LYS A 18 -10.07 7.62 0.43
CA LYS A 18 -10.90 6.45 0.10
C LYS A 18 -10.09 5.14 -0.01
N VAL A 19 -10.26 4.19 0.89
CA VAL A 19 -9.52 2.93 0.88
C VAL A 19 -10.37 1.80 1.47
N ASP A 20 -10.82 0.86 0.65
CA ASP A 20 -11.58 -0.29 1.20
C ASP A 20 -10.65 -1.45 1.49
N VAL A 21 -10.90 -2.15 2.62
CA VAL A 21 -10.16 -3.36 2.98
C VAL A 21 -10.23 -4.41 1.88
N ALA A 22 -11.43 -4.71 1.38
CA ALA A 22 -11.68 -5.73 0.37
C ALA A 22 -10.75 -5.54 -0.82
N THR A 23 -10.63 -4.28 -1.26
CA THR A 23 -9.72 -3.88 -2.32
C THR A 23 -8.28 -4.14 -1.91
N ALA A 24 -7.79 -3.50 -0.85
CA ALA A 24 -6.40 -3.66 -0.41
C ALA A 24 -5.97 -5.13 -0.30
N GLN A 25 -6.80 -5.94 0.35
CA GLN A 25 -6.60 -7.39 0.50
C GLN A 25 -6.58 -8.09 -0.85
N ALA A 26 -7.55 -7.81 -1.72
CA ALA A 26 -7.61 -8.35 -3.08
C ALA A 26 -6.28 -8.16 -3.79
N GLN A 27 -5.69 -6.97 -3.72
CA GLN A 27 -4.42 -6.67 -4.35
C GLN A 27 -3.26 -7.46 -3.73
N ALA A 28 -3.13 -7.41 -2.40
CA ALA A 28 -2.11 -8.17 -1.68
C ALA A 28 -2.15 -9.66 -2.00
N ARG A 29 -3.34 -10.28 -1.93
CA ARG A 29 -3.53 -11.68 -2.27
C ARG A 29 -3.26 -11.94 -3.75
N LYS A 30 -3.68 -11.03 -4.63
CA LYS A 30 -3.49 -11.13 -6.08
C LYS A 30 -2.01 -11.18 -6.45
N ALA A 31 -1.22 -10.28 -5.89
CA ALA A 31 0.22 -10.24 -6.10
C ALA A 31 0.95 -11.32 -5.30
N GLY A 32 0.43 -11.69 -4.13
CA GLY A 32 1.04 -12.66 -3.23
C GLY A 32 2.39 -12.18 -2.74
N LEU A 33 3.26 -13.11 -2.35
CA LEU A 33 4.57 -12.81 -1.78
C LEU A 33 5.70 -13.23 -2.73
N THR A 34 5.51 -12.97 -4.02
CA THR A 34 6.43 -13.39 -5.07
C THR A 34 6.39 -12.41 -6.23
N THR A 35 7.47 -11.64 -6.41
CA THR A 35 7.64 -10.73 -7.52
C THR A 35 8.76 -11.17 -8.45
N GLY A 36 8.88 -10.51 -9.60
CA GLY A 36 9.95 -10.69 -10.57
C GLY A 36 9.48 -10.56 -12.00
N LYS A 37 8.16 -10.63 -12.21
CA LYS A 37 7.51 -10.49 -13.51
C LYS A 37 7.71 -9.10 -14.09
N SER A 38 7.47 -8.08 -13.29
CA SER A 38 7.60 -6.69 -13.70
C SER A 38 8.30 -5.85 -12.65
N GLY A 39 7.63 -5.60 -11.54
CA GLY A 39 8.15 -4.81 -10.46
C GLY A 39 7.26 -4.83 -9.25
N ASP A 40 6.30 -5.75 -9.17
CA ASP A 40 5.35 -5.81 -8.06
C ASP A 40 4.91 -7.27 -7.82
N PRO A 41 4.57 -7.63 -6.57
CA PRO A 41 4.71 -6.79 -5.37
C PRO A 41 6.15 -6.49 -5.01
N HIS A 42 6.38 -5.74 -3.94
CA HIS A 42 7.74 -5.39 -3.53
C HIS A 42 8.01 -5.92 -2.13
N ARG A 43 9.26 -6.27 -1.84
CA ARG A 43 9.69 -6.74 -0.53
C ARG A 43 9.74 -5.58 0.44
N TYR A 44 8.88 -5.60 1.44
CA TYR A 44 8.89 -4.62 2.52
C TYR A 44 9.76 -5.15 3.67
N PHE A 45 10.82 -4.43 4.02
CA PHE A 45 11.74 -4.73 5.13
C PHE A 45 11.92 -3.52 6.05
N ALA A 46 10.82 -2.90 6.46
CA ALA A 46 10.87 -1.70 7.31
C ALA A 46 11.52 -0.50 6.60
N GLY A 47 11.21 -0.34 5.30
CA GLY A 47 11.76 0.76 4.48
C GLY A 47 10.85 1.99 4.45
N ASP A 48 9.57 1.82 4.76
CA ASP A 48 8.61 2.92 4.78
C ASP A 48 8.51 3.57 6.17
N HIS A 49 9.35 3.16 7.12
CA HIS A 49 9.33 3.65 8.51
C HIS A 49 7.97 3.40 9.18
N ILE A 50 7.39 2.22 8.95
CA ILE A 50 6.09 1.85 9.49
C ILE A 50 6.22 0.64 10.40
N ARG A 51 5.55 0.72 11.54
CA ARG A 51 5.51 -0.35 12.55
C ARG A 51 4.19 -1.11 12.55
N TRP A 52 3.10 -0.41 12.23
CA TRP A 52 1.74 -0.97 12.16
C TRP A 52 1.15 -1.28 13.54
N GLY A 53 1.72 -0.67 14.60
CA GLY A 53 1.38 -1.01 15.98
C GLY A 53 1.36 -2.52 16.27
N VAL A 54 2.10 -3.32 15.50
CA VAL A 54 2.08 -4.79 15.60
C VAL A 54 3.49 -5.26 15.82
N ASN A 55 3.71 -6.09 16.82
CA ASN A 55 5.03 -6.66 17.11
C ASN A 55 5.63 -7.37 15.88
N ASN A 56 4.80 -8.06 15.08
CA ASN A 56 5.22 -8.76 13.87
C ASN A 56 5.71 -7.79 12.79
N CYS A 57 4.84 -6.88 12.35
CA CYS A 57 5.21 -5.91 11.34
C CYS A 57 6.28 -4.92 11.83
N ASP A 58 6.33 -4.66 13.15
CA ASP A 58 7.32 -3.79 13.80
C ASP A 58 8.73 -4.37 13.73
N LYS A 59 8.84 -5.71 13.80
CA LYS A 59 10.10 -6.44 13.70
C LYS A 59 11.00 -5.87 12.60
N ALA A 60 12.30 -5.87 12.87
CA ALA A 60 13.27 -5.33 11.94
C ALA A 60 13.61 -6.33 10.84
N ASP A 61 13.98 -7.55 11.23
CA ASP A 61 14.32 -8.64 10.29
C ASP A 61 13.07 -9.39 9.80
N ALA A 62 11.91 -8.73 9.81
CA ALA A 62 10.68 -9.32 9.35
C ALA A 62 10.61 -9.37 7.82
N ILE A 63 9.58 -10.03 7.29
CA ILE A 63 9.38 -10.20 5.86
C ILE A 63 8.00 -9.74 5.45
N LEU A 64 7.88 -8.49 5.04
CA LEU A 64 6.62 -7.90 4.63
C LEU A 64 6.65 -7.71 3.11
N TRP A 65 5.52 -7.28 2.57
CA TRP A 65 5.35 -7.03 1.15
C TRP A 65 4.43 -5.85 0.96
N GLU A 66 4.82 -4.92 0.09
CA GLU A 66 4.01 -3.76 -0.28
C GLU A 66 3.47 -3.86 -1.71
N TYR A 67 2.27 -3.37 -1.95
CA TYR A 67 1.65 -3.40 -3.29
C TYR A 67 0.65 -2.26 -3.51
N PRO A 68 0.67 -1.60 -4.68
CA PRO A 68 -0.18 -0.44 -5.00
C PRO A 68 -1.65 -0.81 -5.07
N ILE A 69 -2.52 0.19 -4.96
CA ILE A 69 -3.95 -0.04 -5.03
C ILE A 69 -4.65 1.22 -5.53
N TYR A 70 -5.58 1.06 -6.46
CA TYR A 70 -6.38 2.15 -6.97
C TYR A 70 -7.63 2.30 -6.14
N TRP A 71 -7.66 3.32 -5.30
CA TRP A 71 -8.81 3.65 -4.45
C TRP A 71 -10.12 3.72 -5.25
N VAL A 72 -11.24 3.96 -4.55
CA VAL A 72 -12.55 4.01 -5.22
C VAL A 72 -12.66 5.16 -6.24
N GLY A 73 -11.93 6.25 -5.98
CA GLY A 73 -11.95 7.45 -6.82
C GLY A 73 -11.31 7.23 -8.19
N LYS A 74 -10.21 6.48 -8.23
CA LYS A 74 -9.55 6.05 -9.46
C LYS A 74 -10.46 5.10 -10.26
N ASN A 75 -9.94 4.65 -11.40
CA ASN A 75 -10.64 3.73 -12.30
C ASN A 75 -9.80 2.54 -12.71
N ALA A 76 -8.61 2.80 -13.27
CA ALA A 76 -7.68 1.77 -13.68
C ALA A 76 -7.25 0.88 -12.49
N GLU A 77 -6.39 -0.10 -12.76
CA GLU A 77 -5.90 -1.01 -11.73
C GLU A 77 -4.51 -1.50 -12.07
N TRP A 78 -3.73 -1.81 -11.05
CA TRP A 78 -2.42 -2.39 -11.21
C TRP A 78 -2.50 -3.85 -11.66
N ALA A 79 -1.45 -4.32 -12.34
CA ALA A 79 -1.34 -5.70 -12.76
C ALA A 79 -0.02 -6.32 -12.31
N LYS A 80 -0.03 -7.63 -12.09
CA LYS A 80 1.15 -8.42 -11.72
C LYS A 80 2.34 -8.19 -12.66
N ASP A 81 2.16 -8.53 -13.93
CA ASP A 81 3.20 -8.41 -14.97
C ASP A 81 3.17 -7.02 -15.63
N VAL A 82 3.16 -5.97 -14.81
CA VAL A 82 3.09 -4.58 -15.25
C VAL A 82 3.82 -3.67 -14.26
N LYS A 83 5.02 -3.24 -14.66
CA LYS A 83 5.82 -2.29 -13.87
C LYS A 83 5.19 -0.91 -13.90
N THR A 84 5.65 -0.01 -13.02
CA THR A 84 5.19 1.40 -12.96
C THR A 84 4.99 2.10 -14.30
N SER A 85 6.06 2.32 -15.07
CA SER A 85 6.00 2.92 -16.40
C SER A 85 4.88 2.34 -17.26
N GLN A 86 4.86 1.01 -17.43
CA GLN A 86 3.82 0.30 -18.14
C GLN A 86 2.45 0.61 -17.56
N GLN A 87 2.29 0.63 -16.23
CA GLN A 87 1.05 0.92 -15.53
C GLN A 87 0.22 2.00 -16.22
N LYS A 88 -0.98 1.62 -16.68
CA LYS A 88 -1.86 2.49 -17.45
C LYS A 88 -3.04 2.90 -16.60
N GLY A 89 -2.86 3.99 -15.85
CA GLY A 89 -3.95 4.47 -15.01
C GLY A 89 -3.60 5.68 -14.18
N GLY A 90 -2.50 5.58 -13.43
CA GLY A 90 -1.98 6.68 -12.65
C GLY A 90 -1.23 6.22 -11.40
N PRO A 91 -0.34 7.07 -10.87
CA PRO A 91 0.42 6.79 -9.67
C PRO A 91 -0.47 6.77 -8.43
N THR A 92 -0.11 5.90 -7.48
CA THR A 92 -0.83 5.72 -6.23
C THR A 92 0.16 5.56 -5.07
N PRO A 93 0.11 6.48 -4.08
CA PRO A 93 0.95 6.42 -2.90
C PRO A 93 0.55 5.31 -1.94
N ILE A 94 -0.76 5.04 -1.87
CA ILE A 94 -1.34 4.01 -1.01
C ILE A 94 -0.89 2.62 -1.45
N ARG A 95 -0.23 1.90 -0.56
CA ARG A 95 0.26 0.54 -0.81
C ARG A 95 -0.15 -0.38 0.33
N VAL A 96 -0.82 -1.48 0.01
CA VAL A 96 -1.14 -2.53 0.99
C VAL A 96 0.13 -3.20 1.48
N VAL A 97 0.25 -3.43 2.79
CA VAL A 97 1.35 -4.15 3.42
C VAL A 97 0.85 -5.43 4.09
N TYR A 98 1.58 -6.51 3.90
CA TYR A 98 1.25 -7.83 4.41
C TYR A 98 2.52 -8.59 4.80
N ALA A 99 2.44 -9.33 5.91
CA ALA A 99 3.56 -10.12 6.39
C ALA A 99 3.56 -11.51 5.77
N ASN A 100 4.73 -12.15 5.74
CA ASN A 100 4.90 -13.52 5.26
C ASN A 100 4.56 -14.55 6.35
N SER A 101 3.37 -14.43 6.95
CA SER A 101 2.94 -15.40 7.96
C SER A 101 2.55 -16.73 7.32
N ARG A 102 3.50 -17.65 7.14
CA ARG A 102 3.25 -18.97 6.53
C ARG A 102 2.60 -18.85 5.14
N GLY A 103 3.02 -17.88 4.35
CA GLY A 103 2.41 -17.59 3.05
C GLY A 103 1.07 -16.85 3.11
N ALA A 104 0.22 -17.19 4.08
CA ALA A 104 -1.04 -16.52 4.32
C ALA A 104 -0.79 -15.08 4.81
N VAL A 105 -1.01 -14.12 3.92
CA VAL A 105 -0.89 -12.70 4.25
C VAL A 105 -1.70 -12.36 5.49
N GLN A 106 -1.12 -11.58 6.39
CA GLN A 106 -1.82 -11.14 7.59
C GLN A 106 -2.46 -9.77 7.44
N TYR A 107 -2.52 -9.23 6.21
CA TYR A 107 -2.99 -7.87 5.94
C TYR A 107 -2.49 -6.90 7.01
N CYS A 108 -1.16 -6.82 7.16
CA CYS A 108 -0.55 -5.93 8.14
C CYS A 108 -1.23 -4.55 8.20
N GLY A 109 -1.58 -4.02 7.03
CA GLY A 109 -2.39 -2.83 6.89
C GLY A 109 -2.01 -2.08 5.62
N VAL A 110 -2.81 -1.10 5.24
CA VAL A 110 -2.51 -0.25 4.09
C VAL A 110 -1.80 1.01 4.56
N MET A 111 -0.77 1.46 3.83
CA MET A 111 -0.05 2.70 4.13
C MET A 111 -0.19 3.68 3.00
N THR A 112 0.04 4.95 3.27
CA THR A 112 0.04 6.01 2.28
C THR A 112 1.00 7.12 2.62
N HIS A 113 1.31 7.98 1.66
CA HIS A 113 2.15 9.15 1.90
C HIS A 113 1.34 10.29 2.50
N SER A 114 2.03 11.21 3.18
CA SER A 114 1.38 12.41 3.73
C SER A 114 1.26 13.50 2.68
N LYS A 115 2.32 13.78 1.92
CA LYS A 115 2.31 14.84 0.90
C LYS A 115 1.57 14.41 -0.36
N VAL A 116 0.30 14.76 -0.51
CA VAL A 116 -0.48 14.38 -1.69
C VAL A 116 -1.30 15.55 -2.17
N ASP A 117 -1.00 16.07 -3.37
CA ASP A 117 -1.80 17.18 -3.93
C ASP A 117 -2.61 16.70 -5.13
N LYS A 118 -1.91 16.45 -6.24
CA LYS A 118 -2.49 16.06 -7.53
C LYS A 118 -1.86 14.81 -8.13
N ASN A 119 -0.53 14.76 -8.09
CA ASN A 119 0.21 13.58 -8.51
C ASN A 119 0.30 12.53 -7.41
N ASN A 120 -0.04 12.90 -6.17
CA ASN A 120 -0.06 11.98 -5.04
C ASN A 120 1.35 11.46 -4.72
N GLN A 121 2.37 12.29 -5.00
CA GLN A 121 3.76 11.94 -4.79
C GLN A 121 4.02 11.52 -3.33
N GLY A 122 5.18 10.97 -3.03
CA GLY A 122 5.54 10.60 -1.66
C GLY A 122 6.74 11.35 -1.17
N LYS A 123 6.51 12.58 -0.70
CA LYS A 123 7.61 13.39 -0.14
C LYS A 123 7.88 13.06 1.32
N GLU A 124 6.83 13.14 2.14
CA GLU A 124 6.93 12.85 3.57
C GLU A 124 6.96 11.34 3.81
N PHE A 125 7.07 10.94 5.08
CA PHE A 125 7.02 9.55 5.48
C PHE A 125 5.70 8.88 5.05
N PHE A 126 5.65 7.56 5.26
CA PHE A 126 4.49 6.74 4.92
C PHE A 126 3.62 6.53 6.15
N GLU A 127 2.59 7.35 6.28
CA GLU A 127 1.57 7.20 7.31
C GLU A 127 0.62 6.06 6.98
N LYS A 128 0.42 5.16 7.95
CA LYS A 128 -0.56 4.07 7.83
C LYS A 128 -1.98 4.60 7.67
N CYS A 129 -2.83 3.86 6.97
CA CYS A 129 -4.23 4.24 6.79
C CYS A 129 -5.05 4.00 8.06
N ASP A 130 -6.23 4.63 8.14
CA ASP A 130 -7.18 4.55 9.27
C ASP A 130 -8.51 3.94 8.83
N ALA A 1 -15.42 -1.61 9.92
CA ALA A 1 -15.98 -1.43 8.57
C ALA A 1 -14.92 -1.68 7.53
N PRO A 2 -15.26 -2.40 6.45
CA PRO A 2 -14.36 -2.66 5.33
C PRO A 2 -14.01 -1.41 4.51
N ILE A 3 -14.53 -0.26 4.90
CA ILE A 3 -14.29 1.01 4.24
C ILE A 3 -13.60 1.99 5.18
N VAL A 4 -12.34 2.24 4.95
CA VAL A 4 -11.57 3.19 5.74
C VAL A 4 -11.12 4.38 4.90
N THR A 5 -10.33 5.26 5.51
CA THR A 5 -9.78 6.43 4.84
C THR A 5 -8.46 6.89 5.43
N CYS A 6 -7.47 7.13 4.58
CA CYS A 6 -6.17 7.56 5.06
C CYS A 6 -6.26 8.98 5.63
N ARG A 7 -5.21 9.42 6.33
CA ARG A 7 -5.10 10.81 6.81
C ARG A 7 -3.98 11.60 6.14
N PRO A 8 -3.87 11.54 4.80
CA PRO A 8 -2.85 12.24 4.06
C PRO A 8 -3.03 13.76 4.16
N LYS A 9 -1.96 14.49 3.87
CA LYS A 9 -1.94 15.95 3.86
C LYS A 9 -1.85 16.51 2.45
N LEU A 10 -2.97 16.94 1.89
CA LEU A 10 -2.99 17.52 0.56
C LEU A 10 -2.00 18.72 0.47
N ASP A 11 -2.44 19.86 0.98
CA ASP A 11 -1.65 21.09 0.91
C ASP A 11 -1.58 21.74 2.28
N GLY A 12 -1.59 20.93 3.33
CA GLY A 12 -1.56 21.45 4.69
C GLY A 12 -2.73 20.98 5.53
N ARG A 13 -3.81 20.53 4.88
CA ARG A 13 -5.00 20.03 5.56
C ARG A 13 -5.06 18.51 5.48
N GLU A 14 -5.83 17.92 6.38
CA GLU A 14 -6.01 16.47 6.44
C GLU A 14 -7.21 16.05 5.62
N LYS A 15 -6.96 15.31 4.53
CA LYS A 15 -8.01 14.83 3.64
C LYS A 15 -8.16 13.31 3.72
N PRO A 16 -9.38 12.81 3.94
CA PRO A 16 -9.65 11.38 4.01
C PRO A 16 -9.48 10.69 2.66
N PHE A 17 -8.48 9.83 2.54
CA PHE A 17 -8.22 9.11 1.29
C PHE A 17 -9.09 7.87 1.20
N LYS A 18 -10.13 7.89 0.36
CA LYS A 18 -11.05 6.78 0.17
C LYS A 18 -10.30 5.48 -0.05
N VAL A 19 -10.38 4.54 0.86
CA VAL A 19 -9.65 3.27 0.77
C VAL A 19 -10.47 2.14 1.38
N ASP A 20 -10.55 1.02 0.70
CA ASP A 20 -11.38 -0.09 1.11
C ASP A 20 -10.48 -1.28 1.35
N VAL A 21 -10.69 -1.98 2.46
CA VAL A 21 -9.91 -3.15 2.81
C VAL A 21 -10.04 -4.24 1.75
N ALA A 22 -11.27 -4.48 1.27
CA ALA A 22 -11.56 -5.53 0.32
C ALA A 22 -10.65 -5.37 -0.88
N THR A 23 -10.49 -4.14 -1.37
CA THR A 23 -9.64 -3.84 -2.50
C THR A 23 -8.18 -4.06 -2.12
N ALA A 24 -7.71 -3.40 -1.06
CA ALA A 24 -6.33 -3.52 -0.63
C ALA A 24 -5.91 -4.98 -0.49
N GLN A 25 -6.68 -5.77 0.24
CA GLN A 25 -6.42 -7.19 0.42
C GLN A 25 -6.46 -7.94 -0.90
N ALA A 26 -7.48 -7.66 -1.72
CA ALA A 26 -7.64 -8.30 -3.02
C ALA A 26 -6.36 -8.19 -3.83
N GLN A 27 -5.73 -7.02 -3.85
CA GLN A 27 -4.51 -6.80 -4.60
C GLN A 27 -3.33 -7.51 -3.95
N ALA A 28 -3.19 -7.36 -2.63
CA ALA A 28 -2.11 -7.99 -1.88
C ALA A 28 -2.06 -9.49 -2.14
N ARG A 29 -3.21 -10.16 -1.93
CA ARG A 29 -3.31 -11.60 -2.15
C ARG A 29 -3.15 -11.94 -3.63
N LYS A 30 -3.82 -11.20 -4.51
CA LYS A 30 -3.73 -11.41 -5.95
C LYS A 30 -2.28 -11.45 -6.43
N ALA A 31 -1.48 -10.52 -5.93
CA ALA A 31 -0.07 -10.46 -6.25
C ALA A 31 0.72 -11.59 -5.60
N GLY A 32 0.40 -11.88 -4.34
CA GLY A 32 1.07 -12.93 -3.59
C GLY A 32 2.39 -12.45 -3.02
N LEU A 33 3.20 -13.39 -2.55
CA LEU A 33 4.50 -13.10 -1.95
C LEU A 33 5.64 -13.43 -2.91
N THR A 34 5.43 -13.15 -4.20
CA THR A 34 6.44 -13.43 -5.21
C THR A 34 6.33 -12.43 -6.36
N THR A 35 7.47 -12.01 -6.90
CA THR A 35 7.54 -11.07 -8.02
C THR A 35 8.81 -11.28 -8.84
N GLY A 36 8.88 -10.63 -9.99
CA GLY A 36 10.04 -10.71 -10.85
C GLY A 36 9.69 -10.63 -12.32
N LYS A 37 8.64 -9.87 -12.64
CA LYS A 37 8.15 -9.70 -14.02
C LYS A 37 8.15 -8.24 -14.44
N SER A 38 7.74 -7.36 -13.53
CA SER A 38 7.68 -5.92 -13.77
C SER A 38 8.23 -5.13 -12.61
N GLY A 39 7.85 -5.52 -11.39
CA GLY A 39 8.28 -4.83 -10.19
C GLY A 39 7.44 -5.19 -8.99
N ASP A 40 6.13 -5.32 -9.18
CA ASP A 40 5.19 -5.67 -8.12
C ASP A 40 4.76 -7.15 -8.18
N PRO A 41 4.43 -7.72 -7.01
CA PRO A 41 4.52 -7.07 -5.70
C PRO A 41 5.95 -6.77 -5.27
N HIS A 42 6.13 -6.10 -4.15
CA HIS A 42 7.47 -5.76 -3.64
C HIS A 42 7.61 -6.16 -2.19
N ARG A 43 8.81 -6.57 -1.79
CA ARG A 43 9.07 -6.98 -0.41
C ARG A 43 9.17 -5.75 0.50
N TYR A 44 8.54 -5.83 1.66
CA TYR A 44 8.56 -4.78 2.65
C TYR A 44 9.35 -5.23 3.87
N PHE A 45 10.14 -4.33 4.44
CA PHE A 45 10.88 -4.59 5.67
C PHE A 45 10.86 -3.37 6.57
N ALA A 46 10.30 -3.53 7.78
CA ALA A 46 10.23 -2.46 8.79
C ALA A 46 11.43 -1.53 8.71
N GLY A 47 11.22 -0.37 8.08
CA GLY A 47 12.31 0.57 7.83
C GLY A 47 11.82 1.95 7.51
N ASP A 48 10.61 2.06 6.94
CA ASP A 48 9.99 3.35 6.63
C ASP A 48 9.38 3.99 7.87
N HIS A 49 9.87 3.64 9.05
CA HIS A 49 9.36 4.17 10.32
C HIS A 49 7.86 3.85 10.46
N ILE A 50 7.52 2.57 10.33
CA ILE A 50 6.13 2.14 10.37
C ILE A 50 6.04 0.84 11.14
N ARG A 51 5.43 0.91 12.33
CA ARG A 51 5.24 -0.25 13.17
C ARG A 51 3.90 -0.92 12.93
N TRP A 52 2.92 -0.14 12.45
CA TRP A 52 1.58 -0.63 12.15
C TRP A 52 0.83 -1.06 13.41
N GLY A 53 1.08 -0.35 14.51
CA GLY A 53 0.50 -0.68 15.82
C GLY A 53 0.59 -2.18 16.14
N VAL A 54 1.55 -2.89 15.55
CA VAL A 54 1.69 -4.32 15.69
C VAL A 54 3.15 -4.66 15.92
N ASN A 55 3.41 -5.70 16.69
CA ASN A 55 4.77 -6.17 16.92
C ASN A 55 5.28 -7.04 15.78
N ASN A 56 4.42 -7.94 15.24
CA ASN A 56 4.80 -8.82 14.14
C ASN A 56 5.46 -8.03 13.01
N CYS A 57 4.85 -6.90 12.64
CA CYS A 57 5.39 -6.05 11.60
C CYS A 57 6.48 -5.13 12.12
N ASP A 58 6.40 -4.72 13.39
CA ASP A 58 7.40 -3.87 14.02
C ASP A 58 8.61 -4.67 14.54
N LYS A 59 8.91 -5.79 13.88
CA LYS A 59 10.04 -6.63 14.23
C LYS A 59 11.31 -6.16 13.54
N ALA A 60 12.41 -6.89 13.78
CA ALA A 60 13.68 -6.60 13.15
C ALA A 60 13.91 -7.42 11.88
N ASP A 61 13.67 -8.73 11.96
CA ASP A 61 13.85 -9.65 10.85
C ASP A 61 12.50 -10.06 10.28
N ALA A 62 11.56 -9.13 10.20
CA ALA A 62 10.25 -9.42 9.65
C ALA A 62 10.26 -9.49 8.12
N ILE A 63 9.21 -10.06 7.54
CA ILE A 63 9.10 -10.21 6.09
C ILE A 63 7.72 -9.78 5.64
N LEU A 64 7.57 -8.52 5.31
CA LEU A 64 6.32 -7.99 4.80
C LEU A 64 6.36 -7.80 3.28
N TRP A 65 5.31 -7.22 2.73
CA TRP A 65 5.22 -6.89 1.32
C TRP A 65 4.50 -5.58 1.06
N GLU A 66 4.35 -5.19 -0.20
CA GLU A 66 3.70 -3.97 -0.59
C GLU A 66 3.19 -4.06 -2.03
N TYR A 67 1.95 -3.64 -2.25
CA TYR A 67 1.36 -3.67 -3.57
C TYR A 67 0.43 -2.50 -3.81
N PRO A 68 0.52 -1.84 -4.96
CA PRO A 68 -0.32 -0.69 -5.31
C PRO A 68 -1.78 -1.06 -5.53
N ILE A 69 -2.69 -0.17 -5.18
CA ILE A 69 -4.12 -0.43 -5.27
C ILE A 69 -4.88 0.84 -5.62
N TYR A 70 -6.04 0.72 -6.22
CA TYR A 70 -6.84 1.87 -6.62
C TYR A 70 -7.96 2.08 -5.61
N TRP A 71 -8.17 3.34 -5.24
CA TRP A 71 -9.25 3.69 -4.34
C TRP A 71 -10.61 3.74 -5.04
N VAL A 72 -11.64 4.14 -4.30
CA VAL A 72 -13.00 4.24 -4.83
C VAL A 72 -13.06 5.19 -6.00
N GLY A 73 -12.68 6.46 -5.78
CA GLY A 73 -12.69 7.47 -6.83
C GLY A 73 -12.06 6.98 -8.13
N LYS A 74 -11.03 6.11 -8.01
CA LYS A 74 -10.41 5.47 -9.15
C LYS A 74 -11.22 4.27 -9.67
N ASN A 75 -11.01 3.94 -10.94
CA ASN A 75 -11.68 2.81 -11.58
C ASN A 75 -10.71 1.99 -12.41
N ALA A 76 -9.47 1.86 -11.94
CA ALA A 76 -8.45 1.08 -12.62
C ALA A 76 -7.89 -0.02 -11.72
N GLU A 77 -7.02 -0.84 -12.29
CA GLU A 77 -6.37 -1.93 -11.56
C GLU A 77 -4.88 -2.02 -11.92
N TRP A 78 -4.10 -2.63 -11.02
CA TRP A 78 -2.68 -2.82 -11.23
C TRP A 78 -2.39 -4.19 -11.81
N ALA A 79 -1.59 -4.23 -12.87
CA ALA A 79 -1.19 -5.51 -13.47
C ALA A 79 -0.01 -6.14 -12.74
N LYS A 80 0.32 -7.38 -13.11
CA LYS A 80 1.46 -8.09 -12.52
C LYS A 80 2.72 -7.86 -13.33
N ASP A 81 2.62 -7.96 -14.65
CA ASP A 81 3.75 -7.78 -15.57
C ASP A 81 3.73 -6.38 -16.19
N VAL A 82 3.57 -5.35 -15.37
CA VAL A 82 3.55 -3.97 -15.83
C VAL A 82 4.31 -3.04 -14.89
N LYS A 83 5.17 -2.19 -15.44
CA LYS A 83 5.91 -1.21 -14.66
C LYS A 83 5.01 -0.12 -14.11
N THR A 84 5.52 0.66 -13.17
CA THR A 84 4.78 1.80 -12.60
C THR A 84 4.55 2.90 -13.61
N SER A 85 5.58 3.20 -14.42
CA SER A 85 5.50 4.24 -15.44
C SER A 85 4.50 3.87 -16.53
N GLN A 86 4.56 2.60 -16.98
CA GLN A 86 3.65 2.10 -17.99
C GLN A 86 2.25 1.92 -17.43
N GLN A 87 2.12 1.48 -16.18
CA GLN A 87 0.84 1.24 -15.53
C GLN A 87 -0.20 2.27 -15.95
N LYS A 88 -1.20 1.81 -16.71
CA LYS A 88 -2.24 2.69 -17.23
C LYS A 88 -3.41 2.72 -16.26
N GLY A 89 -3.26 3.49 -15.20
CA GLY A 89 -4.34 3.62 -14.23
C GLY A 89 -4.14 4.79 -13.28
N GLY A 90 -2.99 4.85 -12.64
CA GLY A 90 -2.69 5.95 -11.75
C GLY A 90 -1.52 5.65 -10.84
N PRO A 91 -0.73 6.66 -10.49
CA PRO A 91 0.41 6.53 -9.59
C PRO A 91 0.02 6.27 -8.14
N THR A 92 -1.25 5.89 -7.89
CA THR A 92 -1.77 5.53 -6.59
C THR A 92 -0.66 5.18 -5.57
N PRO A 93 -0.38 6.12 -4.67
CA PRO A 93 0.69 5.95 -3.69
C PRO A 93 0.35 4.87 -2.69
N ILE A 94 -0.92 4.80 -2.29
CA ILE A 94 -1.41 3.84 -1.32
C ILE A 94 -1.05 2.44 -1.78
N ARG A 95 -0.46 1.64 -0.90
CA ARG A 95 -0.07 0.27 -1.19
C ARG A 95 -0.38 -0.64 -0.02
N VAL A 96 -1.01 -1.77 -0.29
CA VAL A 96 -1.33 -2.77 0.73
C VAL A 96 -0.07 -3.48 1.20
N VAL A 97 0.10 -3.58 2.51
CA VAL A 97 1.22 -4.26 3.13
C VAL A 97 0.78 -5.52 3.86
N TYR A 98 1.42 -6.63 3.55
CA TYR A 98 1.08 -7.94 4.11
C TYR A 98 2.32 -8.57 4.72
N ALA A 99 2.14 -9.65 5.47
CA ALA A 99 3.24 -10.39 6.07
C ALA A 99 3.52 -11.68 5.31
N ASN A 100 4.68 -12.28 5.57
CA ASN A 100 5.10 -13.52 4.95
C ASN A 100 5.13 -14.65 5.97
N SER A 101 4.27 -14.59 6.98
CA SER A 101 4.19 -15.61 8.01
C SER A 101 4.13 -17.01 7.42
N ARG A 102 5.27 -17.67 7.24
CA ARG A 102 5.37 -18.97 6.57
C ARG A 102 4.54 -19.03 5.27
N GLY A 103 4.64 -17.99 4.45
CA GLY A 103 3.87 -17.95 3.20
C GLY A 103 2.37 -17.77 3.44
N ALA A 104 2.01 -16.92 4.40
CA ALA A 104 0.62 -16.67 4.76
C ALA A 104 0.39 -15.18 4.96
N VAL A 105 -0.26 -14.55 3.98
CA VAL A 105 -0.58 -13.14 4.05
C VAL A 105 -1.48 -12.85 5.24
N GLN A 106 -1.12 -11.82 6.02
CA GLN A 106 -1.91 -11.40 7.16
C GLN A 106 -2.57 -10.05 6.94
N TYR A 107 -2.19 -9.37 5.85
CA TYR A 107 -2.67 -8.03 5.56
C TYR A 107 -2.36 -7.08 6.72
N CYS A 108 -1.07 -6.95 7.06
CA CYS A 108 -0.64 -6.03 8.12
C CYS A 108 -1.36 -4.66 8.04
N GLY A 109 -1.72 -4.25 6.83
CA GLY A 109 -2.50 -3.06 6.61
C GLY A 109 -2.02 -2.33 5.38
N VAL A 110 -2.70 -1.26 5.01
CA VAL A 110 -2.34 -0.45 3.85
C VAL A 110 -1.64 0.82 4.30
N MET A 111 -0.71 1.31 3.50
CA MET A 111 0.03 2.54 3.78
C MET A 111 -0.19 3.58 2.71
N THR A 112 0.12 4.83 2.98
CA THR A 112 0.00 5.92 2.02
C THR A 112 0.89 7.08 2.39
N HIS A 113 1.23 7.91 1.41
CA HIS A 113 2.03 9.09 1.65
C HIS A 113 1.24 10.18 2.39
N SER A 114 1.89 11.31 2.62
CA SER A 114 1.25 12.45 3.27
C SER A 114 1.41 13.69 2.45
N LYS A 115 2.51 13.85 1.70
CA LYS A 115 2.77 15.02 0.86
C LYS A 115 2.02 14.92 -0.48
N VAL A 116 0.71 14.82 -0.41
CA VAL A 116 -0.12 14.72 -1.60
C VAL A 116 -0.19 16.05 -2.33
N ASP A 117 0.47 16.16 -3.48
CA ASP A 117 0.42 17.42 -4.25
C ASP A 117 -0.81 17.47 -5.16
N LYS A 118 -0.82 16.64 -6.21
CA LYS A 118 -1.89 16.57 -7.20
C LYS A 118 -2.36 15.14 -7.37
N ASN A 119 -1.47 14.31 -7.91
CA ASN A 119 -1.77 12.91 -8.16
C ASN A 119 -1.34 12.05 -6.98
N ASN A 120 -1.13 12.67 -5.82
CA ASN A 120 -0.77 11.96 -4.60
C ASN A 120 0.66 11.43 -4.72
N GLN A 121 1.60 12.32 -5.02
CA GLN A 121 3.00 11.95 -5.18
C GLN A 121 3.53 11.31 -3.91
N GLY A 122 3.78 12.11 -2.87
CA GLY A 122 4.30 11.64 -1.61
C GLY A 122 5.81 11.74 -1.51
N LYS A 123 6.27 12.42 -0.47
CA LYS A 123 7.68 12.64 -0.23
C LYS A 123 8.06 12.39 1.21
N GLU A 124 7.32 13.01 2.13
CA GLU A 124 7.56 12.87 3.57
C GLU A 124 7.86 11.42 3.94
N PHE A 125 6.83 10.59 3.94
CA PHE A 125 6.94 9.19 4.29
C PHE A 125 5.64 8.45 4.01
N PHE A 126 5.59 7.16 4.35
CA PHE A 126 4.44 6.30 4.09
C PHE A 126 3.72 6.02 5.40
N GLU A 127 2.78 6.88 5.75
CA GLU A 127 1.96 6.69 6.93
C GLU A 127 0.89 5.61 6.72
N LYS A 128 0.87 4.63 7.61
CA LYS A 128 -0.14 3.57 7.59
C LYS A 128 -1.54 4.17 7.59
N CYS A 129 -2.36 3.77 6.63
CA CYS A 129 -3.74 4.20 6.56
C CYS A 129 -4.51 3.81 7.83
N ASP A 130 -5.78 4.22 7.90
CA ASP A 130 -6.65 3.92 9.04
C ASP A 130 -8.14 3.97 8.68
N ALA A 1 -17.56 -2.35 9.13
CA ALA A 1 -17.54 -1.55 7.88
C ALA A 1 -16.21 -1.77 7.20
N PRO A 2 -16.16 -2.49 6.07
CA PRO A 2 -14.94 -2.71 5.29
C PRO A 2 -14.45 -1.48 4.53
N ILE A 3 -15.17 -0.36 4.65
CA ILE A 3 -14.81 0.92 4.08
C ILE A 3 -14.09 1.78 5.11
N VAL A 4 -12.94 2.29 4.70
CA VAL A 4 -12.08 3.14 5.52
C VAL A 4 -11.67 4.38 4.74
N THR A 5 -10.85 5.24 5.33
CA THR A 5 -10.31 6.43 4.70
C THR A 5 -9.02 6.91 5.35
N CYS A 6 -7.92 6.93 4.60
CA CYS A 6 -6.64 7.36 5.18
C CYS A 6 -6.72 8.82 5.62
N ARG A 7 -5.70 9.32 6.33
CA ARG A 7 -5.60 10.72 6.78
C ARG A 7 -4.43 11.49 6.14
N PRO A 8 -4.23 11.41 4.81
CA PRO A 8 -3.15 12.10 4.12
C PRO A 8 -3.34 13.62 4.14
N LYS A 9 -2.35 14.33 3.60
CA LYS A 9 -2.33 15.78 3.52
C LYS A 9 -2.13 16.24 2.09
N LEU A 10 -3.24 16.56 1.43
CA LEU A 10 -3.19 17.14 0.10
C LEU A 10 -2.99 18.64 0.24
N ASP A 11 -4.07 19.41 0.41
CA ASP A 11 -4.04 20.87 0.31
C ASP A 11 -3.61 21.50 1.64
N GLY A 12 -2.46 21.05 2.16
CA GLY A 12 -1.97 21.42 3.49
C GLY A 12 -2.94 21.05 4.63
N ARG A 13 -3.98 20.25 4.35
CA ARG A 13 -5.06 19.88 5.26
C ARG A 13 -5.30 18.39 5.22
N GLU A 14 -5.93 17.88 6.25
CA GLU A 14 -6.22 16.45 6.42
C GLU A 14 -7.37 16.07 5.50
N LYS A 15 -7.07 15.36 4.41
CA LYS A 15 -8.08 14.94 3.44
C LYS A 15 -8.28 13.42 3.54
N PRO A 16 -9.51 12.91 3.70
CA PRO A 16 -9.80 11.48 3.74
C PRO A 16 -9.53 10.78 2.41
N PHE A 17 -8.64 9.78 2.40
CA PHE A 17 -8.35 9.02 1.19
C PHE A 17 -9.25 7.81 1.08
N LYS A 18 -10.22 7.81 0.17
CA LYS A 18 -11.13 6.68 -0.07
C LYS A 18 -10.37 5.35 -0.15
N VAL A 19 -10.60 4.43 0.77
CA VAL A 19 -9.94 3.12 0.81
C VAL A 19 -10.88 2.09 1.41
N ASP A 20 -10.54 0.82 1.23
CA ASP A 20 -11.34 -0.30 1.65
C ASP A 20 -10.44 -1.46 2.01
N VAL A 21 -10.61 -1.95 3.24
CA VAL A 21 -9.86 -3.11 3.73
C VAL A 21 -10.03 -4.32 2.81
N ALA A 22 -11.26 -4.54 2.32
CA ALA A 22 -11.62 -5.68 1.48
C ALA A 22 -10.75 -5.72 0.23
N THR A 23 -10.69 -4.59 -0.49
CA THR A 23 -9.87 -4.45 -1.69
C THR A 23 -8.42 -4.69 -1.34
N ALA A 24 -7.87 -3.95 -0.38
CA ALA A 24 -6.46 -4.09 0.00
C ALA A 24 -6.08 -5.55 0.23
N GLN A 25 -6.84 -6.24 1.08
CA GLN A 25 -6.64 -7.66 1.39
C GLN A 25 -6.67 -8.52 0.13
N ALA A 26 -7.65 -8.29 -0.75
CA ALA A 26 -7.76 -8.94 -2.05
C ALA A 26 -6.44 -8.83 -2.81
N GLN A 27 -5.87 -7.64 -2.90
CA GLN A 27 -4.62 -7.41 -3.63
C GLN A 27 -3.46 -8.19 -3.03
N ALA A 28 -3.19 -8.03 -1.74
CA ALA A 28 -2.13 -8.75 -1.03
C ALA A 28 -2.18 -10.25 -1.30
N ARG A 29 -3.38 -10.83 -1.19
CA ARG A 29 -3.61 -12.25 -1.48
C ARG A 29 -3.36 -12.58 -2.95
N LYS A 30 -3.96 -11.81 -3.87
CA LYS A 30 -3.83 -11.97 -5.33
C LYS A 30 -2.39 -11.88 -5.80
N ALA A 31 -1.75 -10.74 -5.57
CA ALA A 31 -0.35 -10.51 -5.88
C ALA A 31 0.57 -11.56 -5.21
N GLY A 32 0.27 -11.93 -3.97
CA GLY A 32 1.04 -12.90 -3.22
C GLY A 32 2.41 -12.35 -2.84
N LEU A 33 3.33 -13.25 -2.51
CA LEU A 33 4.69 -12.92 -2.07
C LEU A 33 5.71 -13.26 -3.17
N THR A 34 5.35 -13.01 -4.43
CA THR A 34 6.17 -13.39 -5.57
C THR A 34 6.05 -12.36 -6.69
N THR A 35 7.10 -11.57 -6.87
CA THR A 35 7.20 -10.57 -7.92
C THR A 35 8.41 -10.77 -8.80
N GLY A 36 8.39 -10.14 -9.97
CA GLY A 36 9.54 -10.15 -10.87
C GLY A 36 9.19 -9.83 -12.32
N LYS A 37 7.97 -10.20 -12.73
CA LYS A 37 7.41 -9.89 -14.05
C LYS A 37 7.52 -8.40 -14.41
N SER A 38 7.29 -7.53 -13.43
CA SER A 38 7.35 -6.09 -13.59
C SER A 38 8.02 -5.40 -12.42
N GLY A 39 7.41 -5.48 -11.25
CA GLY A 39 7.88 -4.84 -10.04
C GLY A 39 6.95 -5.06 -8.87
N ASP A 40 5.65 -5.22 -9.10
CA ASP A 40 4.68 -5.45 -8.04
C ASP A 40 4.18 -6.92 -7.99
N PRO A 41 3.88 -7.41 -6.76
CA PRO A 41 4.06 -6.70 -5.48
C PRO A 41 5.52 -6.41 -5.18
N HIS A 42 5.83 -5.55 -4.21
CA HIS A 42 7.22 -5.20 -3.86
C HIS A 42 7.55 -5.73 -2.47
N ARG A 43 8.81 -6.06 -2.21
CA ARG A 43 9.26 -6.54 -0.90
C ARG A 43 9.39 -5.36 0.05
N TYR A 44 8.60 -5.36 1.11
CA TYR A 44 8.69 -4.38 2.18
C TYR A 44 9.70 -4.87 3.22
N PHE A 45 10.58 -3.98 3.64
CA PHE A 45 11.57 -4.17 4.71
C PHE A 45 11.30 -3.23 5.89
N ALA A 46 11.87 -3.53 7.04
CA ALA A 46 11.75 -2.73 8.27
C ALA A 46 12.58 -1.43 8.22
N GLY A 47 12.48 -0.70 7.11
CA GLY A 47 13.16 0.58 6.90
C GLY A 47 12.26 1.77 7.22
N ASP A 48 10.95 1.61 7.01
CA ASP A 48 10.00 2.66 7.33
C ASP A 48 9.64 2.61 8.81
N HIS A 49 9.62 3.78 9.48
CA HIS A 49 9.28 3.94 10.90
C HIS A 49 7.98 3.24 11.31
N ILE A 50 7.03 3.18 10.36
CA ILE A 50 5.76 2.46 10.47
C ILE A 50 5.91 1.18 11.29
N ARG A 51 5.16 1.13 12.39
CA ARG A 51 5.18 0.00 13.31
C ARG A 51 3.98 -0.92 13.18
N TRP A 52 2.87 -0.36 12.66
CA TRP A 52 1.61 -1.08 12.46
C TRP A 52 0.92 -1.49 13.76
N GLY A 53 1.23 -0.79 14.86
CA GLY A 53 0.78 -1.13 16.21
C GLY A 53 0.85 -2.64 16.51
N VAL A 54 1.82 -3.34 15.94
CA VAL A 54 1.95 -4.80 16.03
C VAL A 54 3.42 -5.14 16.26
N ASN A 55 3.70 -6.26 16.92
CA ASN A 55 5.05 -6.77 17.13
C ASN A 55 5.62 -7.50 15.89
N ASN A 56 4.80 -8.35 15.24
CA ASN A 56 5.22 -9.09 14.06
C ASN A 56 5.87 -8.20 12.99
N CYS A 57 5.09 -7.27 12.43
CA CYS A 57 5.59 -6.32 11.45
C CYS A 57 6.65 -5.39 12.02
N ASP A 58 6.51 -4.94 13.27
CA ASP A 58 7.53 -4.10 13.97
C ASP A 58 8.94 -4.67 13.86
N LYS A 59 9.08 -6.01 13.85
CA LYS A 59 10.36 -6.69 13.67
C LYS A 59 11.23 -6.04 12.60
N ALA A 60 12.54 -6.05 12.87
CA ALA A 60 13.50 -5.39 12.00
C ALA A 60 13.99 -6.32 10.88
N ASP A 61 14.31 -7.56 11.24
CA ASP A 61 14.76 -8.61 10.31
C ASP A 61 13.59 -9.43 9.77
N ALA A 62 12.41 -8.81 9.64
CA ALA A 62 11.23 -9.46 9.07
C ALA A 62 11.14 -9.27 7.56
N ILE A 63 10.13 -9.89 6.97
CA ILE A 63 9.87 -9.86 5.53
C ILE A 63 8.42 -9.48 5.32
N LEU A 64 8.17 -8.28 4.82
CA LEU A 64 6.85 -7.81 4.45
C LEU A 64 6.79 -7.58 2.92
N TRP A 65 5.64 -7.12 2.47
CA TRP A 65 5.34 -6.79 1.09
C TRP A 65 4.43 -5.59 0.99
N GLU A 66 4.33 -5.02 -0.21
CA GLU A 66 3.53 -3.84 -0.51
C GLU A 66 2.98 -3.90 -1.94
N TYR A 67 1.68 -3.63 -2.09
CA TYR A 67 1.02 -3.67 -3.39
C TYR A 67 0.08 -2.48 -3.61
N PRO A 68 0.10 -1.84 -4.80
CA PRO A 68 -0.67 -0.63 -5.14
C PRO A 68 -2.17 -0.85 -5.16
N ILE A 69 -2.97 0.12 -4.74
CA ILE A 69 -4.43 0.00 -4.73
C ILE A 69 -5.13 1.11 -5.51
N TYR A 70 -6.41 0.91 -5.79
CA TYR A 70 -7.23 1.88 -6.50
C TYR A 70 -8.42 2.24 -5.62
N TRP A 71 -8.46 3.50 -5.19
CA TRP A 71 -9.61 4.05 -4.50
C TRP A 71 -10.83 4.14 -5.41
N VAL A 72 -11.98 4.55 -4.83
CA VAL A 72 -13.26 4.69 -5.54
C VAL A 72 -13.10 5.43 -6.86
N GLY A 73 -12.82 6.75 -6.77
CA GLY A 73 -12.71 7.62 -7.94
C GLY A 73 -11.80 7.07 -9.03
N LYS A 74 -10.55 6.73 -8.67
CA LYS A 74 -9.56 6.07 -9.53
C LYS A 74 -10.21 5.02 -10.43
N ASN A 75 -10.20 5.26 -11.73
CA ASN A 75 -10.84 4.37 -12.69
C ASN A 75 -9.77 3.61 -13.49
N ALA A 76 -9.15 2.61 -12.86
CA ALA A 76 -8.14 1.79 -13.47
C ALA A 76 -7.79 0.58 -12.58
N GLU A 77 -6.85 -0.24 -13.03
CA GLU A 77 -6.35 -1.39 -12.28
C GLU A 77 -4.87 -1.60 -12.59
N TRP A 78 -4.15 -2.13 -11.60
CA TRP A 78 -2.74 -2.47 -11.77
C TRP A 78 -2.57 -3.76 -12.58
N ALA A 79 -1.50 -3.83 -13.36
CA ALA A 79 -1.20 -5.01 -14.14
C ALA A 79 -0.13 -5.88 -13.48
N LYS A 80 -0.14 -7.17 -13.81
CA LYS A 80 0.88 -8.10 -13.32
C LYS A 80 2.24 -7.75 -13.90
N ASP A 81 2.39 -7.74 -15.21
CA ASP A 81 3.65 -7.50 -15.93
C ASP A 81 3.81 -6.03 -16.37
N VAL A 82 3.45 -5.08 -15.50
CA VAL A 82 3.56 -3.66 -15.80
C VAL A 82 4.22 -2.89 -14.66
N LYS A 83 5.32 -2.21 -14.97
CA LYS A 83 6.02 -1.36 -14.01
C LYS A 83 5.19 -0.11 -13.66
N THR A 84 5.53 0.56 -12.58
CA THR A 84 4.86 1.80 -12.12
C THR A 84 4.81 2.89 -13.18
N SER A 85 5.95 3.25 -13.77
CA SER A 85 6.04 4.28 -14.82
C SER A 85 5.10 3.98 -15.99
N GLN A 86 5.09 2.72 -16.45
CA GLN A 86 4.17 2.27 -17.50
C GLN A 86 2.71 2.24 -17.02
N GLN A 87 2.49 1.95 -15.73
CA GLN A 87 1.18 1.83 -15.10
C GLN A 87 0.31 3.04 -15.43
N LYS A 88 -0.67 2.81 -16.29
CA LYS A 88 -1.54 3.89 -16.76
C LYS A 88 -2.38 4.45 -15.62
N GLY A 89 -3.00 3.55 -14.87
CA GLY A 89 -3.89 3.87 -13.75
C GLY A 89 -3.41 4.99 -12.84
N GLY A 90 -2.12 4.98 -12.55
CA GLY A 90 -1.41 6.09 -11.93
C GLY A 90 -0.66 5.61 -10.69
N PRO A 91 0.37 6.36 -10.26
CA PRO A 91 1.17 6.07 -9.08
C PRO A 91 0.34 6.31 -7.81
N THR A 92 -0.50 5.34 -7.48
CA THR A 92 -1.30 5.35 -6.26
C THR A 92 -0.39 5.30 -5.02
N PRO A 93 -0.60 6.24 -4.07
CA PRO A 93 0.13 6.29 -2.83
C PRO A 93 -0.25 5.17 -1.89
N ILE A 94 -1.53 4.83 -1.88
CA ILE A 94 -2.08 3.80 -1.02
C ILE A 94 -1.60 2.43 -1.51
N ARG A 95 -0.98 1.66 -0.62
CA ARG A 95 -0.51 0.31 -0.91
C ARG A 95 -0.82 -0.61 0.28
N VAL A 96 -1.41 -1.78 -0.01
CA VAL A 96 -1.62 -2.81 1.00
C VAL A 96 -0.29 -3.43 1.43
N VAL A 97 -0.08 -3.58 2.73
CA VAL A 97 1.12 -4.18 3.31
C VAL A 97 0.77 -5.45 4.06
N TYR A 98 1.61 -6.46 3.91
CA TYR A 98 1.40 -7.77 4.48
C TYR A 98 2.72 -8.46 4.77
N ALA A 99 2.78 -9.14 5.91
CA ALA A 99 3.96 -9.89 6.31
C ALA A 99 4.01 -11.26 5.64
N ASN A 100 5.21 -11.84 5.57
CA ASN A 100 5.46 -13.16 5.00
C ASN A 100 5.37 -14.25 6.08
N SER A 101 4.19 -14.45 6.66
CA SER A 101 4.00 -15.48 7.69
C SER A 101 3.80 -16.85 7.06
N ARG A 102 4.88 -17.60 6.81
CA ARG A 102 4.79 -18.95 6.19
C ARG A 102 4.03 -18.96 4.85
N GLY A 103 4.22 -17.91 4.06
CA GLY A 103 3.49 -17.73 2.80
C GLY A 103 2.09 -17.11 2.96
N ALA A 104 1.45 -17.33 4.10
CA ALA A 104 0.17 -16.70 4.43
C ALA A 104 0.35 -15.24 4.82
N VAL A 105 -0.41 -14.37 4.17
CA VAL A 105 -0.43 -12.94 4.47
C VAL A 105 -1.25 -12.68 5.72
N GLN A 106 -0.80 -11.74 6.54
CA GLN A 106 -1.55 -11.34 7.74
C GLN A 106 -2.24 -10.00 7.59
N TYR A 107 -2.30 -9.45 6.35
CA TYR A 107 -2.80 -8.11 6.08
C TYR A 107 -2.30 -7.12 7.16
N CYS A 108 -0.97 -6.97 7.28
CA CYS A 108 -0.36 -6.07 8.25
C CYS A 108 -1.07 -4.71 8.36
N GLY A 109 -1.52 -4.22 7.20
CA GLY A 109 -2.40 -3.08 7.09
C GLY A 109 -2.15 -2.33 5.77
N VAL A 110 -2.99 -1.36 5.48
CA VAL A 110 -2.83 -0.52 4.29
C VAL A 110 -2.14 0.76 4.70
N MET A 111 -1.17 1.21 3.90
CA MET A 111 -0.49 2.49 4.10
C MET A 111 -0.72 3.41 2.92
N THR A 112 -0.41 4.69 3.08
CA THR A 112 -0.53 5.71 2.06
C THR A 112 0.41 6.88 2.32
N HIS A 113 0.87 7.50 1.26
CA HIS A 113 1.73 8.66 1.39
C HIS A 113 0.96 9.85 1.98
N SER A 114 1.65 10.70 2.72
CA SER A 114 1.04 11.91 3.28
C SER A 114 1.24 13.11 2.36
N LYS A 115 2.41 13.23 1.73
CA LYS A 115 2.76 14.36 0.85
C LYS A 115 2.34 14.08 -0.59
N VAL A 116 1.11 14.45 -0.92
CA VAL A 116 0.52 14.22 -2.23
C VAL A 116 -0.24 15.47 -2.66
N ASP A 117 0.26 16.17 -3.66
CA ASP A 117 -0.40 17.38 -4.16
C ASP A 117 -0.50 17.34 -5.66
N LYS A 118 0.58 17.76 -6.32
CA LYS A 118 0.64 17.75 -7.77
C LYS A 118 0.71 16.33 -8.33
N ASN A 119 1.16 15.37 -7.52
CA ASN A 119 1.36 13.97 -7.88
C ASN A 119 1.33 13.14 -6.60
N ASN A 120 0.44 12.15 -6.57
CA ASN A 120 0.30 11.22 -5.45
C ASN A 120 1.44 10.19 -5.34
N GLN A 121 2.68 10.61 -5.56
CA GLN A 121 3.87 9.74 -5.57
C GLN A 121 4.40 9.48 -4.17
N GLY A 122 4.24 10.44 -3.24
CA GLY A 122 4.76 10.34 -1.89
C GLY A 122 6.13 10.97 -1.76
N LYS A 123 6.29 11.80 -0.74
CA LYS A 123 7.56 12.47 -0.43
C LYS A 123 7.97 12.29 1.02
N GLU A 124 7.06 12.59 1.95
CA GLU A 124 7.27 12.38 3.38
C GLU A 124 7.52 10.90 3.67
N PHE A 125 6.48 10.09 3.74
CA PHE A 125 6.53 8.68 4.11
C PHE A 125 5.16 8.04 3.92
N PHE A 126 5.07 6.73 4.18
CA PHE A 126 3.86 5.94 4.00
C PHE A 126 3.11 5.88 5.33
N GLU A 127 2.23 6.83 5.58
CA GLU A 127 1.38 6.79 6.76
C GLU A 127 0.34 5.66 6.67
N LYS A 128 0.17 4.91 7.75
CA LYS A 128 -0.89 3.89 7.84
C LYS A 128 -2.27 4.51 7.55
N CYS A 129 -3.19 3.65 7.16
CA CYS A 129 -4.58 4.01 6.92
C CYS A 129 -5.46 3.62 8.10
N ASP A 130 -6.75 3.95 8.01
CA ASP A 130 -7.75 3.76 9.06
C ASP A 130 -9.20 3.92 8.60
N ALA A 1 -16.32 -2.18 10.18
CA ALA A 1 -16.46 -1.37 8.97
C ALA A 1 -15.36 -1.78 8.01
N PRO A 2 -15.69 -2.42 6.87
CA PRO A 2 -14.72 -2.78 5.84
C PRO A 2 -14.15 -1.57 5.06
N ILE A 3 -14.61 -0.37 5.35
CA ILE A 3 -14.16 0.87 4.72
C ILE A 3 -13.36 1.67 5.74
N VAL A 4 -12.19 2.12 5.29
CA VAL A 4 -11.29 2.98 6.07
C VAL A 4 -10.88 4.20 5.27
N THR A 5 -10.22 5.14 5.92
CA THR A 5 -9.74 6.38 5.31
C THR A 5 -8.46 6.87 5.90
N CYS A 6 -7.47 7.06 5.04
CA CYS A 6 -6.15 7.50 5.52
C CYS A 6 -6.21 8.98 5.96
N ARG A 7 -5.19 9.46 6.67
CA ARG A 7 -5.03 10.87 7.08
C ARG A 7 -3.85 11.61 6.41
N PRO A 8 -3.65 11.48 5.09
CA PRO A 8 -2.58 12.12 4.35
C PRO A 8 -2.74 13.63 4.34
N LYS A 9 -1.73 14.30 3.77
CA LYS A 9 -1.73 15.74 3.60
C LYS A 9 -1.81 16.09 2.13
N LEU A 10 -2.62 17.11 1.87
CA LEU A 10 -2.78 17.71 0.55
C LEU A 10 -1.95 19.00 0.49
N ASP A 11 -2.54 20.10 0.95
CA ASP A 11 -2.01 21.47 0.84
C ASP A 11 -1.82 22.09 2.24
N GLY A 12 -1.37 21.27 3.20
CA GLY A 12 -1.17 21.68 4.59
C GLY A 12 -2.25 21.21 5.55
N ARG A 13 -3.45 20.91 5.05
CA ARG A 13 -4.56 20.31 5.83
C ARG A 13 -4.59 18.78 5.69
N GLU A 14 -5.26 18.12 6.63
CA GLU A 14 -5.48 16.67 6.62
C GLU A 14 -6.58 16.33 5.60
N LYS A 15 -6.25 15.56 4.57
CA LYS A 15 -7.19 15.14 3.53
C LYS A 15 -7.51 13.64 3.69
N PRO A 16 -8.76 13.23 3.93
CA PRO A 16 -9.13 11.82 4.04
C PRO A 16 -9.01 11.05 2.71
N PHE A 17 -8.28 9.93 2.70
CA PHE A 17 -8.10 9.08 1.51
C PHE A 17 -8.92 7.80 1.60
N LYS A 18 -9.98 7.69 0.79
CA LYS A 18 -10.84 6.51 0.72
C LYS A 18 -10.05 5.26 0.40
N VAL A 19 -10.31 4.21 1.17
CA VAL A 19 -9.66 2.93 1.07
C VAL A 19 -10.65 1.85 1.50
N ASP A 20 -10.93 0.92 0.59
CA ASP A 20 -11.70 -0.28 0.91
C ASP A 20 -10.76 -1.46 1.23
N VAL A 21 -11.15 -2.23 2.25
CA VAL A 21 -10.49 -3.48 2.65
C VAL A 21 -10.51 -4.50 1.53
N ALA A 22 -11.68 -4.78 0.94
CA ALA A 22 -11.88 -5.80 -0.08
C ALA A 22 -10.87 -5.60 -1.19
N THR A 23 -10.74 -4.36 -1.66
CA THR A 23 -9.73 -3.95 -2.65
C THR A 23 -8.33 -4.21 -2.10
N ALA A 24 -7.95 -3.56 -0.99
CA ALA A 24 -6.59 -3.67 -0.45
C ALA A 24 -6.13 -5.13 -0.35
N GLN A 25 -6.97 -5.98 0.25
CA GLN A 25 -6.76 -7.42 0.38
C GLN A 25 -6.62 -8.12 -0.96
N ALA A 26 -7.55 -7.83 -1.90
CA ALA A 26 -7.53 -8.37 -3.25
C ALA A 26 -6.16 -8.18 -3.87
N GLN A 27 -5.62 -6.97 -3.80
CA GLN A 27 -4.31 -6.62 -4.35
C GLN A 27 -3.17 -7.37 -3.65
N ALA A 28 -3.16 -7.33 -2.32
CA ALA A 28 -2.15 -8.02 -1.49
C ALA A 28 -2.01 -9.49 -1.90
N ARG A 29 -3.15 -10.19 -1.92
CA ARG A 29 -3.20 -11.60 -2.33
C ARG A 29 -2.86 -11.76 -3.79
N LYS A 30 -3.45 -10.96 -4.68
CA LYS A 30 -3.24 -11.01 -6.14
C LYS A 30 -1.76 -10.99 -6.50
N ALA A 31 -1.01 -10.13 -5.82
CA ALA A 31 0.42 -10.04 -5.95
C ALA A 31 1.15 -11.21 -5.27
N GLY A 32 0.73 -11.56 -4.05
CA GLY A 32 1.34 -12.64 -3.28
C GLY A 32 2.74 -12.24 -2.81
N LEU A 33 3.58 -13.23 -2.49
CA LEU A 33 4.92 -13.01 -1.93
C LEU A 33 6.03 -13.35 -2.92
N THR A 34 5.77 -13.10 -4.21
CA THR A 34 6.66 -13.49 -5.30
C THR A 34 6.56 -12.50 -6.46
N THR A 35 7.64 -11.74 -6.66
CA THR A 35 7.79 -10.77 -7.75
C THR A 35 8.95 -11.14 -8.66
N GLY A 36 8.91 -10.64 -9.89
CA GLY A 36 9.97 -10.83 -10.89
C GLY A 36 9.44 -10.82 -12.32
N LYS A 37 8.50 -9.92 -12.62
CA LYS A 37 7.87 -9.77 -13.94
C LYS A 37 7.94 -8.35 -14.49
N SER A 38 7.68 -7.37 -13.62
CA SER A 38 7.68 -5.95 -13.97
C SER A 38 8.34 -5.12 -12.90
N GLY A 39 7.78 -5.14 -11.71
CA GLY A 39 8.26 -4.34 -10.60
C GLY A 39 7.36 -4.41 -9.39
N ASP A 40 6.61 -5.50 -9.22
CA ASP A 40 5.71 -5.71 -8.09
C ASP A 40 5.25 -7.19 -7.94
N PRO A 41 4.90 -7.60 -6.71
CA PRO A 41 5.02 -6.84 -5.46
C PRO A 41 6.45 -6.49 -5.06
N HIS A 42 6.65 -5.71 -4.00
CA HIS A 42 7.98 -5.35 -3.53
C HIS A 42 8.17 -5.85 -2.11
N ARG A 43 9.39 -6.30 -1.78
CA ARG A 43 9.74 -6.74 -0.43
C ARG A 43 9.78 -5.55 0.51
N TYR A 44 8.92 -5.57 1.51
CA TYR A 44 8.91 -4.57 2.57
C TYR A 44 9.73 -5.11 3.75
N PHE A 45 10.50 -4.23 4.37
CA PHE A 45 11.27 -4.49 5.58
C PHE A 45 10.93 -3.48 6.68
N ALA A 46 11.29 -3.77 7.94
CA ALA A 46 11.09 -2.89 9.10
C ALA A 46 12.03 -1.66 9.12
N GLY A 47 12.29 -1.06 7.95
CA GLY A 47 13.12 0.12 7.77
C GLY A 47 12.35 1.42 7.98
N ASP A 48 11.07 1.43 7.63
CA ASP A 48 10.22 2.58 7.86
C ASP A 48 9.68 2.52 9.30
N HIS A 49 9.69 3.66 10.02
CA HIS A 49 9.16 3.83 11.38
C HIS A 49 7.80 3.19 11.63
N ILE A 50 6.95 3.16 10.59
CA ILE A 50 5.67 2.44 10.56
C ILE A 50 5.74 1.11 11.32
N ARG A 51 4.82 0.97 12.27
CA ARG A 51 4.74 -0.18 13.19
C ARG A 51 3.48 -1.00 13.00
N TRP A 52 2.42 -0.34 12.52
CA TRP A 52 1.10 -0.91 12.26
C TRP A 52 0.37 -1.33 13.55
N GLY A 53 0.82 -0.84 14.71
CA GLY A 53 0.37 -1.29 16.02
C GLY A 53 0.32 -2.82 16.17
N VAL A 54 1.22 -3.54 15.48
CA VAL A 54 1.22 -5.00 15.43
C VAL A 54 2.61 -5.50 15.79
N ASN A 55 2.71 -6.60 16.54
CA ASN A 55 3.98 -7.23 16.91
C ASN A 55 4.71 -7.83 15.69
N ASN A 56 4.00 -8.58 14.85
CA ASN A 56 4.54 -9.19 13.64
C ASN A 56 5.04 -8.17 12.62
N CYS A 57 4.28 -7.10 12.39
CA CYS A 57 4.70 -6.02 11.51
C CYS A 57 5.86 -5.20 12.12
N ASP A 58 5.79 -4.86 13.42
CA ASP A 58 6.83 -4.14 14.17
C ASP A 58 7.96 -5.07 14.67
N LYS A 59 8.26 -6.11 13.89
CA LYS A 59 9.39 -7.01 14.15
C LYS A 59 10.74 -6.37 13.83
N ALA A 60 11.81 -7.12 14.09
CA ALA A 60 13.17 -6.71 13.81
C ALA A 60 13.47 -7.05 12.35
N ASP A 61 13.01 -6.21 11.42
CA ASP A 61 13.26 -6.39 9.98
C ASP A 61 12.63 -7.68 9.44
N ALA A 62 11.40 -7.95 9.89
CA ALA A 62 10.64 -9.07 9.35
C ALA A 62 10.46 -9.01 7.82
N ILE A 63 9.94 -10.11 7.28
CA ILE A 63 9.73 -10.26 5.85
C ILE A 63 8.32 -9.80 5.57
N LEU A 64 8.16 -8.53 5.22
CA LEU A 64 6.90 -7.97 4.75
C LEU A 64 6.95 -7.77 3.22
N TRP A 65 5.86 -7.28 2.67
CA TRP A 65 5.68 -6.95 1.27
C TRP A 65 4.78 -5.75 1.10
N GLU A 66 4.81 -5.14 -0.08
CA GLU A 66 4.03 -3.96 -0.43
C GLU A 66 3.55 -4.02 -1.89
N TYR A 67 2.29 -3.62 -2.11
CA TYR A 67 1.69 -3.62 -3.44
C TYR A 67 0.72 -2.46 -3.68
N PRO A 68 0.76 -1.80 -4.85
CA PRO A 68 -0.13 -0.69 -5.18
C PRO A 68 -1.57 -1.11 -5.39
N ILE A 69 -2.50 -0.20 -5.11
CA ILE A 69 -3.93 -0.46 -5.16
C ILE A 69 -4.68 0.74 -5.73
N TYR A 70 -5.97 0.55 -5.97
CA TYR A 70 -6.83 1.59 -6.49
C TYR A 70 -7.96 1.81 -5.50
N TRP A 71 -7.97 2.97 -4.84
CA TRP A 71 -9.08 3.39 -3.98
C TRP A 71 -10.42 3.36 -4.71
N VAL A 72 -11.50 3.63 -3.97
CA VAL A 72 -12.87 3.61 -4.53
C VAL A 72 -13.08 4.56 -5.71
N GLY A 73 -12.41 5.72 -5.67
CA GLY A 73 -12.48 6.74 -6.71
C GLY A 73 -11.93 6.28 -8.06
N LYS A 74 -10.80 5.55 -8.03
CA LYS A 74 -10.22 4.93 -9.22
C LYS A 74 -11.16 3.88 -9.81
N ASN A 75 -10.92 3.51 -11.07
CA ASN A 75 -11.72 2.53 -11.81
C ASN A 75 -10.81 1.53 -12.58
N ALA A 76 -9.68 1.17 -11.98
CA ALA A 76 -8.76 0.20 -12.56
C ALA A 76 -8.07 -0.64 -11.48
N GLU A 77 -7.25 -1.59 -11.91
CA GLU A 77 -6.47 -2.46 -11.02
C GLU A 77 -5.05 -2.58 -11.54
N TRP A 78 -4.09 -2.71 -10.62
CA TRP A 78 -2.68 -2.84 -10.95
C TRP A 78 -2.44 -4.17 -11.63
N ALA A 79 -1.81 -4.12 -12.80
CA ALA A 79 -1.46 -5.33 -13.53
C ALA A 79 -0.30 -6.09 -12.85
N LYS A 80 0.11 -7.21 -13.46
CA LYS A 80 1.16 -8.08 -12.93
C LYS A 80 2.50 -7.77 -13.58
N ASP A 81 2.52 -7.61 -14.90
CA ASP A 81 3.72 -7.33 -15.69
C ASP A 81 3.76 -5.86 -16.14
N VAL A 82 3.39 -4.92 -15.26
CA VAL A 82 3.37 -3.48 -15.58
C VAL A 82 3.91 -2.64 -14.43
N LYS A 83 4.98 -1.89 -14.71
CA LYS A 83 5.58 -0.92 -13.77
C LYS A 83 4.73 0.34 -13.65
N THR A 84 5.06 1.20 -12.69
CA THR A 84 4.36 2.48 -12.44
C THR A 84 4.26 3.38 -13.67
N SER A 85 5.37 3.61 -14.37
CA SER A 85 5.42 4.46 -15.58
C SER A 85 4.42 4.02 -16.65
N GLN A 86 4.52 2.74 -17.04
CA GLN A 86 3.59 2.12 -17.98
C GLN A 86 2.15 2.16 -17.46
N GLN A 87 1.95 1.86 -16.15
CA GLN A 87 0.65 1.78 -15.48
C GLN A 87 -0.31 2.86 -15.94
N LYS A 88 -1.27 2.45 -16.78
CA LYS A 88 -2.20 3.39 -17.41
C LYS A 88 -3.24 3.89 -16.41
N GLY A 89 -3.75 2.96 -15.60
CA GLY A 89 -4.77 3.23 -14.58
C GLY A 89 -4.52 4.48 -13.75
N GLY A 90 -3.27 4.70 -13.35
CA GLY A 90 -2.79 5.93 -12.75
C GLY A 90 -1.92 5.67 -11.51
N PRO A 91 -1.19 6.68 -11.04
CA PRO A 91 -0.36 6.59 -9.85
C PRO A 91 -1.20 6.40 -8.59
N THR A 92 -0.59 5.80 -7.58
CA THR A 92 -1.23 5.57 -6.28
C THR A 92 -0.18 5.58 -5.16
N PRO A 93 -0.32 6.52 -4.21
CA PRO A 93 0.57 6.59 -3.07
C PRO A 93 0.30 5.48 -2.06
N ILE A 94 -0.97 5.06 -1.98
CA ILE A 94 -1.39 4.03 -1.05
C ILE A 94 -0.86 2.68 -1.56
N ARG A 95 -0.36 1.84 -0.66
CA ARG A 95 0.09 0.47 -0.95
C ARG A 95 -0.31 -0.45 0.18
N VAL A 96 -0.82 -1.63 -0.15
CA VAL A 96 -1.13 -2.69 0.80
C VAL A 96 0.15 -3.35 1.28
N VAL A 97 0.28 -3.53 2.58
CA VAL A 97 1.41 -4.15 3.25
C VAL A 97 0.94 -5.43 3.91
N TYR A 98 1.75 -6.47 3.81
CA TYR A 98 1.45 -7.80 4.31
C TYR A 98 2.72 -8.50 4.77
N ALA A 99 2.61 -9.27 5.85
CA ALA A 99 3.72 -10.06 6.37
C ALA A 99 3.84 -11.42 5.67
N ASN A 100 5.02 -12.02 5.78
CA ASN A 100 5.35 -13.32 5.19
C ASN A 100 5.63 -14.33 6.29
N SER A 101 4.58 -14.79 6.97
CA SER A 101 4.72 -15.77 8.04
C SER A 101 4.65 -17.19 7.47
N ARG A 102 3.49 -17.56 6.92
CA ARG A 102 3.20 -18.91 6.36
C ARG A 102 2.72 -18.87 4.91
N GLY A 103 3.25 -17.95 4.11
CA GLY A 103 2.81 -17.73 2.72
C GLY A 103 1.48 -16.95 2.61
N ALA A 104 0.51 -17.25 3.47
CA ALA A 104 -0.72 -16.48 3.55
C ALA A 104 -0.45 -15.09 4.15
N VAL A 105 -0.78 -14.06 3.38
CA VAL A 105 -0.71 -12.67 3.83
C VAL A 105 -1.67 -12.45 5.01
N GLN A 106 -1.28 -11.56 5.91
CA GLN A 106 -2.12 -11.19 7.06
C GLN A 106 -2.72 -9.79 6.94
N TYR A 107 -2.68 -9.19 5.75
CA TYR A 107 -3.07 -7.77 5.54
C TYR A 107 -2.54 -6.90 6.69
N CYS A 108 -1.22 -6.85 6.86
CA CYS A 108 -0.59 -6.04 7.90
C CYS A 108 -1.19 -4.63 7.98
N GLY A 109 -1.51 -4.05 6.83
CA GLY A 109 -2.31 -2.86 6.68
C GLY A 109 -1.96 -2.14 5.39
N VAL A 110 -2.68 -1.07 5.05
CA VAL A 110 -2.42 -0.22 3.88
C VAL A 110 -1.77 1.06 4.31
N MET A 111 -0.65 1.44 3.71
CA MET A 111 0.05 2.68 4.01
C MET A 111 -0.18 3.68 2.90
N THR A 112 -0.02 4.96 3.19
CA THR A 112 -0.12 6.03 2.21
C THR A 112 0.95 7.07 2.43
N HIS A 113 1.22 7.86 1.40
CA HIS A 113 2.10 9.02 1.51
C HIS A 113 1.32 10.25 2.00
N SER A 114 2.03 11.14 2.69
CA SER A 114 1.49 12.40 3.18
C SER A 114 1.85 13.59 2.29
N LYS A 115 2.07 13.37 0.99
CA LYS A 115 2.45 14.41 0.01
C LYS A 115 1.72 14.29 -1.31
N VAL A 116 0.41 14.44 -1.28
CA VAL A 116 -0.43 14.31 -2.45
C VAL A 116 -0.95 15.65 -2.91
N ASP A 117 -0.59 16.13 -4.10
CA ASP A 117 -1.05 17.43 -4.60
C ASP A 117 -2.00 17.25 -5.80
N LYS A 118 -1.43 16.85 -6.93
CA LYS A 118 -2.11 16.60 -8.21
C LYS A 118 -1.99 15.16 -8.68
N ASN A 119 -0.76 14.65 -8.65
CA ASN A 119 -0.45 13.27 -9.04
C ASN A 119 -0.38 12.33 -7.85
N ASN A 120 -0.84 12.77 -6.68
CA ASN A 120 -0.83 11.99 -5.45
C ASN A 120 0.52 11.25 -5.24
N GLN A 121 1.63 11.93 -5.54
CA GLN A 121 2.94 11.30 -5.53
C GLN A 121 3.38 10.98 -4.08
N GLY A 122 4.50 10.29 -3.91
CA GLY A 122 5.09 10.07 -2.59
C GLY A 122 6.39 10.79 -2.45
N LYS A 123 6.41 11.82 -1.60
CA LYS A 123 7.64 12.56 -1.27
C LYS A 123 8.04 12.43 0.19
N GLU A 124 7.08 12.55 1.09
CA GLU A 124 7.28 12.35 2.53
C GLU A 124 7.30 10.85 2.89
N PHE A 125 7.51 10.57 4.18
CA PHE A 125 7.41 9.24 4.76
C PHE A 125 6.04 8.58 4.50
N PHE A 126 5.95 7.32 4.92
CA PHE A 126 4.77 6.51 4.72
C PHE A 126 4.05 6.40 6.06
N GLU A 127 2.79 6.75 6.08
CA GLU A 127 1.92 6.65 7.23
C GLU A 127 0.88 5.57 6.93
N LYS A 128 0.79 4.58 7.81
CA LYS A 128 -0.30 3.59 7.80
C LYS A 128 -1.66 4.29 7.80
N CYS A 129 -2.63 3.70 7.10
CA CYS A 129 -4.03 4.11 7.09
C CYS A 129 -4.73 3.70 8.41
N ASP A 130 -6.01 4.07 8.51
CA ASP A 130 -6.90 3.87 9.66
C ASP A 130 -8.39 3.81 9.26
N ALA A 1 -17.88 -1.65 9.42
CA ALA A 1 -17.83 -1.23 8.01
C ALA A 1 -16.43 -1.51 7.50
N PRO A 2 -16.27 -2.25 6.39
CA PRO A 2 -14.96 -2.54 5.77
C PRO A 2 -14.33 -1.30 5.09
N ILE A 3 -15.17 -0.31 4.77
CA ILE A 3 -14.73 0.96 4.20
C ILE A 3 -13.96 1.76 5.26
N VAL A 4 -12.84 2.32 4.83
CA VAL A 4 -11.95 3.13 5.63
C VAL A 4 -11.53 4.41 4.89
N THR A 5 -10.74 5.27 5.53
CA THR A 5 -10.13 6.44 4.89
C THR A 5 -8.77 6.81 5.45
N CYS A 6 -7.74 6.79 4.61
CA CYS A 6 -6.41 7.19 5.08
C CYS A 6 -6.43 8.64 5.57
N ARG A 7 -5.38 9.04 6.29
CA ARG A 7 -5.15 10.41 6.80
C ARG A 7 -3.98 11.15 6.13
N PRO A 8 -3.81 11.11 4.79
CA PRO A 8 -2.72 11.80 4.11
C PRO A 8 -2.89 13.32 4.15
N LYS A 9 -1.83 14.03 3.73
CA LYS A 9 -1.77 15.48 3.69
C LYS A 9 -1.89 16.00 2.25
N LEU A 10 -3.02 16.63 1.96
CA LEU A 10 -3.20 17.26 0.65
C LEU A 10 -2.40 18.58 0.61
N ASP A 11 -2.99 19.63 1.18
CA ASP A 11 -2.51 21.02 1.11
C ASP A 11 -2.22 21.57 2.52
N GLY A 12 -1.63 20.72 3.36
CA GLY A 12 -1.34 21.03 4.75
C GLY A 12 -2.36 20.46 5.74
N ARG A 13 -3.61 20.24 5.29
CA ARG A 13 -4.68 19.63 6.10
C ARG A 13 -4.77 18.12 5.86
N GLU A 14 -5.29 17.41 6.86
CA GLU A 14 -5.57 15.98 6.81
C GLU A 14 -6.79 15.75 5.90
N LYS A 15 -6.57 15.10 4.75
CA LYS A 15 -7.63 14.75 3.80
C LYS A 15 -7.95 13.26 3.89
N PRO A 16 -9.21 12.85 4.05
CA PRO A 16 -9.60 11.43 4.06
C PRO A 16 -9.43 10.77 2.69
N PHE A 17 -8.51 9.82 2.56
CA PHE A 17 -8.32 9.10 1.30
C PHE A 17 -9.25 7.89 1.22
N LYS A 18 -10.28 7.93 0.37
CA LYS A 18 -11.23 6.83 0.13
C LYS A 18 -10.51 5.51 -0.06
N VAL A 19 -10.66 4.56 0.84
CA VAL A 19 -10.04 3.23 0.73
C VAL A 19 -10.97 2.16 1.29
N ASP A 20 -10.74 0.90 0.95
CA ASP A 20 -11.52 -0.21 1.50
C ASP A 20 -10.59 -1.38 1.82
N VAL A 21 -10.80 -1.98 2.99
CA VAL A 21 -10.06 -3.18 3.42
C VAL A 21 -10.23 -4.31 2.43
N ALA A 22 -11.46 -4.53 1.93
CA ALA A 22 -11.79 -5.63 1.03
C ALA A 22 -10.88 -5.60 -0.20
N THR A 23 -10.73 -4.42 -0.80
CA THR A 23 -9.85 -4.20 -1.94
C THR A 23 -8.38 -4.35 -1.58
N ALA A 24 -7.94 -3.68 -0.52
CA ALA A 24 -6.56 -3.75 -0.04
C ALA A 24 -6.10 -5.19 0.24
N GLN A 25 -6.93 -5.99 0.88
CA GLN A 25 -6.68 -7.41 1.13
C GLN A 25 -6.72 -8.25 -0.16
N ALA A 26 -7.74 -8.02 -0.99
CA ALA A 26 -7.93 -8.69 -2.27
C ALA A 26 -6.69 -8.54 -3.16
N GLN A 27 -6.33 -7.31 -3.50
CA GLN A 27 -5.13 -7.03 -4.29
C GLN A 27 -3.89 -7.63 -3.63
N ALA A 28 -3.75 -7.54 -2.29
CA ALA A 28 -2.56 -8.00 -1.57
C ALA A 28 -2.32 -9.48 -1.82
N ARG A 29 -3.36 -10.27 -1.55
CA ARG A 29 -3.34 -11.71 -1.79
C ARG A 29 -3.16 -12.05 -3.27
N LYS A 30 -3.74 -11.24 -4.17
CA LYS A 30 -3.62 -11.39 -5.63
C LYS A 30 -2.17 -11.28 -6.10
N ALA A 31 -1.46 -10.26 -5.62
CA ALA A 31 -0.05 -10.08 -5.94
C ALA A 31 0.81 -11.17 -5.31
N GLY A 32 0.49 -11.55 -4.05
CA GLY A 32 1.23 -12.53 -3.27
C GLY A 32 2.61 -12.00 -2.88
N LEU A 33 3.51 -12.91 -2.49
CA LEU A 33 4.85 -12.57 -1.98
C LEU A 33 5.92 -12.87 -3.06
N THR A 34 5.59 -12.64 -4.32
CA THR A 34 6.46 -13.01 -5.45
C THR A 34 6.43 -11.93 -6.51
N THR A 35 7.58 -11.34 -6.79
CA THR A 35 7.81 -10.32 -7.81
C THR A 35 9.03 -10.66 -8.67
N GLY A 36 9.23 -9.87 -9.72
CA GLY A 36 10.38 -9.93 -10.63
C GLY A 36 9.99 -9.75 -12.09
N LYS A 37 8.71 -9.98 -12.41
CA LYS A 37 8.13 -9.77 -13.75
C LYS A 37 8.26 -8.33 -14.23
N SER A 38 7.98 -7.39 -13.32
CA SER A 38 8.00 -5.96 -13.62
C SER A 38 8.65 -5.16 -12.51
N GLY A 39 8.04 -5.16 -11.33
CA GLY A 39 8.50 -4.44 -10.15
C GLY A 39 7.66 -4.72 -8.92
N ASP A 40 6.37 -5.02 -9.09
CA ASP A 40 5.46 -5.32 -7.99
C ASP A 40 5.07 -6.81 -7.91
N PRO A 41 4.71 -7.29 -6.71
CA PRO A 41 4.80 -6.60 -5.41
C PRO A 41 6.23 -6.26 -5.01
N HIS A 42 6.43 -5.52 -3.93
CA HIS A 42 7.77 -5.11 -3.49
C HIS A 42 8.02 -5.64 -2.09
N ARG A 43 9.27 -5.98 -1.78
CA ARG A 43 9.64 -6.42 -0.45
C ARG A 43 9.59 -5.26 0.53
N TYR A 44 8.89 -5.45 1.63
CA TYR A 44 8.76 -4.48 2.70
C TYR A 44 9.59 -4.93 3.91
N PHE A 45 10.59 -4.15 4.30
CA PHE A 45 11.48 -4.45 5.43
C PHE A 45 11.09 -3.72 6.71
N ALA A 46 9.81 -3.40 6.83
CA ALA A 46 9.24 -2.63 7.94
C ALA A 46 10.04 -1.38 8.36
N GLY A 47 10.71 -0.78 7.39
CA GLY A 47 11.74 0.25 7.58
C GLY A 47 11.40 1.58 6.90
N ASP A 48 10.11 1.80 6.63
CA ASP A 48 9.60 3.00 5.95
C ASP A 48 9.04 4.03 6.95
N HIS A 49 9.62 4.05 8.16
CA HIS A 49 9.18 4.95 9.25
C HIS A 49 7.70 4.77 9.62
N ILE A 50 7.24 3.53 9.71
CA ILE A 50 5.83 3.19 9.99
C ILE A 50 5.73 2.45 11.31
N ARG A 51 4.50 2.30 11.81
CA ARG A 51 4.15 1.53 12.97
C ARG A 51 2.75 1.01 12.71
N TRP A 52 2.63 -0.28 12.79
CA TRP A 52 1.36 -1.03 12.69
C TRP A 52 0.85 -1.51 14.05
N GLY A 53 1.45 -1.03 15.14
CA GLY A 53 1.16 -1.45 16.52
C GLY A 53 1.19 -2.98 16.74
N VAL A 54 1.94 -3.70 15.91
CA VAL A 54 2.00 -5.17 15.87
C VAL A 54 3.45 -5.62 15.86
N ASN A 55 3.84 -6.50 16.77
CA ASN A 55 5.21 -7.04 16.84
C ASN A 55 5.75 -7.53 15.49
N ASN A 56 5.01 -8.39 14.78
CA ASN A 56 5.38 -8.94 13.47
C ASN A 56 5.89 -7.89 12.50
N CYS A 57 5.06 -6.89 12.21
CA CYS A 57 5.44 -5.77 11.37
C CYS A 57 6.42 -4.82 12.07
N ASP A 58 6.41 -4.70 13.39
CA ASP A 58 7.36 -3.92 14.21
C ASP A 58 8.67 -4.70 14.49
N LYS A 59 9.04 -5.64 13.62
CA LYS A 59 10.30 -6.39 13.69
C LYS A 59 11.37 -5.76 12.80
N ALA A 60 12.60 -6.22 12.99
CA ALA A 60 13.77 -5.80 12.22
C ALA A 60 14.09 -6.79 11.09
N ASP A 61 14.23 -8.08 11.41
CA ASP A 61 14.53 -9.16 10.46
C ASP A 61 13.27 -9.80 9.83
N ALA A 62 12.16 -9.06 9.77
CA ALA A 62 10.92 -9.53 9.18
C ALA A 62 10.92 -9.48 7.64
N ILE A 63 9.89 -10.10 7.07
CA ILE A 63 9.70 -10.21 5.63
C ILE A 63 8.26 -9.84 5.32
N LEU A 64 8.02 -8.57 5.10
CA LEU A 64 6.73 -8.06 4.64
C LEU A 64 6.81 -7.75 3.14
N TRP A 65 5.68 -7.29 2.60
CA TRP A 65 5.51 -6.92 1.21
C TRP A 65 4.55 -5.74 1.09
N GLU A 66 4.72 -4.98 0.03
CA GLU A 66 3.91 -3.80 -0.29
C GLU A 66 3.39 -3.84 -1.74
N TYR A 67 2.15 -3.40 -1.95
CA TYR A 67 1.56 -3.36 -3.29
C TYR A 67 0.55 -2.22 -3.46
N PRO A 68 0.57 -1.50 -4.59
CA PRO A 68 -0.32 -0.35 -4.86
C PRO A 68 -1.78 -0.73 -5.05
N ILE A 69 -2.70 0.19 -4.75
CA ILE A 69 -4.13 -0.07 -4.89
C ILE A 69 -4.85 1.12 -5.54
N TYR A 70 -5.96 0.83 -6.22
CA TYR A 70 -6.84 1.83 -6.80
C TYR A 70 -8.05 2.10 -5.91
N TRP A 71 -8.00 3.21 -5.17
CA TRP A 71 -9.13 3.67 -4.34
C TRP A 71 -10.44 3.77 -5.13
N VAL A 72 -11.54 4.08 -4.43
CA VAL A 72 -12.89 4.15 -5.03
C VAL A 72 -12.95 5.09 -6.23
N GLY A 73 -12.45 6.32 -6.07
CA GLY A 73 -12.46 7.34 -7.14
C GLY A 73 -11.76 6.90 -8.43
N LYS A 74 -10.74 6.05 -8.32
CA LYS A 74 -10.08 5.37 -9.44
C LYS A 74 -11.00 4.29 -10.06
N ASN A 75 -10.59 3.82 -11.23
CA ASN A 75 -11.30 2.77 -11.97
C ASN A 75 -10.39 1.67 -12.52
N ALA A 76 -9.18 2.05 -12.97
CA ALA A 76 -8.18 1.10 -13.40
C ALA A 76 -7.70 0.20 -12.24
N GLU A 77 -6.90 -0.81 -12.57
CA GLU A 77 -6.27 -1.70 -11.59
C GLU A 77 -4.82 -1.96 -11.98
N TRP A 78 -4.00 -2.33 -11.00
CA TRP A 78 -2.58 -2.58 -11.19
C TRP A 78 -2.40 -3.93 -11.86
N ALA A 79 -1.39 -4.07 -12.71
CA ALA A 79 -1.11 -5.33 -13.38
C ALA A 79 -0.02 -6.14 -12.67
N LYS A 80 0.14 -7.41 -13.04
CA LYS A 80 1.22 -8.26 -12.51
C LYS A 80 2.56 -7.95 -13.20
N ASP A 81 2.62 -8.17 -14.49
CA ASP A 81 3.86 -8.09 -15.28
C ASP A 81 3.97 -6.72 -15.95
N VAL A 82 3.70 -5.65 -15.20
CA VAL A 82 3.69 -4.26 -15.68
C VAL A 82 4.34 -3.33 -14.67
N LYS A 83 5.41 -2.63 -15.09
CA LYS A 83 6.12 -1.66 -14.23
C LYS A 83 5.26 -0.45 -13.93
N THR A 84 5.66 0.36 -12.94
CA THR A 84 4.96 1.59 -12.55
C THR A 84 4.80 2.60 -13.69
N SER A 85 5.91 3.01 -14.34
CA SER A 85 5.88 3.92 -15.49
C SER A 85 5.02 3.41 -16.64
N GLN A 86 5.07 2.11 -16.91
CA GLN A 86 4.21 1.47 -17.90
C GLN A 86 2.74 1.41 -17.48
N GLN A 87 2.46 1.25 -16.18
CA GLN A 87 1.14 1.10 -15.57
C GLN A 87 0.10 2.07 -16.14
N LYS A 88 -0.85 1.52 -16.92
CA LYS A 88 -1.84 2.33 -17.62
C LYS A 88 -3.06 2.52 -16.76
N GLY A 89 -3.04 3.53 -15.89
CA GLY A 89 -4.19 3.81 -15.02
C GLY A 89 -3.98 4.94 -14.00
N GLY A 90 -2.73 5.20 -13.66
CA GLY A 90 -2.33 6.33 -12.84
C GLY A 90 -1.59 5.89 -11.58
N PRO A 91 -0.66 6.72 -11.09
CA PRO A 91 0.11 6.43 -9.87
C PRO A 91 -0.81 6.40 -8.65
N THR A 92 -0.44 5.60 -7.67
CA THR A 92 -1.12 5.48 -6.38
C THR A 92 -0.11 5.41 -5.23
N PRO A 93 -0.23 6.33 -4.25
CA PRO A 93 0.61 6.34 -3.07
C PRO A 93 0.24 5.23 -2.10
N ILE A 94 -1.06 4.95 -1.98
CA ILE A 94 -1.63 3.94 -1.10
C ILE A 94 -1.14 2.55 -1.50
N ARG A 95 -0.44 1.89 -0.57
CA ARG A 95 0.09 0.55 -0.76
C ARG A 95 -0.31 -0.34 0.41
N VAL A 96 -0.91 -1.49 0.13
CA VAL A 96 -1.22 -2.48 1.17
C VAL A 96 0.09 -3.12 1.63
N VAL A 97 0.21 -3.37 2.94
CA VAL A 97 1.34 -4.06 3.55
C VAL A 97 0.86 -5.36 4.17
N TYR A 98 1.57 -6.44 3.86
CA TYR A 98 1.26 -7.80 4.29
C TYR A 98 2.53 -8.54 4.66
N ALA A 99 2.47 -9.29 5.75
CA ALA A 99 3.60 -10.09 6.21
C ALA A 99 3.58 -11.48 5.55
N ASN A 100 4.76 -12.08 5.46
CA ASN A 100 4.95 -13.45 5.01
C ASN A 100 4.59 -14.44 6.13
N SER A 101 3.31 -14.70 6.34
CA SER A 101 2.85 -15.70 7.32
C SER A 101 2.56 -17.03 6.63
N ARG A 102 3.54 -17.95 6.58
CA ARG A 102 3.40 -19.26 5.91
C ARG A 102 2.92 -19.13 4.46
N GLY A 103 3.43 -18.14 3.74
CA GLY A 103 3.01 -17.85 2.36
C GLY A 103 1.74 -17.02 2.25
N ALA A 104 0.75 -17.25 3.13
CA ALA A 104 -0.41 -16.39 3.21
C ALA A 104 -0.04 -14.98 3.70
N VAL A 105 -0.96 -14.05 3.43
CA VAL A 105 -0.85 -12.67 3.86
C VAL A 105 -1.64 -12.49 5.15
N GLN A 106 -1.11 -11.68 6.06
CA GLN A 106 -1.81 -11.33 7.31
C GLN A 106 -2.46 -9.94 7.25
N TYR A 107 -2.49 -9.30 6.09
CA TYR A 107 -2.95 -7.90 5.93
C TYR A 107 -2.44 -7.02 7.08
N CYS A 108 -1.12 -6.90 7.21
CA CYS A 108 -0.50 -6.06 8.26
C CYS A 108 -1.16 -4.67 8.37
N GLY A 109 -1.51 -4.10 7.23
CA GLY A 109 -2.34 -2.91 7.11
C GLY A 109 -2.02 -2.18 5.83
N VAL A 110 -2.87 -1.24 5.44
CA VAL A 110 -2.61 -0.38 4.29
C VAL A 110 -1.95 0.92 4.76
N MET A 111 -1.05 1.48 3.96
CA MET A 111 -0.42 2.78 4.18
C MET A 111 -0.63 3.70 2.98
N THR A 112 -0.29 4.97 3.13
CA THR A 112 -0.33 5.99 2.11
C THR A 112 0.71 7.07 2.34
N HIS A 113 1.18 7.68 1.27
CA HIS A 113 2.09 8.80 1.39
C HIS A 113 1.36 10.00 1.97
N SER A 114 2.07 10.78 2.77
CA SER A 114 1.55 12.04 3.29
C SER A 114 1.51 13.09 2.18
N LYS A 115 2.57 13.25 1.38
CA LYS A 115 2.69 14.31 0.36
C LYS A 115 1.87 14.02 -0.89
N VAL A 116 0.61 14.45 -0.92
CA VAL A 116 -0.33 14.18 -2.02
C VAL A 116 -1.06 15.43 -2.50
N ASP A 117 -0.30 16.39 -3.03
CA ASP A 117 -0.79 17.64 -3.63
C ASP A 117 -1.89 17.39 -4.69
N LYS A 118 -1.48 16.90 -5.86
CA LYS A 118 -2.38 16.57 -6.96
C LYS A 118 -2.03 15.25 -7.58
N ASN A 119 -0.73 15.02 -7.77
CA ASN A 119 -0.25 13.79 -8.37
C ASN A 119 -0.15 12.65 -7.36
N ASN A 120 -0.61 12.87 -6.11
CA ASN A 120 -0.60 11.87 -5.05
C ASN A 120 0.75 11.12 -4.99
N GLN A 121 1.85 11.86 -5.13
CA GLN A 121 3.19 11.29 -5.17
C GLN A 121 3.60 10.72 -3.80
N GLY A 122 4.85 10.30 -3.65
CA GLY A 122 5.42 9.85 -2.38
C GLY A 122 6.76 10.48 -2.13
N LYS A 123 6.81 11.37 -1.14
CA LYS A 123 8.05 12.01 -0.74
C LYS A 123 8.44 11.67 0.69
N GLU A 124 7.67 12.20 1.64
CA GLU A 124 7.83 11.90 3.05
C GLU A 124 7.49 10.43 3.32
N PHE A 125 7.75 10.01 4.56
CA PHE A 125 7.41 8.67 5.06
C PHE A 125 5.97 8.25 4.77
N PHE A 126 5.74 6.96 4.90
CA PHE A 126 4.46 6.35 4.58
C PHE A 126 3.59 6.34 5.83
N GLU A 127 2.51 7.10 5.80
CA GLU A 127 1.54 7.14 6.88
C GLU A 127 0.52 6.02 6.70
N LYS A 128 0.32 5.20 7.72
CA LYS A 128 -0.72 4.15 7.73
C LYS A 128 -2.09 4.72 7.35
N CYS A 129 -3.01 3.83 7.04
CA CYS A 129 -4.37 4.17 6.69
C CYS A 129 -5.30 3.82 7.87
N ASP A 130 -6.38 4.58 8.03
CA ASP A 130 -7.39 4.35 9.07
C ASP A 130 -8.72 3.91 8.48
N ALA A 1 -16.46 -1.18 10.63
CA ALA A 1 -16.91 -1.06 9.23
C ALA A 1 -15.76 -1.55 8.34
N PRO A 2 -16.02 -2.12 7.14
CA PRO A 2 -14.95 -2.51 6.21
C PRO A 2 -14.37 -1.33 5.41
N ILE A 3 -15.19 -0.30 5.16
CA ILE A 3 -14.75 0.96 4.56
C ILE A 3 -13.91 1.72 5.59
N VAL A 4 -12.78 2.27 5.15
CA VAL A 4 -11.83 3.06 5.94
C VAL A 4 -11.39 4.30 5.16
N THR A 5 -10.57 5.17 5.75
CA THR A 5 -9.94 6.30 5.04
C THR A 5 -8.56 6.65 5.62
N CYS A 6 -7.53 6.69 4.77
CA CYS A 6 -6.20 7.13 5.22
C CYS A 6 -6.25 8.58 5.74
N ARG A 7 -5.24 9.00 6.53
CA ARG A 7 -5.06 10.37 7.07
C ARG A 7 -3.91 11.23 6.42
N PRO A 8 -3.59 11.11 5.12
CA PRO A 8 -2.50 11.84 4.45
C PRO A 8 -2.75 13.34 4.40
N LYS A 9 -1.76 14.09 3.93
CA LYS A 9 -1.77 15.54 3.87
C LYS A 9 -2.06 16.05 2.46
N LEU A 10 -3.23 16.67 2.29
CA LEU A 10 -3.54 17.33 1.02
C LEU A 10 -3.06 18.79 1.15
N ASP A 11 -3.99 19.65 1.54
CA ASP A 11 -3.93 21.11 1.55
C ASP A 11 -3.34 21.64 2.87
N GLY A 12 -2.20 21.07 3.27
CA GLY A 12 -1.53 21.32 4.56
C GLY A 12 -2.26 20.70 5.77
N ARG A 13 -3.44 20.11 5.58
CA ARG A 13 -4.25 19.40 6.58
C ARG A 13 -4.41 17.91 6.24
N GLU A 14 -4.82 17.13 7.23
CA GLU A 14 -5.17 15.72 7.08
C GLU A 14 -6.44 15.62 6.24
N LYS A 15 -6.38 14.89 5.12
CA LYS A 15 -7.50 14.67 4.20
C LYS A 15 -7.88 13.18 4.10
N PRO A 16 -9.14 12.78 4.39
CA PRO A 16 -9.56 11.39 4.39
C PRO A 16 -9.44 10.75 2.99
N PHE A 17 -8.42 9.93 2.75
CA PHE A 17 -8.25 9.24 1.47
C PHE A 17 -9.12 7.96 1.42
N LYS A 18 -10.13 7.88 0.54
CA LYS A 18 -11.03 6.74 0.32
C LYS A 18 -10.25 5.41 0.17
N VAL A 19 -10.33 4.48 1.12
CA VAL A 19 -9.65 3.18 1.06
C VAL A 19 -10.51 2.07 1.63
N ASP A 20 -10.82 1.04 0.86
CA ASP A 20 -11.72 -0.02 1.30
C ASP A 20 -10.93 -1.29 1.67
N VAL A 21 -11.16 -1.91 2.85
CA VAL A 21 -10.44 -3.14 3.26
C VAL A 21 -10.52 -4.27 2.23
N ALA A 22 -11.71 -4.48 1.65
CA ALA A 22 -11.99 -5.51 0.65
C ALA A 22 -11.05 -5.39 -0.54
N THR A 23 -10.88 -4.17 -1.05
CA THR A 23 -9.88 -3.84 -2.07
C THR A 23 -8.47 -4.11 -1.53
N ALA A 24 -8.07 -3.51 -0.42
CA ALA A 24 -6.69 -3.59 0.08
C ALA A 24 -6.21 -5.04 0.25
N GLN A 25 -7.02 -5.84 0.93
CA GLN A 25 -6.86 -7.29 1.09
C GLN A 25 -6.86 -8.02 -0.26
N ALA A 26 -7.83 -7.73 -1.13
CA ALA A 26 -7.87 -8.30 -2.46
C ALA A 26 -6.51 -8.12 -3.16
N GLN A 27 -5.95 -6.90 -3.20
CA GLN A 27 -4.66 -6.59 -3.81
C GLN A 27 -3.48 -7.34 -3.19
N ALA A 28 -3.31 -7.25 -1.86
CA ALA A 28 -2.29 -7.96 -1.07
C ALA A 28 -2.23 -9.46 -1.41
N ARG A 29 -3.39 -10.12 -1.35
CA ARG A 29 -3.55 -11.53 -1.70
C ARG A 29 -3.35 -11.80 -3.19
N LYS A 30 -3.90 -10.97 -4.08
CA LYS A 30 -3.81 -11.10 -5.55
C LYS A 30 -2.37 -11.04 -6.04
N ALA A 31 -1.59 -10.12 -5.47
CA ALA A 31 -0.18 -9.97 -5.72
C ALA A 31 0.63 -11.14 -5.13
N GLY A 32 0.29 -11.55 -3.90
CA GLY A 32 1.00 -12.58 -3.16
C GLY A 32 2.37 -12.09 -2.67
N LEU A 33 3.20 -13.03 -2.23
CA LEU A 33 4.54 -12.81 -1.67
C LEU A 33 5.62 -13.15 -2.71
N THR A 34 5.35 -12.92 -4.01
CA THR A 34 6.26 -13.27 -5.12
C THR A 34 6.16 -12.26 -6.27
N THR A 35 7.28 -11.64 -6.58
CA THR A 35 7.45 -10.67 -7.66
C THR A 35 8.65 -11.00 -8.52
N GLY A 36 8.74 -10.36 -9.68
CA GLY A 36 9.93 -10.38 -10.52
C GLY A 36 9.63 -10.15 -12.01
N LYS A 37 8.44 -10.56 -12.47
CA LYS A 37 7.86 -10.28 -13.80
C LYS A 37 8.15 -8.84 -14.24
N SER A 38 7.81 -7.90 -13.36
CA SER A 38 7.80 -6.47 -13.61
C SER A 38 8.49 -5.65 -12.52
N GLY A 39 7.89 -5.68 -11.32
CA GLY A 39 8.32 -5.01 -10.11
C GLY A 39 7.35 -5.23 -8.95
N ASP A 40 6.06 -5.45 -9.21
CA ASP A 40 5.03 -5.54 -8.15
C ASP A 40 4.53 -6.99 -7.94
N PRO A 41 4.27 -7.44 -6.69
CA PRO A 41 4.43 -6.76 -5.38
C PRO A 41 5.90 -6.47 -5.03
N HIS A 42 6.21 -5.78 -3.93
CA HIS A 42 7.61 -5.48 -3.56
C HIS A 42 7.87 -5.95 -2.14
N ARG A 43 9.10 -6.39 -1.85
CA ARG A 43 9.54 -6.78 -0.51
C ARG A 43 9.60 -5.56 0.39
N TYR A 44 8.94 -5.63 1.53
CA TYR A 44 9.02 -4.66 2.62
C TYR A 44 9.88 -5.27 3.74
N PHE A 45 10.99 -4.59 4.07
CA PHE A 45 11.92 -4.92 5.16
C PHE A 45 12.10 -3.63 6.00
N ALA A 46 11.17 -3.33 6.92
CA ALA A 46 11.19 -2.19 7.87
C ALA A 46 11.66 -0.82 7.29
N GLY A 47 11.50 -0.64 5.98
CA GLY A 47 12.26 0.33 5.18
C GLY A 47 11.77 1.74 5.41
N ASP A 48 10.46 1.87 5.25
CA ASP A 48 9.71 3.05 5.66
C ASP A 48 9.52 3.04 7.19
N HIS A 49 9.76 4.18 7.82
CA HIS A 49 9.55 4.41 9.26
C HIS A 49 8.06 4.38 9.63
N ILE A 50 7.50 3.19 9.90
CA ILE A 50 6.08 3.00 10.25
C ILE A 50 5.96 2.09 11.49
N ARG A 51 4.76 2.00 12.10
CA ARG A 51 4.39 1.18 13.23
C ARG A 51 2.90 0.90 13.13
N TRP A 52 2.62 -0.32 12.76
CA TRP A 52 1.30 -0.95 12.69
C TRP A 52 0.83 -1.38 14.08
N GLY A 53 1.73 -1.38 15.08
CA GLY A 53 1.46 -1.89 16.43
C GLY A 53 1.47 -3.42 16.51
N VAL A 54 1.91 -4.09 15.44
CA VAL A 54 1.89 -5.54 15.28
C VAL A 54 3.32 -6.02 15.41
N ASN A 55 3.66 -6.78 16.47
CA ASN A 55 5.00 -7.35 16.68
C ASN A 55 5.65 -7.93 15.41
N ASN A 56 4.88 -8.56 14.51
CA ASN A 56 5.32 -9.05 13.19
C ASN A 56 5.78 -7.91 12.24
N CYS A 57 4.99 -6.85 12.09
CA CYS A 57 5.29 -5.70 11.24
C CYS A 57 6.25 -4.65 11.86
N ASP A 58 6.45 -4.70 13.17
CA ASP A 58 7.33 -3.91 14.06
C ASP A 58 8.57 -4.76 14.51
N LYS A 59 8.97 -5.81 13.73
CA LYS A 59 10.22 -6.60 13.86
C LYS A 59 11.44 -5.91 13.21
N ALA A 60 12.63 -6.46 13.45
CA ALA A 60 13.90 -6.03 12.86
C ALA A 60 14.16 -6.74 11.51
N ASP A 61 14.23 -8.08 11.50
CA ASP A 61 14.53 -8.96 10.34
C ASP A 61 13.27 -9.70 9.82
N ALA A 62 12.11 -9.05 9.90
CA ALA A 62 10.86 -9.52 9.29
C ALA A 62 10.85 -9.44 7.76
N ILE A 63 9.85 -10.10 7.18
CA ILE A 63 9.60 -10.22 5.75
C ILE A 63 8.15 -9.82 5.51
N LEU A 64 7.93 -8.54 5.25
CA LEU A 64 6.68 -7.99 4.77
C LEU A 64 6.78 -7.79 3.26
N TRP A 65 5.69 -7.34 2.68
CA TRP A 65 5.49 -7.01 1.27
C TRP A 65 4.59 -5.79 1.16
N GLU A 66 4.64 -5.13 0.00
CA GLU A 66 3.84 -3.97 -0.35
C GLU A 66 3.29 -4.06 -1.79
N TYR A 67 2.06 -3.60 -2.01
CA TYR A 67 1.43 -3.60 -3.34
C TYR A 67 0.51 -2.37 -3.56
N PRO A 68 0.46 -1.77 -4.76
CA PRO A 68 -0.37 -0.59 -5.08
C PRO A 68 -1.87 -0.87 -5.09
N ILE A 69 -2.67 0.12 -4.69
CA ILE A 69 -4.14 0.01 -4.64
C ILE A 69 -4.84 1.17 -5.34
N TYR A 70 -6.07 0.93 -5.78
CA TYR A 70 -6.93 1.86 -6.47
C TYR A 70 -8.10 2.15 -5.52
N TRP A 71 -8.15 3.38 -4.99
CA TRP A 71 -9.32 3.91 -4.27
C TRP A 71 -10.58 3.94 -5.14
N VAL A 72 -11.73 4.15 -4.49
CA VAL A 72 -13.04 4.21 -5.14
C VAL A 72 -13.04 5.29 -6.23
N GLY A 73 -13.51 4.96 -7.43
CA GLY A 73 -13.68 5.87 -8.57
C GLY A 73 -12.48 5.98 -9.52
N LYS A 74 -11.29 5.55 -9.07
CA LYS A 74 -10.06 5.45 -9.87
C LYS A 74 -10.26 4.51 -11.07
N ASN A 75 -10.37 5.07 -12.27
CA ASN A 75 -10.62 4.39 -13.54
C ASN A 75 -9.33 3.75 -14.09
N ALA A 76 -8.89 2.67 -13.45
CA ALA A 76 -7.69 1.92 -13.80
C ALA A 76 -7.52 0.67 -12.93
N GLU A 77 -6.51 -0.17 -13.26
CA GLU A 77 -6.15 -1.39 -12.53
C GLU A 77 -4.64 -1.67 -12.69
N TRP A 78 -4.03 -2.38 -11.72
CA TRP A 78 -2.66 -2.90 -11.80
C TRP A 78 -2.63 -4.28 -12.47
N ALA A 79 -2.02 -4.37 -13.66
CA ALA A 79 -1.72 -5.62 -14.36
C ALA A 79 -0.71 -6.53 -13.60
N LYS A 80 -0.38 -7.70 -14.18
CA LYS A 80 0.61 -8.65 -13.63
C LYS A 80 2.07 -8.22 -13.92
N ASP A 81 2.51 -8.41 -15.17
CA ASP A 81 3.81 -7.98 -15.68
C ASP A 81 3.73 -6.50 -16.16
N VAL A 82 3.58 -5.59 -15.19
CA VAL A 82 3.58 -4.13 -15.34
C VAL A 82 4.49 -3.45 -14.32
N LYS A 83 5.54 -2.80 -14.84
CA LYS A 83 6.44 -1.98 -14.03
C LYS A 83 5.75 -0.63 -13.74
N THR A 84 5.95 -0.04 -12.57
CA THR A 84 5.46 1.30 -12.16
C THR A 84 5.57 2.41 -13.22
N SER A 85 6.72 2.53 -13.89
CA SER A 85 6.95 3.46 -15.02
C SER A 85 5.98 3.26 -16.19
N GLN A 86 5.70 2.00 -16.57
CA GLN A 86 4.69 1.66 -17.58
C GLN A 86 3.27 1.85 -17.05
N GLN A 87 3.02 1.58 -15.76
CA GLN A 87 1.70 1.56 -15.12
C GLN A 87 0.76 2.70 -15.55
N LYS A 88 -0.16 2.40 -16.48
CA LYS A 88 -1.03 3.42 -17.07
C LYS A 88 -2.22 3.78 -16.19
N GLY A 89 -2.25 3.22 -14.98
CA GLY A 89 -3.37 3.33 -14.08
C GLY A 89 -3.29 4.51 -13.12
N GLY A 90 -2.15 4.71 -12.49
CA GLY A 90 -1.80 5.91 -11.73
C GLY A 90 -0.73 5.62 -10.67
N PRO A 91 0.06 6.63 -10.28
CA PRO A 91 1.15 6.56 -9.28
C PRO A 91 0.64 6.39 -7.83
N THR A 92 -0.56 5.81 -7.61
CA THR A 92 -1.24 5.59 -6.31
C THR A 92 -0.26 5.47 -5.14
N PRO A 93 -0.26 6.48 -4.23
CA PRO A 93 0.68 6.55 -3.12
C PRO A 93 0.37 5.53 -2.03
N ILE A 94 -0.88 5.08 -2.01
CA ILE A 94 -1.41 4.07 -1.12
C ILE A 94 -0.89 2.69 -1.54
N ARG A 95 -0.27 1.97 -0.61
CA ARG A 95 0.25 0.61 -0.82
C ARG A 95 -0.23 -0.28 0.32
N VAL A 96 -0.89 -1.39 0.01
CA VAL A 96 -1.25 -2.42 1.00
C VAL A 96 0.03 -3.11 1.47
N VAL A 97 0.16 -3.38 2.77
CA VAL A 97 1.27 -4.11 3.41
C VAL A 97 0.73 -5.34 4.09
N TYR A 98 1.56 -6.38 4.06
CA TYR A 98 1.24 -7.71 4.52
C TYR A 98 2.52 -8.42 4.93
N ALA A 99 2.43 -9.25 5.96
CA ALA A 99 3.53 -10.08 6.44
C ALA A 99 3.59 -11.38 5.60
N ASN A 100 4.73 -12.07 5.62
CA ASN A 100 4.91 -13.44 5.14
C ASN A 100 4.63 -14.46 6.27
N SER A 101 3.37 -14.85 6.52
CA SER A 101 3.02 -15.85 7.54
C SER A 101 2.77 -17.22 6.90
N ARG A 102 3.80 -18.10 6.80
CA ARG A 102 3.71 -19.42 6.13
C ARG A 102 3.26 -19.33 4.65
N GLY A 103 3.72 -18.32 3.90
CA GLY A 103 3.25 -18.13 2.51
C GLY A 103 1.82 -17.56 2.42
N ALA A 104 1.36 -16.87 3.45
CA ALA A 104 0.05 -16.20 3.52
C ALA A 104 0.22 -14.72 3.89
N VAL A 105 -0.84 -13.93 3.69
CA VAL A 105 -0.92 -12.49 3.96
C VAL A 105 -1.85 -12.29 5.17
N GLN A 106 -1.38 -11.58 6.19
CA GLN A 106 -2.19 -11.25 7.39
C GLN A 106 -2.89 -9.87 7.32
N TYR A 107 -2.86 -9.20 6.15
CA TYR A 107 -3.31 -7.80 5.98
C TYR A 107 -2.72 -6.86 7.05
N CYS A 108 -1.39 -6.78 7.14
CA CYS A 108 -0.66 -5.98 8.14
C CYS A 108 -1.19 -4.54 8.28
N GLY A 109 -1.45 -3.90 7.15
CA GLY A 109 -2.22 -2.67 7.01
C GLY A 109 -1.85 -1.96 5.73
N VAL A 110 -2.61 -0.96 5.33
CA VAL A 110 -2.32 -0.15 4.14
C VAL A 110 -1.61 1.13 4.59
N MET A 111 -0.62 1.65 3.86
CA MET A 111 -0.06 2.98 4.10
C MET A 111 -0.35 3.90 2.93
N THR A 112 -0.04 5.17 3.10
CA THR A 112 -0.09 6.21 2.09
C THR A 112 1.03 7.22 2.26
N HIS A 113 1.31 7.95 1.20
CA HIS A 113 2.22 9.09 1.26
C HIS A 113 1.53 10.30 1.87
N SER A 114 2.24 11.00 2.75
CA SER A 114 1.80 12.29 3.28
C SER A 114 1.58 13.34 2.19
N LYS A 115 2.45 13.51 1.18
CA LYS A 115 2.30 14.53 0.11
C LYS A 115 1.36 14.08 -1.02
N VAL A 116 0.09 14.46 -1.01
CA VAL A 116 -0.87 14.09 -2.06
C VAL A 116 -1.71 15.29 -2.49
N ASP A 117 -1.54 15.82 -3.71
CA ASP A 117 -2.35 16.96 -4.20
C ASP A 117 -3.34 16.53 -5.31
N LYS A 118 -2.80 16.27 -6.50
CA LYS A 118 -3.52 15.90 -7.75
C LYS A 118 -3.02 14.62 -8.39
N ASN A 119 -1.70 14.58 -8.62
CA ASN A 119 -0.99 13.42 -9.14
C ASN A 119 -0.83 12.30 -8.07
N ASN A 120 -0.71 12.69 -6.80
CA ASN A 120 -0.56 11.83 -5.62
C ASN A 120 0.86 11.21 -5.50
N GLN A 121 1.92 11.98 -5.79
CA GLN A 121 3.32 11.51 -5.81
C GLN A 121 3.74 10.91 -4.47
N GLY A 122 3.77 11.77 -3.44
CA GLY A 122 4.33 11.50 -2.11
C GLY A 122 5.79 11.87 -1.94
N LYS A 123 6.21 12.25 -0.72
CA LYS A 123 7.61 12.64 -0.40
C LYS A 123 8.09 12.24 0.99
N GLU A 124 7.43 12.79 2.02
CA GLU A 124 7.55 12.38 3.41
C GLU A 124 7.26 10.89 3.60
N PHE A 125 7.58 10.40 4.80
CA PHE A 125 7.29 9.04 5.23
C PHE A 125 5.83 8.59 5.00
N PHE A 126 5.66 7.28 5.08
CA PHE A 126 4.44 6.61 4.74
C PHE A 126 3.57 6.48 5.98
N GLU A 127 2.45 7.18 5.97
CA GLU A 127 1.47 7.16 7.04
C GLU A 127 0.47 6.03 6.80
N LYS A 128 0.19 5.24 7.83
CA LYS A 128 -0.81 4.17 7.77
C LYS A 128 -2.19 4.72 7.49
N CYS A 129 -3.03 3.90 6.89
CA CYS A 129 -4.44 4.22 6.68
C CYS A 129 -5.24 3.82 7.93
N ASP A 130 -6.33 4.55 8.25
CA ASP A 130 -7.27 4.19 9.34
C ASP A 130 -8.56 3.61 8.79
N ALA A 1 -15.09 -1.03 10.24
CA ALA A 1 -15.67 -0.81 8.90
C ALA A 1 -14.69 -1.31 7.83
N PRO A 2 -15.15 -1.92 6.72
CA PRO A 2 -14.33 -2.36 5.59
C PRO A 2 -13.75 -1.21 4.74
N ILE A 3 -13.96 0.04 5.16
CA ILE A 3 -13.50 1.26 4.51
C ILE A 3 -12.74 2.12 5.53
N VAL A 4 -11.42 1.98 5.54
CA VAL A 4 -10.51 2.81 6.33
C VAL A 4 -10.20 4.12 5.60
N THR A 5 -9.53 5.03 6.30
CA THR A 5 -9.10 6.31 5.74
C THR A 5 -7.74 6.69 6.29
N CYS A 6 -6.84 7.06 5.40
CA CYS A 6 -5.52 7.50 5.84
C CYS A 6 -5.60 8.99 6.23
N ARG A 7 -4.54 9.53 6.85
CA ARG A 7 -4.41 10.95 7.23
C ARG A 7 -3.24 11.69 6.52
N PRO A 8 -3.05 11.51 5.19
CA PRO A 8 -2.01 12.16 4.41
C PRO A 8 -2.21 13.66 4.33
N LYS A 9 -1.27 14.35 3.68
CA LYS A 9 -1.27 15.80 3.52
C LYS A 9 -1.50 16.18 2.07
N LEU A 10 -2.56 16.94 1.83
CA LEU A 10 -2.79 17.49 0.50
C LEU A 10 -2.20 18.90 0.44
N ASP A 11 -3.01 19.87 0.85
CA ASP A 11 -2.81 21.32 0.75
C ASP A 11 -2.46 21.88 2.13
N GLY A 12 -1.47 21.26 2.79
CA GLY A 12 -1.05 21.61 4.14
C GLY A 12 -1.96 21.10 5.26
N ARG A 13 -3.22 20.77 4.97
CA ARG A 13 -4.18 20.17 5.90
C ARG A 13 -4.27 18.67 5.67
N GLU A 14 -4.41 17.92 6.77
CA GLU A 14 -4.61 16.48 6.76
C GLU A 14 -5.88 16.12 5.98
N LYS A 15 -5.72 15.48 4.82
CA LYS A 15 -6.85 15.09 3.97
C LYS A 15 -7.13 13.59 4.08
N PRO A 16 -8.36 13.17 4.42
CA PRO A 16 -8.72 11.76 4.56
C PRO A 16 -8.66 11.01 3.23
N PHE A 17 -7.81 9.99 3.11
CA PHE A 17 -7.69 9.18 1.88
C PHE A 17 -8.49 7.89 2.00
N LYS A 18 -9.61 7.77 1.28
CA LYS A 18 -10.44 6.56 1.23
C LYS A 18 -9.65 5.36 0.79
N VAL A 19 -9.87 4.26 1.49
CA VAL A 19 -9.21 2.99 1.28
C VAL A 19 -10.15 1.86 1.73
N ASP A 20 -10.49 0.99 0.79
CA ASP A 20 -11.23 -0.24 1.00
C ASP A 20 -10.31 -1.43 1.31
N VAL A 21 -10.52 -2.03 2.49
CA VAL A 21 -9.78 -3.23 2.90
C VAL A 21 -9.93 -4.38 1.91
N ALA A 22 -11.15 -4.57 1.39
CA ALA A 22 -11.50 -5.66 0.48
C ALA A 22 -10.59 -5.65 -0.76
N THR A 23 -10.52 -4.49 -1.42
CA THR A 23 -9.67 -4.26 -2.57
C THR A 23 -8.21 -4.43 -2.18
N ALA A 24 -7.72 -3.71 -1.16
CA ALA A 24 -6.35 -3.82 -0.68
C ALA A 24 -5.88 -5.28 -0.45
N GLN A 25 -6.71 -6.09 0.22
CA GLN A 25 -6.48 -7.53 0.44
C GLN A 25 -6.40 -8.30 -0.87
N ALA A 26 -7.37 -8.09 -1.76
CA ALA A 26 -7.39 -8.69 -3.08
C ALA A 26 -6.04 -8.45 -3.79
N GLN A 27 -5.52 -7.22 -3.79
CA GLN A 27 -4.27 -6.86 -4.44
C GLN A 27 -3.06 -7.57 -3.81
N ALA A 28 -2.91 -7.50 -2.49
CA ALA A 28 -1.84 -8.18 -1.76
C ALA A 28 -1.77 -9.67 -2.10
N ARG A 29 -2.92 -10.35 -2.00
CA ARG A 29 -3.03 -11.76 -2.36
C ARG A 29 -2.80 -12.00 -3.86
N LYS A 30 -3.31 -11.13 -4.72
CA LYS A 30 -3.18 -11.23 -6.19
C LYS A 30 -1.73 -11.15 -6.65
N ALA A 31 -0.99 -10.20 -6.07
CA ALA A 31 0.44 -10.03 -6.26
C ALA A 31 1.25 -11.18 -5.64
N GLY A 32 0.87 -11.63 -4.45
CA GLY A 32 1.60 -12.68 -3.74
C GLY A 32 2.89 -12.15 -3.14
N LEU A 33 3.78 -13.07 -2.78
CA LEU A 33 5.07 -12.79 -2.14
C LEU A 33 6.24 -12.96 -3.13
N THR A 34 5.97 -12.76 -4.42
CA THR A 34 6.95 -12.95 -5.49
C THR A 34 6.80 -11.88 -6.54
N THR A 35 7.88 -11.13 -6.76
CA THR A 35 7.97 -10.12 -7.80
C THR A 35 9.13 -10.39 -8.74
N GLY A 36 9.11 -9.78 -9.93
CA GLY A 36 10.30 -9.72 -10.77
C GLY A 36 9.97 -9.37 -12.22
N LYS A 37 8.85 -9.91 -12.71
CA LYS A 37 8.25 -9.67 -14.04
C LYS A 37 8.30 -8.21 -14.51
N SER A 38 8.14 -7.30 -13.55
CA SER A 38 8.17 -5.86 -13.72
C SER A 38 8.96 -5.19 -12.57
N GLY A 39 8.44 -5.29 -11.34
CA GLY A 39 8.94 -4.62 -10.15
C GLY A 39 8.01 -4.73 -8.94
N ASP A 40 6.71 -4.97 -9.13
CA ASP A 40 5.76 -5.22 -8.03
C ASP A 40 5.32 -6.70 -7.90
N PRO A 41 4.94 -7.13 -6.68
CA PRO A 41 5.03 -6.41 -5.40
C PRO A 41 6.46 -6.11 -4.96
N HIS A 42 6.68 -5.46 -3.82
CA HIS A 42 8.04 -5.16 -3.34
C HIS A 42 8.17 -5.67 -1.91
N ARG A 43 9.35 -6.20 -1.54
CA ARG A 43 9.62 -6.61 -0.16
C ARG A 43 9.58 -5.39 0.75
N TYR A 44 8.91 -5.54 1.89
CA TYR A 44 8.84 -4.50 2.91
C TYR A 44 9.56 -4.99 4.17
N PHE A 45 10.35 -4.12 4.78
CA PHE A 45 11.14 -4.38 5.99
C PHE A 45 11.09 -3.17 6.94
N ALA A 46 9.88 -2.67 7.20
CA ALA A 46 9.66 -1.52 8.07
C ALA A 46 10.36 -0.24 7.57
N GLY A 47 10.42 -0.08 6.24
CA GLY A 47 11.10 1.03 5.56
C GLY A 47 10.64 2.40 6.09
N ASP A 48 9.34 2.54 6.33
CA ASP A 48 8.71 3.75 6.88
C ASP A 48 8.49 3.71 8.39
N HIS A 49 9.17 2.79 9.08
CA HIS A 49 9.08 2.55 10.53
C HIS A 49 7.63 2.41 11.03
N ILE A 50 6.85 1.61 10.31
CA ILE A 50 5.43 1.43 10.58
C ILE A 50 5.23 0.22 11.49
N ARG A 51 4.45 0.41 12.56
CA ARG A 51 4.07 -0.64 13.52
C ARG A 51 2.79 -1.41 13.16
N TRP A 52 1.89 -0.74 12.45
CA TRP A 52 0.58 -1.27 12.04
C TRP A 52 -0.39 -1.56 13.19
N GLY A 53 -0.13 -1.03 14.39
CA GLY A 53 -0.82 -1.43 15.63
C GLY A 53 -0.77 -2.94 15.93
N VAL A 54 0.22 -3.67 15.37
CA VAL A 54 0.32 -5.14 15.49
C VAL A 54 1.73 -5.49 15.96
N ASN A 55 1.83 -6.35 16.97
CA ASN A 55 3.10 -6.81 17.55
C ASN A 55 4.01 -7.47 16.50
N ASN A 56 3.42 -8.27 15.61
CA ASN A 56 4.14 -8.95 14.53
C ASN A 56 4.70 -7.96 13.50
N CYS A 57 3.85 -7.10 12.95
CA CYS A 57 4.29 -6.08 12.01
C CYS A 57 5.30 -5.07 12.61
N ASP A 58 5.18 -4.74 13.91
CA ASP A 58 6.10 -3.86 14.65
C ASP A 58 7.56 -4.36 14.66
N LYS A 59 7.75 -5.68 14.59
CA LYS A 59 9.05 -6.34 14.47
C LYS A 59 9.90 -5.70 13.35
N ALA A 60 11.19 -5.58 13.66
CA ALA A 60 12.16 -4.95 12.77
C ALA A 60 12.72 -5.94 11.73
N ASP A 61 13.21 -7.09 12.18
CA ASP A 61 13.71 -8.19 11.34
C ASP A 61 12.56 -9.11 10.87
N ALA A 62 11.40 -8.52 10.58
CA ALA A 62 10.27 -9.26 10.03
C ALA A 62 10.30 -9.29 8.49
N ILE A 63 9.31 -9.98 7.92
CA ILE A 63 9.20 -10.16 6.47
C ILE A 63 7.84 -9.67 5.99
N LEU A 64 7.81 -8.41 5.59
CA LEU A 64 6.63 -7.74 5.08
C LEU A 64 6.76 -7.56 3.56
N TRP A 65 5.75 -6.97 2.95
CA TRP A 65 5.64 -6.67 1.52
C TRP A 65 4.83 -5.40 1.28
N GLU A 66 4.79 -4.93 0.04
CA GLU A 66 4.10 -3.71 -0.36
C GLU A 66 3.64 -3.78 -1.82
N TYR A 67 2.39 -3.38 -2.09
CA TYR A 67 1.79 -3.46 -3.41
C TYR A 67 0.79 -2.33 -3.66
N PRO A 68 0.86 -1.62 -4.80
CA PRO A 68 -0.03 -0.49 -5.15
C PRO A 68 -1.50 -0.88 -5.25
N ILE A 69 -2.42 0.07 -5.04
CA ILE A 69 -3.84 -0.17 -5.14
C ILE A 69 -4.60 1.09 -5.55
N TYR A 70 -5.78 0.93 -6.12
CA TYR A 70 -6.68 2.00 -6.54
C TYR A 70 -7.78 2.16 -5.50
N TRP A 71 -7.68 3.21 -4.68
CA TRP A 71 -8.75 3.57 -3.73
C TRP A 71 -10.12 3.69 -4.39
N VAL A 72 -11.16 3.90 -3.57
CA VAL A 72 -12.57 3.88 -3.98
C VAL A 72 -12.86 4.78 -5.19
N GLY A 73 -12.42 6.03 -5.13
CA GLY A 73 -12.60 7.01 -6.21
C GLY A 73 -12.03 6.54 -7.55
N LYS A 74 -10.85 5.93 -7.54
CA LYS A 74 -10.28 5.25 -8.72
C LYS A 74 -11.05 3.97 -9.06
N ASN A 75 -10.84 3.47 -10.27
CA ASN A 75 -11.49 2.26 -10.82
C ASN A 75 -10.52 1.28 -11.49
N ALA A 76 -9.46 1.80 -12.12
CA ALA A 76 -8.40 0.99 -12.72
C ALA A 76 -7.79 0.01 -11.72
N GLU A 77 -7.01 -0.96 -12.20
CA GLU A 77 -6.44 -2.00 -11.35
C GLU A 77 -4.98 -2.23 -11.73
N TRP A 78 -4.16 -2.50 -10.70
CA TRP A 78 -2.74 -2.69 -10.91
C TRP A 78 -2.53 -4.11 -11.46
N ALA A 79 -1.60 -4.24 -12.39
CA ALA A 79 -1.22 -5.52 -12.97
C ALA A 79 0.05 -6.07 -12.31
N LYS A 80 0.42 -7.30 -12.67
CA LYS A 80 1.66 -7.95 -12.18
C LYS A 80 2.88 -7.53 -12.99
N ASP A 81 2.94 -7.88 -14.27
CA ASP A 81 4.05 -7.58 -15.19
C ASP A 81 3.89 -6.21 -15.88
N VAL A 82 3.61 -5.18 -15.10
CA VAL A 82 3.33 -3.83 -15.60
C VAL A 82 4.31 -2.82 -15.03
N LYS A 83 4.49 -1.73 -15.75
CA LYS A 83 5.37 -0.64 -15.36
C LYS A 83 4.51 0.55 -15.01
N THR A 84 4.92 1.31 -14.01
CA THR A 84 4.29 2.57 -13.59
C THR A 84 3.78 3.46 -14.72
N SER A 85 4.59 3.71 -15.74
CA SER A 85 4.22 4.41 -16.97
C SER A 85 3.03 3.77 -17.71
N GLN A 86 3.10 2.47 -17.97
CA GLN A 86 2.05 1.62 -18.56
C GLN A 86 0.99 1.17 -17.54
N GLN A 87 0.85 1.87 -16.43
CA GLN A 87 -0.11 1.51 -15.41
C GLN A 87 -1.45 2.20 -15.67
N LYS A 88 -2.45 1.43 -16.13
CA LYS A 88 -3.81 1.87 -16.39
C LYS A 88 -4.33 2.80 -15.30
N GLY A 89 -5.07 3.84 -15.69
CA GLY A 89 -5.57 4.83 -14.73
C GLY A 89 -4.49 5.81 -14.28
N GLY A 90 -3.44 5.34 -13.60
CA GLY A 90 -2.33 6.18 -13.14
C GLY A 90 -1.66 5.70 -11.85
N PRO A 91 -0.69 6.47 -11.33
CA PRO A 91 0.00 6.18 -10.08
C PRO A 91 -0.93 6.25 -8.88
N THR A 92 -0.42 5.71 -7.77
CA THR A 92 -1.12 5.66 -6.48
C THR A 92 -0.11 5.64 -5.32
N PRO A 93 -0.25 6.56 -4.35
CA PRO A 93 0.56 6.55 -3.14
C PRO A 93 0.16 5.45 -2.17
N ILE A 94 -1.09 5.00 -2.25
CA ILE A 94 -1.66 3.98 -1.39
C ILE A 94 -1.21 2.59 -1.82
N ARG A 95 -0.64 1.83 -0.89
CA ARG A 95 -0.15 0.48 -1.16
C ARG A 95 -0.50 -0.41 0.04
N VAL A 96 -0.91 -1.64 -0.23
CA VAL A 96 -1.15 -2.66 0.80
C VAL A 96 0.16 -3.28 1.24
N VAL A 97 0.28 -3.60 2.52
CA VAL A 97 1.40 -4.29 3.14
C VAL A 97 0.90 -5.57 3.81
N TYR A 98 1.63 -6.64 3.57
CA TYR A 98 1.36 -8.00 4.05
C TYR A 98 2.63 -8.62 4.59
N ALA A 99 2.53 -9.81 5.16
CA ALA A 99 3.65 -10.54 5.73
C ALA A 99 3.86 -11.86 5.00
N ASN A 100 4.97 -12.51 5.31
CA ASN A 100 5.36 -13.82 4.78
C ASN A 100 5.58 -14.86 5.90
N SER A 101 5.06 -14.65 7.11
CA SER A 101 5.24 -15.53 8.28
C SER A 101 5.20 -17.03 7.95
N ARG A 102 4.10 -17.49 7.36
CA ARG A 102 3.86 -18.86 6.90
C ARG A 102 3.48 -18.94 5.41
N GLY A 103 4.05 -18.07 4.58
CA GLY A 103 3.69 -18.01 3.16
C GLY A 103 2.21 -17.67 2.89
N ALA A 104 1.54 -17.04 3.86
CA ALA A 104 0.14 -16.68 3.83
C ALA A 104 0.04 -15.20 4.19
N VAL A 105 -0.28 -14.38 3.18
CA VAL A 105 -0.60 -12.96 3.36
C VAL A 105 -1.58 -12.79 4.51
N GLN A 106 -1.23 -11.93 5.46
CA GLN A 106 -2.09 -11.57 6.58
C GLN A 106 -2.73 -10.19 6.43
N TYR A 107 -2.34 -9.42 5.40
CA TYR A 107 -2.74 -8.02 5.25
C TYR A 107 -2.42 -7.23 6.53
N CYS A 108 -1.13 -7.08 6.82
CA CYS A 108 -0.64 -6.23 7.90
C CYS A 108 -1.34 -4.85 7.94
N GLY A 109 -1.58 -4.26 6.78
CA GLY A 109 -2.44 -3.11 6.59
C GLY A 109 -2.08 -2.36 5.32
N VAL A 110 -2.82 -1.30 4.99
CA VAL A 110 -2.57 -0.38 3.86
C VAL A 110 -1.98 0.92 4.36
N MET A 111 -1.07 1.48 3.56
CA MET A 111 -0.39 2.75 3.82
C MET A 111 -0.57 3.70 2.66
N THR A 112 -0.20 4.96 2.85
CA THR A 112 -0.19 5.99 1.84
C THR A 112 0.90 7.02 2.10
N HIS A 113 1.40 7.63 1.04
CA HIS A 113 2.33 8.76 1.16
C HIS A 113 1.65 9.98 1.74
N SER A 114 2.43 10.84 2.40
CA SER A 114 1.92 12.12 2.89
C SER A 114 1.94 13.22 1.84
N LYS A 115 2.77 13.16 0.81
CA LYS A 115 2.83 14.21 -0.23
C LYS A 115 1.90 13.87 -1.39
N VAL A 116 0.69 14.41 -1.44
CA VAL A 116 -0.26 14.14 -2.53
C VAL A 116 -0.99 15.42 -2.93
N ASP A 117 -0.74 15.94 -4.13
CA ASP A 117 -1.45 17.13 -4.61
C ASP A 117 -2.40 16.77 -5.77
N LYS A 118 -1.79 16.54 -6.93
CA LYS A 118 -2.45 16.19 -8.20
C LYS A 118 -2.01 14.84 -8.74
N ASN A 119 -0.69 14.65 -8.79
CA ASN A 119 -0.06 13.41 -9.24
C ASN A 119 0.08 12.37 -8.13
N ASN A 120 -0.49 12.64 -6.94
CA ASN A 120 -0.45 11.74 -5.80
C ASN A 120 0.96 11.17 -5.54
N GLN A 121 1.95 12.07 -5.52
CA GLN A 121 3.36 11.72 -5.41
C GLN A 121 3.68 11.00 -4.08
N GLY A 122 4.96 10.84 -3.77
CA GLY A 122 5.36 10.28 -2.49
C GLY A 122 6.81 10.53 -2.23
N LYS A 123 7.06 11.27 -1.15
CA LYS A 123 8.41 11.56 -0.69
C LYS A 123 8.59 11.37 0.81
N GLU A 124 7.58 11.75 1.58
CA GLU A 124 7.56 11.57 3.03
C GLU A 124 7.24 10.13 3.37
N PHE A 125 7.50 9.78 4.63
CA PHE A 125 7.20 8.48 5.21
C PHE A 125 5.78 8.02 4.88
N PHE A 126 5.59 6.71 4.83
CA PHE A 126 4.31 6.11 4.50
C PHE A 126 3.44 6.03 5.75
N GLU A 127 2.34 6.77 5.73
CA GLU A 127 1.36 6.75 6.80
C GLU A 127 0.43 5.56 6.59
N LYS A 128 0.44 4.61 7.51
CA LYS A 128 -0.58 3.57 7.58
C LYS A 128 -1.97 4.19 7.75
N CYS A 129 -2.94 3.72 6.97
CA CYS A 129 -4.37 3.99 7.17
C CYS A 129 -4.89 3.44 8.51
N ASP A 130 -6.10 3.85 8.89
CA ASP A 130 -6.79 3.49 10.14
C ASP A 130 -8.32 3.70 10.00
N ALA A 1 -14.97 -0.92 9.87
CA ALA A 1 -15.78 -0.94 8.62
C ALA A 1 -14.95 -1.49 7.45
N PRO A 2 -15.56 -1.98 6.36
CA PRO A 2 -14.84 -2.43 5.15
C PRO A 2 -14.25 -1.29 4.28
N ILE A 3 -14.38 -0.04 4.73
CA ILE A 3 -13.93 1.20 4.10
C ILE A 3 -13.20 2.03 5.17
N VAL A 4 -11.87 1.90 5.19
CA VAL A 4 -10.94 2.68 6.04
C VAL A 4 -10.63 4.02 5.37
N THR A 5 -9.98 4.96 6.06
CA THR A 5 -9.60 6.26 5.49
C THR A 5 -8.27 6.79 6.02
N CYS A 6 -7.29 6.86 5.12
CA CYS A 6 -5.95 7.31 5.49
C CYS A 6 -5.99 8.78 5.99
N ARG A 7 -4.92 9.26 6.64
CA ARG A 7 -4.77 10.65 7.17
C ARG A 7 -3.72 11.55 6.48
N PRO A 8 -3.50 11.44 5.15
CA PRO A 8 -2.50 12.20 4.42
C PRO A 8 -2.83 13.70 4.46
N LYS A 9 -1.87 14.48 3.96
CA LYS A 9 -1.95 15.92 3.88
C LYS A 9 -2.10 16.33 2.41
N LEU A 10 -2.91 17.35 2.21
CA LEU A 10 -2.99 18.07 0.93
C LEU A 10 -2.15 19.37 1.07
N ASP A 11 -2.84 20.45 1.45
CA ASP A 11 -2.40 21.85 1.49
C ASP A 11 -2.20 22.31 2.95
N GLY A 12 -1.50 21.46 3.72
CA GLY A 12 -1.25 21.65 5.16
C GLY A 12 -2.32 21.05 6.08
N ARG A 13 -3.58 20.93 5.63
CA ARG A 13 -4.66 20.20 6.36
C ARG A 13 -4.63 18.69 6.08
N GLU A 14 -5.20 17.93 7.02
CA GLU A 14 -5.44 16.49 6.93
C GLU A 14 -6.60 16.23 5.95
N LYS A 15 -6.42 15.32 4.99
CA LYS A 15 -7.41 14.97 3.98
C LYS A 15 -7.70 13.46 4.00
N PRO A 16 -8.93 12.99 4.31
CA PRO A 16 -9.20 11.55 4.39
C PRO A 16 -8.99 10.87 3.02
N PHE A 17 -8.20 9.78 2.95
CA PHE A 17 -8.02 9.02 1.70
C PHE A 17 -8.83 7.71 1.74
N LYS A 18 -9.93 7.61 0.98
CA LYS A 18 -10.75 6.40 0.82
C LYS A 18 -9.94 5.22 0.36
N VAL A 19 -10.10 4.15 1.13
CA VAL A 19 -9.47 2.86 0.96
C VAL A 19 -10.46 1.77 1.41
N ASP A 20 -10.71 0.82 0.51
CA ASP A 20 -11.46 -0.40 0.69
C ASP A 20 -10.57 -1.56 1.19
N VAL A 21 -10.89 -2.07 2.38
CA VAL A 21 -10.19 -3.24 2.95
C VAL A 21 -10.27 -4.46 2.04
N ALA A 22 -11.46 -4.69 1.47
CA ALA A 22 -11.75 -5.81 0.59
C ALA A 22 -10.74 -5.82 -0.56
N THR A 23 -10.57 -4.71 -1.28
CA THR A 23 -9.64 -4.57 -2.41
C THR A 23 -8.21 -4.73 -1.93
N ALA A 24 -7.77 -3.87 -1.00
CA ALA A 24 -6.42 -3.93 -0.44
C ALA A 24 -6.01 -5.37 -0.09
N GLN A 25 -6.76 -6.00 0.81
CA GLN A 25 -6.53 -7.40 1.18
C GLN A 25 -6.62 -8.34 -0.05
N ALA A 26 -7.68 -8.28 -0.86
CA ALA A 26 -7.92 -9.19 -2.00
C ALA A 26 -6.75 -9.21 -2.98
N GLN A 27 -6.44 -8.04 -3.52
CA GLN A 27 -5.32 -7.81 -4.41
C GLN A 27 -3.99 -8.28 -3.75
N ALA A 28 -3.74 -8.00 -2.45
CA ALA A 28 -2.53 -8.44 -1.75
C ALA A 28 -2.35 -9.96 -1.83
N ARG A 29 -3.40 -10.70 -1.45
CA ARG A 29 -3.45 -12.17 -1.56
C ARG A 29 -3.24 -12.62 -3.01
N LYS A 30 -3.81 -11.89 -3.98
CA LYS A 30 -3.72 -12.18 -5.43
C LYS A 30 -2.31 -11.98 -6.00
N ALA A 31 -1.58 -10.96 -5.56
CA ALA A 31 -0.17 -10.71 -5.84
C ALA A 31 0.76 -11.74 -5.16
N GLY A 32 0.43 -12.16 -3.93
CA GLY A 32 1.25 -13.11 -3.17
C GLY A 32 2.56 -12.47 -2.72
N LEU A 33 3.55 -13.29 -2.35
CA LEU A 33 4.84 -12.88 -1.79
C LEU A 33 5.98 -13.16 -2.80
N THR A 34 5.71 -13.02 -4.11
CA THR A 34 6.65 -13.39 -5.18
C THR A 34 6.41 -12.56 -6.45
N THR A 35 7.43 -11.77 -6.83
CA THR A 35 7.49 -10.97 -8.06
C THR A 35 8.52 -11.54 -9.03
N GLY A 36 8.26 -11.39 -10.34
CA GLY A 36 9.22 -11.68 -11.41
C GLY A 36 8.59 -11.63 -12.82
N LYS A 37 7.75 -10.61 -13.08
CA LYS A 37 6.94 -10.42 -14.31
C LYS A 37 7.14 -9.01 -14.86
N SER A 38 7.02 -8.00 -14.00
CA SER A 38 7.14 -6.57 -14.34
C SER A 38 7.90 -5.75 -13.28
N GLY A 39 7.47 -5.91 -12.04
CA GLY A 39 8.00 -5.17 -10.91
C GLY A 39 7.01 -5.09 -9.77
N ASP A 40 6.19 -6.12 -9.55
CA ASP A 40 5.29 -6.23 -8.40
C ASP A 40 4.89 -7.70 -8.07
N PRO A 41 4.51 -7.99 -6.80
CA PRO A 41 4.59 -7.12 -5.60
C PRO A 41 6.02 -6.74 -5.18
N HIS A 42 6.21 -5.86 -4.20
CA HIS A 42 7.55 -5.44 -3.77
C HIS A 42 7.81 -5.95 -2.35
N ARG A 43 9.04 -6.37 -2.05
CA ARG A 43 9.48 -6.73 -0.69
C ARG A 43 9.48 -5.49 0.19
N TYR A 44 8.73 -5.52 1.29
CA TYR A 44 8.77 -4.55 2.37
C TYR A 44 9.69 -5.11 3.48
N PHE A 45 10.58 -4.26 3.97
CA PHE A 45 11.47 -4.48 5.12
C PHE A 45 11.06 -3.52 6.26
N ALA A 46 11.38 -3.86 7.50
CA ALA A 46 11.14 -3.07 8.72
C ALA A 46 12.06 -1.81 8.86
N GLY A 47 12.36 -1.16 7.74
CA GLY A 47 13.23 0.03 7.67
C GLY A 47 12.46 1.31 7.95
N ASP A 48 11.23 1.36 7.45
CA ASP A 48 10.32 2.48 7.67
C ASP A 48 9.66 2.35 9.06
N HIS A 49 9.64 3.41 9.86
CA HIS A 49 9.04 3.46 11.24
C HIS A 49 7.57 2.99 11.43
N ILE A 50 6.90 2.83 10.30
CA ILE A 50 5.59 2.21 10.11
C ILE A 50 5.50 0.86 10.84
N ARG A 51 4.91 0.91 12.05
CA ARG A 51 4.73 -0.26 12.94
C ARG A 51 3.33 -0.88 12.92
N TRP A 52 2.40 -0.14 12.33
CA TRP A 52 1.00 -0.55 12.05
C TRP A 52 0.14 -0.81 13.33
N GLY A 53 0.66 -0.38 14.49
CA GLY A 53 0.22 -0.80 15.82
C GLY A 53 0.26 -2.33 16.06
N VAL A 54 1.05 -3.10 15.31
CA VAL A 54 1.09 -4.57 15.34
C VAL A 54 2.50 -5.06 15.69
N ASN A 55 2.59 -6.06 16.58
CA ASN A 55 3.86 -6.65 17.01
C ASN A 55 4.72 -7.26 15.87
N ASN A 56 4.08 -8.02 14.96
CA ASN A 56 4.70 -8.63 13.77
C ASN A 56 5.17 -7.64 12.70
N CYS A 57 4.41 -6.55 12.49
CA CYS A 57 4.80 -5.47 11.59
C CYS A 57 5.88 -4.55 12.18
N ASP A 58 5.92 -4.34 13.52
CA ASP A 58 6.98 -3.66 14.31
C ASP A 58 8.19 -4.57 14.67
N LYS A 59 8.41 -5.65 13.92
CA LYS A 59 9.60 -6.51 14.04
C LYS A 59 10.84 -5.84 13.44
N ALA A 60 12.03 -6.34 13.75
CA ALA A 60 13.30 -5.85 13.19
C ALA A 60 13.71 -6.58 11.88
N ASP A 61 13.72 -7.92 11.91
CA ASP A 61 14.04 -8.79 10.76
C ASP A 61 12.76 -9.47 10.21
N ALA A 62 11.67 -8.72 10.14
CA ALA A 62 10.44 -9.20 9.49
C ALA A 62 10.52 -9.16 7.97
N ILE A 63 9.57 -9.89 7.36
CA ILE A 63 9.41 -10.01 5.92
C ILE A 63 7.95 -9.62 5.65
N LEU A 64 7.76 -8.40 5.16
CA LEU A 64 6.51 -7.91 4.63
C LEU A 64 6.63 -7.69 3.11
N TRP A 65 5.55 -7.24 2.48
CA TRP A 65 5.43 -6.87 1.08
C TRP A 65 4.56 -5.62 0.94
N GLU A 66 4.66 -4.94 -0.20
CA GLU A 66 3.86 -3.77 -0.60
C GLU A 66 3.35 -3.90 -2.05
N TYR A 67 2.11 -3.43 -2.31
CA TYR A 67 1.55 -3.43 -3.66
C TYR A 67 0.56 -2.26 -3.90
N PRO A 68 0.73 -1.42 -4.94
CA PRO A 68 -0.10 -0.23 -5.25
C PRO A 68 -1.53 -0.55 -5.74
N ILE A 69 -2.50 0.20 -5.20
CA ILE A 69 -3.95 -0.07 -5.37
C ILE A 69 -4.73 1.17 -5.74
N TYR A 70 -5.93 0.94 -6.24
CA TYR A 70 -6.79 2.00 -6.68
C TYR A 70 -7.89 2.18 -5.62
N TRP A 71 -7.96 3.39 -5.05
CA TRP A 71 -9.05 3.80 -4.17
C TRP A 71 -10.37 3.89 -4.93
N VAL A 72 -11.45 4.04 -4.16
CA VAL A 72 -12.83 4.08 -4.67
C VAL A 72 -12.93 5.11 -5.81
N GLY A 73 -13.34 4.66 -7.00
CA GLY A 73 -13.60 5.47 -8.21
C GLY A 73 -12.41 5.58 -9.17
N LYS A 74 -11.18 5.47 -8.65
CA LYS A 74 -9.95 5.36 -9.45
C LYS A 74 -10.02 4.03 -10.23
N ASN A 75 -10.35 4.11 -11.52
CA ASN A 75 -10.24 2.99 -12.44
C ASN A 75 -8.79 2.84 -12.95
N ALA A 76 -8.57 1.75 -13.70
CA ALA A 76 -7.31 1.26 -14.26
C ALA A 76 -6.44 0.54 -13.20
N GLU A 77 -7.13 -0.19 -12.32
CA GLU A 77 -6.59 -1.09 -11.29
C GLU A 77 -5.27 -1.76 -11.72
N TRP A 78 -4.27 -1.70 -10.85
CA TRP A 78 -2.89 -2.06 -11.16
C TRP A 78 -2.76 -3.46 -11.78
N ALA A 79 -1.98 -3.50 -12.87
CA ALA A 79 -1.83 -4.72 -13.64
C ALA A 79 -0.76 -5.67 -13.06
N LYS A 80 -0.68 -6.89 -13.61
CA LYS A 80 0.27 -7.94 -13.17
C LYS A 80 1.64 -7.87 -13.85
N ASP A 81 1.67 -7.81 -15.17
CA ASP A 81 2.89 -7.75 -15.96
C ASP A 81 3.19 -6.31 -16.44
N VAL A 82 2.91 -5.29 -15.60
CA VAL A 82 3.08 -3.87 -15.95
C VAL A 82 3.85 -3.09 -14.87
N LYS A 83 5.03 -2.58 -15.23
CA LYS A 83 5.86 -1.76 -14.33
C LYS A 83 5.14 -0.44 -13.97
N THR A 84 5.49 0.18 -12.84
CA THR A 84 4.94 1.47 -12.34
C THR A 84 4.84 2.60 -13.39
N SER A 85 5.89 2.83 -14.17
CA SER A 85 5.97 3.80 -15.27
C SER A 85 5.05 3.48 -16.46
N GLN A 86 5.03 2.21 -16.87
CA GLN A 86 4.08 1.72 -17.89
C GLN A 86 2.63 1.86 -17.39
N GLN A 87 2.35 1.64 -16.09
CA GLN A 87 1.03 1.58 -15.44
C GLN A 87 0.04 2.69 -15.85
N LYS A 88 -0.90 2.34 -16.73
CA LYS A 88 -1.79 3.30 -17.40
C LYS A 88 -3.04 3.55 -16.57
N GLY A 89 -2.86 4.15 -15.40
CA GLY A 89 -3.98 4.36 -14.48
C GLY A 89 -3.77 5.39 -13.39
N GLY A 90 -2.58 5.39 -12.80
CA GLY A 90 -2.14 6.43 -11.89
C GLY A 90 -1.03 5.98 -10.94
N PRO A 91 -0.10 6.87 -10.54
CA PRO A 91 0.97 6.60 -9.57
C PRO A 91 0.50 6.48 -8.10
N THR A 92 -0.77 6.05 -7.87
CA THR A 92 -1.44 5.84 -6.57
C THR A 92 -0.44 5.59 -5.43
N PRO A 93 -0.31 6.55 -4.49
CA PRO A 93 0.66 6.44 -3.42
C PRO A 93 0.23 5.41 -2.37
N ILE A 94 -1.06 5.04 -2.41
CA ILE A 94 -1.66 4.03 -1.57
C ILE A 94 -1.24 2.64 -2.04
N ARG A 95 -0.68 1.83 -1.14
CA ARG A 95 -0.26 0.46 -1.41
C ARG A 95 -0.63 -0.44 -0.23
N VAL A 96 -1.27 -1.58 -0.48
CA VAL A 96 -1.48 -2.59 0.57
C VAL A 96 -0.13 -3.08 1.09
N VAL A 97 -0.05 -3.40 2.38
CA VAL A 97 1.08 -4.03 3.09
C VAL A 97 0.62 -5.26 3.87
N TYR A 98 1.35 -6.34 3.65
CA TYR A 98 1.10 -7.67 4.16
C TYR A 98 2.39 -8.33 4.60
N ALA A 99 2.27 -9.35 5.45
CA ALA A 99 3.42 -10.04 6.01
C ALA A 99 3.62 -11.33 5.24
N ASN A 100 4.82 -11.89 5.32
CA ASN A 100 5.10 -13.24 4.89
C ASN A 100 4.75 -14.29 5.94
N SER A 101 4.94 -14.03 7.24
CA SER A 101 4.73 -14.99 8.37
C SER A 101 5.09 -16.48 8.12
N ARG A 102 6.09 -16.76 7.25
CA ARG A 102 6.50 -18.06 6.64
C ARG A 102 5.52 -18.57 5.55
N GLY A 103 5.23 -17.74 4.54
CA GLY A 103 4.32 -18.02 3.41
C GLY A 103 2.80 -17.95 3.73
N ALA A 104 2.37 -16.85 4.36
CA ALA A 104 1.03 -16.56 4.89
C ALA A 104 0.83 -15.03 4.99
N VAL A 105 0.06 -14.47 4.05
CA VAL A 105 -0.41 -13.07 4.10
C VAL A 105 -1.38 -12.86 5.25
N GLN A 106 -1.03 -11.86 6.07
CA GLN A 106 -1.88 -11.36 7.17
C GLN A 106 -2.63 -10.06 6.85
N TYR A 107 -2.29 -9.34 5.76
CA TYR A 107 -2.77 -7.97 5.51
C TYR A 107 -2.55 -7.08 6.77
N CYS A 108 -1.28 -6.74 7.05
CA CYS A 108 -0.87 -5.79 8.10
C CYS A 108 -1.60 -4.43 8.04
N GLY A 109 -1.96 -3.99 6.84
CA GLY A 109 -2.84 -2.85 6.54
C GLY A 109 -2.42 -2.20 5.23
N VAL A 110 -3.01 -1.07 4.84
CA VAL A 110 -2.64 -0.32 3.62
C VAL A 110 -1.90 0.94 4.02
N MET A 111 -0.90 1.42 3.28
CA MET A 111 -0.19 2.68 3.54
C MET A 111 -0.45 3.69 2.45
N THR A 112 -0.08 4.93 2.69
CA THR A 112 -0.01 6.01 1.72
C THR A 112 1.03 7.06 2.08
N HIS A 113 1.31 7.95 1.13
CA HIS A 113 2.11 9.14 1.37
C HIS A 113 1.30 10.31 1.92
N SER A 114 2.01 11.21 2.61
CA SER A 114 1.40 12.45 3.15
C SER A 114 1.49 13.66 2.21
N LYS A 115 2.29 13.62 1.14
CA LYS A 115 2.34 14.73 0.17
C LYS A 115 1.45 14.41 -1.03
N VAL A 116 0.15 14.66 -0.97
CA VAL A 116 -0.77 14.46 -2.09
C VAL A 116 -1.38 15.79 -2.51
N ASP A 117 -1.06 16.27 -3.71
CA ASP A 117 -1.68 17.49 -4.27
C ASP A 117 -2.55 17.10 -5.48
N LYS A 118 -1.93 17.04 -6.67
CA LYS A 118 -2.58 16.71 -7.97
C LYS A 118 -2.29 15.26 -8.42
N ASN A 119 -1.01 14.94 -8.49
CA ASN A 119 -0.39 13.68 -8.94
C ASN A 119 -0.09 12.73 -7.76
N ASN A 120 -0.59 13.05 -6.56
CA ASN A 120 -0.51 12.19 -5.37
C ASN A 120 0.94 11.67 -5.10
N GLN A 121 1.94 12.53 -5.37
CA GLN A 121 3.35 12.15 -5.48
C GLN A 121 3.87 11.49 -4.20
N GLY A 122 3.88 12.27 -3.11
CA GLY A 122 4.25 11.77 -1.81
C GLY A 122 5.75 11.73 -1.60
N LYS A 123 6.20 12.41 -0.54
CA LYS A 123 7.61 12.49 -0.14
C LYS A 123 7.86 12.29 1.35
N GLU A 124 6.90 12.67 2.20
CA GLU A 124 6.93 12.43 3.63
C GLU A 124 6.91 10.93 3.92
N PHE A 125 7.19 10.59 5.18
CA PHE A 125 7.16 9.21 5.67
C PHE A 125 5.87 8.51 5.24
N PHE A 126 5.97 7.23 4.97
CA PHE A 126 4.82 6.44 4.59
C PHE A 126 3.89 6.24 5.80
N GLU A 127 2.66 6.75 5.69
CA GLU A 127 1.64 6.61 6.71
C GLU A 127 0.85 5.34 6.50
N LYS A 128 0.74 4.51 7.53
CA LYS A 128 -0.25 3.44 7.59
C LYS A 128 -1.67 4.05 7.68
N CYS A 129 -2.48 3.77 6.64
CA CYS A 129 -3.94 3.94 6.59
C CYS A 129 -4.60 3.15 7.74
N ASP A 130 -5.76 3.60 8.24
CA ASP A 130 -6.57 3.11 9.38
C ASP A 130 -8.06 3.43 9.09
#